data_3F3P
#
_entry.id   3F3P
#
_cell.length_a   210.239
_cell.length_b   226.476
_cell.length_c   190.619
_cell.angle_alpha   90.00
_cell.angle_beta   90.00
_cell.angle_gamma   90.00
#
_symmetry.space_group_name_H-M   'P 21 21 2'
#
loop_
_entity.id
_entity.type
_entity.pdbx_description
1 polymer 'Nucleoporin SEH1'
2 polymer 'Nucleoporin NUP85'
#
loop_
_entity_poly.entity_id
_entity_poly.type
_entity_poly.pdbx_seq_one_letter_code
_entity_poly.pdbx_strand_id
1 'polypeptide(L)'
;PH(MSE)QPFDSGHDDLVHDVVYDFYGRHVATCSSDQHIKVFKLDKDTSNWELSDSWRAHDSSIVAIDWASPEYGRIIAS
ASYDKTVKLWEEDPDQEECSGRRWNKLCTLNDSKGSLYSVKFAPAHLGLKLACLGNDGILRLYDALEPSDLRSWTLTSE
(MSE)KVLSIPPANHLQSDFCLSWCPSRFSPEKLAVSALEQAIIYQRGKDGKLHVAAKLPGHKSLIRSISWAPSIGRWYQ
LIATGCKDGRIRIFKITEKLSPLASEESLTNSN(MSE)FDNSADVD(MSE)DAQGRSDSNTEEKAELQSNLQVELLSEHD
DHNGEVWSVSWNLTGTILSSAGDDGKVRLWKATYSNEFKC(MSE)SVITAQQ
;
A,B,E,F,I,J
2 'polypeptide(L)'
;(MSE)TIDDSNRLL(MSE)DVDQFDFLDDGTAQLSNNKTDEEEQLYKRDPVSGAILVP(MSE)TVNDQPIEKNGDK
(MSE)PLKFKLGPLSYQN(MSE)AFITAKDKYKLYPVRIPRLDTSKEFSAYVSGLFEIYRDLGDDRVFNVPTIGVVNSNF
AKEHNATVNLA(MSE)EAILNELEVFIGRVKDQDGRVNRFYELEESLTVLNCLRT(MSE)YFILDGQDVEENRSEFIESL
LNWINRSDGEPDEEYIEQVFSVKDSTAGKKVFETQYFWKLLNQLVLRGLLSQAIGCIERSDLLPYLSDTCAVSFDAVSDS
IELLKQYPKDSSSTFREWKNLVLKLSQAFGSSATDISGELRDYIEDFLLVIGGNQRKILQYSRTWYESFCGFLLYYIPSL
ELSAEYLQ(MSE)SLEANVVDITNDWEQPCVDIISGKIHSILPV(MSE)ESLDSCTAAFTA(MSE)ICEAKGLIENIFEG
EKNSDDYSNEDNE(MSE)LEDLFSYRNG(MSE)ASY(MSE)LNSFAFELCSLGDKELWPVAIGLIALSATGTRSAKK
(MSE)VIAELLPHYPFVTNDDIEW(MSE)LSICVEWRLPEIAKEIYTTLGNQ(MSE)LSAHNIIESIANFSRAGKYELVK
S
;
C,D,G,H,K,L
#
# COMPACT_ATOMS: atom_id res chain seq x y z
N MSE A 3 2.23 168.06 -29.73
CA MSE A 3 1.41 168.59 -28.60
C MSE A 3 2.27 169.20 -27.49
O MSE A 3 2.42 168.63 -26.40
CB MSE A 3 0.51 167.48 -28.05
CG MSE A 3 -0.51 166.95 -29.07
SE MSE A 3 -2.28 167.80 -29.11
CE MSE A 3 -1.78 169.62 -29.58
N GLN A 4 2.82 170.37 -27.79
CA GLN A 4 3.65 171.11 -26.85
C GLN A 4 2.75 172.06 -26.13
N PRO A 5 2.95 172.21 -24.82
CA PRO A 5 2.18 173.09 -23.93
C PRO A 5 2.42 174.53 -24.34
N PHE A 6 1.43 175.38 -24.09
CA PHE A 6 1.58 176.79 -24.40
C PHE A 6 1.34 177.58 -23.11
N ASP A 7 1.79 178.82 -23.11
CA ASP A 7 1.66 179.64 -21.94
C ASP A 7 0.33 180.38 -21.92
N SER A 8 -0.45 180.21 -20.86
CA SER A 8 -1.74 180.87 -20.78
C SER A 8 -1.53 182.38 -20.73
N GLY A 9 -0.49 182.81 -20.04
CA GLY A 9 -0.25 184.24 -19.94
C GLY A 9 -0.87 184.82 -18.70
N HIS A 10 -1.34 183.96 -17.81
CA HIS A 10 -1.95 184.42 -16.56
C HIS A 10 -0.86 184.58 -15.50
N ASP A 11 -1.06 185.56 -14.61
CA ASP A 11 -0.13 185.87 -13.52
C ASP A 11 -0.39 185.01 -12.31
N ASP A 12 -1.66 184.89 -11.94
CA ASP A 12 -2.02 184.10 -10.78
C ASP A 12 -2.42 182.70 -11.24
N LEU A 13 -3.30 182.02 -10.51
CA LEU A 13 -3.65 180.66 -10.90
C LEU A 13 -4.93 180.47 -11.70
N VAL A 14 -4.79 179.63 -12.73
CA VAL A 14 -5.87 179.29 -13.67
C VAL A 14 -6.84 178.33 -13.04
N HIS A 15 -8.12 178.71 -13.03
CA HIS A 15 -9.17 177.89 -12.43
C HIS A 15 -9.89 177.00 -13.40
N ASP A 16 -10.38 177.59 -14.48
CA ASP A 16 -11.11 176.82 -15.48
C ASP A 16 -10.65 177.12 -16.89
N VAL A 17 -10.88 176.14 -17.74
CA VAL A 17 -10.55 176.23 -19.15
C VAL A 17 -11.75 175.54 -19.78
N VAL A 18 -12.39 176.25 -20.71
CA VAL A 18 -13.57 175.72 -21.39
C VAL A 18 -13.54 175.87 -22.90
N TYR A 19 -14.05 174.85 -23.58
CA TYR A 19 -14.11 174.79 -25.04
C TYR A 19 -15.40 175.39 -25.62
N ASP A 20 -15.31 176.02 -26.80
CA ASP A 20 -16.50 176.57 -27.44
C ASP A 20 -17.24 175.37 -28.02
N PHE A 21 -18.20 175.60 -28.91
CA PHE A 21 -18.96 174.49 -29.47
C PHE A 21 -18.18 173.51 -30.34
N TYR A 22 -17.36 174.04 -31.24
CA TYR A 22 -16.59 173.20 -32.15
C TYR A 22 -15.21 172.76 -31.66
N GLY A 23 -14.82 173.14 -30.45
CA GLY A 23 -13.52 172.73 -29.92
C GLY A 23 -12.33 173.44 -30.56
N ARG A 24 -12.61 174.53 -31.28
CA ARG A 24 -11.60 175.33 -31.95
C ARG A 24 -11.22 176.55 -31.12
N HIS A 25 -11.94 176.76 -30.02
CA HIS A 25 -11.66 177.89 -29.15
C HIS A 25 -11.69 177.48 -27.69
N VAL A 26 -11.00 178.27 -26.87
CA VAL A 26 -10.95 177.99 -25.45
C VAL A 26 -11.02 179.28 -24.63
N ALA A 27 -11.80 179.23 -23.55
CA ALA A 27 -11.97 180.34 -22.63
C ALA A 27 -11.25 179.98 -21.34
N THR A 28 -10.48 180.93 -20.82
CA THR A 28 -9.70 180.71 -19.63
C THR A 28 -9.88 181.80 -18.59
N CYS A 29 -9.96 181.40 -17.33
CA CYS A 29 -10.11 182.37 -16.25
C CYS A 29 -9.18 182.05 -15.09
N SER A 30 -8.56 183.08 -14.52
CA SER A 30 -7.62 182.92 -13.41
C SER A 30 -7.95 183.84 -12.24
N SER A 31 -7.19 183.71 -11.16
CA SER A 31 -7.39 184.55 -9.98
C SER A 31 -6.80 185.93 -10.28
N ASP A 32 -6.07 186.02 -11.40
CA ASP A 32 -5.46 187.27 -11.81
C ASP A 32 -6.54 188.19 -12.35
N GLN A 33 -7.78 187.80 -12.07
CA GLN A 33 -8.97 188.55 -12.47
C GLN A 33 -9.07 188.83 -13.97
N HIS A 34 -8.54 187.91 -14.77
CA HIS A 34 -8.57 188.07 -16.22
C HIS A 34 -9.23 186.88 -16.94
N ILE A 35 -9.80 187.17 -18.10
CA ILE A 35 -10.40 186.12 -18.92
C ILE A 35 -9.63 186.17 -20.22
N LYS A 36 -9.29 184.99 -20.70
CA LYS A 36 -8.55 184.93 -21.94
C LYS A 36 -9.27 183.99 -22.89
N VAL A 37 -9.14 184.24 -24.18
CA VAL A 37 -9.77 183.40 -25.17
C VAL A 37 -8.73 183.11 -26.23
N PHE A 38 -8.52 181.83 -26.48
CA PHE A 38 -7.54 181.37 -27.46
C PHE A 38 -8.22 180.74 -28.66
N LYS A 39 -7.54 180.79 -29.79
CA LYS A 39 -8.07 180.22 -31.02
C LYS A 39 -7.04 179.25 -31.58
N LEU A 40 -7.52 178.16 -32.16
CA LEU A 40 -6.64 177.16 -32.75
C LEU A 40 -6.43 177.47 -34.23
N ASP A 41 -5.38 178.23 -34.53
CA ASP A 41 -5.06 178.60 -35.90
C ASP A 41 -5.07 177.34 -36.76
N LYS A 42 -5.84 177.36 -37.85
CA LYS A 42 -5.96 176.18 -38.72
C LYS A 42 -4.68 175.66 -39.37
N ASP A 43 -3.92 176.57 -39.96
CA ASP A 43 -2.69 176.20 -40.66
C ASP A 43 -1.49 175.84 -39.76
N THR A 44 -1.32 176.56 -38.66
CA THR A 44 -0.19 176.35 -37.74
C THR A 44 -0.47 175.25 -36.72
N SER A 45 -1.73 175.11 -36.33
CA SER A 45 -2.13 174.13 -35.32
C SER A 45 -1.41 174.47 -34.02
N ASN A 46 -1.51 175.75 -33.65
CA ASN A 46 -0.92 176.30 -32.43
C ASN A 46 -1.98 177.19 -31.84
N TRP A 47 -2.15 177.11 -30.52
CA TRP A 47 -3.14 177.95 -29.87
C TRP A 47 -2.55 179.34 -29.72
N GLU A 48 -3.30 180.35 -30.15
CA GLU A 48 -2.83 181.72 -30.06
C GLU A 48 -3.90 182.53 -29.36
N LEU A 49 -3.47 183.61 -28.71
CA LEU A 49 -4.38 184.45 -27.95
C LEU A 49 -5.28 185.30 -28.83
N SER A 50 -6.59 185.17 -28.61
CA SER A 50 -7.59 185.96 -29.34
C SER A 50 -7.82 187.30 -28.60
N ASP A 51 -7.93 187.22 -27.28
CA ASP A 51 -8.09 188.42 -26.47
C ASP A 51 -8.02 188.10 -24.99
N SER A 52 -7.69 189.12 -24.20
CA SER A 52 -7.57 189.03 -22.76
C SER A 52 -8.03 190.35 -22.17
N TRP A 53 -8.68 190.31 -21.02
CA TRP A 53 -9.15 191.53 -20.38
C TRP A 53 -9.50 191.33 -18.91
N ARG A 54 -9.45 192.41 -18.15
CA ARG A 54 -9.76 192.34 -16.72
C ARG A 54 -11.28 192.29 -16.61
N ALA A 55 -11.79 191.14 -16.17
CA ALA A 55 -13.23 190.95 -16.08
C ALA A 55 -13.87 191.03 -14.69
N HIS A 56 -13.11 190.71 -13.65
CA HIS A 56 -13.66 190.77 -12.31
C HIS A 56 -12.71 191.47 -11.37
N ASP A 57 -13.15 191.69 -10.13
CA ASP A 57 -12.32 192.36 -9.13
C ASP A 57 -11.81 191.36 -8.12
N SER A 58 -11.94 190.09 -8.46
CA SER A 58 -11.49 189.01 -7.61
C SER A 58 -11.32 187.78 -8.48
N SER A 59 -10.94 186.66 -7.86
CA SER A 59 -10.74 185.41 -8.58
C SER A 59 -11.92 184.99 -9.45
N ILE A 60 -11.66 184.77 -10.74
CA ILE A 60 -12.68 184.32 -11.65
C ILE A 60 -12.54 182.80 -11.68
N VAL A 61 -13.33 182.13 -10.85
CA VAL A 61 -13.28 180.68 -10.71
C VAL A 61 -13.89 179.82 -11.83
N ALA A 62 -15.08 180.18 -12.31
CA ALA A 62 -15.74 179.38 -13.37
C ALA A 62 -16.07 180.17 -14.64
N ILE A 63 -16.19 179.45 -15.75
CA ILE A 63 -16.48 180.08 -17.02
C ILE A 63 -17.25 179.10 -17.91
N ASP A 64 -17.91 179.61 -18.95
CA ASP A 64 -18.68 178.74 -19.87
C ASP A 64 -19.22 179.45 -21.11
N TRP A 65 -19.23 178.76 -22.26
CA TRP A 65 -19.74 179.33 -23.53
C TRP A 65 -21.21 178.99 -23.78
N ALA A 66 -21.92 179.86 -24.49
CA ALA A 66 -23.32 179.65 -24.82
C ALA A 66 -23.35 179.00 -26.20
N SER A 67 -24.48 178.39 -26.56
CA SER A 67 -24.60 177.74 -27.87
C SER A 67 -24.41 178.72 -29.03
N PRO A 68 -23.62 178.33 -30.05
CA PRO A 68 -23.35 179.16 -31.24
C PRO A 68 -24.64 179.79 -31.74
N GLU A 69 -25.71 179.02 -31.51
CA GLU A 69 -27.07 179.37 -31.89
C GLU A 69 -27.50 180.76 -31.42
N TYR A 70 -27.03 181.19 -30.25
CA TYR A 70 -27.38 182.51 -29.73
C TYR A 70 -26.32 183.57 -29.99
N GLY A 71 -25.15 183.12 -30.42
CA GLY A 71 -24.03 184.02 -30.69
C GLY A 71 -22.81 183.69 -29.84
N ARG A 72 -21.79 184.55 -29.92
CA ARG A 72 -20.56 184.34 -29.16
C ARG A 72 -20.78 184.92 -27.76
N ILE A 73 -21.17 184.06 -26.84
CA ILE A 73 -21.44 184.48 -25.48
C ILE A 73 -20.70 183.63 -24.44
N ILE A 74 -20.04 184.30 -23.50
CA ILE A 74 -19.32 183.63 -22.45
C ILE A 74 -19.81 184.17 -21.13
N ALA A 75 -19.86 183.29 -20.13
CA ALA A 75 -20.30 183.69 -18.80
C ALA A 75 -19.16 183.38 -17.83
N SER A 76 -18.99 184.26 -16.84
CA SER A 76 -17.94 184.08 -15.85
C SER A 76 -18.48 184.30 -14.44
N ALA A 77 -18.06 183.43 -13.53
CA ALA A 77 -18.44 183.51 -12.12
C ALA A 77 -17.19 183.92 -11.35
N SER A 78 -17.36 184.79 -10.36
CA SER A 78 -16.21 185.25 -9.59
C SER A 78 -16.46 185.29 -8.09
N TYR A 79 -15.37 185.39 -7.33
CA TYR A 79 -15.46 185.44 -5.88
C TYR A 79 -15.97 186.80 -5.43
N ASP A 80 -15.98 187.76 -6.35
CA ASP A 80 -16.49 189.08 -6.05
C ASP A 80 -18.01 189.03 -6.08
N LYS A 81 -18.56 187.85 -5.76
CA LYS A 81 -20.00 187.57 -5.69
C LYS A 81 -20.81 187.96 -6.94
N THR A 82 -20.17 187.91 -8.10
CA THR A 82 -20.87 188.32 -9.31
C THR A 82 -20.69 187.39 -10.50
N VAL A 83 -21.65 187.41 -11.42
CA VAL A 83 -21.57 186.62 -12.65
C VAL A 83 -21.70 187.64 -13.76
N LYS A 84 -20.79 187.61 -14.72
CA LYS A 84 -20.83 188.56 -15.83
C LYS A 84 -20.99 187.83 -17.16
N LEU A 85 -21.64 188.48 -18.13
CA LEU A 85 -21.87 187.89 -19.45
C LEU A 85 -21.20 188.73 -20.52
N TRP A 86 -20.48 188.07 -21.41
CA TRP A 86 -19.76 188.78 -22.44
C TRP A 86 -20.10 188.29 -23.83
N GLU A 87 -20.01 189.18 -24.82
CA GLU A 87 -20.28 188.83 -26.20
C GLU A 87 -19.23 189.40 -27.14
N GLU A 88 -18.63 188.54 -27.94
CA GLU A 88 -17.60 188.95 -28.87
C GLU A 88 -18.08 189.99 -29.86
N ASP A 89 -17.49 191.18 -29.81
CA ASP A 89 -17.80 192.26 -30.73
C ASP A 89 -16.66 192.21 -31.76
N PRO A 90 -16.94 191.67 -32.96
CA PRO A 90 -15.97 191.53 -34.06
C PRO A 90 -15.55 192.84 -34.71
N ASP A 91 -16.08 193.95 -34.21
CA ASP A 91 -15.72 195.27 -34.73
C ASP A 91 -14.51 195.79 -33.94
N GLN A 92 -13.88 194.91 -33.19
CA GLN A 92 -12.73 195.25 -32.37
C GLN A 92 -11.58 194.30 -32.64
N GLU A 93 -10.39 194.86 -32.78
CA GLU A 93 -9.18 194.07 -33.03
C GLU A 93 -9.03 192.94 -32.02
N GLU A 94 -8.32 191.88 -32.37
CA GLU A 94 -8.11 190.81 -31.42
C GLU A 94 -6.99 191.31 -30.51
N CYS A 95 -6.93 190.83 -29.27
CA CYS A 95 -5.89 191.26 -28.33
C CYS A 95 -5.93 192.77 -28.17
N SER A 96 -7.13 193.32 -28.13
CA SER A 96 -7.28 194.75 -27.98
C SER A 96 -7.90 195.00 -26.62
N GLY A 97 -8.13 193.91 -25.90
CA GLY A 97 -8.73 194.02 -24.59
C GLY A 97 -10.19 194.45 -24.68
N ARG A 98 -10.58 194.89 -25.86
CA ARG A 98 -11.95 195.37 -26.11
C ARG A 98 -12.68 194.53 -27.19
N ARG A 99 -12.36 193.24 -27.25
CA ARG A 99 -12.99 192.38 -28.25
C ARG A 99 -14.17 191.64 -27.67
N TRP A 100 -14.39 191.80 -26.37
CA TRP A 100 -15.52 191.16 -25.74
C TRP A 100 -16.26 192.20 -24.91
N ASN A 101 -17.57 192.29 -25.09
CA ASN A 101 -18.37 193.27 -24.37
C ASN A 101 -19.22 192.73 -23.27
N LYS A 102 -19.27 193.45 -22.16
CA LYS A 102 -20.09 193.00 -21.06
C LYS A 102 -21.56 193.23 -21.44
N LEU A 103 -22.34 192.16 -21.40
CA LEU A 103 -23.77 192.26 -21.73
C LEU A 103 -24.49 192.69 -20.48
N CYS A 104 -24.02 192.20 -19.33
CA CYS A 104 -24.62 192.57 -18.06
C CYS A 104 -23.90 191.92 -16.90
N THR A 105 -24.33 192.31 -15.70
CA THR A 105 -23.75 191.81 -14.46
C THR A 105 -24.87 191.39 -13.52
N LEU A 106 -24.97 190.09 -13.27
CA LEU A 106 -25.99 189.57 -12.37
C LEU A 106 -25.35 189.56 -10.98
N ASN A 107 -25.91 190.34 -10.05
CA ASN A 107 -25.33 190.39 -8.70
C ASN A 107 -26.32 190.11 -7.56
N ASP A 108 -27.22 189.15 -7.77
CA ASP A 108 -28.19 188.78 -6.76
C ASP A 108 -27.51 187.98 -5.66
N SER A 109 -26.43 187.29 -6.01
CA SER A 109 -25.70 186.49 -5.04
C SER A 109 -25.12 187.36 -3.94
N LYS A 110 -25.13 186.81 -2.73
CA LYS A 110 -24.60 187.49 -1.57
C LYS A 110 -23.38 186.75 -1.05
N GLY A 111 -22.93 185.77 -1.83
CA GLY A 111 -21.74 184.99 -1.49
C GLY A 111 -20.91 184.74 -2.73
N SER A 112 -19.61 184.54 -2.57
CA SER A 112 -18.73 184.27 -3.71
C SER A 112 -19.33 183.18 -4.61
N LEU A 113 -19.13 183.32 -5.92
CA LEU A 113 -19.67 182.34 -6.87
C LEU A 113 -18.62 181.33 -7.30
N TYR A 114 -18.97 180.05 -7.18
CA TYR A 114 -18.08 178.95 -7.51
C TYR A 114 -18.29 178.32 -8.88
N SER A 115 -19.53 178.32 -9.37
CA SER A 115 -19.81 177.70 -10.65
C SER A 115 -20.83 178.44 -11.51
N VAL A 116 -20.73 178.27 -12.83
CA VAL A 116 -21.62 178.88 -13.82
C VAL A 116 -21.66 178.02 -15.07
N LYS A 117 -22.83 177.48 -15.39
CA LYS A 117 -22.99 176.64 -16.57
C LYS A 117 -24.21 177.08 -17.38
N PHE A 118 -24.07 177.12 -18.70
CA PHE A 118 -25.19 177.47 -19.57
C PHE A 118 -26.05 176.22 -19.72
N ALA A 119 -27.35 176.41 -19.82
CA ALA A 119 -28.25 175.27 -19.99
C ALA A 119 -28.25 174.83 -21.47
N PRO A 120 -28.60 173.55 -21.73
CA PRO A 120 -28.62 173.05 -23.10
C PRO A 120 -29.38 174.04 -23.98
N ALA A 121 -28.79 174.40 -25.11
CA ALA A 121 -29.41 175.37 -26.04
C ALA A 121 -30.91 175.15 -26.30
N HIS A 122 -31.32 173.88 -26.30
CA HIS A 122 -32.72 173.56 -26.56
C HIS A 122 -33.67 174.10 -25.49
N LEU A 123 -33.14 174.71 -24.45
CA LEU A 123 -34.00 175.27 -23.40
C LEU A 123 -33.95 176.79 -23.46
N GLY A 124 -33.40 177.32 -24.56
CA GLY A 124 -33.27 178.75 -24.71
C GLY A 124 -31.98 179.25 -24.11
N LEU A 125 -31.78 180.57 -24.13
CA LEU A 125 -30.58 181.15 -23.54
C LEU A 125 -30.80 181.21 -22.02
N LYS A 126 -30.38 180.15 -21.35
CA LYS A 126 -30.54 179.99 -19.91
C LYS A 126 -29.19 179.61 -19.26
N LEU A 127 -29.02 179.98 -18.00
CA LEU A 127 -27.79 179.65 -17.29
C LEU A 127 -28.08 179.46 -15.81
N ALA A 128 -27.13 178.85 -15.11
CA ALA A 128 -27.27 178.60 -13.68
C ALA A 128 -25.94 178.86 -12.97
N CYS A 129 -26.01 179.35 -11.72
CA CYS A 129 -24.80 179.61 -10.94
C CYS A 129 -25.02 179.21 -9.47
N LEU A 130 -23.93 178.91 -8.77
CA LEU A 130 -24.01 178.48 -7.36
C LEU A 130 -22.85 179.07 -6.58
N GLY A 131 -23.09 179.49 -5.33
CA GLY A 131 -22.02 180.07 -4.54
C GLY A 131 -21.95 179.72 -3.06
N ASN A 132 -21.52 180.69 -2.26
CA ASN A 132 -21.40 180.54 -0.81
C ASN A 132 -22.74 180.47 -0.14
N ASP A 133 -23.62 181.39 -0.56
CA ASP A 133 -24.96 181.47 0.00
C ASP A 133 -25.80 180.20 -0.22
N GLY A 134 -25.16 179.14 -0.70
CA GLY A 134 -25.83 177.88 -0.93
C GLY A 134 -27.13 177.98 -1.72
N ILE A 135 -27.26 179.05 -2.51
CA ILE A 135 -28.45 179.27 -3.30
C ILE A 135 -28.19 179.03 -4.77
N LEU A 136 -28.98 178.14 -5.38
CA LEU A 136 -28.86 177.87 -6.80
C LEU A 136 -29.63 179.02 -7.44
N ARG A 137 -29.24 179.45 -8.63
CA ARG A 137 -29.95 180.52 -9.29
C ARG A 137 -29.95 180.30 -10.79
N LEU A 138 -31.12 180.39 -11.40
CA LEU A 138 -31.23 180.23 -12.85
C LEU A 138 -31.56 181.59 -13.41
N TYR A 139 -30.97 181.92 -14.54
CA TYR A 139 -31.21 183.20 -15.19
C TYR A 139 -31.55 182.98 -16.66
N ASP A 140 -32.55 183.70 -17.14
CA ASP A 140 -32.97 183.54 -18.53
C ASP A 140 -32.95 184.81 -19.35
N ALA A 141 -32.47 184.66 -20.57
CA ALA A 141 -32.43 185.74 -21.54
C ALA A 141 -33.77 185.54 -22.22
N LEU A 142 -34.83 185.81 -21.48
CA LEU A 142 -36.20 185.62 -21.96
C LEU A 142 -36.46 186.19 -23.34
N GLU A 143 -35.70 187.23 -23.66
CA GLU A 143 -35.87 187.91 -24.93
C GLU A 143 -34.55 187.91 -25.70
N PRO A 144 -34.18 186.78 -26.33
CA PRO A 144 -32.91 186.73 -27.07
C PRO A 144 -32.70 187.90 -28.04
N SER A 145 -33.75 188.67 -28.26
CA SER A 145 -33.67 189.84 -29.13
C SER A 145 -32.69 190.83 -28.50
N ASP A 146 -32.72 190.92 -27.17
CA ASP A 146 -31.83 191.79 -26.41
C ASP A 146 -31.14 190.95 -25.33
N LEU A 147 -29.86 190.63 -25.57
CA LEU A 147 -29.05 189.81 -24.67
C LEU A 147 -28.60 190.47 -23.37
N ARG A 148 -29.08 191.68 -23.09
CA ARG A 148 -28.70 192.37 -21.89
C ARG A 148 -29.65 192.08 -20.73
N SER A 149 -30.92 191.86 -21.07
CA SER A 149 -31.94 191.58 -20.06
C SER A 149 -32.06 190.10 -19.69
N TRP A 150 -31.62 189.78 -18.48
CA TRP A 150 -31.65 188.43 -17.98
C TRP A 150 -32.53 188.43 -16.76
N THR A 151 -33.47 187.50 -16.72
CA THR A 151 -34.40 187.43 -15.59
C THR A 151 -34.02 186.34 -14.61
N LEU A 152 -34.27 186.58 -13.33
CA LEU A 152 -33.96 185.56 -12.34
C LEU A 152 -35.13 184.58 -12.39
N THR A 153 -34.93 183.47 -13.09
CA THR A 153 -35.93 182.42 -13.28
C THR A 153 -36.16 181.49 -12.09
N SER A 154 -35.19 181.35 -11.20
CA SER A 154 -35.38 180.45 -10.08
C SER A 154 -34.35 180.60 -8.97
N GLU A 155 -34.75 180.23 -7.76
CA GLU A 155 -33.88 180.26 -6.58
C GLU A 155 -34.21 179.03 -5.76
N MSE A 156 -33.18 178.37 -5.24
CA MSE A 156 -33.36 177.15 -4.45
C MSE A 156 -32.24 177.04 -3.44
O MSE A 156 -31.07 177.24 -3.78
CB MSE A 156 -33.35 175.92 -5.36
CG MSE A 156 -34.33 175.98 -6.54
SE MSE A 156 -36.15 175.38 -6.19
CE MSE A 156 -36.43 176.15 -4.43
N LYS A 157 -32.57 176.73 -2.19
CA LYS A 157 -31.55 176.57 -1.17
C LYS A 157 -31.01 175.16 -1.22
N VAL A 158 -29.87 175.01 -1.87
CA VAL A 158 -29.23 173.70 -2.00
C VAL A 158 -28.77 173.23 -0.62
N LEU A 159 -28.22 174.14 0.18
CA LEU A 159 -27.77 173.85 1.53
C LEU A 159 -28.43 174.75 2.56
N SER A 160 -28.40 174.32 3.82
CA SER A 160 -29.02 175.07 4.91
C SER A 160 -28.22 176.29 5.38
N ILE A 161 -27.10 176.04 6.05
CA ILE A 161 -26.25 177.11 6.55
C ILE A 161 -25.03 177.33 5.68
N PRO A 162 -24.83 178.59 5.25
CA PRO A 162 -23.69 178.94 4.39
C PRO A 162 -22.36 178.42 4.95
N GLN A 168 -13.22 174.84 4.24
CA GLN A 168 -13.35 173.85 3.16
C GLN A 168 -14.75 173.78 2.57
N SER A 169 -14.90 174.33 1.36
CA SER A 169 -16.18 174.35 0.65
C SER A 169 -16.06 174.39 -0.89
N ASP A 170 -16.66 173.41 -1.56
CA ASP A 170 -16.63 173.37 -3.02
C ASP A 170 -18.06 173.20 -3.58
N PHE A 171 -18.29 173.72 -4.80
CA PHE A 171 -19.61 173.62 -5.45
C PHE A 171 -19.49 173.37 -6.96
N CYS A 172 -20.42 172.59 -7.51
CA CYS A 172 -20.40 172.27 -8.94
C CYS A 172 -21.79 172.22 -9.55
N LEU A 173 -21.85 172.44 -10.86
CA LEU A 173 -23.09 172.41 -11.62
C LEU A 173 -22.86 171.70 -12.93
N SER A 174 -23.91 171.05 -13.43
CA SER A 174 -23.85 170.35 -14.70
C SER A 174 -25.27 169.97 -15.13
N TRP A 175 -25.75 170.64 -16.17
CA TRP A 175 -27.09 170.39 -16.68
C TRP A 175 -27.16 169.04 -17.36
N CYS A 176 -28.38 168.61 -17.66
CA CYS A 176 -28.54 167.37 -18.38
C CYS A 176 -28.60 167.84 -19.83
N PRO A 177 -27.62 167.44 -20.64
CA PRO A 177 -27.55 167.82 -22.05
C PRO A 177 -28.74 167.44 -22.89
N SER A 178 -29.11 166.16 -22.86
CA SER A 178 -30.20 165.61 -23.66
C SER A 178 -31.42 166.51 -23.88
N ARG A 179 -31.67 166.79 -25.17
CA ARG A 179 -32.81 167.61 -25.57
C ARG A 179 -34.09 166.78 -25.47
N PHE A 180 -33.92 165.47 -25.60
CA PHE A 180 -35.03 164.53 -25.51
C PHE A 180 -35.18 164.03 -24.07
N SER A 181 -35.12 164.92 -23.10
CA SER A 181 -35.27 164.52 -21.71
C SER A 181 -35.66 165.74 -20.88
N PRO A 182 -36.52 165.51 -19.87
CA PRO A 182 -36.99 166.60 -19.00
C PRO A 182 -35.87 167.45 -18.43
N GLU A 183 -36.00 168.77 -18.60
CA GLU A 183 -35.03 169.71 -18.06
C GLU A 183 -34.68 169.34 -16.63
N LYS A 184 -33.39 169.23 -16.37
CA LYS A 184 -32.90 168.91 -15.03
C LYS A 184 -31.39 169.10 -15.00
N LEU A 185 -30.88 169.44 -13.82
CA LEU A 185 -29.44 169.64 -13.63
C LEU A 185 -28.96 169.06 -12.31
N ALA A 186 -27.67 168.74 -12.24
CA ALA A 186 -27.06 168.19 -11.05
C ALA A 186 -26.28 169.28 -10.30
N VAL A 187 -26.31 169.21 -8.98
CA VAL A 187 -25.63 170.19 -8.14
C VAL A 187 -24.87 169.50 -7.01
N SER A 188 -23.64 169.94 -6.77
CA SER A 188 -22.85 169.37 -5.69
C SER A 188 -22.51 170.49 -4.73
N ALA A 189 -22.77 170.25 -3.45
CA ALA A 189 -22.46 171.23 -2.41
C ALA A 189 -21.73 170.46 -1.34
N LEU A 190 -20.46 170.77 -1.14
CA LEU A 190 -19.67 170.06 -0.15
C LEU A 190 -19.65 168.57 -0.49
N GLU A 191 -20.20 167.75 0.38
CA GLU A 191 -20.22 166.30 0.16
C GLU A 191 -21.52 165.84 -0.53
N GLN A 192 -22.53 166.67 -0.51
CA GLN A 192 -23.83 166.36 -1.10
C GLN A 192 -23.81 166.47 -2.62
N ALA A 193 -24.71 165.72 -3.26
CA ALA A 193 -24.85 165.73 -4.71
C ALA A 193 -26.31 165.47 -5.00
N ILE A 194 -27.07 166.52 -5.30
CA ILE A 194 -28.48 166.35 -5.59
C ILE A 194 -28.88 166.77 -7.00
N ILE A 195 -29.93 166.15 -7.50
CA ILE A 195 -30.41 166.45 -8.84
C ILE A 195 -31.72 167.20 -8.75
N TYR A 196 -31.86 168.23 -9.59
CA TYR A 196 -33.07 169.02 -9.63
C TYR A 196 -33.77 168.76 -10.95
N GLN A 197 -35.10 168.61 -10.90
CA GLN A 197 -35.87 168.38 -12.11
C GLN A 197 -37.00 169.39 -12.20
N ARG A 198 -37.28 169.83 -13.43
CA ARG A 198 -38.33 170.80 -13.63
C ARG A 198 -39.65 170.11 -13.36
N GLY A 199 -40.35 170.59 -12.33
CA GLY A 199 -41.64 170.02 -11.98
C GLY A 199 -42.67 170.39 -13.04
N LYS A 200 -43.84 169.74 -12.99
CA LYS A 200 -44.88 170.05 -13.96
C LYS A 200 -45.43 171.45 -13.71
N ASP A 201 -45.17 171.98 -12.52
CA ASP A 201 -45.61 173.30 -12.12
C ASP A 201 -44.66 174.43 -12.53
N GLY A 202 -43.68 174.08 -13.37
CA GLY A 202 -42.72 175.08 -13.83
C GLY A 202 -41.56 175.37 -12.89
N LYS A 203 -41.64 174.93 -11.64
CA LYS A 203 -40.59 175.16 -10.67
C LYS A 203 -39.60 174.00 -10.61
N LEU A 204 -38.50 174.19 -9.88
CA LEU A 204 -37.50 173.14 -9.73
C LEU A 204 -37.83 172.36 -8.48
N HIS A 205 -37.45 171.08 -8.47
CA HIS A 205 -37.69 170.21 -7.33
C HIS A 205 -36.56 169.21 -7.19
N VAL A 206 -36.26 168.82 -5.96
CA VAL A 206 -35.20 167.86 -5.72
C VAL A 206 -35.70 166.47 -6.09
N ALA A 207 -35.32 166.00 -7.27
CA ALA A 207 -35.74 164.69 -7.76
C ALA A 207 -34.92 163.50 -7.25
N ALA A 208 -33.66 163.71 -6.92
CA ALA A 208 -32.82 162.61 -6.43
C ALA A 208 -31.52 163.09 -5.80
N LYS A 209 -30.79 162.12 -5.26
CA LYS A 209 -29.49 162.38 -4.64
C LYS A 209 -28.46 161.30 -4.98
N LEU A 210 -27.21 161.71 -5.15
CA LEU A 210 -26.14 160.76 -5.44
C LEU A 210 -25.43 160.52 -4.10
N PRO A 211 -25.68 159.34 -3.49
CA PRO A 211 -25.10 158.96 -2.21
C PRO A 211 -23.74 158.29 -2.31
N GLY A 212 -23.02 158.25 -1.19
CA GLY A 212 -21.72 157.60 -1.18
C GLY A 212 -20.50 158.48 -0.98
N HIS A 213 -20.60 159.76 -1.35
CA HIS A 213 -19.48 160.68 -1.22
C HIS A 213 -19.08 160.94 0.22
N LYS A 214 -17.88 160.50 0.57
CA LYS A 214 -17.40 160.65 1.93
C LYS A 214 -16.66 161.94 2.24
N SER A 215 -16.63 162.88 1.29
CA SER A 215 -16.02 164.18 1.52
C SER A 215 -16.30 165.10 0.34
N LEU A 216 -15.64 166.24 0.29
CA LEU A 216 -15.86 167.22 -0.79
C LEU A 216 -15.86 166.73 -2.24
N ILE A 217 -16.96 167.00 -2.94
CA ILE A 217 -17.06 166.63 -4.35
C ILE A 217 -16.39 167.75 -5.12
N ARG A 218 -15.26 167.43 -5.75
CA ARG A 218 -14.51 168.41 -6.50
C ARG A 218 -15.05 168.70 -7.89
N SER A 219 -15.70 167.71 -8.50
CA SER A 219 -16.21 167.90 -9.85
C SER A 219 -17.28 166.89 -10.26
N ILE A 220 -18.33 167.37 -10.94
CA ILE A 220 -19.38 166.48 -11.43
C ILE A 220 -19.71 166.89 -12.85
N SER A 221 -19.89 165.91 -13.72
CA SER A 221 -20.21 166.16 -15.10
C SER A 221 -21.31 165.21 -15.55
N TRP A 222 -22.38 165.78 -16.11
CA TRP A 222 -23.51 165.01 -16.60
C TRP A 222 -23.18 164.67 -18.06
N ALA A 223 -23.21 163.39 -18.39
CA ALA A 223 -22.87 162.94 -19.74
C ALA A 223 -23.94 163.02 -20.80
N PRO A 224 -23.54 163.34 -22.04
CA PRO A 224 -24.51 163.43 -23.12
C PRO A 224 -25.07 162.00 -23.20
N SER A 225 -26.38 161.85 -23.35
CA SER A 225 -26.98 160.51 -23.41
C SER A 225 -27.39 160.09 -24.82
N ILE A 226 -26.66 160.57 -25.82
CA ILE A 226 -26.92 160.23 -27.20
C ILE A 226 -26.90 158.72 -27.38
N GLY A 227 -28.05 158.13 -27.71
CA GLY A 227 -28.10 156.70 -27.91
C GLY A 227 -28.77 155.90 -26.81
N ARG A 228 -28.94 156.46 -25.62
CA ARG A 228 -29.58 155.72 -24.55
C ARG A 228 -30.82 156.31 -23.91
N TRP A 229 -31.40 155.48 -23.04
CA TRP A 229 -32.61 155.74 -22.29
C TRP A 229 -32.35 156.18 -20.86
N TYR A 230 -31.10 156.12 -20.43
CA TYR A 230 -30.71 156.50 -19.08
C TYR A 230 -29.66 157.63 -19.11
N GLN A 231 -29.52 158.32 -17.98
CA GLN A 231 -28.55 159.39 -17.87
C GLN A 231 -27.33 158.85 -17.11
N LEU A 232 -26.17 159.45 -17.39
CA LEU A 232 -24.93 159.07 -16.72
C LEU A 232 -24.24 160.32 -16.20
N ILE A 233 -23.99 160.38 -14.90
CA ILE A 233 -23.31 161.55 -14.36
C ILE A 233 -22.18 161.15 -13.41
N ALA A 234 -20.96 161.49 -13.82
CA ALA A 234 -19.74 161.16 -13.06
C ALA A 234 -19.30 162.25 -12.09
N THR A 235 -18.67 161.81 -11.00
CA THR A 235 -18.19 162.73 -9.98
C THR A 235 -16.80 162.38 -9.50
N GLY A 236 -16.00 163.42 -9.26
CA GLY A 236 -14.65 163.25 -8.74
C GLY A 236 -14.66 163.77 -7.32
N CYS A 237 -14.46 162.87 -6.36
CA CYS A 237 -14.46 163.26 -4.96
C CYS A 237 -13.06 163.39 -4.37
N LYS A 238 -12.98 164.17 -3.30
CA LYS A 238 -11.74 164.40 -2.59
C LYS A 238 -11.33 163.12 -1.90
N ASP A 239 -12.25 162.18 -1.79
CA ASP A 239 -11.95 160.91 -1.13
C ASP A 239 -11.28 159.91 -2.05
N GLY A 240 -10.75 160.42 -3.16
CA GLY A 240 -10.03 159.57 -4.12
C GLY A 240 -10.81 158.72 -5.10
N ARG A 241 -12.13 158.87 -5.11
CA ARG A 241 -12.96 158.07 -5.99
C ARG A 241 -13.72 158.77 -7.11
N ILE A 242 -13.74 158.10 -8.26
CA ILE A 242 -14.48 158.56 -9.42
C ILE A 242 -15.73 157.72 -9.29
N ARG A 243 -16.90 158.33 -9.43
CA ARG A 243 -18.11 157.54 -9.33
C ARG A 243 -19.00 157.85 -10.50
N ILE A 244 -19.53 156.79 -11.11
CA ILE A 244 -20.43 156.97 -12.24
C ILE A 244 -21.83 156.49 -11.86
N PHE A 245 -22.76 157.44 -11.78
CA PHE A 245 -24.14 157.13 -11.43
C PHE A 245 -25.04 157.03 -12.64
N LYS A 246 -25.90 156.01 -12.64
CA LYS A 246 -26.85 155.79 -13.71
C LYS A 246 -28.23 156.20 -13.23
N ILE A 247 -28.77 157.24 -13.85
CA ILE A 247 -30.10 157.73 -13.48
C ILE A 247 -31.11 157.40 -14.57
N THR A 248 -32.09 156.58 -14.21
CA THR A 248 -33.13 156.14 -15.13
C THR A 248 -34.48 156.60 -14.56
N GLU A 249 -35.30 157.27 -15.36
CA GLU A 249 -36.58 157.69 -14.84
C GLU A 249 -37.71 156.81 -15.34
N LYS A 250 -38.46 156.25 -14.39
CA LYS A 250 -39.58 155.36 -14.67
C LYS A 250 -40.85 155.80 -13.94
N SER A 292 -41.21 162.36 -14.35
CA SER A 292 -41.13 160.97 -13.91
C SER A 292 -40.16 160.85 -12.73
N ASN A 293 -40.39 159.90 -11.83
CA ASN A 293 -39.48 159.73 -10.69
C ASN A 293 -38.18 159.08 -11.14
N LEU A 294 -37.05 159.55 -10.59
CA LEU A 294 -35.74 159.06 -10.98
C LEU A 294 -35.21 157.90 -10.15
N GLN A 295 -34.72 156.88 -10.85
CA GLN A 295 -34.17 155.69 -10.21
C GLN A 295 -32.66 155.85 -10.31
N VAL A 296 -31.95 155.70 -9.18
CA VAL A 296 -30.51 155.88 -9.21
C VAL A 296 -29.69 154.62 -8.86
N GLU A 297 -28.69 154.35 -9.70
CA GLU A 297 -27.78 153.20 -9.54
C GLU A 297 -26.35 153.74 -9.46
N LEU A 298 -25.44 152.90 -8.99
CA LEU A 298 -24.03 153.26 -8.93
C LEU A 298 -23.37 152.29 -9.89
N LEU A 299 -23.17 152.71 -11.14
CA LEU A 299 -22.53 151.83 -12.12
C LEU A 299 -21.11 151.45 -11.75
N SER A 300 -20.21 152.42 -11.86
CA SER A 300 -18.79 152.20 -11.56
C SER A 300 -18.35 153.07 -10.42
N GLU A 301 -17.22 152.68 -9.85
CA GLU A 301 -16.60 153.41 -8.75
C GLU A 301 -15.14 153.04 -8.91
N HIS A 302 -14.28 154.04 -9.06
CA HIS A 302 -12.85 153.79 -9.24
C HIS A 302 -11.99 154.62 -8.29
N ASP A 303 -10.94 153.99 -7.79
CA ASP A 303 -10.02 154.62 -6.84
C ASP A 303 -8.62 154.71 -7.42
N ASP A 304 -8.45 154.29 -8.67
CA ASP A 304 -7.17 154.30 -9.35
C ASP A 304 -6.30 155.52 -9.06
N HIS A 305 -6.94 156.65 -8.80
CA HIS A 305 -6.17 157.86 -8.55
C HIS A 305 -5.43 157.94 -7.21
N ASN A 306 -5.93 157.28 -6.18
CA ASN A 306 -5.30 157.33 -4.86
C ASN A 306 -4.99 158.77 -4.55
N GLY A 307 -6.05 159.50 -4.20
CA GLY A 307 -5.91 160.91 -3.91
C GLY A 307 -7.08 161.59 -4.57
N GLU A 308 -7.31 162.85 -4.23
CA GLU A 308 -8.41 163.61 -4.78
C GLU A 308 -8.50 163.57 -6.30
N VAL A 309 -9.72 163.31 -6.79
CA VAL A 309 -9.98 163.32 -8.22
C VAL A 309 -10.54 164.72 -8.39
N TRP A 310 -9.73 165.62 -8.93
CA TRP A 310 -10.13 167.00 -9.09
C TRP A 310 -11.01 167.37 -10.26
N SER A 311 -10.86 166.66 -11.37
CA SER A 311 -11.64 166.99 -12.55
C SER A 311 -12.16 165.80 -13.34
N VAL A 312 -13.46 165.84 -13.61
CA VAL A 312 -14.11 164.79 -14.35
C VAL A 312 -14.85 165.43 -15.51
N SER A 313 -14.57 164.98 -16.73
CA SER A 313 -15.25 165.54 -17.89
C SER A 313 -15.68 164.45 -18.87
N TRP A 314 -16.67 164.79 -19.70
CA TRP A 314 -17.17 163.85 -20.68
C TRP A 314 -16.89 164.23 -22.13
N ASN A 315 -16.93 163.19 -22.94
CA ASN A 315 -16.75 163.23 -24.37
C ASN A 315 -17.84 164.12 -24.97
N LEU A 316 -17.78 164.35 -26.28
CA LEU A 316 -18.82 165.15 -26.95
C LEU A 316 -20.07 164.27 -27.05
N THR A 317 -19.82 163.01 -27.34
CA THR A 317 -20.84 162.00 -27.51
C THR A 317 -21.07 161.26 -26.20
N GLY A 318 -20.36 161.63 -25.14
CA GLY A 318 -20.52 160.94 -23.87
C GLY A 318 -20.13 159.47 -23.98
N THR A 319 -19.11 159.23 -24.79
CA THR A 319 -18.62 157.89 -25.03
C THR A 319 -17.38 157.63 -24.18
N ILE A 320 -16.64 158.70 -23.89
CA ILE A 320 -15.41 158.64 -23.11
C ILE A 320 -15.47 159.56 -21.88
N LEU A 321 -15.00 159.06 -20.75
CA LEU A 321 -15.01 159.83 -19.51
C LEU A 321 -13.57 160.12 -19.06
N SER A 322 -13.32 161.31 -18.51
CA SER A 322 -11.97 161.64 -18.07
C SER A 322 -11.88 162.00 -16.58
N SER A 323 -10.79 161.57 -15.95
CA SER A 323 -10.54 161.86 -14.54
C SER A 323 -9.09 162.32 -14.34
N ALA A 324 -8.91 163.32 -13.49
CA ALA A 324 -7.58 163.84 -13.17
C ALA A 324 -7.46 164.02 -11.65
N GLY A 325 -6.26 163.83 -11.11
CA GLY A 325 -6.11 163.97 -9.66
C GLY A 325 -4.71 164.28 -9.14
N ASP A 326 -4.55 164.08 -7.83
CA ASP A 326 -3.29 164.31 -7.13
C ASP A 326 -2.15 163.54 -7.75
N ASP A 327 -2.41 162.27 -8.04
CA ASP A 327 -1.40 161.38 -8.62
C ASP A 327 -0.80 161.94 -9.89
N GLY A 328 -1.27 163.11 -10.31
CA GLY A 328 -0.77 163.76 -11.51
C GLY A 328 -0.99 162.99 -12.78
N LYS A 329 -2.10 162.27 -12.83
CA LYS A 329 -2.44 161.48 -14.00
C LYS A 329 -3.86 161.72 -14.47
N VAL A 330 -4.10 161.48 -15.75
CA VAL A 330 -5.42 161.63 -16.35
C VAL A 330 -5.75 160.26 -16.93
N ARG A 331 -6.89 159.71 -16.53
CA ARG A 331 -7.32 158.41 -17.06
C ARG A 331 -8.58 158.61 -17.90
N LEU A 332 -8.74 157.77 -18.92
CA LEU A 332 -9.89 157.84 -19.81
C LEU A 332 -10.65 156.54 -19.66
N TRP A 333 -11.97 156.63 -19.59
CA TRP A 333 -12.81 155.44 -19.43
C TRP A 333 -13.95 155.34 -20.43
N LYS A 334 -14.14 154.14 -20.98
CA LYS A 334 -15.24 153.85 -21.91
C LYS A 334 -16.12 152.86 -21.16
N ALA A 335 -17.30 152.57 -21.66
CA ALA A 335 -18.15 151.61 -20.98
C ALA A 335 -18.12 150.27 -21.72
N THR A 336 -18.23 149.17 -20.99
CA THR A 336 -18.23 147.86 -21.63
C THR A 336 -19.63 147.48 -22.08
N TYR A 337 -19.75 146.31 -22.67
CA TYR A 337 -21.04 145.84 -23.14
C TYR A 337 -22.03 145.72 -21.99
N SER A 338 -21.52 145.52 -20.77
CA SER A 338 -22.36 145.37 -19.57
C SER A 338 -22.47 146.69 -18.82
N ASN A 339 -21.96 147.75 -19.43
CA ASN A 339 -21.99 149.07 -18.86
C ASN A 339 -21.14 149.35 -17.64
N GLU A 340 -20.14 148.50 -17.37
CA GLU A 340 -19.22 148.81 -16.29
C GLU A 340 -18.17 149.60 -17.05
N PHE A 341 -17.46 150.52 -16.38
CA PHE A 341 -16.44 151.28 -17.08
C PHE A 341 -15.05 150.72 -16.87
N LYS A 342 -14.28 150.68 -17.96
CA LYS A 342 -12.92 150.17 -17.99
C LYS A 342 -12.07 151.38 -18.31
N CYS A 343 -10.81 151.37 -17.90
CA CYS A 343 -9.93 152.47 -18.22
C CYS A 343 -9.24 152.10 -19.51
N MSE A 344 -9.36 152.95 -20.53
CA MSE A 344 -8.75 152.67 -21.83
C MSE A 344 -7.34 153.24 -22.02
O MSE A 344 -6.56 152.72 -22.84
CB MSE A 344 -9.68 153.13 -22.96
CG MSE A 344 -10.00 154.62 -22.90
SE MSE A 344 -10.78 155.33 -24.54
CE MSE A 344 -9.17 155.60 -25.60
N SER A 345 -6.99 154.29 -21.29
CA SER A 345 -5.67 154.87 -21.42
C SER A 345 -5.35 155.79 -20.26
N VAL A 346 -4.06 155.95 -19.97
CA VAL A 346 -3.62 156.82 -18.87
C VAL A 346 -2.52 157.81 -19.26
N ILE A 347 -2.84 159.09 -19.22
CA ILE A 347 -1.86 160.13 -19.55
C ILE A 347 -1.28 160.67 -18.27
N THR A 348 0.04 160.79 -18.21
CA THR A 348 0.70 161.25 -16.99
C THR A 348 1.44 162.57 -17.13
N ALA A 349 1.23 163.46 -16.17
CA ALA A 349 1.89 164.76 -16.14
C ALA A 349 3.09 164.64 -15.22
N GLN A 350 3.35 163.42 -14.79
CA GLN A 350 4.45 163.08 -13.88
C GLN A 350 5.79 162.92 -14.58
N GLN A 351 6.83 163.52 -14.03
CA GLN A 351 8.17 163.42 -14.61
C GLN A 351 8.83 162.10 -14.19
N MSE B 3 -9.58 90.08 -8.46
CA MSE B 3 -8.61 89.60 -9.48
C MSE B 3 -7.31 89.06 -8.86
O MSE B 3 -6.26 89.72 -8.88
CB MSE B 3 -8.31 90.72 -10.49
CG MSE B 3 -9.54 91.16 -11.29
SE MSE B 3 -10.42 89.74 -12.34
CE MSE B 3 -11.45 88.90 -10.92
N GLN B 4 -7.41 87.85 -8.30
CA GLN B 4 -6.28 87.15 -7.67
C GLN B 4 -5.69 86.18 -8.64
N PRO B 5 -4.36 86.09 -8.69
CA PRO B 5 -3.61 85.22 -9.59
C PRO B 5 -3.76 83.77 -9.22
N PHE B 6 -3.69 82.89 -10.21
CA PHE B 6 -3.79 81.47 -9.94
C PHE B 6 -2.55 80.81 -10.49
N ASP B 7 -2.29 79.60 -10.02
CA ASP B 7 -1.12 78.87 -10.43
C ASP B 7 -1.36 78.05 -11.69
N SER B 8 -0.57 78.29 -12.74
CA SER B 8 -0.76 77.55 -13.98
C SER B 8 -0.48 76.06 -13.75
N GLY B 9 0.49 75.76 -12.90
CA GLY B 9 0.82 74.38 -12.64
C GLY B 9 1.91 73.88 -13.55
N HIS B 10 2.53 74.78 -14.29
CA HIS B 10 3.61 74.43 -15.19
C HIS B 10 4.94 74.42 -14.43
N ASP B 11 5.83 73.54 -14.84
CA ASP B 11 7.14 73.40 -14.21
C ASP B 11 8.15 74.35 -14.84
N ASP B 12 8.16 74.42 -16.15
CA ASP B 12 9.09 75.31 -16.82
C ASP B 12 8.39 76.62 -17.11
N LEU B 13 8.79 77.33 -18.17
CA LEU B 13 8.17 78.63 -18.45
C LEU B 13 7.04 78.66 -19.47
N VAL B 14 6.00 79.39 -19.09
CA VAL B 14 4.78 79.58 -19.88
C VAL B 14 5.01 80.54 -21.04
N HIS B 15 4.73 80.06 -22.25
CA HIS B 15 4.93 80.87 -23.45
C HIS B 15 3.70 81.61 -23.91
N ASP B 16 2.60 80.90 -24.07
CA ASP B 16 1.39 81.54 -24.54
C ASP B 16 0.18 81.12 -23.71
N VAL B 17 -0.82 81.99 -23.71
CA VAL B 17 -2.06 81.78 -23.01
C VAL B 17 -3.06 82.32 -24.01
N VAL B 18 -4.04 81.50 -24.36
CA VAL B 18 -5.06 81.91 -25.34
C VAL B 18 -6.48 81.62 -24.90
N TYR B 19 -7.37 82.52 -25.27
CA TYR B 19 -8.78 82.43 -24.93
C TYR B 19 -9.62 81.68 -25.99
N ASP B 20 -10.65 80.97 -25.54
CA ASP B 20 -11.53 80.29 -26.51
C ASP B 20 -12.43 81.39 -27.11
N PHE B 21 -13.49 81.01 -27.80
CA PHE B 21 -14.33 82.02 -28.41
C PHE B 21 -15.05 82.94 -27.44
N TYR B 22 -15.65 82.37 -26.41
CA TYR B 22 -16.43 83.14 -25.45
C TYR B 22 -15.64 83.72 -24.26
N GLY B 23 -14.34 83.48 -24.20
CA GLY B 23 -13.54 84.00 -23.11
C GLY B 23 -13.76 83.30 -21.78
N ARG B 24 -14.38 82.13 -21.82
CA ARG B 24 -14.68 81.35 -20.63
C ARG B 24 -13.65 80.26 -20.43
N HIS B 25 -12.78 80.09 -21.42
CA HIS B 25 -11.75 79.07 -21.34
C HIS B 25 -10.40 79.62 -21.76
N VAL B 26 -9.34 78.96 -21.31
CA VAL B 26 -8.01 79.38 -21.66
C VAL B 26 -7.10 78.19 -21.90
N ALA B 27 -6.28 78.29 -22.95
CA ALA B 27 -5.33 77.26 -23.30
C ALA B 27 -3.94 77.79 -22.95
N THR B 28 -3.12 76.93 -22.35
CA THR B 28 -1.79 77.33 -21.93
C THR B 28 -0.73 76.33 -22.37
N CYS B 29 0.42 76.83 -22.79
CA CYS B 29 1.51 75.97 -23.20
C CYS B 29 2.85 76.46 -22.62
N SER B 30 3.65 75.51 -22.14
CA SER B 30 4.95 75.83 -21.54
C SER B 30 6.08 75.03 -22.13
N SER B 31 7.31 75.32 -21.71
CA SER B 31 8.47 74.61 -22.19
C SER B 31 8.51 73.27 -21.49
N ASP B 32 7.63 73.11 -20.50
CA ASP B 32 7.55 71.86 -19.75
C ASP B 32 6.86 70.82 -20.63
N GLN B 33 6.73 71.17 -21.92
CA GLN B 33 6.13 70.32 -22.94
C GLN B 33 4.71 69.88 -22.62
N HIS B 34 3.96 70.72 -21.92
CA HIS B 34 2.59 70.41 -21.52
C HIS B 34 1.59 71.45 -22.00
N ILE B 35 0.36 71.01 -22.26
CA ILE B 35 -0.70 71.94 -22.65
C ILE B 35 -1.73 71.83 -21.55
N LYS B 36 -2.23 72.98 -21.09
CA LYS B 36 -3.23 72.98 -20.06
C LYS B 36 -4.42 73.78 -20.52
N VAL B 37 -5.60 73.40 -20.06
CA VAL B 37 -6.81 74.10 -20.42
C VAL B 37 -7.58 74.36 -19.13
N PHE B 38 -7.90 75.63 -18.91
CA PHE B 38 -8.64 76.01 -17.72
C PHE B 38 -10.03 76.48 -18.09
N LYS B 39 -10.95 76.36 -17.14
CA LYS B 39 -12.33 76.79 -17.33
C LYS B 39 -12.70 77.78 -16.23
N LEU B 40 -13.50 78.78 -16.56
CA LEU B 40 -13.94 79.77 -15.59
C LEU B 40 -15.28 79.33 -14.98
N ASP B 41 -15.20 78.62 -13.85
CA ASP B 41 -16.40 78.13 -13.18
C ASP B 41 -17.36 79.29 -12.99
N LYS B 42 -18.61 79.12 -13.44
CA LYS B 42 -19.59 80.19 -13.36
C LYS B 42 -19.93 80.71 -11.97
N ASP B 43 -20.20 79.80 -11.05
CA ASP B 43 -20.58 80.17 -9.69
C ASP B 43 -19.44 80.68 -8.79
N THR B 44 -18.26 80.08 -8.89
CA THR B 44 -17.13 80.46 -8.07
C THR B 44 -16.34 81.63 -8.64
N SER B 45 -16.31 81.74 -9.96
CA SER B 45 -15.57 82.78 -10.64
C SER B 45 -14.09 82.63 -10.29
N ASN B 46 -13.61 81.39 -10.45
CA ASN B 46 -12.22 80.99 -10.20
C ASN B 46 -11.83 80.11 -11.36
N TRP B 47 -10.63 80.30 -11.88
CA TRP B 47 -10.18 79.48 -12.98
C TRP B 47 -9.73 78.15 -12.41
N GLU B 48 -10.21 77.06 -13.00
CA GLU B 48 -9.85 75.73 -12.52
C GLU B 48 -9.35 74.93 -13.71
N LEU B 49 -8.52 73.95 -13.43
CA LEU B 49 -7.95 73.13 -14.48
C LEU B 49 -8.93 72.14 -15.07
N SER B 50 -9.08 72.20 -16.40
CA SER B 50 -9.96 71.28 -17.13
C SER B 50 -9.17 70.02 -17.50
N ASP B 51 -7.94 70.20 -17.98
CA ASP B 51 -7.06 69.09 -18.32
C ASP B 51 -5.65 69.57 -18.64
N SER B 52 -4.70 68.64 -18.52
CA SER B 52 -3.30 68.89 -18.78
C SER B 52 -2.70 67.62 -19.31
N TRP B 53 -1.79 67.72 -20.27
CA TRP B 53 -1.17 66.53 -20.87
C TRP B 53 0.13 66.85 -21.60
N ARG B 54 0.99 65.83 -21.72
CA ARG B 54 2.26 66.02 -22.42
C ARG B 54 1.96 66.02 -23.91
N ALA B 55 2.14 67.17 -24.56
CA ALA B 55 1.83 67.32 -25.96
C ALA B 55 3.00 67.32 -26.94
N HIS B 56 4.15 67.80 -26.52
CA HIS B 56 5.30 67.84 -27.40
C HIS B 56 6.54 67.31 -26.71
N ASP B 57 7.62 67.19 -27.48
CA ASP B 57 8.86 66.67 -26.94
C ASP B 57 9.85 67.79 -26.76
N SER B 58 9.35 69.01 -26.85
CA SER B 58 10.17 70.19 -26.66
C SER B 58 9.28 71.35 -26.28
N SER B 59 9.84 72.54 -26.13
CA SER B 59 9.06 73.73 -25.77
C SER B 59 7.87 73.98 -26.69
N ILE B 60 6.69 74.12 -26.09
CA ILE B 60 5.48 74.40 -26.85
C ILE B 60 5.29 75.90 -26.74
N VAL B 61 5.81 76.60 -27.74
CA VAL B 61 5.80 78.06 -27.79
C VAL B 61 4.48 78.77 -28.10
N ALA B 62 3.74 78.30 -29.12
CA ALA B 62 2.47 78.94 -29.51
C ALA B 62 1.25 78.02 -29.46
N ILE B 63 0.08 78.61 -29.27
CA ILE B 63 -1.16 77.84 -29.19
C ILE B 63 -2.33 78.69 -29.69
N ASP B 64 -3.44 78.03 -30.05
CA ASP B 64 -4.62 78.73 -30.54
C ASP B 64 -5.87 77.86 -30.71
N TRP B 65 -7.06 78.42 -30.44
CA TRP B 65 -8.34 77.71 -30.58
C TRP B 65 -8.99 77.94 -31.95
N ALA B 66 -9.75 76.95 -32.40
CA ALA B 66 -10.47 77.05 -33.67
C ALA B 66 -11.89 77.54 -33.35
N SER B 67 -12.60 78.07 -34.36
CA SER B 67 -13.97 78.57 -34.16
C SER B 67 -14.92 77.50 -33.64
N PRO B 68 -15.73 77.83 -32.61
CA PRO B 68 -16.69 76.91 -32.00
C PRO B 68 -17.44 76.17 -33.10
N GLU B 69 -17.57 76.88 -34.22
CA GLU B 69 -18.25 76.41 -35.42
C GLU B 69 -17.76 75.04 -35.92
N TYR B 70 -16.48 74.76 -35.75
CA TYR B 70 -15.92 73.48 -36.19
C TYR B 70 -15.77 72.47 -35.05
N GLY B 71 -15.92 72.94 -33.81
CA GLY B 71 -15.79 72.09 -32.64
C GLY B 71 -14.71 72.60 -31.68
N ARG B 72 -14.40 71.80 -30.66
CA ARG B 72 -13.38 72.17 -29.69
C ARG B 72 -12.03 71.71 -30.25
N ILE B 73 -11.35 72.61 -30.92
CA ILE B 73 -10.08 72.29 -31.53
C ILE B 73 -8.99 73.29 -31.14
N ILE B 74 -7.84 72.76 -30.76
CA ILE B 74 -6.70 73.56 -30.36
C ILE B 74 -5.50 73.13 -31.19
N ALA B 75 -4.66 74.08 -31.54
CA ALA B 75 -3.45 73.80 -32.30
C ALA B 75 -2.25 74.27 -31.50
N SER B 76 -1.17 73.52 -31.56
CA SER B 76 0.02 73.87 -30.83
C SER B 76 1.25 73.76 -31.70
N ALA B 77 2.15 74.74 -31.55
CA ALA B 77 3.41 74.78 -32.28
C ALA B 77 4.52 74.52 -31.28
N SER B 78 5.53 73.76 -31.67
CA SER B 78 6.63 73.45 -30.76
C SER B 78 8.00 73.53 -31.41
N TYR B 79 9.01 73.59 -30.56
CA TYR B 79 10.37 73.66 -31.05
C TYR B 79 10.81 72.33 -31.63
N ASP B 80 10.04 71.28 -31.35
CA ASP B 80 10.36 69.96 -31.87
C ASP B 80 9.92 69.91 -33.33
N LYS B 81 9.95 71.08 -33.97
CA LYS B 81 9.61 71.24 -35.38
C LYS B 81 8.25 70.69 -35.80
N THR B 82 7.30 70.68 -34.87
CA THR B 82 5.99 70.12 -35.18
C THR B 82 4.80 70.97 -34.73
N VAL B 83 3.66 70.78 -35.41
CA VAL B 83 2.42 71.45 -35.04
C VAL B 83 1.43 70.31 -34.85
N LYS B 84 0.74 70.30 -33.73
CA LYS B 84 -0.23 69.24 -33.45
C LYS B 84 -1.62 69.84 -33.28
N LEU B 85 -2.65 69.05 -33.63
CA LEU B 85 -4.05 69.48 -33.52
C LEU B 85 -4.81 68.58 -32.55
N TRP B 86 -5.52 69.17 -31.61
CA TRP B 86 -6.24 68.41 -30.61
C TRP B 86 -7.72 68.75 -30.58
N GLU B 87 -8.54 67.77 -30.18
CA GLU B 87 -9.98 67.97 -30.09
C GLU B 87 -10.54 67.39 -28.81
N GLU B 88 -11.25 68.21 -28.04
CA GLU B 88 -11.82 67.76 -26.78
C GLU B 88 -12.78 66.58 -26.96
N ASP B 89 -12.44 65.46 -26.34
CA ASP B 89 -13.28 64.27 -26.38
C ASP B 89 -13.97 64.28 -25.02
N PRO B 90 -15.25 64.67 -24.99
CA PRO B 90 -16.07 64.75 -23.77
C PRO B 90 -16.42 63.44 -23.13
N ASP B 91 -15.97 62.35 -23.74
CA ASP B 91 -16.21 61.02 -23.20
C ASP B 91 -15.10 60.67 -22.24
N GLN B 92 -14.29 61.65 -21.88
CA GLN B 92 -13.17 61.46 -20.97
C GLN B 92 -13.23 62.46 -19.81
N GLU B 93 -13.02 61.96 -18.60
CA GLU B 93 -13.04 62.80 -17.41
C GLU B 93 -12.15 64.02 -17.59
N GLU B 94 -12.40 65.07 -16.83
CA GLU B 94 -11.54 66.24 -16.92
C GLU B 94 -10.32 65.89 -16.06
N CYS B 95 -9.17 66.51 -16.34
CA CYS B 95 -7.96 66.24 -15.59
C CYS B 95 -7.64 64.75 -15.62
N SER B 96 -7.85 64.13 -16.77
CA SER B 96 -7.58 62.71 -16.93
C SER B 96 -6.43 62.56 -17.88
N GLY B 97 -5.93 63.70 -18.35
CA GLY B 97 -4.82 63.68 -19.28
C GLY B 97 -5.22 63.20 -20.64
N ARG B 98 -6.41 62.65 -20.77
CA ARG B 98 -6.85 62.16 -22.06
C ARG B 98 -8.17 62.79 -22.47
N ARG B 99 -8.38 64.03 -22.04
CA ARG B 99 -9.61 64.73 -22.39
C ARG B 99 -9.46 65.42 -23.73
N TRP B 100 -8.26 65.40 -24.29
CA TRP B 100 -8.02 66.01 -25.59
C TRP B 100 -7.29 65.02 -26.47
N ASN B 101 -7.81 64.83 -27.68
CA ASN B 101 -7.22 63.86 -28.59
C ASN B 101 -6.45 64.47 -29.72
N LYS B 102 -5.31 63.85 -30.06
CA LYS B 102 -4.50 64.34 -31.15
C LYS B 102 -5.21 63.99 -32.45
N LEU B 103 -5.53 65.00 -33.26
CA LEU B 103 -6.19 64.78 -34.52
C LEU B 103 -5.12 64.43 -35.53
N CYS B 104 -3.98 65.08 -35.40
CA CYS B 104 -2.87 64.78 -36.30
C CYS B 104 -1.62 65.60 -35.96
N THR B 105 -0.54 65.29 -36.65
CA THR B 105 0.74 65.96 -36.43
C THR B 105 1.31 66.39 -37.76
N LEU B 106 1.38 67.70 -37.98
CA LEU B 106 1.91 68.25 -39.23
C LEU B 106 3.39 68.43 -39.00
N ASN B 107 4.23 67.72 -39.74
CA ASN B 107 5.67 67.85 -39.55
C ASN B 107 6.47 68.18 -40.81
N ASP B 108 5.92 69.05 -41.66
CA ASP B 108 6.60 69.43 -42.88
C ASP B 108 7.74 70.37 -42.55
N SER B 109 7.60 71.11 -41.44
CA SER B 109 8.63 72.05 -41.04
C SER B 109 9.93 71.35 -40.74
N LYS B 110 11.03 72.00 -41.10
CA LYS B 110 12.35 71.46 -40.87
C LYS B 110 13.08 72.33 -39.84
N GLY B 111 12.34 73.25 -39.23
CA GLY B 111 12.89 74.12 -38.22
C GLY B 111 11.88 74.34 -37.10
N SER B 112 12.36 74.66 -35.90
CA SER B 112 11.46 74.87 -34.77
C SER B 112 10.33 75.81 -35.16
N LEU B 113 9.14 75.56 -34.61
CA LEU B 113 8.00 76.39 -34.92
C LEU B 113 7.75 77.44 -33.84
N TYR B 114 7.64 78.69 -34.29
CA TYR B 114 7.40 79.79 -33.37
C TYR B 114 5.96 80.26 -33.22
N SER B 115 5.17 80.15 -34.28
CA SER B 115 3.78 80.61 -34.23
C SER B 115 2.77 79.74 -34.95
N VAL B 116 1.52 79.78 -34.49
CA VAL B 116 0.43 79.01 -35.08
C VAL B 116 -0.89 79.73 -34.81
N LYS B 117 -1.55 80.15 -35.88
CA LYS B 117 -2.84 80.84 -35.76
C LYS B 117 -3.89 80.26 -36.73
N PHE B 118 -5.12 80.11 -36.23
CA PHE B 118 -6.21 79.60 -37.03
C PHE B 118 -6.73 80.77 -37.87
N ALA B 119 -7.13 80.48 -39.10
CA ALA B 119 -7.66 81.53 -39.98
C ALA B 119 -9.10 81.81 -39.59
N PRO B 120 -9.60 83.02 -39.90
CA PRO B 120 -10.98 83.36 -39.56
C PRO B 120 -11.92 82.25 -40.04
N ALA B 121 -12.80 81.80 -39.15
CA ALA B 121 -13.74 80.71 -39.47
C ALA B 121 -14.40 80.81 -40.84
N HIS B 122 -14.65 82.04 -41.29
CA HIS B 122 -15.29 82.25 -42.58
C HIS B 122 -14.45 81.77 -43.78
N LEU B 123 -13.24 81.29 -43.52
CA LEU B 123 -12.40 80.78 -44.60
C LEU B 123 -12.27 79.27 -44.50
N GLY B 124 -13.08 78.68 -43.63
CA GLY B 124 -13.04 77.24 -43.42
C GLY B 124 -12.06 76.90 -42.30
N LEU B 125 -11.89 75.61 -42.04
CA LEU B 125 -10.96 75.17 -41.02
C LEU B 125 -9.57 75.25 -41.66
N LYS B 126 -8.92 76.39 -41.46
CA LYS B 126 -7.61 76.65 -42.02
C LYS B 126 -6.69 77.18 -40.92
N LEU B 127 -5.39 76.94 -41.05
CA LEU B 127 -4.43 77.45 -40.07
C LEU B 127 -3.11 77.78 -40.77
N ALA B 128 -2.26 78.52 -40.07
CA ALA B 128 -0.95 78.90 -40.59
C ALA B 128 0.11 78.81 -39.48
N CYS B 129 1.34 78.47 -39.84
CA CYS B 129 2.43 78.38 -38.87
C CYS B 129 3.71 78.91 -39.50
N LEU B 130 4.65 79.33 -38.65
CA LEU B 130 5.92 79.88 -39.10
C LEU B 130 7.05 79.44 -38.17
N GLY B 131 8.23 79.15 -38.73
CA GLY B 131 9.33 78.72 -37.89
C GLY B 131 10.72 79.21 -38.24
N ASN B 132 11.72 78.37 -37.99
CA ASN B 132 13.12 78.69 -38.26
C ASN B 132 13.39 78.73 -39.74
N ASP B 133 12.87 77.72 -40.44
CA ASP B 133 13.06 77.61 -41.87
C ASP B 133 12.47 78.78 -42.66
N GLY B 134 12.08 79.83 -41.94
CA GLY B 134 11.52 81.01 -42.58
C GLY B 134 10.46 80.73 -43.62
N ILE B 135 9.82 79.57 -43.51
CA ILE B 135 8.77 79.20 -44.45
C ILE B 135 7.39 79.29 -43.82
N LEU B 136 6.51 80.05 -44.45
CA LEU B 136 5.14 80.20 -43.96
C LEU B 136 4.46 78.96 -44.51
N ARG B 137 3.48 78.44 -43.80
CA ARG B 137 2.77 77.24 -44.25
C ARG B 137 1.30 77.31 -43.86
N LEU B 138 0.43 77.11 -44.84
CA LEU B 138 -1.00 77.11 -44.56
C LEU B 138 -1.47 75.67 -44.68
N TYR B 139 -2.37 75.27 -43.80
CA TYR B 139 -2.90 73.92 -43.80
C TYR B 139 -4.42 73.97 -43.74
N ASP B 140 -5.07 73.15 -44.55
CA ASP B 140 -6.51 73.13 -44.58
C ASP B 140 -7.16 71.79 -44.29
N ALA B 141 -8.24 71.85 -43.51
CA ALA B 141 -9.01 70.66 -43.19
C ALA B 141 -10.04 70.69 -44.30
N LEU B 142 -9.57 70.44 -45.51
CA LEU B 142 -10.41 70.49 -46.69
C LEU B 142 -11.72 69.76 -46.56
N GLU B 143 -11.71 68.75 -45.70
CA GLU B 143 -12.90 67.94 -45.50
C GLU B 143 -13.28 67.96 -44.02
N PRO B 144 -13.93 69.06 -43.55
CA PRO B 144 -14.33 69.12 -42.12
C PRO B 144 -15.06 67.86 -41.62
N SER B 145 -15.46 66.99 -42.56
CA SER B 145 -16.13 65.73 -42.20
C SER B 145 -15.17 64.89 -41.37
N ASP B 146 -13.89 64.94 -41.76
CA ASP B 146 -12.82 64.21 -41.06
C ASP B 146 -11.70 65.21 -40.71
N LEU B 147 -11.65 65.59 -39.44
CA LEU B 147 -10.68 66.55 -38.95
C LEU B 147 -9.24 66.04 -38.81
N ARG B 148 -8.96 64.85 -39.33
CA ARG B 148 -7.61 64.31 -39.24
C ARG B 148 -6.79 64.62 -40.47
N SER B 149 -7.46 64.76 -41.61
CA SER B 149 -6.77 65.05 -42.85
C SER B 149 -6.65 66.55 -43.10
N TRP B 150 -5.41 67.02 -43.02
CA TRP B 150 -5.10 68.42 -43.26
C TRP B 150 -4.14 68.48 -44.42
N THR B 151 -4.46 69.32 -45.39
CA THR B 151 -3.63 69.44 -46.58
C THR B 151 -2.73 70.67 -46.52
N LEU B 152 -1.53 70.55 -47.08
CA LEU B 152 -0.62 71.68 -47.10
C LEU B 152 -1.08 72.57 -48.26
N THR B 153 -1.81 73.62 -47.91
CA THR B 153 -2.37 74.55 -48.86
C THR B 153 -1.40 75.58 -49.44
N SER B 154 -0.32 75.88 -48.74
CA SER B 154 0.59 76.88 -49.26
C SER B 154 1.95 76.91 -48.54
N GLU B 155 2.97 77.37 -49.26
CA GLU B 155 4.32 77.52 -48.73
C GLU B 155 4.88 78.81 -49.31
N MSE B 156 5.57 79.60 -48.50
CA MSE B 156 6.14 80.85 -48.96
C MSE B 156 7.38 81.16 -48.15
O MSE B 156 7.38 81.01 -46.93
CB MSE B 156 5.13 81.99 -48.77
CG MSE B 156 3.76 81.72 -49.35
SE MSE B 156 3.53 82.19 -51.20
CE MSE B 156 5.24 81.63 -51.94
N LYS B 157 8.46 81.57 -48.82
CA LYS B 157 9.70 81.89 -48.11
C LYS B 157 9.61 83.33 -47.62
N VAL B 158 9.24 83.50 -46.36
CA VAL B 158 9.11 84.81 -45.76
C VAL B 158 10.48 85.48 -45.69
N LEU B 159 11.47 84.69 -45.26
CA LEU B 159 12.85 85.17 -45.17
C LEU B 159 13.74 84.08 -45.77
N SER B 160 13.79 84.02 -47.11
CA SER B 160 14.57 83.03 -47.86
C SER B 160 16.03 82.87 -47.42
N ILE B 161 16.49 83.74 -46.53
CA ILE B 161 17.87 83.68 -46.03
C ILE B 161 17.89 83.92 -44.50
N PRO B 162 18.11 82.86 -43.70
CA PRO B 162 18.14 83.00 -42.24
C PRO B 162 19.39 83.73 -41.74
N GLN B 168 18.85 84.32 -31.73
CA GLN B 168 18.49 85.73 -31.82
C GLN B 168 17.50 85.95 -32.94
N SER B 169 16.35 85.28 -32.85
CA SER B 169 15.33 85.41 -33.87
C SER B 169 13.93 85.19 -33.28
N ASP B 170 12.91 85.67 -33.98
CA ASP B 170 11.51 85.54 -33.53
C ASP B 170 10.58 85.58 -34.74
N PHE B 171 9.41 84.95 -34.61
CA PHE B 171 8.41 84.92 -35.69
C PHE B 171 6.97 85.03 -35.15
N CYS B 172 6.11 85.70 -35.92
CA CYS B 172 4.71 85.90 -35.53
C CYS B 172 3.74 85.82 -36.70
N LEU B 173 2.50 85.47 -36.38
CA LEU B 173 1.44 85.37 -37.38
C LEU B 173 0.18 85.99 -36.82
N SER B 174 -0.66 86.52 -37.69
CA SER B 174 -1.93 87.09 -37.30
C SER B 174 -2.76 87.31 -38.55
N TRP B 175 -3.82 86.53 -38.70
CA TRP B 175 -4.68 86.65 -39.86
C TRP B 175 -5.51 87.94 -39.77
N CYS B 176 -6.18 88.28 -40.87
CA CYS B 176 -7.06 89.42 -40.87
C CYS B 176 -8.41 88.82 -40.50
N PRO B 177 -8.96 89.21 -39.36
CA PRO B 177 -10.24 88.71 -38.87
C PRO B 177 -11.41 88.93 -39.81
N SER B 178 -11.62 90.19 -40.20
CA SER B 178 -12.76 90.60 -41.05
C SER B 178 -13.22 89.62 -42.12
N ARG B 179 -14.46 89.19 -41.99
CA ARG B 179 -15.05 88.26 -42.94
C ARG B 179 -15.40 89.02 -44.22
N PHE B 180 -15.61 90.32 -44.05
CA PHE B 180 -15.93 91.20 -45.17
C PHE B 180 -14.66 91.83 -45.75
N SER B 181 -13.63 91.03 -45.92
CA SER B 181 -12.37 91.54 -46.48
C SER B 181 -11.57 90.39 -47.06
N PRO B 182 -10.88 90.64 -48.20
CA PRO B 182 -10.07 89.61 -48.85
C PRO B 182 -9.11 88.88 -47.91
N GLU B 183 -9.15 87.55 -47.95
CA GLU B 183 -8.28 86.72 -47.13
C GLU B 183 -6.86 87.25 -47.18
N LYS B 184 -6.27 87.46 -46.01
CA LYS B 184 -4.90 87.93 -45.92
C LYS B 184 -4.42 87.83 -44.48
N LEU B 185 -3.12 87.66 -44.30
CA LEU B 185 -2.54 87.54 -42.98
C LEU B 185 -1.20 88.26 -42.92
N ALA B 186 -0.80 88.66 -41.70
CA ALA B 186 0.46 89.35 -41.49
C ALA B 186 1.49 88.41 -40.88
N VAL B 187 2.74 88.58 -41.30
CA VAL B 187 3.84 87.74 -40.84
C VAL B 187 5.03 88.57 -40.45
N SER B 188 5.66 88.22 -39.32
CA SER B 188 6.83 88.95 -38.89
C SER B 188 7.98 87.94 -38.77
N ALA B 189 9.10 88.25 -39.40
CA ALA B 189 10.27 87.39 -39.35
C ALA B 189 11.41 88.32 -38.97
N LEU B 190 11.98 88.09 -37.80
CA LEU B 190 13.07 88.95 -37.34
C LEU B 190 12.60 90.40 -37.27
N GLU B 191 13.19 91.26 -38.08
CA GLU B 191 12.83 92.68 -38.11
C GLU B 191 11.79 92.99 -39.16
N GLN B 192 11.61 92.07 -40.12
CA GLN B 192 10.66 92.25 -41.20
C GLN B 192 9.22 92.01 -40.76
N ALA B 193 8.28 92.64 -41.47
CA ALA B 193 6.86 92.49 -41.20
C ALA B 193 6.13 92.65 -42.53
N ILE B 194 5.76 91.53 -43.15
CA ILE B 194 5.08 91.59 -44.42
C ILE B 194 3.66 91.03 -44.38
N ILE B 195 2.83 91.52 -45.28
CA ILE B 195 1.45 91.09 -45.38
C ILE B 195 1.25 90.26 -46.64
N TYR B 196 0.52 89.16 -46.51
CA TYR B 196 0.24 88.28 -47.63
C TYR B 196 -1.23 88.38 -47.93
N GLN B 197 -1.58 88.44 -49.21
CA GLN B 197 -2.96 88.54 -49.64
C GLN B 197 -3.25 87.45 -50.65
N ARG B 198 -4.46 86.89 -50.57
CA ARG B 198 -4.85 85.84 -51.49
C ARG B 198 -5.01 86.45 -52.86
N GLY B 199 -4.19 86.01 -53.80
CA GLY B 199 -4.25 86.53 -55.15
C GLY B 199 -5.50 86.02 -55.83
N LYS B 200 -5.83 86.59 -56.98
CA LYS B 200 -7.02 86.16 -57.71
C LYS B 200 -6.81 84.75 -58.23
N ASP B 201 -5.54 84.35 -58.31
CA ASP B 201 -5.15 83.05 -58.81
C ASP B 201 -5.17 81.95 -57.74
N GLY B 202 -5.71 82.26 -56.57
CA GLY B 202 -5.79 81.29 -55.50
C GLY B 202 -4.55 81.15 -54.63
N LYS B 203 -3.43 81.70 -55.07
CA LYS B 203 -2.19 81.62 -54.32
C LYS B 203 -1.99 82.85 -53.43
N LEU B 204 -0.98 82.79 -52.56
CA LEU B 204 -0.64 83.91 -51.69
C LEU B 204 0.38 84.80 -52.38
N HIS B 205 0.36 86.10 -52.07
CA HIS B 205 1.29 87.04 -52.66
C HIS B 205 1.62 88.11 -51.65
N VAL B 206 2.84 88.63 -51.71
CA VAL B 206 3.25 89.67 -50.78
C VAL B 206 2.63 90.99 -51.21
N ALA B 207 1.57 91.39 -50.52
CA ALA B 207 0.87 92.61 -50.86
C ALA B 207 1.44 93.89 -50.25
N ALA B 208 2.12 93.78 -49.11
CA ALA B 208 2.69 94.95 -48.47
C ALA B 208 3.69 94.64 -47.37
N LYS B 209 4.30 95.69 -46.83
CA LYS B 209 5.28 95.54 -45.76
C LYS B 209 5.13 96.66 -44.74
N LEU B 210 5.36 96.33 -43.48
CA LEU B 210 5.27 97.32 -42.43
C LEU B 210 6.72 97.71 -42.12
N PRO B 211 7.11 98.92 -42.57
CA PRO B 211 8.47 99.44 -42.37
C PRO B 211 8.68 100.19 -41.05
N GLY B 212 9.95 100.38 -40.69
CA GLY B 212 10.25 101.12 -39.47
C GLY B 212 10.87 100.35 -38.35
N HIS B 213 10.62 99.03 -38.29
CA HIS B 213 11.15 98.18 -37.21
C HIS B 213 12.68 98.09 -37.21
N LYS B 214 13.28 98.61 -36.14
CA LYS B 214 14.71 98.62 -36.06
C LYS B 214 15.36 97.42 -35.42
N SER B 215 14.55 96.42 -35.08
CA SER B 215 15.05 95.17 -34.51
C SER B 215 13.94 94.13 -34.42
N LEU B 216 14.19 93.03 -33.73
CA LEU B 216 13.22 91.94 -33.63
C LEU B 216 11.77 92.29 -33.25
N ILE B 217 10.82 91.89 -34.10
CA ILE B 217 9.41 92.13 -33.81
C ILE B 217 8.99 90.96 -32.93
N ARG B 218 8.67 91.28 -31.68
CA ARG B 218 8.26 90.28 -30.70
C ARG B 218 6.81 89.86 -30.80
N SER B 219 5.96 90.73 -31.33
CA SER B 219 4.54 90.39 -31.42
C SER B 219 3.74 91.30 -32.34
N ILE B 220 2.88 90.70 -33.17
CA ILE B 220 2.02 91.47 -34.06
C ILE B 220 0.60 90.93 -33.98
N SER B 221 -0.37 91.83 -33.92
CA SER B 221 -1.77 91.44 -33.83
C SER B 221 -2.61 92.26 -34.80
N TRP B 222 -3.35 91.57 -35.66
CA TRP B 222 -4.22 92.23 -36.62
C TRP B 222 -5.54 92.47 -35.90
N ALA B 223 -5.99 93.72 -35.89
CA ALA B 223 -7.23 94.06 -35.18
C ALA B 223 -8.54 93.81 -35.92
N PRO B 224 -9.58 93.42 -35.17
CA PRO B 224 -10.88 93.18 -35.80
C PRO B 224 -11.24 94.56 -36.36
N SER B 225 -11.77 94.61 -37.58
CA SER B 225 -12.13 95.88 -38.20
C SER B 225 -13.65 96.15 -38.21
N ILE B 226 -14.35 95.64 -37.21
CA ILE B 226 -15.79 95.84 -37.10
C ILE B 226 -16.10 97.31 -37.08
N GLY B 227 -16.76 97.78 -38.12
CA GLY B 227 -17.11 99.19 -38.17
C GLY B 227 -16.34 100.05 -39.15
N ARG B 228 -15.19 99.58 -39.62
CA ARG B 228 -14.42 100.39 -40.55
C ARG B 228 -14.08 99.71 -41.85
N TRP B 229 -13.40 100.45 -42.73
CA TRP B 229 -13.00 99.98 -44.07
C TRP B 229 -11.52 99.61 -44.13
N TYR B 230 -10.72 100.33 -43.36
CA TYR B 230 -9.30 100.10 -43.31
C TYR B 230 -8.96 99.05 -42.25
N GLN B 231 -7.78 98.46 -42.39
CA GLN B 231 -7.32 97.45 -41.44
C GLN B 231 -6.33 98.12 -40.50
N LEU B 232 -6.20 97.57 -39.28
CA LEU B 232 -5.27 98.07 -38.29
C LEU B 232 -4.49 96.92 -37.71
N ILE B 233 -3.17 96.97 -37.82
CA ILE B 233 -2.36 95.89 -37.27
C ILE B 233 -1.18 96.42 -36.45
N ALA B 234 -1.21 96.09 -35.16
CA ALA B 234 -0.18 96.55 -34.23
C ALA B 234 0.97 95.57 -34.05
N THR B 235 2.14 96.11 -33.72
CA THR B 235 3.33 95.31 -33.51
C THR B 235 4.15 95.79 -32.34
N GLY B 236 4.69 94.82 -31.61
CA GLY B 236 5.54 95.10 -30.45
C GLY B 236 6.95 94.68 -30.82
N CYS B 237 7.83 95.65 -30.95
CA CYS B 237 9.20 95.37 -31.32
C CYS B 237 10.15 95.37 -30.14
N LYS B 238 11.28 94.71 -30.33
CA LYS B 238 12.32 94.60 -29.31
C LYS B 238 12.99 95.97 -29.15
N ASP B 239 12.78 96.86 -30.10
CA ASP B 239 13.37 98.19 -30.03
C ASP B 239 12.58 99.16 -29.18
N GLY B 240 11.71 98.61 -28.32
CA GLY B 240 10.91 99.42 -27.41
C GLY B 240 9.67 100.12 -27.93
N ARG B 241 9.32 99.90 -29.19
CA ARG B 241 8.17 100.57 -29.77
C ARG B 241 6.95 99.77 -30.17
N ILE B 242 5.79 100.33 -29.88
CA ILE B 242 4.52 99.75 -30.29
C ILE B 242 4.22 100.51 -31.55
N ARG B 243 3.85 99.83 -32.62
CA ARG B 243 3.54 100.54 -33.85
C ARG B 243 2.20 100.10 -34.36
N ILE B 244 1.37 101.05 -34.76
CA ILE B 244 0.05 100.74 -35.29
C ILE B 244 -0.01 101.17 -36.73
N PHE B 245 -0.10 100.18 -37.60
CA PHE B 245 -0.17 100.43 -39.04
C PHE B 245 -1.59 100.39 -39.58
N LYS B 246 -1.90 101.35 -40.44
CA LYS B 246 -3.22 101.44 -41.08
C LYS B 246 -3.08 100.99 -42.53
N ILE B 247 -3.73 99.88 -42.85
CA ILE B 247 -3.68 99.34 -44.20
C ILE B 247 -5.03 99.54 -44.87
N THR B 248 -5.04 100.33 -45.94
CA THR B 248 -6.25 100.63 -46.71
C THR B 248 -6.03 100.14 -48.15
N GLU B 249 -6.94 99.35 -48.70
CA GLU B 249 -6.74 98.88 -50.06
C GLU B 249 -7.58 99.65 -51.05
N LYS B 250 -6.92 100.24 -52.04
CA LYS B 250 -7.58 101.04 -53.07
C LYS B 250 -7.17 100.57 -54.46
N SER B 292 -7.13 95.07 -54.97
CA SER B 292 -6.18 96.13 -55.33
C SER B 292 -5.03 96.23 -54.33
N ASN B 293 -3.98 96.94 -54.73
CA ASN B 293 -2.81 97.11 -53.88
C ASN B 293 -3.16 97.83 -52.59
N LEU B 294 -2.52 97.36 -51.53
CA LEU B 294 -2.68 97.87 -50.19
C LEU B 294 -1.83 99.13 -49.97
N GLN B 295 -2.45 100.12 -49.36
CA GLN B 295 -1.79 101.38 -49.05
C GLN B 295 -1.46 101.31 -47.55
N VAL B 296 -0.21 101.58 -47.19
CA VAL B 296 0.19 101.50 -45.79
C VAL B 296 0.63 102.82 -45.14
N GLU B 297 0.07 103.11 -43.98
CA GLU B 297 0.38 104.30 -43.20
C GLU B 297 0.90 103.87 -41.83
N LEU B 298 1.52 104.78 -41.11
CA LEU B 298 1.98 104.50 -39.76
C LEU B 298 1.15 105.43 -38.88
N LEU B 299 0.06 104.93 -38.31
CA LEU B 299 -0.77 105.78 -37.49
C LEU B 299 -0.07 106.27 -36.22
N SER B 300 0.13 105.34 -35.29
CA SER B 300 0.78 105.68 -34.03
C SER B 300 2.09 104.94 -33.87
N GLU B 301 2.90 105.44 -32.96
CA GLU B 301 4.18 104.83 -32.64
C GLU B 301 4.39 105.29 -31.22
N HIS B 302 4.55 104.33 -30.31
CA HIS B 302 4.75 104.66 -28.91
C HIS B 302 5.98 103.97 -28.31
N ASP B 303 6.68 104.70 -27.46
CA ASP B 303 7.89 104.22 -26.81
C ASP B 303 7.73 104.16 -25.29
N ASP B 304 6.54 104.51 -24.81
CA ASP B 304 6.24 104.52 -23.37
C ASP B 304 6.85 103.38 -22.57
N HIS B 305 7.02 102.22 -23.21
CA HIS B 305 7.58 101.09 -22.50
C HIS B 305 9.07 101.14 -22.14
N ASN B 306 9.87 101.83 -22.95
CA ASN B 306 11.31 101.92 -22.70
C ASN B 306 11.80 100.52 -22.45
N GLY B 307 11.92 99.77 -23.52
CA GLY B 307 12.37 98.40 -23.41
C GLY B 307 11.49 97.60 -24.33
N GLU B 308 11.86 96.34 -24.58
CA GLU B 308 11.08 95.48 -25.47
C GLU B 308 9.59 95.40 -25.13
N VAL B 309 8.77 95.55 -26.16
CA VAL B 309 7.33 95.44 -26.02
C VAL B 309 7.13 94.01 -26.47
N TRP B 310 6.91 93.12 -25.50
CA TRP B 310 6.76 91.69 -25.79
C TRP B 310 5.42 91.19 -26.31
N SER B 311 4.33 91.81 -25.88
CA SER B 311 3.01 91.36 -26.29
C SER B 311 2.05 92.47 -26.64
N VAL B 312 1.43 92.33 -27.80
CA VAL B 312 0.46 93.30 -28.27
C VAL B 312 -0.79 92.53 -28.65
N SER B 313 -1.92 92.88 -28.03
CA SER B 313 -3.19 92.21 -28.35
C SER B 313 -4.33 93.19 -28.54
N TRP B 314 -5.38 92.74 -29.23
CA TRP B 314 -6.53 93.58 -29.48
C TRP B 314 -7.81 93.13 -28.80
N ASN B 315 -8.69 94.11 -28.67
CA ASN B 315 -10.01 93.99 -28.09
C ASN B 315 -10.80 92.99 -28.93
N LEU B 316 -12.02 92.66 -28.51
CA LEU B 316 -12.87 91.74 -29.30
C LEU B 316 -13.40 92.54 -30.50
N THR B 317 -13.71 93.80 -30.23
CA THR B 317 -14.23 94.72 -31.22
C THR B 317 -13.11 95.54 -31.86
N GLY B 318 -11.88 95.30 -31.44
CA GLY B 318 -10.76 96.05 -31.99
C GLY B 318 -10.88 97.51 -31.62
N THR B 319 -11.38 97.77 -30.41
CA THR B 319 -11.59 99.12 -29.93
C THR B 319 -10.49 99.51 -28.97
N ILE B 320 -9.92 98.50 -28.31
CA ILE B 320 -8.83 98.67 -27.34
C ILE B 320 -7.58 97.84 -27.72
N LEU B 321 -6.41 98.45 -27.59
CA LEU B 321 -5.15 97.77 -27.91
C LEU B 321 -4.29 97.63 -26.65
N SER B 322 -3.62 96.49 -26.49
CA SER B 322 -2.79 96.29 -25.30
C SER B 322 -1.32 96.03 -25.61
N SER B 323 -0.45 96.56 -24.76
CA SER B 323 0.99 96.39 -24.90
C SER B 323 1.62 96.06 -23.55
N ALA B 324 2.57 95.13 -23.55
CA ALA B 324 3.28 94.72 -22.32
C ALA B 324 4.77 94.66 -22.62
N GLY B 325 5.60 94.95 -21.62
CA GLY B 325 7.04 94.90 -21.87
C GLY B 325 7.96 94.74 -20.67
N ASP B 326 9.24 95.03 -20.89
CA ASP B 326 10.29 94.93 -19.87
C ASP B 326 9.93 95.73 -18.64
N ASP B 327 9.49 96.98 -18.86
CA ASP B 327 9.13 97.88 -17.78
C ASP B 327 8.10 97.27 -16.81
N GLY B 328 7.67 96.04 -17.08
CA GLY B 328 6.71 95.36 -16.23
C GLY B 328 5.35 96.02 -16.13
N LYS B 329 4.93 96.64 -17.23
CA LYS B 329 3.66 97.31 -17.26
C LYS B 329 2.85 96.95 -18.50
N VAL B 330 1.54 97.10 -18.38
CA VAL B 330 0.61 96.84 -19.47
C VAL B 330 -0.13 98.16 -19.69
N ARG B 331 -0.10 98.66 -20.92
CA ARG B 331 -0.82 99.89 -21.25
C ARG B 331 -1.96 99.56 -22.22
N LEU B 332 -3.05 100.31 -22.10
CA LEU B 332 -4.20 100.09 -22.98
C LEU B 332 -4.39 101.36 -23.80
N TRP B 333 -4.69 101.19 -25.09
CA TRP B 333 -4.86 102.32 -25.99
C TRP B 333 -6.15 102.30 -26.80
N LYS B 334 -6.82 103.44 -26.87
CA LYS B 334 -8.03 103.59 -27.69
C LYS B 334 -7.64 104.58 -28.76
N ALA B 335 -8.47 104.74 -29.78
CA ALA B 335 -8.12 105.69 -30.83
C ALA B 335 -8.94 106.98 -30.64
N THR B 336 -8.36 108.13 -30.98
CA THR B 336 -9.08 109.38 -30.86
C THR B 336 -9.89 109.63 -32.12
N TYR B 337 -10.60 110.75 -32.14
CA TYR B 337 -11.43 111.12 -33.28
C TYR B 337 -10.60 111.25 -34.56
N SER B 338 -9.32 111.56 -34.42
CA SER B 338 -8.42 111.74 -35.57
C SER B 338 -7.64 110.46 -35.85
N ASN B 339 -7.97 109.43 -35.10
CA ASN B 339 -7.34 108.13 -35.24
C ASN B 339 -5.91 107.97 -34.72
N GLU B 340 -5.45 108.87 -33.87
CA GLU B 340 -4.13 108.71 -33.28
C GLU B 340 -4.53 107.93 -32.03
N PHE B 341 -3.63 107.12 -31.48
CA PHE B 341 -3.96 106.38 -30.27
C PHE B 341 -3.43 107.06 -29.02
N LYS B 342 -4.26 107.06 -27.99
CA LYS B 342 -3.95 107.66 -26.69
C LYS B 342 -3.93 106.49 -25.73
N CYS B 343 -3.20 106.63 -24.64
CA CYS B 343 -3.18 105.56 -23.67
C CYS B 343 -4.26 105.87 -22.66
N MSE B 344 -5.19 104.95 -22.46
CA MSE B 344 -6.29 105.18 -21.54
C MSE B 344 -6.03 104.68 -20.11
O MSE B 344 -6.64 105.18 -19.17
CB MSE B 344 -7.59 104.57 -22.10
CG MSE B 344 -7.50 103.07 -22.39
SE MSE B 344 -9.23 102.22 -22.71
CE MSE B 344 -9.77 101.96 -20.85
N SER B 345 -5.16 103.70 -19.95
CA SER B 345 -4.86 103.20 -18.60
C SER B 345 -3.58 102.37 -18.56
N VAL B 346 -2.96 102.31 -17.39
CA VAL B 346 -1.72 101.56 -17.25
C VAL B 346 -1.70 100.63 -16.02
N ILE B 347 -1.65 99.33 -16.28
CA ILE B 347 -1.60 98.35 -15.19
C ILE B 347 -0.13 97.96 -14.97
N THR B 348 0.33 98.12 -13.73
CA THR B 348 1.71 97.82 -13.32
C THR B 348 1.74 96.45 -12.68
N ALA B 349 2.92 95.82 -12.73
CA ALA B 349 3.13 94.49 -12.15
C ALA B 349 4.23 94.65 -11.09
N GLN B 350 4.89 95.79 -11.12
CA GLN B 350 5.98 96.13 -10.22
C GLN B 350 5.72 96.17 -8.72
N GLN B 351 6.82 96.11 -7.97
CA GLN B 351 6.85 96.10 -6.51
C GLN B 351 6.62 94.67 -5.99
N LYS C 39 5.97 151.25 -28.78
CA LYS C 39 6.18 152.55 -28.08
C LYS C 39 5.01 152.86 -27.13
N ARG C 40 4.24 151.82 -26.80
CA ARG C 40 3.10 151.94 -25.88
C ARG C 40 3.11 150.74 -24.94
N ASP C 41 2.61 150.93 -23.73
CA ASP C 41 2.61 149.85 -22.76
C ASP C 41 1.43 149.84 -21.77
N PRO C 42 0.73 148.69 -21.67
CA PRO C 42 -0.41 148.55 -20.77
C PRO C 42 -0.06 147.69 -19.54
N VAL C 43 -0.77 147.93 -18.43
CA VAL C 43 -0.59 147.17 -17.18
C VAL C 43 -1.99 146.90 -16.65
N SER C 44 -2.68 148.00 -16.34
CA SER C 44 -4.05 148.01 -15.85
C SER C 44 -5.00 147.79 -17.04
N GLY C 45 -4.51 147.10 -18.07
CA GLY C 45 -5.31 146.84 -19.25
C GLY C 45 -5.38 148.11 -20.08
N ALA C 46 -4.99 149.21 -19.45
CA ALA C 46 -5.01 150.55 -20.04
C ALA C 46 -3.66 150.88 -20.64
N ILE C 47 -3.66 151.73 -21.64
CA ILE C 47 -2.42 152.14 -22.29
C ILE C 47 -1.83 153.29 -21.49
N LEU C 48 -0.62 153.11 -20.95
CA LEU C 48 -0.01 154.21 -20.20
C LEU C 48 0.80 155.09 -21.16
N VAL C 49 0.67 156.40 -21.01
CA VAL C 49 1.35 157.36 -21.88
C VAL C 49 1.67 158.72 -21.23
N PRO C 50 2.69 159.41 -21.75
CA PRO C 50 3.15 160.72 -21.28
C PRO C 50 2.36 161.86 -21.89
N MSE C 51 2.19 162.92 -21.12
CA MSE C 51 1.47 164.08 -21.59
C MSE C 51 2.37 164.83 -22.55
O MSE C 51 2.04 165.06 -23.71
CB MSE C 51 1.11 164.97 -20.41
CG MSE C 51 0.03 165.96 -20.68
SE MSE C 51 -0.41 166.93 -19.11
CE MSE C 51 -1.52 165.60 -18.24
N THR C 52 3.52 165.22 -22.04
CA THR C 52 4.48 165.96 -22.82
C THR C 52 5.79 165.23 -22.68
N VAL C 53 6.66 165.32 -23.68
CA VAL C 53 7.95 164.63 -23.59
C VAL C 53 9.03 165.35 -22.77
N ASN C 54 9.06 166.68 -22.83
CA ASN C 54 10.06 167.41 -22.07
C ASN C 54 9.49 168.60 -21.34
N ASP C 55 8.21 168.55 -21.02
CA ASP C 55 7.57 169.64 -20.28
C ASP C 55 6.49 169.12 -19.35
N GLN C 56 6.81 168.12 -18.55
CA GLN C 56 5.85 167.56 -17.62
C GLN C 56 5.94 168.34 -16.33
N PRO C 57 4.88 169.05 -15.96
CA PRO C 57 4.72 169.90 -14.78
C PRO C 57 4.80 169.31 -13.38
N ILE C 58 4.53 168.02 -13.22
CA ILE C 58 4.52 167.42 -11.90
C ILE C 58 5.73 166.57 -11.50
N GLU C 59 6.34 166.92 -10.36
CA GLU C 59 7.50 166.20 -9.82
C GLU C 59 7.01 165.29 -8.67
N LYS C 60 7.41 164.02 -8.71
CA LYS C 60 6.99 163.07 -7.68
C LYS C 60 7.30 163.50 -6.23
N ASN C 61 8.27 164.39 -6.08
CA ASN C 61 8.64 164.91 -4.76
C ASN C 61 7.67 166.04 -4.43
N GLY C 62 7.29 166.79 -5.46
CA GLY C 62 6.39 167.91 -5.30
C GLY C 62 5.10 167.66 -4.55
N ASP C 63 4.48 168.75 -4.10
CA ASP C 63 3.21 168.69 -3.37
C ASP C 63 2.21 168.01 -4.28
N LYS C 64 1.12 167.51 -3.72
CA LYS C 64 0.11 166.86 -4.53
C LYS C 64 -0.64 167.99 -5.25
N MSE C 65 -0.81 167.89 -6.56
CA MSE C 65 -1.48 169.00 -7.22
C MSE C 65 -2.80 168.75 -7.91
O MSE C 65 -3.15 167.60 -8.23
CB MSE C 65 -0.52 169.68 -8.18
CG MSE C 65 0.75 170.08 -7.52
SE MSE C 65 1.70 171.18 -8.69
CE MSE C 65 1.84 172.76 -7.58
N PRO C 66 -3.57 169.82 -8.13
CA PRO C 66 -4.88 169.80 -8.79
C PRO C 66 -4.76 169.76 -10.31
N LEU C 67 -4.63 168.55 -10.84
CA LEU C 67 -4.53 168.38 -12.28
C LEU C 67 -5.97 168.31 -12.78
N LYS C 68 -6.27 169.10 -13.79
CA LYS C 68 -7.59 169.12 -14.37
C LYS C 68 -7.50 168.83 -15.86
N PHE C 69 -8.49 168.13 -16.39
CA PHE C 69 -8.51 167.76 -17.81
C PHE C 69 -9.92 167.83 -18.39
N LYS C 70 -10.04 168.55 -19.50
CA LYS C 70 -11.32 168.72 -20.21
C LYS C 70 -11.29 168.06 -21.59
N LEU C 71 -12.18 167.10 -21.83
CA LEU C 71 -12.23 166.45 -23.12
C LEU C 71 -12.81 167.48 -24.10
N GLY C 72 -12.20 167.58 -25.28
CA GLY C 72 -12.67 168.55 -26.26
C GLY C 72 -13.63 168.02 -27.31
N PRO C 73 -14.37 168.92 -27.97
CA PRO C 73 -15.31 168.48 -29.01
C PRO C 73 -14.54 167.76 -30.13
N LEU C 74 -13.23 167.99 -30.14
CA LEU C 74 -12.32 167.39 -31.12
C LEU C 74 -11.38 166.37 -30.47
N SER C 75 -11.54 165.09 -30.84
CA SER C 75 -10.72 163.99 -30.32
C SER C 75 -9.26 164.35 -30.20
N TYR C 76 -8.73 164.98 -31.24
CA TYR C 76 -7.33 165.36 -31.31
C TYR C 76 -7.04 166.69 -30.60
N GLN C 77 -8.04 167.30 -29.99
CA GLN C 77 -7.85 168.58 -29.34
C GLN C 77 -8.49 168.68 -27.99
N ASN C 78 -7.79 168.18 -26.98
CA ASN C 78 -8.29 168.23 -25.60
C ASN C 78 -7.42 169.23 -24.83
N MSE C 79 -7.51 169.22 -23.51
CA MSE C 79 -6.75 170.17 -22.70
C MSE C 79 -6.62 169.79 -21.23
O MSE C 79 -7.59 169.42 -20.55
CB MSE C 79 -7.41 171.55 -22.77
CG MSE C 79 -6.54 172.70 -22.33
SE MSE C 79 -5.26 173.07 -23.69
CE MSE C 79 -6.36 174.09 -24.87
N ALA C 80 -5.38 169.89 -20.75
CA ALA C 80 -5.07 169.60 -19.37
C ALA C 80 -4.42 170.87 -18.81
N PHE C 81 -4.65 171.14 -17.53
CA PHE C 81 -4.07 172.30 -16.88
C PHE C 81 -4.03 172.04 -15.37
N ILE C 82 -3.39 172.95 -14.63
CA ILE C 82 -3.29 172.79 -13.19
C ILE C 82 -3.65 174.05 -12.44
N THR C 83 -4.43 173.89 -11.39
CA THR C 83 -4.84 175.01 -10.57
C THR C 83 -3.85 175.03 -9.42
N ALA C 84 -2.75 175.75 -9.64
CA ALA C 84 -1.69 175.85 -8.64
C ALA C 84 -0.80 177.04 -8.98
N LYS C 85 -0.02 177.51 -8.02
CA LYS C 85 0.87 178.63 -8.27
C LYS C 85 2.06 178.28 -9.16
N ASP C 86 2.41 179.24 -10.00
CA ASP C 86 3.51 179.11 -10.93
C ASP C 86 3.34 177.97 -11.94
N LYS C 87 2.08 177.56 -12.10
CA LYS C 87 1.71 176.49 -13.03
C LYS C 87 0.64 177.06 -13.95
N TYR C 88 1.04 177.97 -14.84
CA TYR C 88 0.10 178.62 -15.74
C TYR C 88 0.21 178.24 -17.20
N LYS C 89 0.64 177.01 -17.48
CA LYS C 89 0.74 176.53 -18.84
C LYS C 89 -0.45 175.66 -19.15
N LEU C 90 -0.91 175.69 -20.40
CA LEU C 90 -2.04 174.86 -20.80
C LEU C 90 -1.48 173.74 -21.65
N TYR C 91 -1.93 172.52 -21.37
CA TYR C 91 -1.45 171.34 -22.07
C TYR C 91 -2.39 170.67 -23.06
N PRO C 92 -2.34 171.08 -24.34
CA PRO C 92 -3.25 170.43 -25.29
C PRO C 92 -2.85 168.96 -25.41
N VAL C 93 -3.79 168.08 -25.10
CA VAL C 93 -3.56 166.65 -25.17
C VAL C 93 -4.46 165.98 -26.19
N ARG C 94 -3.98 164.95 -26.87
CA ARG C 94 -4.86 164.27 -27.81
C ARG C 94 -5.03 162.82 -27.38
N ILE C 95 -6.24 162.33 -27.56
CA ILE C 95 -6.56 160.97 -27.16
C ILE C 95 -5.60 159.96 -27.74
N PRO C 96 -5.08 159.08 -26.85
CA PRO C 96 -4.12 158.01 -27.17
C PRO C 96 -4.59 157.10 -28.29
N ARG C 97 -3.73 156.95 -29.29
CA ARG C 97 -4.00 156.09 -30.45
C ARG C 97 -5.08 156.58 -31.39
N LEU C 98 -5.28 157.89 -31.45
CA LEU C 98 -6.27 158.48 -32.34
C LEU C 98 -5.73 158.41 -33.76
N ASP C 99 -6.60 158.17 -34.74
CA ASP C 99 -6.15 158.11 -36.13
C ASP C 99 -6.71 159.25 -36.95
N THR C 100 -5.83 160.16 -37.34
CA THR C 100 -6.18 161.34 -38.12
C THR C 100 -5.66 161.20 -39.55
N SER C 101 -4.90 160.13 -39.78
CA SER C 101 -4.34 159.90 -41.10
C SER C 101 -5.36 159.91 -42.22
N LYS C 102 -4.85 160.19 -43.41
CA LYS C 102 -5.67 160.22 -44.61
C LYS C 102 -5.97 158.76 -44.95
N GLU C 103 -4.97 157.91 -44.77
CA GLU C 103 -5.09 156.48 -45.06
C GLU C 103 -6.29 155.92 -44.33
N PHE C 104 -6.49 156.37 -43.10
CA PHE C 104 -7.62 155.89 -42.32
C PHE C 104 -8.96 156.38 -42.90
N SER C 105 -9.12 157.68 -43.10
CA SER C 105 -10.39 158.19 -43.63
C SER C 105 -10.71 157.61 -45.00
N ALA C 106 -9.68 157.08 -45.65
CA ALA C 106 -9.87 156.46 -46.94
C ALA C 106 -10.39 155.07 -46.62
N TYR C 107 -9.72 154.42 -45.68
CA TYR C 107 -10.05 153.07 -45.22
C TYR C 107 -11.48 153.04 -44.71
N VAL C 108 -11.87 154.04 -43.93
CA VAL C 108 -13.21 154.11 -43.38
C VAL C 108 -14.23 154.24 -44.53
N SER C 109 -13.99 155.19 -45.43
CA SER C 109 -14.87 155.39 -46.57
C SER C 109 -15.00 154.10 -47.35
N GLY C 110 -13.85 153.49 -47.67
CA GLY C 110 -13.85 152.24 -48.41
C GLY C 110 -14.66 151.11 -47.78
N LEU C 111 -14.64 151.01 -46.46
CA LEU C 111 -15.38 149.97 -45.78
C LEU C 111 -16.85 150.34 -45.76
N PHE C 112 -17.15 151.63 -45.77
CA PHE C 112 -18.55 152.05 -45.75
C PHE C 112 -19.24 151.71 -47.06
N GLU C 113 -18.48 151.70 -48.15
CA GLU C 113 -19.02 151.34 -49.43
C GLU C 113 -19.50 149.91 -49.29
N ILE C 114 -18.54 149.01 -49.11
CA ILE C 114 -18.82 147.59 -48.95
C ILE C 114 -20.04 147.36 -48.04
N TYR C 115 -20.27 148.26 -47.10
CA TYR C 115 -21.40 148.14 -46.17
C TYR C 115 -22.74 148.46 -46.83
N ARG C 116 -22.91 149.68 -47.32
CA ARG C 116 -24.17 150.05 -47.94
C ARG C 116 -24.44 149.28 -49.22
N ASP C 117 -23.38 148.76 -49.84
CA ASP C 117 -23.53 147.99 -51.06
C ASP C 117 -24.09 146.60 -50.81
N LEU C 118 -23.98 146.11 -49.59
CA LEU C 118 -24.54 144.80 -49.27
C LEU C 118 -26.06 144.88 -49.23
N GLY C 119 -26.57 146.09 -49.39
CA GLY C 119 -28.00 146.30 -49.38
C GLY C 119 -28.70 145.49 -48.30
N ASP C 120 -29.66 144.66 -48.71
CA ASP C 120 -30.40 143.84 -47.75
C ASP C 120 -29.56 142.68 -47.24
N ASP C 121 -28.49 142.36 -47.96
CA ASP C 121 -27.63 141.27 -47.54
C ASP C 121 -26.83 141.62 -46.29
N ARG C 122 -27.00 142.85 -45.80
CA ARG C 122 -26.27 143.25 -44.59
C ARG C 122 -26.88 142.48 -43.42
N VAL C 123 -28.16 142.09 -43.55
CA VAL C 123 -28.84 141.34 -42.49
C VAL C 123 -28.96 139.87 -42.87
N PHE C 124 -29.52 139.06 -41.98
CA PHE C 124 -29.66 137.62 -42.22
C PHE C 124 -31.09 137.13 -41.95
N ASN C 125 -31.72 136.57 -42.99
CA ASN C 125 -33.09 136.04 -42.89
C ASN C 125 -33.07 134.51 -42.86
N ASN C 133 -37.53 131.76 -54.10
CA ASN C 133 -36.21 131.15 -54.22
C ASN C 133 -35.71 130.55 -52.88
N SER C 134 -34.97 129.44 -52.97
CA SER C 134 -34.39 128.77 -51.79
C SER C 134 -32.87 128.98 -51.87
N ASN C 135 -32.48 129.50 -53.03
CA ASN C 135 -31.14 129.91 -53.44
C ASN C 135 -30.88 131.25 -52.75
N PHE C 136 -31.92 131.78 -52.10
CA PHE C 136 -31.80 133.03 -51.38
C PHE C 136 -30.66 132.81 -50.40
N ALA C 137 -30.59 131.59 -49.87
CA ALA C 137 -29.55 131.18 -48.94
C ALA C 137 -28.21 131.10 -49.67
N LYS C 138 -28.18 130.36 -50.76
CA LYS C 138 -26.97 130.19 -51.57
C LYS C 138 -26.41 131.52 -52.13
N GLU C 139 -27.29 132.40 -52.59
CA GLU C 139 -26.88 133.68 -53.16
C GLU C 139 -26.46 134.67 -52.08
N HIS C 140 -27.13 134.61 -50.93
CA HIS C 140 -26.80 135.47 -49.81
C HIS C 140 -25.33 135.22 -49.46
N ASN C 141 -25.03 133.97 -49.11
CA ASN C 141 -23.67 133.59 -48.77
C ASN C 141 -22.69 134.07 -49.82
N ALA C 142 -23.01 133.83 -51.09
CA ALA C 142 -22.12 134.23 -52.16
C ALA C 142 -21.76 135.71 -52.14
N THR C 143 -22.77 136.59 -52.01
CA THR C 143 -22.52 138.04 -52.01
C THR C 143 -21.84 138.50 -50.72
N VAL C 144 -22.02 137.73 -49.65
CA VAL C 144 -21.39 138.07 -48.37
C VAL C 144 -19.92 137.64 -48.39
N ASN C 145 -19.65 136.38 -48.74
CA ASN C 145 -18.28 135.88 -48.81
C ASN C 145 -17.45 136.75 -49.75
N LEU C 146 -18.15 137.56 -50.54
CA LEU C 146 -17.52 138.46 -51.50
C LEU C 146 -17.21 139.78 -50.83
N ALA C 147 -18.12 140.26 -49.99
CA ALA C 147 -17.93 141.50 -49.25
C ALA C 147 -16.73 141.29 -48.31
N MSE C 148 -16.59 140.04 -47.85
CA MSE C 148 -15.51 139.68 -46.95
C MSE C 148 -14.18 139.81 -47.66
O MSE C 148 -13.20 140.26 -47.07
CB MSE C 148 -15.68 138.23 -46.46
CG MSE C 148 -14.55 137.72 -45.54
SE MSE C 148 -14.27 138.77 -43.90
CE MSE C 148 -12.57 139.52 -44.35
N GLU C 149 -14.14 139.42 -48.92
CA GLU C 149 -12.91 139.53 -49.69
C GLU C 149 -12.67 141.02 -49.96
N ALA C 150 -13.78 141.76 -50.06
CA ALA C 150 -13.75 143.20 -50.31
C ALA C 150 -13.07 143.88 -49.14
N ILE C 151 -13.47 143.49 -47.92
CA ILE C 151 -12.93 144.02 -46.69
C ILE C 151 -11.43 143.72 -46.62
N LEU C 152 -11.09 142.43 -46.71
CA LEU C 152 -9.70 142.01 -46.67
C LEU C 152 -8.85 142.89 -47.57
N ASN C 153 -9.37 143.21 -48.75
CA ASN C 153 -8.66 144.05 -49.70
C ASN C 153 -8.49 145.48 -49.14
N GLU C 154 -9.60 146.13 -48.81
CA GLU C 154 -9.55 147.48 -48.27
C GLU C 154 -8.49 147.57 -47.18
N LEU C 155 -8.45 146.54 -46.33
CA LEU C 155 -7.50 146.48 -45.22
C LEU C 155 -6.07 146.23 -45.68
N GLU C 156 -5.89 145.43 -46.70
CA GLU C 156 -4.53 145.16 -47.19
C GLU C 156 -3.99 146.42 -47.82
N VAL C 157 -4.88 147.19 -48.45
CA VAL C 157 -4.48 148.44 -49.10
C VAL C 157 -4.07 149.44 -48.04
N PHE C 158 -4.89 149.56 -47.00
CA PHE C 158 -4.62 150.46 -45.88
C PHE C 158 -3.25 150.10 -45.30
N ILE C 159 -3.11 148.83 -44.94
CA ILE C 159 -1.87 148.28 -44.38
C ILE C 159 -0.69 148.67 -45.25
N GLY C 160 -0.83 148.51 -46.56
CA GLY C 160 0.24 148.84 -47.47
C GLY C 160 0.61 150.32 -47.45
N ARG C 161 -0.40 151.19 -47.37
CA ARG C 161 -0.17 152.63 -47.34
C ARG C 161 0.46 153.12 -46.06
N VAL C 162 0.13 152.45 -44.96
CA VAL C 162 0.68 152.80 -43.66
C VAL C 162 2.15 152.43 -43.61
N LYS C 163 2.51 151.39 -44.34
CA LYS C 163 3.88 150.92 -44.41
C LYS C 163 4.80 151.96 -45.08
N ASP C 164 4.29 152.58 -46.14
CA ASP C 164 5.04 153.59 -46.92
C ASP C 164 5.34 154.90 -46.18
N GLN C 165 4.38 155.40 -45.40
CA GLN C 165 4.66 156.60 -44.63
C GLN C 165 5.38 156.03 -43.41
N ASP C 166 6.21 156.82 -42.75
CA ASP C 166 6.92 156.26 -41.62
C ASP C 166 6.61 156.95 -40.30
N GLY C 167 5.38 156.79 -39.83
CA GLY C 167 5.00 157.38 -38.57
C GLY C 167 5.20 156.27 -37.57
N ARG C 168 4.31 156.16 -36.60
CA ARG C 168 4.44 155.10 -35.60
C ARG C 168 4.23 153.72 -36.21
N VAL C 169 5.24 152.87 -36.02
CA VAL C 169 5.23 151.49 -36.49
C VAL C 169 4.14 150.82 -35.69
N ASN C 170 3.70 151.53 -34.67
CA ASN C 170 2.77 150.94 -33.74
C ASN C 170 1.43 150.63 -34.39
N ARG C 171 0.97 151.50 -35.29
CA ARG C 171 -0.31 151.36 -35.96
C ARG C 171 -0.24 150.28 -37.02
N PHE C 172 0.87 150.23 -37.74
CA PHE C 172 1.06 149.24 -38.78
C PHE C 172 0.96 147.86 -38.16
N TYR C 173 1.61 147.67 -37.02
CA TYR C 173 1.59 146.39 -36.33
C TYR C 173 0.14 146.01 -35.96
N GLU C 174 -0.53 146.86 -35.20
CA GLU C 174 -1.91 146.59 -34.79
C GLU C 174 -2.79 146.20 -35.99
N LEU C 175 -2.62 146.89 -37.12
CA LEU C 175 -3.43 146.62 -38.30
C LEU C 175 -3.15 145.27 -38.90
N GLU C 176 -1.86 144.93 -39.03
CA GLU C 176 -1.49 143.63 -39.58
C GLU C 176 -2.07 142.50 -38.75
N GLU C 177 -2.03 142.63 -37.42
CA GLU C 177 -2.57 141.60 -36.54
C GLU C 177 -4.04 141.41 -36.88
N SER C 178 -4.75 142.54 -37.08
CA SER C 178 -6.17 142.50 -37.43
C SER C 178 -6.37 141.69 -38.69
N LEU C 179 -5.62 142.02 -39.73
CA LEU C 179 -5.71 141.31 -40.98
C LEU C 179 -5.52 139.81 -40.77
N THR C 180 -4.50 139.42 -40.03
CA THR C 180 -4.26 137.99 -39.79
C THR C 180 -5.47 137.34 -39.17
N VAL C 181 -6.04 137.99 -38.16
CA VAL C 181 -7.21 137.45 -37.50
C VAL C 181 -8.35 137.28 -38.49
N LEU C 182 -8.53 138.27 -39.37
CA LEU C 182 -9.60 138.19 -40.39
C LEU C 182 -9.24 137.11 -41.40
N ASN C 183 -7.97 137.05 -41.77
CA ASN C 183 -7.52 136.04 -42.71
C ASN C 183 -7.89 134.65 -42.20
N CYS C 184 -7.85 134.48 -40.89
CA CYS C 184 -8.21 133.20 -40.29
C CYS C 184 -9.73 133.04 -40.40
N LEU C 185 -10.44 134.07 -39.92
CA LEU C 185 -11.89 134.10 -39.94
C LEU C 185 -12.42 133.76 -41.33
N ARG C 186 -11.84 134.37 -42.35
CA ARG C 186 -12.29 134.13 -43.71
C ARG C 186 -12.11 132.68 -44.06
N THR C 187 -10.89 132.19 -43.93
CA THR C 187 -10.60 130.79 -44.25
C THR C 187 -11.57 129.83 -43.56
N MSE C 188 -11.81 130.04 -42.27
CA MSE C 188 -12.68 129.15 -41.53
C MSE C 188 -14.20 129.32 -41.69
O MSE C 188 -14.95 128.40 -41.38
CB MSE C 188 -12.32 129.22 -40.06
CG MSE C 188 -10.87 128.84 -39.78
SE MSE C 188 -10.37 127.05 -40.38
CE MSE C 188 -11.40 126.00 -39.13
N TYR C 189 -14.67 130.47 -42.16
CA TYR C 189 -16.12 130.65 -42.29
C TYR C 189 -16.68 131.32 -43.55
N PHE C 190 -15.82 131.95 -44.34
CA PHE C 190 -16.28 132.64 -45.54
C PHE C 190 -15.81 132.05 -46.85
N ILE C 191 -15.69 130.73 -46.88
CA ILE C 191 -15.27 130.02 -48.08
C ILE C 191 -16.07 128.77 -48.30
N LEU C 192 -16.17 127.92 -47.28
CA LEU C 192 -16.92 126.66 -47.42
C LEU C 192 -18.36 126.68 -46.95
N ASP C 193 -18.80 127.79 -46.34
CA ASP C 193 -20.17 127.92 -45.85
C ASP C 193 -20.74 126.66 -45.21
N GLY C 194 -20.23 126.29 -44.04
CA GLY C 194 -20.71 125.10 -43.36
C GLY C 194 -20.44 123.77 -44.06
N GLN C 195 -19.75 123.81 -45.20
CA GLN C 195 -19.41 122.60 -45.96
C GLN C 195 -18.06 122.08 -45.50
N ASP C 196 -17.44 121.26 -46.34
CA ASP C 196 -16.14 120.70 -46.00
C ASP C 196 -15.15 121.07 -47.08
N VAL C 197 -13.86 121.01 -46.73
CA VAL C 197 -12.79 121.33 -47.66
C VAL C 197 -13.00 120.66 -49.01
N GLU C 198 -13.86 119.65 -49.06
CA GLU C 198 -14.03 119.00 -50.34
C GLU C 198 -14.82 119.83 -51.34
N GLU C 199 -15.72 120.67 -50.85
CA GLU C 199 -16.53 121.52 -51.72
C GLU C 199 -15.67 122.45 -52.56
N ASN C 200 -14.83 123.25 -51.89
CA ASN C 200 -13.98 124.17 -52.60
C ASN C 200 -12.54 124.05 -52.10
N ARG C 201 -11.80 123.07 -52.60
CA ARG C 201 -10.42 122.87 -52.15
C ARG C 201 -9.46 124.00 -52.48
N SER C 202 -9.40 124.42 -53.75
CA SER C 202 -8.47 125.49 -54.13
C SER C 202 -8.64 126.80 -53.36
N GLU C 203 -9.88 127.25 -53.18
CA GLU C 203 -10.12 128.50 -52.45
C GLU C 203 -9.70 128.39 -51.00
N PHE C 204 -9.98 127.23 -50.40
CA PHE C 204 -9.66 126.98 -49.01
C PHE C 204 -8.17 126.88 -48.77
N ILE C 205 -7.54 125.89 -49.39
CA ILE C 205 -6.11 125.70 -49.23
C ILE C 205 -5.34 126.97 -49.56
N GLU C 206 -5.78 127.70 -50.58
CA GLU C 206 -5.11 128.93 -50.97
C GLU C 206 -5.19 129.97 -49.85
N SER C 207 -6.37 130.06 -49.25
CA SER C 207 -6.63 131.01 -48.17
C SER C 207 -5.92 130.61 -46.89
N LEU C 208 -5.91 129.30 -46.59
CA LEU C 208 -5.26 128.76 -45.41
C LEU C 208 -3.78 129.08 -45.46
N LEU C 209 -3.14 128.75 -46.59
CA LEU C 209 -1.73 129.00 -46.76
C LEU C 209 -1.43 130.48 -46.67
N ASN C 210 -2.40 131.31 -47.05
CA ASN C 210 -2.19 132.75 -46.97
C ASN C 210 -2.12 133.16 -45.51
N TRP C 211 -3.18 132.83 -44.76
CA TRP C 211 -3.24 133.17 -43.34
C TRP C 211 -1.98 132.76 -42.60
N ILE C 212 -1.55 131.51 -42.80
CA ILE C 212 -0.35 130.97 -42.15
C ILE C 212 0.93 131.75 -42.50
N ASN C 213 1.23 131.87 -43.79
CA ASN C 213 2.45 132.56 -44.22
C ASN C 213 2.30 134.07 -44.28
N ARG C 214 1.53 134.63 -43.35
CA ARG C 214 1.33 136.07 -43.28
C ARG C 214 1.09 136.49 -41.84
N SER C 215 1.11 135.50 -40.95
CA SER C 215 0.93 135.76 -39.52
C SER C 215 2.25 136.23 -38.92
N ASP C 216 3.30 135.44 -39.17
CA ASP C 216 4.66 135.73 -38.73
C ASP C 216 5.55 135.65 -39.96
N GLY C 217 6.55 136.51 -40.02
CA GLY C 217 7.43 136.52 -41.16
C GLY C 217 8.20 135.25 -41.40
N GLU C 218 8.30 134.41 -40.38
CA GLU C 218 9.06 133.15 -40.46
C GLU C 218 8.50 132.02 -41.31
N PRO C 219 9.40 131.18 -41.88
CA PRO C 219 10.85 131.31 -41.70
C PRO C 219 11.42 132.42 -42.59
N ASP C 220 11.81 133.54 -41.98
CA ASP C 220 12.37 134.67 -42.72
C ASP C 220 13.66 134.31 -43.44
N GLU C 221 13.81 134.81 -44.68
CA GLU C 221 15.00 134.51 -45.48
C GLU C 221 16.30 134.83 -44.75
N GLU C 222 16.20 135.68 -43.72
CA GLU C 222 17.38 136.04 -42.94
C GLU C 222 17.85 134.80 -42.20
N TYR C 223 16.93 134.03 -41.64
CA TYR C 223 17.28 132.80 -40.92
C TYR C 223 17.68 131.69 -41.89
N ILE C 224 17.04 131.64 -43.06
CA ILE C 224 17.38 130.63 -44.05
C ILE C 224 18.87 130.68 -44.39
N GLU C 225 19.45 131.87 -44.40
CA GLU C 225 20.86 131.97 -44.72
C GLU C 225 21.79 131.99 -43.52
N GLN C 226 21.24 131.66 -42.37
CA GLN C 226 21.98 131.57 -41.13
C GLN C 226 22.21 130.06 -41.01
N VAL C 227 21.43 129.32 -41.78
CA VAL C 227 21.50 127.86 -41.79
C VAL C 227 22.43 127.37 -42.89
N PHE C 228 23.11 128.30 -43.56
CA PHE C 228 24.02 127.91 -44.62
C PHE C 228 25.46 128.37 -44.45
N SER C 229 25.66 129.59 -43.96
CA SER C 229 27.01 130.12 -43.74
C SER C 229 27.73 129.41 -42.59
N VAL C 230 29.04 129.66 -42.48
CA VAL C 230 29.91 129.10 -41.44
C VAL C 230 29.44 127.74 -40.89
N LYS C 238 29.25 119.01 -39.99
CA LYS C 238 29.86 119.00 -41.32
C LYS C 238 28.91 118.45 -42.39
N VAL C 239 28.54 119.30 -43.34
CA VAL C 239 27.67 118.95 -44.48
C VAL C 239 26.14 118.84 -44.18
N PHE C 240 25.54 119.93 -43.69
CA PHE C 240 24.09 119.98 -43.37
C PHE C 240 23.53 118.65 -42.91
N GLU C 241 24.00 118.23 -41.75
CA GLU C 241 23.62 116.97 -41.19
C GLU C 241 22.94 117.16 -39.83
N THR C 242 22.97 118.38 -39.32
CA THR C 242 22.32 118.61 -38.04
C THR C 242 20.87 118.91 -38.34
N GLN C 243 20.03 118.61 -37.37
CA GLN C 243 18.60 118.81 -37.43
C GLN C 243 18.20 120.19 -37.99
N TYR C 244 19.02 121.21 -37.74
CA TYR C 244 18.70 122.55 -38.21
C TYR C 244 18.18 122.57 -39.64
N PHE C 245 18.78 121.75 -40.50
CA PHE C 245 18.37 121.69 -41.89
C PHE C 245 17.00 121.06 -42.02
N TRP C 246 16.82 119.86 -41.47
CA TRP C 246 15.56 119.16 -41.56
C TRP C 246 14.40 119.86 -40.84
N LYS C 247 14.68 120.45 -39.67
CA LYS C 247 13.62 121.16 -38.95
C LYS C 247 13.11 122.30 -39.83
N LEU C 248 14.04 122.92 -40.57
CA LEU C 248 13.73 124.02 -41.48
C LEU C 248 13.01 123.50 -42.74
N LEU C 249 13.45 122.33 -43.22
CA LEU C 249 12.86 121.73 -44.41
C LEU C 249 11.43 121.29 -44.12
N ASN C 250 11.25 120.56 -43.01
CA ASN C 250 9.93 120.08 -42.63
C ASN C 250 9.04 121.28 -42.27
N GLN C 251 9.65 122.34 -41.75
CA GLN C 251 8.89 123.54 -41.40
C GLN C 251 8.29 124.17 -42.64
N LEU C 252 9.09 124.24 -43.70
CA LEU C 252 8.61 124.79 -44.94
C LEU C 252 7.47 123.94 -45.50
N VAL C 253 7.59 122.62 -45.34
CA VAL C 253 6.58 121.67 -45.82
C VAL C 253 5.28 121.89 -45.08
N LEU C 254 5.36 121.92 -43.75
CA LEU C 254 4.17 122.12 -42.93
C LEU C 254 3.43 123.41 -43.30
N ARG C 255 4.18 124.43 -43.70
CA ARG C 255 3.61 125.73 -44.07
C ARG C 255 3.16 125.80 -45.52
N GLY C 256 3.30 124.71 -46.25
CA GLY C 256 2.90 124.70 -47.64
C GLY C 256 3.86 125.41 -48.57
N LEU C 257 4.98 125.88 -48.03
CA LEU C 257 5.99 126.58 -48.81
C LEU C 257 6.87 125.58 -49.56
N LEU C 258 6.25 124.76 -50.40
CA LEU C 258 6.95 123.75 -51.18
C LEU C 258 7.95 124.35 -52.17
N SER C 259 7.56 125.44 -52.82
CA SER C 259 8.46 126.10 -53.77
C SER C 259 9.83 126.29 -53.11
N GLN C 260 9.80 126.94 -51.95
CA GLN C 260 11.00 127.21 -51.18
C GLN C 260 11.64 125.91 -50.69
N ALA C 261 10.80 124.99 -50.20
CA ALA C 261 11.26 123.71 -49.68
C ALA C 261 12.19 122.99 -50.65
N ILE C 262 11.71 122.79 -51.88
CA ILE C 262 12.49 122.12 -52.89
C ILE C 262 13.79 122.90 -53.10
N GLY C 263 13.70 124.22 -53.04
CA GLY C 263 14.87 125.05 -53.20
C GLY C 263 15.98 124.74 -52.20
N CYS C 264 15.61 124.48 -50.95
CA CYS C 264 16.60 124.18 -49.89
C CYS C 264 17.33 122.87 -50.13
N ILE C 265 16.60 121.88 -50.65
CA ILE C 265 17.18 120.58 -50.95
C ILE C 265 18.19 120.76 -52.09
N GLU C 266 17.73 121.42 -53.16
CA GLU C 266 18.59 121.70 -54.32
C GLU C 266 19.59 122.77 -53.95
N ARG C 267 20.30 122.57 -52.85
CA ARG C 267 21.29 123.55 -52.46
C ARG C 267 22.44 122.81 -51.82
N SER C 268 22.20 121.56 -51.45
CA SER C 268 23.26 120.77 -50.82
C SER C 268 23.38 119.28 -51.18
N ASP C 269 22.87 118.46 -50.27
CA ASP C 269 22.94 116.99 -50.33
C ASP C 269 22.22 116.17 -51.41
N LEU C 270 21.33 116.76 -52.19
CA LEU C 270 20.61 115.97 -53.20
C LEU C 270 21.47 115.35 -54.31
N LEU C 271 22.03 116.20 -55.14
CA LEU C 271 22.83 115.74 -56.27
C LEU C 271 24.20 115.16 -55.94
N PRO C 272 24.78 115.53 -54.80
CA PRO C 272 26.09 114.94 -54.53
C PRO C 272 26.13 113.75 -53.60
N TYR C 273 25.92 113.98 -52.31
CA TYR C 273 26.00 112.91 -51.34
C TYR C 273 25.13 111.72 -51.74
N LEU C 274 23.92 112.00 -52.19
CA LEU C 274 23.03 110.92 -52.59
C LEU C 274 23.45 110.25 -53.89
N SER C 275 23.32 110.96 -55.01
CA SER C 275 23.70 110.40 -56.31
C SER C 275 24.97 109.56 -56.29
N ASP C 276 25.90 109.91 -55.39
CA ASP C 276 27.16 109.19 -55.28
C ASP C 276 27.12 108.05 -54.27
N THR C 277 26.85 108.39 -53.00
CA THR C 277 26.79 107.39 -51.93
C THR C 277 25.78 106.27 -52.19
N CYS C 278 24.52 106.56 -51.92
CA CYS C 278 23.44 105.59 -52.09
C CYS C 278 22.52 105.94 -53.27
N ALA C 279 22.33 104.99 -54.18
CA ALA C 279 21.49 105.22 -55.35
C ALA C 279 20.02 104.96 -55.01
N VAL C 280 19.78 104.07 -54.05
CA VAL C 280 18.42 103.73 -53.64
C VAL C 280 17.69 104.96 -53.10
N SER C 281 18.31 105.63 -52.13
CA SER C 281 17.73 106.82 -51.52
C SER C 281 17.75 108.04 -52.44
N PHE C 282 18.67 108.07 -53.40
CA PHE C 282 18.72 109.21 -54.31
C PHE C 282 17.35 109.29 -54.97
N ASP C 283 16.92 108.15 -55.51
CA ASP C 283 15.62 108.08 -56.19
C ASP C 283 14.49 108.52 -55.26
N ALA C 284 14.47 107.96 -54.06
CA ALA C 284 13.44 108.31 -53.09
C ALA C 284 13.37 109.83 -52.90
N VAL C 285 14.48 110.43 -52.46
CA VAL C 285 14.53 111.87 -52.22
C VAL C 285 14.16 112.72 -53.43
N SER C 286 14.52 112.25 -54.62
CA SER C 286 14.22 113.04 -55.81
C SER C 286 12.78 112.94 -56.31
N ASP C 287 12.24 111.74 -56.50
CA ASP C 287 10.85 111.62 -56.97
C ASP C 287 9.85 111.95 -55.86
N SER C 288 10.39 112.38 -54.72
CA SER C 288 9.57 112.82 -53.59
C SER C 288 9.50 114.32 -53.84
N ILE C 289 10.63 114.89 -54.25
CA ILE C 289 10.70 116.30 -54.58
C ILE C 289 9.72 116.53 -55.71
N GLU C 290 9.65 115.54 -56.60
CA GLU C 290 8.73 115.61 -57.73
C GLU C 290 7.30 115.68 -57.22
N LEU C 291 6.99 114.86 -56.22
CA LEU C 291 5.65 114.83 -55.64
C LEU C 291 5.29 116.18 -55.03
N LEU C 292 6.29 116.87 -54.47
CA LEU C 292 6.04 118.18 -53.88
C LEU C 292 5.69 119.17 -54.98
N LYS C 293 6.44 119.11 -56.08
CA LYS C 293 6.20 119.99 -57.23
C LYS C 293 4.77 119.89 -57.74
N GLN C 294 4.08 118.83 -57.37
CA GLN C 294 2.71 118.65 -57.84
C GLN C 294 1.66 118.40 -56.75
N TYR C 295 1.84 119.02 -55.58
CA TYR C 295 0.87 118.86 -54.50
C TYR C 295 -0.49 119.40 -54.92
N PRO C 296 -1.50 118.51 -55.03
CA PRO C 296 -2.89 118.83 -55.43
C PRO C 296 -3.55 119.97 -54.65
N LYS C 297 -3.67 121.14 -55.27
CA LYS C 297 -4.29 122.28 -54.62
C LYS C 297 -5.72 122.55 -55.10
N ASP C 298 -6.14 121.89 -56.17
CA ASP C 298 -7.47 122.11 -56.73
C ASP C 298 -8.46 120.96 -56.63
N SER C 299 -7.96 119.75 -56.87
CA SER C 299 -8.78 118.55 -56.84
C SER C 299 -8.65 117.75 -55.54
N SER C 300 -9.79 117.47 -54.90
CA SER C 300 -9.80 116.70 -53.66
C SER C 300 -9.50 115.24 -54.00
N SER C 301 -9.75 114.90 -55.27
CA SER C 301 -9.52 113.56 -55.79
C SER C 301 -8.03 113.38 -56.06
N THR C 302 -7.43 114.33 -56.77
CA THR C 302 -6.01 114.26 -57.08
C THR C 302 -5.21 114.12 -55.78
N PHE C 303 -5.75 114.67 -54.70
CA PHE C 303 -5.08 114.60 -53.41
C PHE C 303 -4.98 113.14 -53.00
N ARG C 304 -6.13 112.49 -52.86
CA ARG C 304 -6.20 111.09 -52.46
C ARG C 304 -5.20 110.26 -53.25
N GLU C 305 -5.18 110.46 -54.57
CA GLU C 305 -4.27 109.73 -55.42
C GLU C 305 -2.86 110.17 -55.04
N TRP C 306 -2.69 111.46 -54.82
CA TRP C 306 -1.41 112.03 -54.44
C TRP C 306 -0.88 111.40 -53.15
N LYS C 307 -1.70 111.44 -52.10
CA LYS C 307 -1.31 110.88 -50.81
C LYS C 307 -0.99 109.41 -50.94
N ASN C 308 -1.66 108.73 -51.87
CA ASN C 308 -1.40 107.30 -52.08
C ASN C 308 0.04 107.11 -52.57
N LEU C 309 0.43 107.91 -53.56
CA LEU C 309 1.78 107.83 -54.14
C LEU C 309 2.81 108.22 -53.09
N VAL C 310 2.44 109.16 -52.24
CA VAL C 310 3.34 109.61 -51.19
C VAL C 310 3.58 108.45 -50.22
N LEU C 311 2.50 107.84 -49.75
CA LEU C 311 2.58 106.69 -48.84
C LEU C 311 3.22 105.46 -49.48
N LYS C 312 2.98 105.28 -50.77
CA LYS C 312 3.56 104.15 -51.49
C LYS C 312 5.08 104.33 -51.51
N LEU C 313 5.50 105.59 -51.70
CA LEU C 313 6.91 105.96 -51.76
C LEU C 313 7.60 105.73 -50.42
N SER C 314 6.96 106.18 -49.35
CA SER C 314 7.55 106.01 -48.03
C SER C 314 7.59 104.53 -47.62
N GLN C 315 6.62 103.74 -48.08
CA GLN C 315 6.63 102.32 -47.73
C GLN C 315 7.82 101.63 -48.39
N ALA C 316 8.08 102.01 -49.65
CA ALA C 316 9.20 101.44 -50.42
C ALA C 316 10.53 101.77 -49.75
N PHE C 317 10.80 103.07 -49.58
CA PHE C 317 12.02 103.53 -48.94
C PHE C 317 12.12 102.93 -47.54
N GLY C 318 11.03 103.08 -46.79
CA GLY C 318 10.97 102.57 -45.42
C GLY C 318 11.59 101.22 -45.19
N SER C 319 11.53 100.34 -46.19
CA SER C 319 12.12 99.01 -46.08
C SER C 319 13.01 98.79 -47.30
N SER C 320 14.23 99.31 -47.24
CA SER C 320 15.16 99.18 -48.37
C SER C 320 16.64 99.37 -47.99
N ALA C 321 17.48 99.44 -49.02
CA ALA C 321 18.94 99.60 -48.87
C ALA C 321 19.41 100.93 -48.26
N THR C 322 20.04 100.85 -47.09
CA THR C 322 20.54 102.02 -46.40
C THR C 322 22.06 102.16 -46.58
N ASP C 323 22.45 102.76 -47.70
CA ASP C 323 23.87 102.95 -47.99
C ASP C 323 24.30 104.34 -47.51
N ILE C 324 23.47 104.94 -46.65
CA ILE C 324 23.76 106.25 -46.09
C ILE C 324 23.82 106.23 -44.57
N SER C 325 24.22 107.35 -43.99
CA SER C 325 24.34 107.49 -42.54
C SER C 325 23.18 106.89 -41.78
N GLY C 326 23.42 106.52 -40.52
CA GLY C 326 22.35 105.98 -39.72
C GLY C 326 21.41 107.13 -39.44
N GLU C 327 21.99 108.31 -39.27
CA GLU C 327 21.23 109.53 -38.99
C GLU C 327 20.50 110.04 -40.23
N LEU C 328 21.25 110.25 -41.31
CA LEU C 328 20.65 110.75 -42.55
C LEU C 328 19.49 109.87 -42.99
N ARG C 329 19.60 108.59 -42.65
CA ARG C 329 18.56 107.60 -42.96
C ARG C 329 17.24 108.07 -42.37
N ASP C 330 17.21 108.21 -41.05
CA ASP C 330 16.03 108.64 -40.31
C ASP C 330 15.54 110.00 -40.78
N TYR C 331 16.46 110.96 -40.89
CA TYR C 331 16.11 112.31 -41.33
C TYR C 331 15.22 112.34 -42.57
N ILE C 332 15.42 111.36 -43.45
CA ILE C 332 14.63 111.27 -44.68
C ILE C 332 13.31 110.54 -44.47
N GLU C 333 13.28 109.61 -43.51
CA GLU C 333 12.05 108.88 -43.20
C GLU C 333 11.10 109.83 -42.48
N ASP C 334 11.66 110.72 -41.67
CA ASP C 334 10.87 111.71 -40.96
C ASP C 334 10.34 112.72 -41.97
N PHE C 335 11.16 113.06 -42.95
CA PHE C 335 10.73 113.98 -44.00
C PHE C 335 9.56 113.34 -44.78
N LEU C 336 9.72 112.06 -45.12
CA LEU C 336 8.69 111.32 -45.86
C LEU C 336 7.43 111.08 -45.03
N LEU C 337 7.57 111.01 -43.71
CA LEU C 337 6.41 110.79 -42.85
C LEU C 337 5.59 112.06 -42.73
N VAL C 338 6.27 113.21 -42.64
CA VAL C 338 5.57 114.48 -42.53
C VAL C 338 4.68 114.71 -43.75
N ILE C 339 5.23 114.44 -44.93
CA ILE C 339 4.49 114.60 -46.16
C ILE C 339 3.31 113.63 -46.22
N GLY C 340 3.51 112.45 -45.67
CA GLY C 340 2.47 111.43 -45.67
C GLY C 340 1.31 111.80 -44.75
N GLY C 341 1.62 112.51 -43.67
CA GLY C 341 0.59 112.92 -42.75
C GLY C 341 0.69 112.33 -41.37
N ASN C 342 1.75 111.57 -41.07
CA ASN C 342 1.87 110.99 -39.74
C ASN C 342 1.76 112.10 -38.71
N GLN C 343 0.65 112.11 -37.98
CA GLN C 343 0.42 113.13 -36.98
C GLN C 343 1.60 113.24 -36.03
N ARG C 344 2.01 112.10 -35.50
CA ARG C 344 3.14 112.01 -34.58
C ARG C 344 4.27 112.97 -35.02
N LYS C 345 4.71 112.78 -36.26
CA LYS C 345 5.79 113.56 -36.87
C LYS C 345 5.42 115.00 -37.24
N ILE C 346 4.18 115.23 -37.67
CA ILE C 346 3.74 116.57 -38.01
C ILE C 346 3.94 117.47 -36.79
N LEU C 347 3.44 117.02 -35.64
CA LEU C 347 3.57 117.77 -34.40
C LEU C 347 5.03 117.99 -34.06
N GLN C 348 5.83 116.94 -34.27
CA GLN C 348 7.27 117.00 -33.97
C GLN C 348 7.99 118.20 -34.59
N TYR C 349 7.92 118.34 -35.91
CA TYR C 349 8.59 119.44 -36.59
C TYR C 349 7.81 120.73 -36.64
N SER C 350 6.83 120.87 -35.75
CA SER C 350 6.03 122.08 -35.69
C SER C 350 6.56 122.95 -34.57
N ARG C 351 6.78 124.22 -34.90
CA ARG C 351 7.31 125.21 -33.97
C ARG C 351 6.19 125.97 -33.24
N THR C 352 5.02 126.09 -33.88
CA THR C 352 3.84 126.78 -33.33
C THR C 352 2.58 125.94 -33.53
N TRP C 353 1.55 126.20 -32.72
CA TRP C 353 0.34 125.45 -32.85
C TRP C 353 -0.17 125.56 -34.26
N TYR C 354 0.00 126.71 -34.85
CA TYR C 354 -0.57 126.81 -36.17
C TYR C 354 0.22 126.09 -37.25
N GLU C 355 1.47 125.81 -37.07
CA GLU C 355 2.06 125.07 -38.15
C GLU C 355 1.53 123.63 -38.09
N SER C 356 1.24 123.15 -36.89
CA SER C 356 0.69 121.80 -36.70
C SER C 356 -0.66 121.73 -37.42
N PHE C 357 -1.49 122.72 -37.15
CA PHE C 357 -2.82 122.82 -37.73
C PHE C 357 -2.78 122.83 -39.24
N CYS C 358 -1.98 123.73 -39.79
CA CYS C 358 -1.87 123.83 -41.24
C CYS C 358 -1.47 122.50 -41.87
N GLY C 359 -0.51 121.82 -41.23
CA GLY C 359 -0.03 120.55 -41.74
C GLY C 359 -1.03 119.42 -41.72
N PHE C 360 -1.77 119.31 -40.61
CA PHE C 360 -2.77 118.27 -40.50
C PHE C 360 -3.72 118.34 -41.68
N LEU C 361 -4.18 119.56 -41.98
CA LEU C 361 -5.09 119.80 -43.09
C LEU C 361 -4.42 119.53 -44.43
N LEU C 362 -3.17 119.96 -44.56
CA LEU C 362 -2.43 119.79 -45.81
C LEU C 362 -2.00 118.37 -46.14
N TYR C 363 -1.57 117.60 -45.13
CA TYR C 363 -1.09 116.25 -45.39
C TYR C 363 -1.86 115.08 -44.79
N TYR C 364 -2.42 115.25 -43.61
CA TYR C 364 -3.17 114.16 -42.99
C TYR C 364 -4.54 114.02 -43.63
N ILE C 365 -5.53 114.72 -43.07
CA ILE C 365 -6.89 114.65 -43.60
C ILE C 365 -7.49 116.04 -43.72
N PRO C 366 -7.82 116.47 -44.95
CA PRO C 366 -8.41 117.79 -45.19
C PRO C 366 -9.93 117.77 -44.96
N SER C 367 -10.33 117.85 -43.69
CA SER C 367 -11.74 117.85 -43.30
C SER C 367 -11.93 118.65 -42.02
N LEU C 368 -12.66 119.77 -42.12
CA LEU C 368 -12.88 120.59 -40.93
C LEU C 368 -13.71 119.89 -39.86
N GLU C 369 -13.91 118.57 -40.01
CA GLU C 369 -14.65 117.79 -39.05
C GLU C 369 -13.68 117.45 -37.92
N LEU C 370 -12.39 117.56 -38.22
CA LEU C 370 -11.35 117.27 -37.25
C LEU C 370 -10.70 118.56 -36.76
N SER C 371 -11.17 119.70 -37.25
CA SER C 371 -10.61 120.99 -36.86
C SER C 371 -10.38 121.10 -35.35
N ALA C 372 -11.38 120.71 -34.57
CA ALA C 372 -11.31 120.77 -33.11
C ALA C 372 -10.23 119.82 -32.58
N GLU C 373 -10.22 118.60 -33.08
CA GLU C 373 -9.24 117.60 -32.69
C GLU C 373 -7.83 118.05 -33.10
N TYR C 374 -7.72 118.69 -34.27
CA TYR C 374 -6.45 119.19 -34.78
C TYR C 374 -5.93 120.26 -33.86
N LEU C 375 -6.78 121.23 -33.56
CA LEU C 375 -6.41 122.33 -32.69
C LEU C 375 -5.84 121.78 -31.37
N GLN C 376 -6.54 120.83 -30.75
CA GLN C 376 -6.08 120.28 -29.49
C GLN C 376 -4.71 119.62 -29.57
N MSE C 377 -4.48 118.78 -30.56
CA MSE C 377 -3.19 118.13 -30.71
C MSE C 377 -2.12 119.22 -30.85
O MSE C 377 -1.08 119.16 -30.18
CB MSE C 377 -3.15 117.26 -31.97
CG MSE C 377 -4.23 116.22 -32.05
SE MSE C 377 -3.75 114.78 -33.23
CE MSE C 377 -3.37 113.46 -31.88
N SER C 378 -2.41 120.19 -31.71
CA SER C 378 -1.50 121.30 -31.98
C SER C 378 -1.17 122.15 -30.76
N LEU C 379 -2.16 122.39 -29.92
CA LEU C 379 -1.97 123.19 -28.72
C LEU C 379 -1.23 122.45 -27.61
N GLU C 380 -1.33 121.12 -27.57
CA GLU C 380 -0.61 120.32 -26.57
C GLU C 380 0.86 120.41 -26.93
N ALA C 381 1.14 120.26 -28.23
CA ALA C 381 2.50 120.33 -28.75
C ALA C 381 3.16 121.69 -28.47
N ASN C 382 2.46 122.77 -28.78
CA ASN C 382 2.98 124.11 -28.56
C ASN C 382 1.84 125.00 -28.12
N VAL C 383 1.94 125.55 -26.92
CA VAL C 383 0.89 126.41 -26.40
C VAL C 383 0.74 127.71 -27.19
N VAL C 384 -0.28 128.48 -26.84
CA VAL C 384 -0.57 129.74 -27.49
C VAL C 384 0.39 130.79 -26.99
N ASP C 385 0.96 131.53 -27.91
CA ASP C 385 1.90 132.61 -27.57
C ASP C 385 1.11 133.88 -27.22
N ILE C 386 1.11 134.31 -25.96
CA ILE C 386 0.34 135.50 -25.61
C ILE C 386 0.99 136.83 -26.02
N THR C 387 2.18 136.75 -26.59
CA THR C 387 2.92 137.93 -27.05
C THR C 387 2.05 138.75 -27.99
N ASN C 388 1.57 138.08 -29.04
CA ASN C 388 0.77 138.73 -30.07
C ASN C 388 -0.74 138.52 -29.92
N ASP C 389 -1.45 139.64 -29.92
CA ASP C 389 -2.89 139.68 -29.77
C ASP C 389 -3.70 138.83 -30.74
N TRP C 390 -3.06 138.36 -31.82
CA TRP C 390 -3.80 137.59 -32.81
C TRP C 390 -3.93 136.09 -32.60
N GLU C 391 -2.87 135.43 -32.13
CA GLU C 391 -2.93 133.99 -31.93
C GLU C 391 -4.16 133.47 -31.20
N GLN C 392 -4.54 134.08 -30.09
CA GLN C 392 -5.72 133.61 -29.36
C GLN C 392 -7.01 133.78 -30.17
N PRO C 393 -7.31 135.00 -30.66
CA PRO C 393 -8.53 135.19 -31.45
C PRO C 393 -8.66 134.16 -32.57
N CYS C 394 -7.53 133.61 -33.02
CA CYS C 394 -7.58 132.60 -34.08
C CYS C 394 -7.95 131.24 -33.51
N VAL C 395 -7.47 130.94 -32.32
CA VAL C 395 -7.79 129.67 -31.66
C VAL C 395 -9.29 129.72 -31.39
N ASP C 396 -9.79 130.92 -31.03
CA ASP C 396 -11.21 131.12 -30.76
C ASP C 396 -12.07 130.92 -32.01
N ILE C 397 -11.55 131.37 -33.14
CA ILE C 397 -12.25 131.22 -34.42
C ILE C 397 -12.33 129.73 -34.68
N ILE C 398 -11.18 129.15 -34.98
CA ILE C 398 -11.06 127.73 -35.26
C ILE C 398 -11.83 126.83 -34.30
N SER C 399 -12.17 127.35 -33.12
CA SER C 399 -12.89 126.53 -32.15
C SER C 399 -14.37 126.88 -31.98
N GLY C 400 -14.86 127.84 -32.77
CA GLY C 400 -16.27 128.17 -32.67
C GLY C 400 -16.59 129.50 -32.03
N LYS C 401 -16.30 129.67 -30.75
CA LYS C 401 -16.61 130.94 -30.10
C LYS C 401 -15.98 132.13 -30.84
N ILE C 402 -16.79 132.78 -31.68
CA ILE C 402 -16.34 133.90 -32.49
C ILE C 402 -16.55 135.27 -31.84
N HIS C 403 -17.54 135.40 -30.99
CA HIS C 403 -17.79 136.68 -30.34
C HIS C 403 -16.57 137.19 -29.57
N SER C 404 -15.82 136.27 -28.96
CA SER C 404 -14.64 136.62 -28.17
C SER C 404 -13.42 137.08 -28.97
N ILE C 405 -13.64 137.36 -30.25
CA ILE C 405 -12.60 137.84 -31.14
C ILE C 405 -12.79 139.37 -31.27
N LEU C 406 -14.02 139.82 -31.09
CA LEU C 406 -14.36 141.22 -31.22
C LEU C 406 -13.63 142.16 -30.28
N PRO C 407 -13.77 141.96 -28.96
CA PRO C 407 -13.09 142.85 -28.02
C PRO C 407 -11.64 143.11 -28.43
N VAL C 408 -10.92 142.03 -28.69
CA VAL C 408 -9.52 142.11 -29.10
C VAL C 408 -9.33 143.05 -30.30
N MSE C 409 -10.18 142.88 -31.32
CA MSE C 409 -10.08 143.70 -32.52
C MSE C 409 -10.55 145.12 -32.31
O MSE C 409 -10.17 146.02 -33.05
CB MSE C 409 -10.88 143.09 -33.65
CG MSE C 409 -10.46 141.69 -33.99
SE MSE C 409 -11.30 141.12 -35.58
CE MSE C 409 -10.04 141.93 -36.84
N GLU C 410 -11.41 145.32 -31.31
CA GLU C 410 -11.90 146.64 -31.01
C GLU C 410 -10.72 147.38 -30.42
N SER C 411 -9.77 146.62 -29.88
CA SER C 411 -8.58 147.19 -29.25
C SER C 411 -7.53 147.56 -30.28
N LEU C 412 -7.38 146.73 -31.30
CA LEU C 412 -6.39 147.00 -32.35
C LEU C 412 -6.87 148.15 -33.22
N ASP C 413 -8.16 148.12 -33.58
CA ASP C 413 -8.80 149.16 -34.38
C ASP C 413 -10.32 149.09 -34.23
N SER C 414 -10.89 150.13 -33.62
CA SER C 414 -12.33 150.21 -33.40
C SER C 414 -13.10 150.02 -34.72
N CYS C 415 -12.61 150.65 -35.78
CA CYS C 415 -13.23 150.58 -37.09
C CYS C 415 -13.36 149.17 -37.64
N THR C 416 -12.23 148.53 -37.92
CA THR C 416 -12.22 147.16 -38.45
C THR C 416 -13.10 146.22 -37.64
N ALA C 417 -13.04 146.37 -36.33
CA ALA C 417 -13.83 145.55 -35.42
C ALA C 417 -15.33 145.70 -35.66
N ALA C 418 -15.78 146.93 -35.86
CA ALA C 418 -17.18 147.20 -36.10
C ALA C 418 -17.65 146.51 -37.37
N PHE C 419 -16.91 146.68 -38.45
CA PHE C 419 -17.32 146.06 -39.70
C PHE C 419 -17.13 144.55 -39.69
N THR C 420 -16.22 144.06 -38.83
CA THR C 420 -16.00 142.62 -38.76
C THR C 420 -17.21 141.98 -38.11
N ALA C 421 -17.77 142.66 -37.12
CA ALA C 421 -18.94 142.15 -36.44
C ALA C 421 -20.12 142.21 -37.42
N MSE C 422 -20.17 143.30 -38.17
CA MSE C 422 -21.24 143.52 -39.14
C MSE C 422 -21.29 142.36 -40.13
O MSE C 422 -22.34 141.77 -40.36
CB MSE C 422 -21.02 144.84 -39.89
CG MSE C 422 -22.04 145.18 -40.96
SE MSE C 422 -21.81 144.22 -42.61
CE MSE C 422 -20.22 145.06 -43.29
N ILE C 423 -20.14 142.03 -40.70
CA ILE C 423 -20.09 140.96 -41.68
C ILE C 423 -20.38 139.60 -41.05
N CYS C 424 -20.08 139.48 -39.75
CA CYS C 424 -20.32 138.22 -39.04
C CYS C 424 -21.80 138.06 -38.74
N GLU C 425 -22.49 139.18 -38.55
CA GLU C 425 -23.91 139.12 -38.28
C GLU C 425 -24.57 138.79 -39.60
N ALA C 426 -24.05 139.36 -40.68
CA ALA C 426 -24.59 139.12 -42.00
C ALA C 426 -24.49 137.64 -42.29
N LYS C 427 -23.30 137.08 -42.07
CA LYS C 427 -23.08 135.66 -42.30
C LYS C 427 -23.87 134.76 -41.35
N GLY C 428 -24.45 135.38 -40.32
CA GLY C 428 -25.23 134.63 -39.35
C GLY C 428 -24.38 133.85 -38.36
N LEU C 429 -23.19 134.37 -38.05
CA LEU C 429 -22.29 133.71 -37.12
C LEU C 429 -22.55 134.22 -35.70
N ILE C 430 -23.07 135.42 -35.60
CA ILE C 430 -23.39 136.04 -34.32
C ILE C 430 -24.74 136.72 -34.50
N GLU C 431 -25.56 136.74 -33.45
CA GLU C 431 -26.88 137.35 -33.54
C GLU C 431 -27.42 137.78 -32.19
N ASN C 432 -28.15 138.89 -32.18
CA ASN C 432 -28.74 139.38 -30.94
C ASN C 432 -29.63 138.29 -30.33
N ILE C 433 -29.65 138.21 -29.00
CA ILE C 433 -30.44 137.23 -28.28
C ILE C 433 -31.29 137.97 -27.26
N PHE C 434 -31.08 139.29 -27.17
CA PHE C 434 -31.80 140.11 -26.21
C PHE C 434 -33.31 140.05 -26.32
N GLU C 435 -33.96 140.27 -25.17
CA GLU C 435 -35.41 140.24 -25.02
C GLU C 435 -35.75 140.92 -23.70
N LEU C 451 -37.03 155.80 -21.56
CA LEU C 451 -37.34 156.27 -22.91
C LEU C 451 -37.18 155.16 -23.95
N GLU C 452 -36.45 155.44 -25.03
CA GLU C 452 -36.31 154.45 -26.08
C GLU C 452 -35.21 154.63 -27.11
N ASP C 453 -33.96 154.37 -26.72
CA ASP C 453 -32.85 154.46 -27.67
C ASP C 453 -31.94 153.24 -27.47
N LEU C 454 -31.24 152.84 -28.53
CA LEU C 454 -30.41 151.67 -28.47
C LEU C 454 -29.00 151.91 -29.00
N PHE C 455 -28.08 151.75 -28.07
CA PHE C 455 -26.65 151.89 -28.28
C PHE C 455 -26.18 151.04 -27.09
N SER C 456 -26.77 149.87 -26.97
CA SER C 456 -26.44 148.99 -25.89
C SER C 456 -26.44 147.54 -26.34
N TYR C 457 -26.28 146.66 -25.36
CA TYR C 457 -26.27 145.22 -25.56
C TYR C 457 -27.64 144.78 -26.04
N ARG C 458 -28.61 145.71 -26.04
CA ARG C 458 -29.98 145.41 -26.46
C ARG C 458 -30.10 144.92 -27.88
N ASN C 459 -29.58 145.66 -28.83
CA ASN C 459 -29.63 145.19 -30.20
C ASN C 459 -28.39 144.32 -30.35
N GLY C 460 -28.14 143.78 -31.54
CA GLY C 460 -27.00 142.90 -31.70
C GLY C 460 -25.68 143.43 -31.16
N MSE C 461 -24.68 142.56 -31.08
CA MSE C 461 -23.37 142.99 -30.63
C MSE C 461 -22.80 143.85 -31.74
O MSE C 461 -22.15 144.87 -31.49
CB MSE C 461 -22.45 141.79 -30.40
CG MSE C 461 -20.96 142.16 -30.45
SE MSE C 461 -20.21 142.80 -28.77
CE MSE C 461 -19.81 140.98 -28.09
N ALA C 462 -23.02 143.41 -32.98
CA ALA C 462 -22.53 144.11 -34.16
C ALA C 462 -23.14 145.51 -34.24
N SER C 463 -24.43 145.61 -33.92
CA SER C 463 -25.11 146.90 -33.93
C SER C 463 -24.29 147.82 -33.03
N TYR C 464 -24.10 147.39 -31.78
CA TYR C 464 -23.35 148.14 -30.79
C TYR C 464 -22.10 148.76 -31.38
N MSE C 465 -21.14 147.91 -31.71
CA MSE C 465 -19.86 148.34 -32.27
C MSE C 465 -19.93 149.32 -33.44
O MSE C 465 -19.12 150.25 -33.51
CB MSE C 465 -19.04 147.12 -32.64
CG MSE C 465 -18.94 146.15 -31.47
SE MSE C 465 -17.73 144.76 -31.87
CE MSE C 465 -16.20 145.91 -32.18
N LEU C 466 -20.89 149.12 -34.34
CA LEU C 466 -21.07 150.00 -35.51
C LEU C 466 -21.54 151.39 -35.07
N ASN C 467 -22.50 151.44 -34.16
CA ASN C 467 -22.98 152.70 -33.66
C ASN C 467 -21.88 153.36 -32.83
N SER C 468 -21.10 152.54 -32.12
CA SER C 468 -20.00 153.06 -31.33
C SER C 468 -19.05 153.77 -32.26
N PHE C 469 -18.57 153.03 -33.27
CA PHE C 469 -17.66 153.60 -34.25
C PHE C 469 -18.27 154.84 -34.90
N ALA C 470 -19.59 154.83 -35.04
CA ALA C 470 -20.30 155.96 -35.64
C ALA C 470 -20.05 157.18 -34.76
N PHE C 471 -20.44 157.05 -33.49
CA PHE C 471 -20.29 158.09 -32.49
C PHE C 471 -18.86 158.58 -32.43
N GLU C 472 -17.93 157.64 -32.44
CA GLU C 472 -16.52 157.97 -32.38
C GLU C 472 -16.14 158.88 -33.54
N LEU C 473 -16.67 158.59 -34.72
CA LEU C 473 -16.35 159.39 -35.90
C LEU C 473 -16.76 160.87 -35.79
N CYS C 474 -17.82 161.12 -35.03
CA CYS C 474 -18.30 162.47 -34.86
C CYS C 474 -17.34 163.43 -34.17
N SER C 475 -16.49 162.88 -33.30
CA SER C 475 -15.51 163.70 -32.58
C SER C 475 -14.19 163.74 -33.35
N LEU C 476 -14.10 162.98 -34.44
CA LEU C 476 -12.87 162.94 -35.22
C LEU C 476 -12.57 164.21 -36.02
N GLY C 477 -13.58 165.08 -36.16
CA GLY C 477 -13.40 166.33 -36.88
C GLY C 477 -13.23 166.26 -38.39
N ASP C 478 -13.44 165.07 -38.97
CA ASP C 478 -13.33 164.86 -40.42
C ASP C 478 -14.74 164.95 -41.02
N LYS C 479 -15.04 166.06 -41.71
CA LYS C 479 -16.36 166.25 -42.29
C LYS C 479 -16.68 165.20 -43.36
N GLU C 480 -15.63 164.71 -44.01
CA GLU C 480 -15.76 163.70 -45.05
C GLU C 480 -16.34 162.40 -44.50
N LEU C 481 -16.10 162.13 -43.22
CA LEU C 481 -16.60 160.90 -42.63
C LEU C 481 -17.93 161.07 -41.90
N TRP C 482 -18.43 162.30 -41.81
CA TRP C 482 -19.70 162.53 -41.13
C TRP C 482 -20.87 161.84 -41.82
N PRO C 483 -20.78 161.64 -43.14
CA PRO C 483 -21.87 160.96 -43.84
C PRO C 483 -21.81 159.47 -43.46
N VAL C 484 -20.59 158.94 -43.42
CA VAL C 484 -20.35 157.56 -43.05
C VAL C 484 -20.86 157.34 -41.62
N ALA C 485 -20.75 158.38 -40.81
CA ALA C 485 -21.21 158.29 -39.45
C ALA C 485 -22.74 158.22 -39.44
N ILE C 486 -23.40 159.27 -39.92
CA ILE C 486 -24.86 159.30 -39.96
C ILE C 486 -25.38 158.07 -40.67
N GLY C 487 -24.65 157.66 -41.71
CA GLY C 487 -25.02 156.50 -42.48
C GLY C 487 -25.15 155.22 -41.67
N LEU C 488 -24.09 154.90 -40.94
CA LEU C 488 -24.08 153.71 -40.10
C LEU C 488 -25.26 153.71 -39.16
N ILE C 489 -25.56 154.86 -38.57
CA ILE C 489 -26.68 154.97 -37.65
C ILE C 489 -28.00 154.76 -38.38
N ALA C 490 -28.07 155.30 -39.60
CA ALA C 490 -29.26 155.20 -40.42
C ALA C 490 -29.51 153.75 -40.77
N LEU C 491 -28.56 153.16 -41.50
CA LEU C 491 -28.67 151.77 -41.95
C LEU C 491 -28.54 150.70 -40.85
N SER C 492 -28.46 151.12 -39.60
CA SER C 492 -28.32 150.17 -38.49
C SER C 492 -29.39 149.09 -38.59
N ALA C 493 -28.94 147.86 -38.86
CA ALA C 493 -29.82 146.70 -39.00
C ALA C 493 -31.01 146.66 -38.03
N THR C 494 -30.81 147.16 -36.81
CA THR C 494 -31.89 147.18 -35.83
C THR C 494 -32.06 148.56 -35.23
N GLY C 495 -32.97 148.67 -34.27
CA GLY C 495 -33.23 149.94 -33.61
C GLY C 495 -34.34 150.72 -34.30
N THR C 496 -35.31 151.15 -33.51
CA THR C 496 -36.45 151.93 -34.00
C THR C 496 -36.04 153.09 -34.92
N ARG C 497 -36.93 153.46 -35.84
CA ARG C 497 -36.62 154.57 -36.72
C ARG C 497 -36.61 155.85 -35.88
N SER C 498 -37.48 155.92 -34.87
CA SER C 498 -37.55 157.09 -34.01
C SER C 498 -36.33 157.12 -33.10
N ALA C 499 -35.78 155.94 -32.84
CA ALA C 499 -34.59 155.82 -32.00
C ALA C 499 -33.45 156.47 -32.77
N LYS C 500 -33.35 156.11 -34.05
CA LYS C 500 -32.33 156.64 -34.94
C LYS C 500 -32.55 158.13 -35.18
N LYS C 501 -33.80 158.57 -35.04
CA LYS C 501 -34.12 159.97 -35.25
C LYS C 501 -33.49 160.79 -34.14
N MSE C 502 -33.79 160.43 -32.89
CA MSE C 502 -33.27 161.12 -31.72
C MSE C 502 -31.74 161.23 -31.76
O MSE C 502 -31.18 162.31 -31.55
CB MSE C 502 -33.70 160.41 -30.44
CG MSE C 502 -35.03 160.92 -29.88
SE MSE C 502 -35.83 159.64 -28.69
CE MSE C 502 -35.29 160.40 -27.03
N VAL C 503 -31.10 160.10 -32.01
CA VAL C 503 -29.65 160.08 -32.09
C VAL C 503 -29.11 161.10 -33.12
N ILE C 504 -29.68 161.12 -34.31
CA ILE C 504 -29.24 162.07 -35.34
C ILE C 504 -29.58 163.49 -34.95
N ALA C 505 -30.69 163.65 -34.25
CA ALA C 505 -31.14 164.95 -33.81
C ALA C 505 -30.07 165.62 -32.96
N GLU C 506 -29.32 164.81 -32.20
CA GLU C 506 -28.27 165.37 -31.35
C GLU C 506 -26.89 165.42 -31.99
N LEU C 507 -26.53 164.38 -32.75
CA LEU C 507 -25.24 164.36 -33.40
C LEU C 507 -25.06 165.41 -34.50
N LEU C 508 -26.12 165.67 -35.26
CA LEU C 508 -26.03 166.60 -36.38
C LEU C 508 -25.61 168.04 -36.07
N PRO C 509 -26.19 168.67 -35.03
CA PRO C 509 -25.77 170.05 -34.76
C PRO C 509 -24.24 170.22 -34.74
N HIS C 510 -23.56 169.10 -34.48
CA HIS C 510 -22.10 169.08 -34.41
C HIS C 510 -21.33 168.88 -35.73
N TYR C 511 -22.04 168.74 -36.83
CA TYR C 511 -21.37 168.57 -38.11
C TYR C 511 -20.49 169.78 -38.34
N PRO C 512 -19.24 169.55 -38.74
CA PRO C 512 -18.25 170.60 -39.02
C PRO C 512 -18.43 171.21 -40.40
N PHE C 513 -19.58 171.82 -40.67
CA PHE C 513 -19.85 172.40 -41.98
C PHE C 513 -18.95 173.58 -42.34
N VAL C 514 -18.48 173.57 -43.60
CA VAL C 514 -17.58 174.60 -44.13
C VAL C 514 -18.19 175.31 -45.33
N THR C 515 -18.50 174.52 -46.35
CA THR C 515 -19.08 174.98 -47.62
C THR C 515 -20.61 175.05 -47.56
N ASN C 516 -21.21 175.53 -48.65
CA ASN C 516 -22.65 175.63 -48.73
C ASN C 516 -23.16 174.23 -48.98
N ASP C 517 -22.51 173.53 -49.91
CA ASP C 517 -22.87 172.15 -50.24
C ASP C 517 -23.05 171.38 -48.94
N ASP C 518 -22.14 171.63 -48.00
CA ASP C 518 -22.17 170.97 -46.70
C ASP C 518 -23.46 171.31 -45.96
N ILE C 519 -23.82 172.59 -45.93
CA ILE C 519 -25.03 173.03 -45.23
C ILE C 519 -26.28 172.42 -45.84
N GLU C 520 -26.20 172.11 -47.13
CA GLU C 520 -27.33 171.51 -47.84
C GLU C 520 -27.45 170.06 -47.42
N TRP C 521 -26.34 169.34 -47.48
CA TRP C 521 -26.32 167.95 -47.08
C TRP C 521 -26.85 167.91 -45.66
N MSE C 522 -26.40 168.87 -44.86
CA MSE C 522 -26.79 168.98 -43.47
C MSE C 522 -28.30 169.09 -43.34
O MSE C 522 -28.95 168.28 -42.67
CB MSE C 522 -26.11 170.19 -42.84
CG MSE C 522 -25.71 169.97 -41.40
SE MSE C 522 -25.33 171.63 -40.56
CE MSE C 522 -26.20 171.28 -38.88
N LEU C 523 -28.85 170.11 -43.99
CA LEU C 523 -30.30 170.36 -43.95
C LEU C 523 -31.10 169.22 -44.58
N SER C 524 -30.57 168.65 -45.65
CA SER C 524 -31.23 167.54 -46.34
C SER C 524 -31.53 166.37 -45.39
N ILE C 525 -30.72 166.23 -44.35
CA ILE C 525 -30.89 165.16 -43.38
C ILE C 525 -31.98 165.52 -42.39
N CYS C 526 -32.17 166.82 -42.17
CA CYS C 526 -33.20 167.30 -41.27
C CYS C 526 -34.53 166.98 -41.94
N VAL C 527 -34.49 167.04 -43.28
CA VAL C 527 -35.66 166.77 -44.09
C VAL C 527 -35.91 165.27 -44.03
N GLU C 528 -34.96 164.51 -44.57
CA GLU C 528 -35.06 163.06 -44.61
C GLU C 528 -35.45 162.40 -43.29
N TRP C 529 -35.25 163.10 -42.17
CA TRP C 529 -35.59 162.53 -40.88
C TRP C 529 -36.65 163.29 -40.12
N ARG C 530 -37.10 164.41 -40.68
CA ARG C 530 -38.11 165.26 -40.06
C ARG C 530 -37.56 165.89 -38.79
N LEU C 531 -36.42 166.56 -38.95
CA LEU C 531 -35.74 167.26 -37.87
C LEU C 531 -35.75 168.73 -38.30
N PRO C 532 -36.91 169.26 -38.67
CA PRO C 532 -36.99 170.65 -39.11
C PRO C 532 -36.63 171.60 -37.96
N GLU C 533 -36.95 171.17 -36.74
CA GLU C 533 -36.66 171.98 -35.58
C GLU C 533 -35.15 172.14 -35.44
N ILE C 534 -34.42 171.17 -36.00
CA ILE C 534 -32.97 171.17 -35.99
C ILE C 534 -32.51 172.16 -37.04
N ALA C 535 -33.38 172.46 -38.00
CA ALA C 535 -33.02 173.41 -39.04
C ALA C 535 -33.32 174.83 -38.55
N LYS C 536 -34.23 174.96 -37.57
CA LYS C 536 -34.54 176.29 -37.03
C LYS C 536 -33.22 176.78 -36.51
N GLU C 537 -32.58 175.92 -35.74
CA GLU C 537 -31.31 176.21 -35.12
C GLU C 537 -30.19 176.41 -36.13
N ILE C 538 -30.24 175.70 -37.26
CA ILE C 538 -29.20 175.85 -38.30
C ILE C 538 -29.26 177.26 -38.84
N TYR C 539 -30.47 177.78 -38.96
CA TYR C 539 -30.67 179.10 -39.48
C TYR C 539 -30.44 180.10 -38.37
N THR C 540 -31.15 179.93 -37.25
CA THR C 540 -31.00 180.85 -36.13
C THR C 540 -29.52 181.07 -35.92
N THR C 541 -28.72 180.03 -36.17
CA THR C 541 -27.27 180.14 -36.03
C THR C 541 -26.73 180.93 -37.24
N LEU C 542 -26.86 180.39 -38.44
CA LEU C 542 -26.38 181.08 -39.63
C LEU C 542 -26.56 182.60 -39.57
N GLY C 543 -27.62 183.05 -38.91
CA GLY C 543 -27.87 184.47 -38.79
C GLY C 543 -26.89 185.14 -37.86
N ASN C 544 -26.59 184.44 -36.77
CA ASN C 544 -25.66 184.92 -35.75
C ASN C 544 -24.19 184.67 -36.08
N GLN C 545 -23.90 183.83 -37.07
CA GLN C 545 -22.51 183.57 -37.42
C GLN C 545 -21.94 184.80 -38.14
N MSE C 546 -22.64 185.25 -39.18
CA MSE C 546 -22.19 186.41 -39.91
C MSE C 546 -21.84 187.54 -38.93
O MSE C 546 -20.70 188.00 -38.87
CB MSE C 546 -23.26 186.88 -40.92
CG MSE C 546 -23.38 186.00 -42.17
SE MSE C 546 -21.82 185.97 -43.39
CE MSE C 546 -20.63 184.72 -42.45
N LEU C 547 -22.84 187.97 -38.14
CA LEU C 547 -22.67 189.03 -37.15
C LEU C 547 -21.37 188.92 -36.35
N SER D 44 2.45 108.87 -17.41
CA SER D 44 2.71 109.39 -18.79
C SER D 44 1.48 110.01 -19.51
N GLY D 45 0.26 109.57 -19.15
CA GLY D 45 -0.93 110.11 -19.79
C GLY D 45 -2.25 109.97 -19.05
N ALA D 46 -2.55 108.77 -18.55
CA ALA D 46 -3.81 108.50 -17.82
C ALA D 46 -3.69 107.88 -16.43
N ILE D 47 -4.31 106.71 -16.28
CA ILE D 47 -4.37 105.98 -15.01
C ILE D 47 -3.20 105.01 -14.72
N LEU D 48 -3.10 104.58 -13.47
CA LEU D 48 -2.09 103.60 -13.07
C LEU D 48 -2.62 102.79 -11.89
N VAL D 49 -2.73 101.49 -12.10
CA VAL D 49 -3.25 100.60 -11.08
C VAL D 49 -2.46 99.33 -10.89
N PRO D 50 -2.45 98.81 -9.66
CA PRO D 50 -1.75 97.58 -9.31
C PRO D 50 -2.35 96.43 -10.06
N MSE D 51 -1.52 95.59 -10.68
CA MSE D 51 -2.05 94.41 -11.35
C MSE D 51 -2.67 93.54 -10.25
O MSE D 51 -3.65 92.82 -10.48
CB MSE D 51 -0.96 93.63 -12.09
CG MSE D 51 -1.50 92.48 -12.88
SE MSE D 51 -0.18 91.66 -13.96
CE MSE D 51 0.77 90.88 -12.50
N THR D 52 -2.07 93.62 -9.05
CA THR D 52 -2.53 92.93 -7.84
C THR D 52 -2.14 93.75 -6.63
N VAL D 53 -2.94 93.69 -5.57
CA VAL D 53 -2.64 94.49 -4.39
C VAL D 53 -1.53 93.97 -3.50
N ASN D 54 -1.57 92.68 -3.17
CA ASN D 54 -0.54 92.14 -2.31
C ASN D 54 0.07 90.90 -2.91
N ASP D 55 0.12 90.85 -4.23
CA ASP D 55 0.69 89.69 -4.93
C ASP D 55 1.24 90.00 -6.30
N GLN D 56 2.13 90.97 -6.41
CA GLN D 56 2.71 91.29 -7.71
C GLN D 56 4.02 90.58 -7.95
N PRO D 57 4.19 90.03 -9.16
CA PRO D 57 5.36 89.29 -9.63
C PRO D 57 6.69 90.00 -9.90
N ILE D 58 6.65 91.26 -10.32
CA ILE D 58 7.88 91.97 -10.63
C ILE D 58 8.41 92.83 -9.48
N GLU D 59 9.63 92.55 -9.07
CA GLU D 59 10.29 93.27 -7.99
C GLU D 59 11.13 94.41 -8.54
N LYS D 60 10.96 95.60 -7.98
CA LYS D 60 11.70 96.79 -8.41
C LYS D 60 13.21 96.53 -8.51
N ASN D 61 13.84 97.18 -9.49
CA ASN D 61 15.29 97.06 -9.72
C ASN D 61 15.79 95.62 -9.87
N GLY D 62 15.05 94.82 -10.63
CA GLY D 62 15.43 93.43 -10.85
C GLY D 62 15.69 93.26 -12.33
N ASP D 63 15.51 92.03 -12.82
CA ASP D 63 15.73 91.76 -14.24
C ASP D 63 14.50 92.02 -15.11
N LYS D 64 14.56 93.05 -15.94
CA LYS D 64 13.44 93.33 -16.84
C LYS D 64 13.06 91.98 -17.48
N MSE D 65 11.77 91.65 -17.43
CA MSE D 65 11.25 90.39 -17.93
C MSE D 65 10.21 90.50 -19.02
O MSE D 65 9.71 91.60 -19.32
CB MSE D 65 10.66 89.62 -16.76
CG MSE D 65 11.62 89.40 -15.65
SE MSE D 65 10.82 88.30 -14.31
CE MSE D 65 12.05 86.77 -14.47
N PRO D 66 9.86 89.35 -19.66
CA PRO D 66 8.86 89.26 -20.74
C PRO D 66 7.44 89.20 -20.19
N LEU D 67 6.85 90.37 -19.97
CA LEU D 67 5.50 90.45 -19.48
C LEU D 67 4.59 90.43 -20.70
N LYS D 68 3.62 89.52 -20.69
CA LYS D 68 2.71 89.39 -21.81
C LYS D 68 1.29 89.57 -21.31
N PHE D 69 0.46 90.19 -22.13
CA PHE D 69 -0.92 90.48 -21.78
C PHE D 69 -1.88 90.28 -22.95
N LYS D 70 -2.93 89.50 -22.73
CA LYS D 70 -3.93 89.21 -23.75
C LYS D 70 -5.30 89.78 -23.34
N LEU D 71 -5.86 90.66 -24.18
CA LEU D 71 -7.19 91.21 -23.89
C LEU D 71 -8.20 90.09 -24.13
N GLY D 72 -9.13 89.91 -23.20
CA GLY D 72 -10.12 88.87 -23.37
C GLY D 72 -11.45 89.29 -23.99
N PRO D 73 -12.23 88.31 -24.49
CA PRO D 73 -13.52 88.61 -25.10
C PRO D 73 -14.42 89.27 -24.06
N LEU D 74 -14.02 89.15 -22.81
CA LEU D 74 -14.77 89.74 -21.70
C LEU D 74 -13.99 90.88 -21.01
N SER D 75 -14.48 92.12 -21.13
CA SER D 75 -13.82 93.29 -20.53
C SER D 75 -13.29 93.03 -19.12
N TYR D 76 -14.08 92.33 -18.31
CA TYR D 76 -13.72 92.02 -16.92
C TYR D 76 -12.87 90.78 -16.77
N GLN D 77 -12.51 90.17 -17.89
CA GLN D 77 -11.72 88.94 -17.85
C GLN D 77 -10.57 88.89 -18.86
N ASN D 78 -9.47 89.52 -18.52
CA ASN D 78 -8.29 89.51 -19.37
C ASN D 78 -7.24 88.62 -18.71
N MSE D 79 -5.99 88.73 -19.14
CA MSE D 79 -4.95 87.87 -18.58
C MSE D 79 -3.55 88.34 -18.88
O MSE D 79 -3.21 88.67 -20.02
CB MSE D 79 -5.08 86.46 -19.14
CG MSE D 79 -4.30 85.40 -18.39
SE MSE D 79 -5.16 84.99 -16.72
CE MSE D 79 -6.58 83.86 -17.42
N ALA D 80 -2.74 88.36 -17.83
CA ALA D 80 -1.32 88.76 -17.92
C ALA D 80 -0.51 87.56 -17.43
N PHE D 81 0.67 87.38 -18.01
CA PHE D 81 1.53 86.29 -17.60
C PHE D 81 2.96 86.65 -17.98
N ILE D 82 3.92 85.84 -17.53
CA ILE D 82 5.33 86.10 -17.85
C ILE D 82 6.06 84.87 -18.36
N THR D 83 6.81 85.05 -19.43
CA THR D 83 7.59 83.95 -20.01
C THR D 83 8.97 84.04 -19.36
N ALA D 84 9.12 83.41 -18.21
CA ALA D 84 10.38 83.44 -17.48
C ALA D 84 10.37 82.31 -16.49
N LYS D 85 11.56 81.96 -15.98
CA LYS D 85 11.67 80.88 -15.02
C LYS D 85 11.12 81.24 -13.64
N ASP D 86 10.48 80.24 -13.05
CA ASP D 86 9.88 80.36 -11.73
C ASP D 86 8.79 81.39 -11.66
N LYS D 87 8.25 81.74 -12.84
CA LYS D 87 7.16 82.71 -12.97
C LYS D 87 6.03 82.03 -13.72
N TYR D 88 5.35 81.09 -13.06
CA TYR D 88 4.29 80.32 -13.70
C TYR D 88 2.88 80.59 -13.20
N LYS D 89 2.65 81.81 -12.74
CA LYS D 89 1.32 82.17 -12.27
C LYS D 89 0.64 82.95 -13.38
N LEU D 90 -0.67 82.83 -13.46
CA LEU D 90 -1.44 83.58 -14.46
C LEU D 90 -2.20 84.69 -13.72
N TYR D 91 -2.15 85.89 -14.28
CA TYR D 91 -2.79 87.04 -13.65
C TYR D 91 -4.04 87.58 -14.32
N PRO D 92 -5.21 87.10 -13.90
CA PRO D 92 -6.42 87.63 -14.53
C PRO D 92 -6.55 89.12 -14.17
N VAL D 93 -6.59 89.95 -15.20
CA VAL D 93 -6.70 91.40 -15.00
C VAL D 93 -7.96 91.94 -15.60
N ARG D 94 -8.59 92.92 -14.97
CA ARG D 94 -9.78 93.49 -15.58
C ARG D 94 -9.55 94.95 -15.92
N ILE D 95 -10.08 95.38 -17.07
CA ILE D 95 -9.90 96.74 -17.52
C ILE D 95 -10.26 97.79 -16.49
N PRO D 96 -9.34 98.72 -16.25
CA PRO D 96 -9.46 99.82 -15.29
C PRO D 96 -10.73 100.62 -15.47
N ARG D 97 -11.46 100.77 -14.37
CA ARG D 97 -12.71 101.53 -14.33
C ARG D 97 -13.89 100.93 -15.08
N LEU D 98 -13.89 99.61 -15.20
CA LEU D 98 -14.96 98.90 -15.88
C LEU D 98 -16.19 98.91 -14.96
N ASP D 99 -17.39 99.02 -15.54
CA ASP D 99 -18.61 99.03 -14.72
C ASP D 99 -19.45 97.81 -15.00
N THR D 100 -19.51 96.92 -14.01
CA THR D 100 -20.26 95.67 -14.09
C THR D 100 -21.49 95.76 -13.19
N SER D 101 -21.57 96.85 -12.42
CA SER D 101 -22.69 97.02 -11.48
C SER D 101 -24.05 96.88 -12.14
N LYS D 102 -25.03 96.55 -11.31
CA LYS D 102 -26.41 96.40 -11.77
C LYS D 102 -26.93 97.81 -12.00
N GLU D 103 -26.55 98.73 -11.12
CA GLU D 103 -26.97 100.12 -11.23
C GLU D 103 -26.65 100.66 -12.61
N PHE D 104 -25.50 100.26 -13.14
CA PHE D 104 -25.10 100.73 -14.45
C PHE D 104 -25.98 100.17 -15.56
N SER D 105 -26.12 98.84 -15.61
CA SER D 105 -26.92 98.22 -16.66
C SER D 105 -28.37 98.69 -16.59
N ALA D 106 -28.75 99.24 -15.44
CA ALA D 106 -30.10 99.76 -15.28
C ALA D 106 -30.04 101.14 -15.92
N TYR D 107 -29.00 101.89 -15.55
CA TYR D 107 -28.78 103.22 -16.06
C TYR D 107 -28.68 103.21 -17.58
N VAL D 108 -27.96 102.23 -18.13
CA VAL D 108 -27.80 102.11 -19.57
C VAL D 108 -29.16 101.86 -20.23
N SER D 109 -29.90 100.89 -19.70
CA SER D 109 -31.23 100.56 -20.23
C SER D 109 -32.13 101.79 -20.19
N GLY D 110 -32.16 102.45 -19.04
CA GLY D 110 -32.96 103.64 -18.86
C GLY D 110 -32.67 104.75 -19.86
N LEU D 111 -31.41 104.93 -20.19
CA LEU D 111 -31.05 105.96 -21.15
C LEU D 111 -31.40 105.53 -22.55
N PHE D 112 -31.38 104.23 -22.79
CA PHE D 112 -31.71 103.72 -24.11
C PHE D 112 -33.17 103.95 -24.42
N GLU D 113 -34.01 103.92 -23.39
CA GLU D 113 -35.43 104.16 -23.56
C GLU D 113 -35.54 105.57 -24.11
N ILE D 114 -35.15 106.54 -23.27
CA ILE D 114 -35.18 107.93 -23.64
C ILE D 114 -34.69 108.16 -25.06
N TYR D 115 -33.79 107.29 -25.51
CA TYR D 115 -33.23 107.39 -26.86
C TYR D 115 -34.23 106.95 -27.95
N ARG D 116 -34.62 105.69 -27.93
CA ARG D 116 -35.54 105.21 -28.96
C ARG D 116 -36.90 105.90 -28.90
N ASP D 117 -37.25 106.42 -27.72
CA ASP D 117 -38.52 107.11 -27.55
C ASP D 117 -38.54 108.48 -28.22
N LEU D 118 -37.37 109.04 -28.48
CA LEU D 118 -37.32 110.34 -29.14
C LEU D 118 -37.70 110.17 -30.59
N GLY D 119 -37.90 108.92 -31.01
CA GLY D 119 -38.28 108.64 -32.38
C GLY D 119 -37.52 109.47 -33.39
N ASP D 120 -38.23 110.21 -34.23
CA ASP D 120 -37.58 111.05 -35.24
C ASP D 120 -36.96 112.28 -34.62
N ASP D 121 -37.37 112.62 -33.40
CA ASP D 121 -36.82 113.78 -32.73
C ASP D 121 -35.38 113.56 -32.28
N ARG D 122 -34.85 112.37 -32.55
CA ARG D 122 -33.47 112.09 -32.18
C ARG D 122 -32.58 112.88 -33.14
N VAL D 123 -33.10 113.19 -34.32
CA VAL D 123 -32.33 113.98 -35.29
C VAL D 123 -32.83 115.42 -35.36
N PHE D 124 -32.19 116.24 -36.19
CA PHE D 124 -32.57 117.65 -36.31
C PHE D 124 -32.76 118.07 -37.77
N ASN D 125 -33.97 118.52 -38.09
CA ASN D 125 -34.31 118.98 -39.44
C ASN D 125 -34.41 120.49 -39.53
N VAL D 126 -33.89 121.03 -40.64
CA VAL D 126 -33.91 122.45 -40.95
C VAL D 126 -34.96 122.74 -42.03
N SER D 134 -44.19 126.00 -38.66
CA SER D 134 -43.05 126.49 -37.88
C SER D 134 -43.08 125.90 -36.49
N ASN D 135 -44.09 125.08 -36.20
CA ASN D 135 -44.19 124.53 -34.85
C ASN D 135 -43.37 123.25 -34.76
N PHE D 136 -43.04 122.68 -35.91
CA PHE D 136 -42.24 121.47 -35.95
C PHE D 136 -40.98 121.81 -35.16
N ALA D 137 -40.54 123.05 -35.32
CA ALA D 137 -39.36 123.55 -34.63
C ALA D 137 -39.67 123.70 -33.13
N LYS D 138 -40.74 124.40 -32.83
CA LYS D 138 -41.16 124.62 -31.45
C LYS D 138 -41.42 123.33 -30.68
N GLU D 139 -42.11 122.38 -31.31
CA GLU D 139 -42.45 121.10 -30.69
C GLU D 139 -41.24 120.19 -30.53
N HIS D 140 -40.35 120.24 -31.52
CA HIS D 140 -39.13 119.44 -31.50
C HIS D 140 -38.40 119.81 -30.23
N ASN D 141 -38.05 121.09 -30.11
CA ASN D 141 -37.34 121.59 -28.95
C ASN D 141 -38.01 121.14 -27.66
N ALA D 142 -39.32 121.29 -27.61
CA ALA D 142 -40.06 120.91 -26.42
C ALA D 142 -39.86 119.46 -26.01
N THR D 143 -39.99 118.53 -26.95
CA THR D 143 -39.84 117.11 -26.63
C THR D 143 -38.37 116.74 -26.33
N VAL D 144 -37.44 117.52 -26.86
CA VAL D 144 -36.02 117.28 -26.63
C VAL D 144 -35.63 117.81 -25.24
N ASN D 145 -35.96 119.08 -24.97
CA ASN D 145 -35.64 119.67 -23.67
C ASN D 145 -36.23 118.82 -22.56
N LEU D 146 -37.15 117.95 -22.94
CA LEU D 146 -37.83 117.04 -22.01
C LEU D 146 -37.01 115.78 -21.83
N ALA D 147 -36.47 115.26 -22.93
CA ALA D 147 -35.65 114.06 -22.89
C ALA D 147 -34.41 114.39 -22.05
N MSE D 148 -34.00 115.66 -22.10
CA MSE D 148 -32.83 116.15 -21.37
C MSE D 148 -33.10 116.08 -19.88
O MSE D 148 -32.21 115.73 -19.10
CB MSE D 148 -32.52 117.59 -21.74
CG MSE D 148 -31.35 118.21 -20.98
SE MSE D 148 -29.64 117.28 -21.15
CE MSE D 148 -29.53 116.60 -19.35
N GLU D 149 -34.31 116.43 -19.49
CA GLU D 149 -34.69 116.37 -18.10
C GLU D 149 -34.78 114.91 -17.70
N ALA D 150 -35.16 114.08 -18.67
CA ALA D 150 -35.31 112.64 -18.48
C ALA D 150 -33.96 112.03 -18.15
N ILE D 151 -32.95 112.43 -18.91
CA ILE D 151 -31.58 111.98 -18.72
C ILE D 151 -31.09 112.43 -17.35
N LEU D 152 -31.14 113.73 -17.09
CA LEU D 152 -30.71 114.24 -15.79
C LEU D 152 -31.26 113.38 -14.66
N ASN D 153 -32.52 112.98 -14.79
CA ASN D 153 -33.18 112.15 -13.78
C ASN D 153 -32.51 110.77 -13.70
N GLU D 154 -32.50 110.06 -14.83
CA GLU D 154 -31.88 108.73 -14.88
C GLU D 154 -30.52 108.75 -14.20
N LEU D 155 -29.77 109.82 -14.44
CA LEU D 155 -28.43 109.99 -13.88
C LEU D 155 -28.46 110.31 -12.41
N GLU D 156 -29.43 111.10 -11.97
CA GLU D 156 -29.52 111.43 -10.57
C GLU D 156 -29.87 110.18 -9.77
N VAL D 157 -30.71 109.33 -10.36
CA VAL D 157 -31.14 108.08 -9.73
C VAL D 157 -29.96 107.15 -9.59
N PHE D 158 -29.19 107.02 -10.68
CA PHE D 158 -27.99 106.18 -10.71
C PHE D 158 -27.05 106.69 -9.61
N ILE D 159 -26.76 107.99 -9.66
CA ILE D 159 -25.90 108.63 -8.68
C ILE D 159 -26.33 108.27 -7.26
N GLY D 160 -27.62 108.38 -7.03
CA GLY D 160 -28.15 108.07 -5.72
C GLY D 160 -27.93 106.63 -5.30
N ARG D 161 -28.12 105.70 -6.22
CA ARG D 161 -27.95 104.27 -5.93
C ARG D 161 -26.50 103.89 -5.69
N VAL D 162 -25.59 104.57 -6.37
CA VAL D 162 -24.18 104.31 -6.22
C VAL D 162 -23.72 104.78 -4.85
N LYS D 163 -24.37 105.82 -4.35
CA LYS D 163 -24.05 106.39 -3.05
C LYS D 163 -24.37 105.39 -1.92
N ASP D 164 -25.49 104.69 -2.05
CA ASP D 164 -25.94 103.71 -1.04
C ASP D 164 -25.01 102.51 -0.90
N GLN D 165 -24.18 102.28 -1.90
CA GLN D 165 -23.23 101.18 -1.81
C GLN D 165 -21.84 101.74 -1.56
N ASP D 166 -21.40 101.68 -0.32
CA ASP D 166 -20.08 102.17 0.07
C ASP D 166 -18.97 101.35 -0.61
N GLY D 167 -18.97 101.35 -1.93
CA GLY D 167 -17.94 100.66 -2.69
C GLY D 167 -17.01 101.79 -3.06
N ARG D 168 -16.46 101.78 -4.27
CA ARG D 168 -15.56 102.85 -4.67
C ARG D 168 -16.34 104.15 -4.93
N VAL D 169 -16.20 105.11 -4.02
CA VAL D 169 -16.87 106.39 -4.13
C VAL D 169 -16.11 107.27 -5.12
N ASN D 170 -15.05 106.71 -5.71
CA ASN D 170 -14.31 107.42 -6.73
C ASN D 170 -15.29 107.58 -7.91
N ARG D 171 -16.19 106.62 -8.03
CA ARG D 171 -17.21 106.60 -9.08
C ARG D 171 -18.31 107.63 -8.82
N PHE D 172 -18.70 107.73 -7.55
CA PHE D 172 -19.72 108.67 -7.13
C PHE D 172 -19.26 110.08 -7.51
N TYR D 173 -18.00 110.38 -7.20
CA TYR D 173 -17.45 111.69 -7.51
C TYR D 173 -17.55 111.95 -9.01
N GLU D 174 -16.94 111.07 -9.82
CA GLU D 174 -16.96 111.22 -11.26
C GLU D 174 -18.37 111.46 -11.81
N LEU D 175 -19.35 110.73 -11.28
CA LEU D 175 -20.72 110.88 -11.76
C LEU D 175 -21.32 112.22 -11.39
N GLU D 176 -21.09 112.67 -10.17
CA GLU D 176 -21.63 113.96 -9.73
C GLU D 176 -21.09 115.08 -10.61
N GLU D 177 -19.81 115.01 -10.93
CA GLU D 177 -19.21 116.02 -11.76
C GLU D 177 -19.95 116.08 -13.10
N SER D 178 -20.23 114.90 -13.64
CA SER D 178 -20.96 114.80 -14.90
C SER D 178 -22.29 115.52 -14.78
N LEU D 179 -23.05 115.19 -13.74
CA LEU D 179 -24.35 115.82 -13.53
C LEU D 179 -24.23 117.35 -13.50
N THR D 180 -23.24 117.86 -12.78
CA THR D 180 -23.06 119.31 -12.70
C THR D 180 -22.88 119.88 -14.10
N VAL D 181 -22.02 119.23 -14.88
CA VAL D 181 -21.76 119.70 -16.23
C VAL D 181 -23.04 119.72 -17.04
N LEU D 182 -23.86 118.68 -16.89
CA LEU D 182 -25.14 118.59 -17.63
C LEU D 182 -26.09 119.64 -17.08
N ASN D 183 -26.12 119.79 -15.77
CA ASN D 183 -26.96 120.79 -15.14
C ASN D 183 -26.67 122.16 -15.72
N CYS D 184 -25.41 122.40 -16.07
CA CYS D 184 -25.05 123.67 -16.66
C CYS D 184 -25.58 123.68 -18.09
N LEU D 185 -25.25 122.63 -18.84
CA LEU D 185 -25.67 122.45 -20.23
C LEU D 185 -27.17 122.67 -20.38
N ARG D 186 -27.96 122.04 -19.50
CA ARG D 186 -29.41 122.18 -19.56
C ARG D 186 -29.81 123.64 -19.38
N THR D 187 -29.39 124.25 -18.28
CA THR D 187 -29.72 125.64 -18.02
C THR D 187 -29.41 126.55 -19.21
N MSE D 188 -28.23 126.39 -19.79
CA MSE D 188 -27.86 127.24 -20.90
C MSE D 188 -28.41 126.93 -22.29
O MSE D 188 -28.41 127.80 -23.14
CB MSE D 188 -26.33 127.30 -20.96
CG MSE D 188 -25.69 127.81 -19.69
SE MSE D 188 -26.30 129.60 -19.17
CE MSE D 188 -25.45 130.63 -20.58
N TYR D 189 -28.90 125.72 -22.53
CA TYR D 189 -29.40 125.40 -23.87
C TYR D 189 -30.68 124.61 -24.00
N PHE D 190 -31.15 124.02 -22.90
CA PHE D 190 -32.37 123.20 -22.95
C PHE D 190 -33.55 123.77 -22.14
N ILE D 191 -33.63 125.10 -22.11
CA ILE D 191 -34.73 125.75 -21.41
C ILE D 191 -35.26 126.93 -22.23
N LEU D 192 -34.39 127.83 -22.67
CA LEU D 192 -34.85 128.99 -23.43
C LEU D 192 -34.79 128.87 -24.94
N ASP D 193 -34.26 127.76 -25.45
CA ASP D 193 -34.17 127.53 -26.90
C ASP D 193 -33.81 128.77 -27.72
N GLY D 194 -32.57 129.26 -27.59
CA GLY D 194 -32.18 130.43 -28.34
C GLY D 194 -32.87 131.74 -27.97
N GLN D 195 -33.75 131.68 -26.96
CA GLN D 195 -34.47 132.87 -26.50
C GLN D 195 -33.70 133.54 -25.39
N ASP D 196 -34.38 134.37 -24.62
CA ASP D 196 -33.74 135.05 -23.52
C ASP D 196 -34.46 134.72 -22.23
N VAL D 197 -33.79 134.92 -21.11
CA VAL D 197 -34.35 134.63 -19.79
C VAL D 197 -35.77 135.20 -19.64
N GLU D 198 -36.15 136.14 -20.51
CA GLU D 198 -37.48 136.69 -20.37
C GLU D 198 -38.60 135.74 -20.79
N GLU D 199 -38.31 134.86 -21.74
CA GLU D 199 -39.29 133.89 -22.21
C GLU D 199 -39.78 132.98 -21.07
N ASN D 200 -38.85 132.32 -20.40
CA ASN D 200 -39.21 131.43 -19.31
C ASN D 200 -38.31 131.72 -18.08
N ARG D 201 -38.67 132.73 -17.30
CA ARG D 201 -37.85 133.08 -16.14
C ARG D 201 -37.81 132.01 -15.05
N SER D 202 -38.97 131.54 -14.61
CA SER D 202 -38.99 130.54 -13.53
C SER D 202 -38.20 129.27 -13.84
N GLU D 203 -38.35 128.72 -15.04
CA GLU D 203 -37.62 127.50 -15.39
C GLU D 203 -36.12 127.72 -15.41
N PHE D 204 -35.73 128.89 -15.92
CA PHE D 204 -34.32 129.25 -16.03
C PHE D 204 -33.68 129.49 -14.67
N ILE D 205 -34.19 130.50 -13.96
CA ILE D 205 -33.63 130.81 -12.65
C ILE D 205 -33.62 129.62 -11.74
N GLU D 206 -34.66 128.78 -11.83
CA GLU D 206 -34.75 127.60 -10.97
C GLU D 206 -33.63 126.61 -11.30
N SER D 207 -33.36 126.47 -12.60
CA SER D 207 -32.34 125.56 -13.09
C SER D 207 -30.92 126.10 -12.80
N LEU D 208 -30.76 127.42 -12.96
CA LEU D 208 -29.49 128.09 -12.71
C LEU D 208 -29.11 127.90 -11.25
N LEU D 209 -30.02 128.23 -10.35
CA LEU D 209 -29.77 128.08 -8.93
C LEU D 209 -29.48 126.63 -8.57
N ASN D 210 -30.05 125.70 -9.32
CA ASN D 210 -29.80 124.29 -9.04
C ASN D 210 -28.36 123.96 -9.37
N TRP D 211 -27.95 124.23 -10.61
CA TRP D 211 -26.59 123.98 -11.06
C TRP D 211 -25.55 124.57 -10.09
N ILE D 212 -25.74 125.83 -9.70
CA ILE D 212 -24.83 126.51 -8.78
C ILE D 212 -24.75 125.85 -7.41
N ASN D 213 -25.88 125.67 -6.75
CA ASN D 213 -25.88 125.06 -5.42
C ASN D 213 -25.87 123.54 -5.43
N ARG D 214 -25.15 122.97 -6.39
CA ARG D 214 -25.03 121.52 -6.51
C ARG D 214 -23.68 121.17 -7.11
N SER D 215 -22.90 122.20 -7.42
CA SER D 215 -21.57 122.01 -7.99
C SER D 215 -20.59 121.70 -6.86
N ASP D 216 -20.61 122.55 -5.84
CA ASP D 216 -19.77 122.42 -4.66
C ASP D 216 -20.70 122.50 -3.45
N GLY D 217 -20.40 121.74 -2.41
CA GLY D 217 -21.26 121.75 -1.24
C GLY D 217 -21.39 123.08 -0.54
N GLU D 218 -20.43 123.98 -0.76
CA GLU D 218 -20.42 125.29 -0.12
C GLU D 218 -21.49 126.31 -0.49
N PRO D 219 -21.83 127.19 0.46
CA PRO D 219 -21.24 127.20 1.82
C PRO D 219 -21.85 126.11 2.69
N ASP D 220 -21.06 125.08 2.98
CA ASP D 220 -21.51 123.94 3.80
C ASP D 220 -21.89 124.38 5.21
N GLU D 221 -22.98 123.83 5.74
CA GLU D 221 -23.44 124.18 7.08
C GLU D 221 -22.35 124.01 8.13
N GLU D 222 -21.34 123.22 7.81
CA GLU D 222 -20.24 123.02 8.73
C GLU D 222 -19.50 124.35 8.89
N TYR D 223 -19.28 125.06 7.78
CA TYR D 223 -18.61 126.34 7.82
C TYR D 223 -19.50 127.43 8.42
N ILE D 224 -20.79 127.35 8.14
CA ILE D 224 -21.73 128.34 8.66
C ILE D 224 -21.64 128.39 10.18
N GLU D 225 -21.38 127.26 10.82
CA GLU D 225 -21.29 127.27 12.28
C GLU D 225 -19.89 127.40 12.83
N GLN D 226 -18.96 127.75 11.94
CA GLN D 226 -17.57 127.98 12.30
C GLN D 226 -17.53 129.50 12.38
N VAL D 227 -18.55 130.13 11.81
CA VAL D 227 -18.67 131.58 11.78
C VAL D 227 -19.54 132.08 12.92
N PHE D 228 -20.07 131.19 13.75
CA PHE D 228 -20.94 131.64 14.82
C PHE D 228 -20.52 131.34 16.27
N SER D 229 -19.41 131.92 16.72
CA SER D 229 -18.91 131.73 18.08
C SER D 229 -18.24 133.00 18.60
N LYS D 238 -15.94 141.55 19.28
CA LYS D 238 -17.23 141.80 19.90
C LYS D 238 -18.36 141.92 18.87
N VAL D 239 -19.25 140.93 18.85
CA VAL D 239 -20.43 140.91 17.96
C VAL D 239 -20.10 140.53 16.49
N PHE D 240 -21.13 140.33 15.66
CA PHE D 240 -20.97 139.96 14.25
C PHE D 240 -20.91 141.15 13.31
N GLU D 241 -19.89 141.97 13.52
CA GLU D 241 -19.63 143.13 12.71
C GLU D 241 -18.26 142.75 12.13
N THR D 242 -18.16 141.48 11.77
CA THR D 242 -16.96 140.88 11.19
C THR D 242 -17.06 140.85 9.68
N GLN D 243 -15.93 140.68 9.01
CA GLN D 243 -15.95 140.61 7.56
C GLN D 243 -16.55 139.25 7.19
N TYR D 244 -16.08 138.22 7.88
CA TYR D 244 -16.51 136.84 7.70
C TYR D 244 -18.02 136.69 7.59
N PHE D 245 -18.75 137.50 8.36
CA PHE D 245 -20.20 137.44 8.34
C PHE D 245 -20.77 137.94 7.02
N TRP D 246 -20.38 139.16 6.63
CA TRP D 246 -20.87 139.73 5.39
C TRP D 246 -20.45 138.98 4.13
N LYS D 247 -19.21 138.49 4.10
CA LYS D 247 -18.75 137.73 2.95
C LYS D 247 -19.65 136.51 2.79
N LEU D 248 -20.06 135.94 3.92
CA LEU D 248 -20.93 134.76 3.96
C LEU D 248 -22.36 135.16 3.59
N LEU D 249 -22.79 136.32 4.08
CA LEU D 249 -24.13 136.80 3.79
C LEU D 249 -24.28 137.12 2.31
N ASN D 250 -23.34 137.90 1.79
CA ASN D 250 -23.37 138.27 0.39
C ASN D 250 -23.18 137.03 -0.49
N GLN D 251 -22.44 136.05 0.01
CA GLN D 251 -22.20 134.82 -0.74
C GLN D 251 -23.51 134.07 -0.90
N LEU D 252 -24.31 134.04 0.15
CA LEU D 252 -25.59 133.36 0.08
C LEU D 252 -26.50 134.08 -0.89
N VAL D 253 -26.39 135.41 -0.93
CA VAL D 253 -27.21 136.23 -1.83
C VAL D 253 -26.84 135.95 -3.28
N LEU D 254 -25.56 135.99 -3.58
CA LEU D 254 -25.10 135.74 -4.93
C LEU D 254 -25.53 134.39 -5.46
N ARG D 255 -25.64 133.41 -4.56
CA ARG D 255 -26.05 132.05 -4.92
C ARG D 255 -27.56 131.84 -4.93
N GLY D 256 -28.32 132.89 -4.64
CA GLY D 256 -29.76 132.78 -4.63
C GLY D 256 -30.33 132.11 -3.40
N LEU D 257 -29.46 131.77 -2.44
CA LEU D 257 -29.89 131.12 -1.21
C LEU D 257 -30.44 132.14 -0.22
N LEU D 258 -31.46 132.88 -0.64
CA LEU D 258 -32.07 133.89 0.20
C LEU D 258 -32.70 133.34 1.47
N SER D 259 -33.35 132.18 1.35
CA SER D 259 -33.98 131.55 2.51
C SER D 259 -32.96 131.51 3.63
N GLN D 260 -31.80 130.93 3.32
CA GLN D 260 -30.72 130.81 4.28
C GLN D 260 -30.16 132.17 4.66
N ALA D 261 -30.02 133.05 3.66
CA ALA D 261 -29.48 134.39 3.88
C ALA D 261 -30.22 135.11 4.98
N ILE D 262 -31.53 135.23 4.84
CA ILE D 262 -32.33 135.88 5.84
C ILE D 262 -32.09 135.23 7.20
N GLY D 263 -31.98 133.90 7.18
CA GLY D 263 -31.74 133.16 8.42
C GLY D 263 -30.50 133.61 9.17
N CYS D 264 -29.43 133.92 8.45
CA CYS D 264 -28.18 134.35 9.07
C CYS D 264 -28.31 135.72 9.76
N ILE D 265 -29.09 136.61 9.14
CA ILE D 265 -29.31 137.94 9.69
C ILE D 265 -30.10 137.78 10.99
N GLU D 266 -31.19 137.01 10.90
CA GLU D 266 -32.05 136.74 12.05
C GLU D 266 -31.33 135.78 12.97
N ARG D 267 -30.10 136.11 13.34
CA ARG D 267 -29.38 135.25 14.25
C ARG D 267 -28.51 136.12 15.14
N SER D 268 -28.32 137.37 14.72
CA SER D 268 -27.49 138.27 15.50
C SER D 268 -27.92 139.74 15.61
N ASP D 269 -27.25 140.57 14.82
CA ASP D 269 -27.41 142.03 14.80
C ASP D 269 -28.70 142.73 14.35
N LEU D 270 -29.64 142.02 13.75
CA LEU D 270 -30.86 142.68 13.29
C LEU D 270 -31.73 143.32 14.38
N LEU D 271 -32.32 142.47 15.21
CA LEU D 271 -33.22 142.92 16.26
C LEU D 271 -32.57 143.64 17.45
N PRO D 272 -31.27 143.37 17.72
CA PRO D 272 -30.71 144.09 18.87
C PRO D 272 -29.89 145.34 18.56
N TYR D 273 -28.69 145.16 18.01
CA TYR D 273 -27.84 146.30 17.73
C TYR D 273 -28.55 147.37 16.93
N LEU D 274 -29.31 146.96 15.92
CA LEU D 274 -30.02 147.93 15.12
C LEU D 274 -31.18 148.56 15.85
N SER D 275 -32.24 147.79 16.07
CA SER D 275 -33.42 148.31 16.75
C SER D 275 -33.11 149.25 17.92
N ASP D 276 -31.98 149.04 18.58
CA ASP D 276 -31.57 149.87 19.72
C ASP D 276 -30.70 151.07 19.31
N THR D 277 -29.55 150.78 18.72
CA THR D 277 -28.61 151.82 18.30
C THR D 277 -29.23 152.84 17.33
N CYS D 278 -29.32 152.45 16.05
CA CYS D 278 -29.85 153.31 15.02
C CYS D 278 -31.20 152.81 14.50
N ALA D 279 -32.19 153.69 14.49
CA ALA D 279 -33.52 153.32 14.02
C ALA D 279 -33.63 153.48 12.50
N VAL D 280 -32.85 154.40 11.95
CA VAL D 280 -32.86 154.65 10.52
C VAL D 280 -32.46 153.40 9.74
N SER D 281 -31.31 152.84 10.11
CA SER D 281 -30.78 151.65 9.46
C SER D 281 -31.56 150.38 9.82
N PHE D 282 -32.21 150.36 10.99
CA PHE D 282 -32.98 149.19 11.36
C PHE D 282 -33.98 148.96 10.24
N ASP D 283 -34.70 150.02 9.88
CA ASP D 283 -35.71 149.94 8.83
C ASP D 283 -35.10 149.47 7.52
N ALA D 284 -34.00 150.08 7.13
CA ALA D 284 -33.34 149.70 5.89
C ALA D 284 -33.05 148.19 5.86
N VAL D 285 -32.29 147.71 6.84
CA VAL D 285 -31.93 146.30 6.92
C VAL D 285 -33.12 145.35 6.97
N SER D 286 -34.20 145.77 7.61
CA SER D 286 -35.37 144.90 7.71
C SER D 286 -36.25 144.85 6.46
N ASP D 287 -36.66 146.00 5.92
CA ASP D 287 -37.52 145.96 4.72
C ASP D 287 -36.71 145.60 3.49
N SER D 288 -35.42 145.31 3.71
CA SER D 288 -34.55 144.88 2.63
C SER D 288 -34.70 143.36 2.73
N ILE D 289 -34.74 142.85 3.96
CA ILE D 289 -34.91 141.43 4.22
C ILE D 289 -36.25 141.05 3.61
N GLU D 290 -37.19 141.98 3.71
CA GLU D 290 -38.52 141.77 3.17
C GLU D 290 -38.42 141.62 1.66
N LEU D 291 -37.62 142.48 1.03
CA LEU D 291 -37.42 142.42 -0.41
C LEU D 291 -36.85 141.07 -0.85
N LEU D 292 -35.98 140.51 -0.02
CA LEU D 292 -35.38 139.21 -0.32
C LEU D 292 -36.46 138.13 -0.27
N LYS D 293 -37.31 138.19 0.75
CA LYS D 293 -38.39 137.22 0.92
C LYS D 293 -39.28 137.18 -0.31
N GLN D 294 -39.20 138.19 -1.16
CA GLN D 294 -40.03 138.24 -2.35
C GLN D 294 -39.31 138.47 -3.67
N TYR D 295 -38.11 137.91 -3.79
CA TYR D 295 -37.34 138.04 -5.03
C TYR D 295 -38.10 137.36 -6.19
N PRO D 296 -38.54 138.16 -7.19
CA PRO D 296 -39.28 137.71 -8.38
C PRO D 296 -38.64 136.56 -9.16
N LYS D 297 -39.17 135.35 -9.00
CA LYS D 297 -38.61 134.20 -9.72
C LYS D 297 -39.43 133.79 -10.94
N ASP D 298 -40.64 134.35 -11.06
CA ASP D 298 -41.52 133.97 -12.16
C ASP D 298 -41.79 135.05 -13.22
N SER D 299 -41.97 136.28 -12.75
CA SER D 299 -42.26 137.39 -13.65
C SER D 299 -41.05 138.27 -13.94
N SER D 300 -40.77 138.48 -15.23
CA SER D 300 -39.64 139.33 -15.63
C SER D 300 -40.02 140.79 -15.35
N SER D 301 -41.32 141.04 -15.25
CA SER D 301 -41.85 142.37 -14.98
C SER D 301 -41.71 142.66 -13.49
N THR D 302 -42.15 141.73 -12.66
CA THR D 302 -42.07 141.89 -11.20
C THR D 302 -40.62 142.16 -10.81
N PHE D 303 -39.69 141.64 -11.61
CA PHE D 303 -38.27 141.85 -11.31
C PHE D 303 -37.96 143.34 -11.44
N ARG D 304 -38.21 143.90 -12.62
CA ARG D 304 -37.94 145.30 -12.90
C ARG D 304 -38.49 146.16 -11.77
N GLU D 305 -39.73 145.88 -11.38
CA GLU D 305 -40.35 146.62 -10.31
C GLU D 305 -39.55 146.35 -9.05
N TRP D 306 -39.21 145.08 -8.85
CA TRP D 306 -38.44 144.65 -7.68
C TRP D 306 -37.11 145.39 -7.59
N LYS D 307 -36.34 145.34 -8.67
CA LYS D 307 -35.04 146.00 -8.69
C LYS D 307 -35.19 147.50 -8.44
N ASN D 308 -36.32 148.06 -8.85
CA ASN D 308 -36.55 149.48 -8.65
C ASN D 308 -36.64 149.79 -7.16
N LEU D 309 -37.42 148.96 -6.46
CA LEU D 309 -37.60 149.12 -5.01
C LEU D 309 -36.29 148.89 -4.29
N VAL D 310 -35.51 147.95 -4.79
CA VAL D 310 -34.21 147.65 -4.20
C VAL D 310 -33.33 148.90 -4.33
N LEU D 311 -33.22 149.43 -5.55
CA LEU D 311 -32.40 150.62 -5.80
C LEU D 311 -32.94 151.86 -5.09
N LYS D 312 -34.25 151.93 -4.95
CA LYS D 312 -34.87 153.06 -4.29
C LYS D 312 -34.46 153.01 -2.82
N LEU D 313 -34.43 151.80 -2.29
CA LEU D 313 -34.06 151.56 -0.90
C LEU D 313 -32.62 151.94 -0.64
N SER D 314 -31.72 151.48 -1.50
CA SER D 314 -30.30 151.79 -1.32
C SER D 314 -30.01 153.27 -1.50
N GLN D 315 -30.78 153.96 -2.33
CA GLN D 315 -30.54 155.39 -2.53
C GLN D 315 -30.92 156.14 -1.25
N ALA D 316 -32.01 155.70 -0.62
CA ALA D 316 -32.50 156.30 0.62
C ALA D 316 -31.46 156.14 1.73
N PHE D 317 -31.13 154.89 2.03
CA PHE D 317 -30.14 154.58 3.06
C PHE D 317 -28.81 155.25 2.72
N GLY D 318 -28.38 155.06 1.48
CA GLY D 318 -27.12 155.63 1.00
C GLY D 318 -26.84 157.06 1.45
N SER D 319 -27.89 157.86 1.60
CA SER D 319 -27.73 159.23 2.04
C SER D 319 -28.66 159.46 3.23
N SER D 320 -28.21 159.05 4.41
CA SER D 320 -29.04 159.20 5.60
C SER D 320 -28.26 159.15 6.93
N ALA D 321 -29.00 159.12 8.05
CA ALA D 321 -28.44 159.08 9.41
C ALA D 321 -27.63 157.83 9.78
N THR D 322 -26.35 158.04 10.04
CA THR D 322 -25.45 156.95 10.40
C THR D 322 -25.20 156.93 11.91
N ASP D 323 -26.12 156.32 12.65
CA ASP D 323 -25.99 156.22 14.09
C ASP D 323 -25.29 154.91 14.46
N ILE D 324 -24.66 154.28 13.47
CA ILE D 324 -23.94 153.03 13.68
C ILE D 324 -22.47 153.13 13.30
N SER D 325 -21.71 152.08 13.58
CA SER D 325 -20.29 152.04 13.30
C SER D 325 -19.93 152.60 11.93
N GLY D 326 -18.70 153.05 11.78
CA GLY D 326 -18.27 153.56 10.50
C GLY D 326 -18.17 152.33 9.61
N GLU D 327 -17.74 151.22 10.19
CA GLU D 327 -17.58 149.96 9.46
C GLU D 327 -18.93 149.32 9.16
N LEU D 328 -19.74 149.10 10.19
CA LEU D 328 -21.05 148.49 10.01
C LEU D 328 -21.85 149.24 8.96
N ARG D 329 -21.61 150.55 8.87
CA ARG D 329 -22.27 151.41 7.90
C ARG D 329 -22.05 150.87 6.50
N ASP D 330 -20.78 150.80 6.13
CA ASP D 330 -20.37 150.31 4.81
C ASP D 330 -20.85 148.89 4.57
N TYR D 331 -20.62 148.01 5.54
CA TYR D 331 -21.03 146.61 5.42
C TYR D 331 -22.46 146.45 4.93
N ILE D 332 -23.33 147.38 5.28
CA ILE D 332 -24.72 147.32 4.86
C ILE D 332 -24.93 147.94 3.49
N GLU D 333 -24.11 148.93 3.14
CA GLU D 333 -24.21 149.57 1.84
C GLU D 333 -23.72 148.58 0.79
N ASP D 334 -22.72 147.78 1.16
CA ASP D 334 -22.16 146.77 0.26
C ASP D 334 -23.21 145.68 0.11
N PHE D 335 -23.90 145.36 1.19
CA PHE D 335 -24.95 144.35 1.15
C PHE D 335 -26.05 144.84 0.21
N LEU D 336 -26.42 146.11 0.34
CA LEU D 336 -27.46 146.72 -0.49
C LEU D 336 -27.05 146.90 -1.94
N LEU D 337 -25.76 147.06 -2.19
CA LEU D 337 -25.29 147.22 -3.55
C LEU D 337 -25.30 145.90 -4.29
N VAL D 338 -24.93 144.81 -3.60
CA VAL D 338 -24.92 143.49 -4.21
C VAL D 338 -26.33 143.10 -4.68
N ILE D 339 -27.32 143.36 -3.84
CA ILE D 339 -28.70 143.04 -4.20
C ILE D 339 -29.13 143.92 -5.38
N GLY D 340 -28.66 145.15 -5.41
CA GLY D 340 -29.00 146.07 -6.48
C GLY D 340 -28.43 145.66 -7.82
N GLY D 341 -27.26 145.05 -7.79
CA GLY D 341 -26.64 144.62 -9.03
C GLY D 341 -25.32 145.28 -9.35
N ASN D 342 -24.80 146.12 -8.46
CA ASN D 342 -23.52 146.77 -8.75
C ASN D 342 -22.48 145.70 -9.07
N GLN D 343 -22.10 145.62 -10.34
CA GLN D 343 -21.12 144.66 -10.78
C GLN D 343 -19.87 144.73 -9.89
N ARG D 344 -19.35 145.93 -9.73
CA ARG D 344 -18.17 146.17 -8.91
C ARG D 344 -18.21 145.30 -7.65
N LYS D 345 -19.28 145.47 -6.87
CA LYS D 345 -19.49 144.75 -5.64
C LYS D 345 -19.82 143.26 -5.79
N ILE D 346 -20.55 142.90 -6.84
CA ILE D 346 -20.91 141.49 -7.07
C ILE D 346 -19.61 140.68 -7.18
N LEU D 347 -18.69 141.15 -8.00
CA LEU D 347 -17.42 140.46 -8.18
C LEU D 347 -16.69 140.41 -6.85
N GLN D 348 -16.76 141.50 -6.09
CA GLN D 348 -16.08 141.59 -4.82
C GLN D 348 -16.37 140.44 -3.87
N TYR D 349 -17.63 140.22 -3.55
CA TYR D 349 -17.98 139.15 -2.64
C TYR D 349 -18.15 137.77 -3.28
N SER D 350 -17.55 137.60 -4.45
CA SER D 350 -17.63 136.33 -5.16
C SER D 350 -16.33 135.57 -4.92
N ARG D 351 -16.50 134.32 -4.52
CA ARG D 351 -15.38 133.44 -4.22
C ARG D 351 -14.95 132.62 -5.45
N THR D 352 -15.87 132.37 -6.38
CA THR D 352 -15.59 131.62 -7.61
C THR D 352 -16.21 132.33 -8.81
N TRP D 353 -15.74 132.01 -10.01
CA TRP D 353 -16.29 132.66 -11.22
C TRP D 353 -17.77 132.42 -11.40
N TYR D 354 -18.26 131.27 -10.95
CA TYR D 354 -19.66 130.97 -11.12
C TYR D 354 -20.57 131.69 -10.13
N GLU D 355 -20.02 132.14 -9.01
CA GLU D 355 -20.84 132.89 -8.07
C GLU D 355 -21.03 134.30 -8.68
N SER D 356 -20.02 134.79 -9.37
CA SER D 356 -20.09 136.09 -10.00
C SER D 356 -21.15 136.02 -11.09
N PHE D 357 -21.06 134.95 -11.90
CA PHE D 357 -21.97 134.72 -13.01
C PHE D 357 -23.41 134.64 -12.56
N CYS D 358 -23.65 133.79 -11.57
CA CYS D 358 -25.00 133.61 -11.05
C CYS D 358 -25.59 134.95 -10.56
N GLY D 359 -24.79 135.73 -9.86
CA GLY D 359 -25.24 137.01 -9.34
C GLY D 359 -25.56 138.03 -10.41
N PHE D 360 -24.71 138.15 -11.43
CA PHE D 360 -24.96 139.09 -12.49
C PHE D 360 -26.38 138.88 -13.06
N LEU D 361 -26.69 137.61 -13.32
CA LEU D 361 -27.99 137.23 -13.88
C LEU D 361 -29.10 137.47 -12.88
N LEU D 362 -28.85 137.14 -11.62
CA LEU D 362 -29.84 137.31 -10.58
C LEU D 362 -30.14 138.76 -10.17
N TYR D 363 -29.12 139.61 -10.08
CA TYR D 363 -29.36 140.98 -9.64
C TYR D 363 -29.07 142.12 -10.61
N TYR D 364 -28.10 141.94 -11.50
CA TYR D 364 -27.80 143.00 -12.45
C TYR D 364 -28.78 142.99 -13.60
N ILE D 365 -28.48 142.24 -14.66
CA ILE D 365 -29.37 142.18 -15.81
C ILE D 365 -29.54 140.73 -16.27
N PRO D 366 -30.77 140.22 -16.21
CA PRO D 366 -31.05 138.84 -16.62
C PRO D 366 -31.24 138.73 -18.13
N SER D 367 -30.12 138.72 -18.85
CA SER D 367 -30.13 138.62 -20.31
C SER D 367 -28.92 137.86 -20.81
N LEU D 368 -29.13 136.70 -21.40
CA LEU D 368 -28.00 135.93 -21.90
C LEU D 368 -27.27 136.61 -23.05
N GLU D 369 -27.58 137.89 -23.27
CA GLU D 369 -26.90 138.64 -24.32
C GLU D 369 -25.59 139.14 -23.73
N LEU D 370 -25.50 139.12 -22.40
CA LEU D 370 -24.30 139.56 -21.70
C LEU D 370 -23.55 138.37 -21.12
N SER D 371 -24.07 137.16 -21.34
CA SER D 371 -23.44 135.95 -20.81
C SER D 371 -21.94 135.94 -21.05
N ALA D 372 -21.52 136.30 -22.26
CA ALA D 372 -20.09 136.32 -22.59
C ALA D 372 -19.35 137.37 -21.75
N GLU D 373 -19.93 138.57 -21.69
CA GLU D 373 -19.35 139.68 -20.92
C GLU D 373 -19.32 139.33 -19.42
N TYR D 374 -20.35 138.63 -18.95
CA TYR D 374 -20.44 138.21 -17.56
C TYR D 374 -19.33 137.21 -17.26
N LEU D 375 -19.19 136.22 -18.11
CA LEU D 375 -18.16 135.21 -17.92
C LEU D 375 -16.81 135.87 -17.79
N GLN D 376 -16.49 136.79 -18.70
CA GLN D 376 -15.20 137.45 -18.64
C GLN D 376 -14.95 138.19 -17.34
N MSE D 377 -15.90 139.01 -16.91
CA MSE D 377 -15.74 139.75 -15.65
C MSE D 377 -15.48 138.78 -14.51
O MSE D 377 -14.59 138.99 -13.66
CB MSE D 377 -16.98 140.57 -15.31
CG MSE D 377 -17.43 141.47 -16.40
SE MSE D 377 -18.53 142.82 -15.69
CE MSE D 377 -17.27 144.29 -15.84
N SER D 378 -16.28 137.72 -14.48
CA SER D 378 -16.21 136.67 -13.45
C SER D 378 -14.89 135.94 -13.42
N LEU D 379 -14.34 135.67 -14.60
CA LEU D 379 -13.08 134.95 -14.72
C LEU D 379 -11.88 135.80 -14.37
N GLU D 380 -11.98 137.13 -14.56
CA GLU D 380 -10.88 138.02 -14.21
C GLU D 380 -10.83 138.04 -12.69
N ALA D 381 -12.01 138.15 -12.08
CA ALA D 381 -12.11 138.18 -10.63
C ALA D 381 -11.56 136.91 -9.98
N ASN D 382 -11.94 135.75 -10.49
CA ASN D 382 -11.49 134.47 -9.96
C ASN D 382 -11.30 133.50 -11.12
N VAL D 383 -10.08 133.02 -11.32
CA VAL D 383 -9.81 132.11 -12.43
C VAL D 383 -10.49 130.77 -12.26
N VAL D 384 -10.37 129.95 -13.29
CA VAL D 384 -10.97 128.63 -13.30
C VAL D 384 -10.14 127.68 -12.45
N ASP D 385 -10.82 126.93 -11.58
CA ASP D 385 -10.16 125.97 -10.70
C ASP D 385 -9.95 124.66 -11.48
N ILE D 386 -8.72 124.31 -11.79
CA ILE D 386 -8.51 123.09 -12.56
C ILE D 386 -8.60 121.80 -11.73
N THR D 387 -8.84 121.95 -10.43
CA THR D 387 -8.99 120.81 -9.53
C THR D 387 -10.07 119.84 -10.02
N ASN D 388 -11.26 120.39 -10.24
CA ASN D 388 -12.42 119.63 -10.68
C ASN D 388 -12.70 119.72 -12.17
N ASP D 389 -12.80 118.56 -12.79
CA ASP D 389 -13.05 118.40 -14.21
C ASP D 389 -14.28 119.12 -14.75
N TRP D 390 -15.16 119.58 -13.88
CA TRP D 390 -16.38 120.24 -14.35
C TRP D 390 -16.34 121.74 -14.63
N GLU D 391 -15.63 122.50 -13.80
CA GLU D 391 -15.59 123.93 -14.00
C GLU D 391 -15.27 124.39 -15.41
N GLN D 392 -14.27 123.78 -16.05
CA GLN D 392 -13.93 124.21 -17.41
C GLN D 392 -15.03 123.90 -18.42
N PRO D 393 -15.51 122.64 -18.49
CA PRO D 393 -16.57 122.31 -19.44
C PRO D 393 -17.78 123.25 -19.33
N CYS D 394 -17.96 123.88 -18.17
CA CYS D 394 -19.04 124.82 -17.96
C CYS D 394 -18.70 126.19 -18.55
N VAL D 395 -17.44 126.58 -18.43
CA VAL D 395 -16.99 127.83 -19.01
C VAL D 395 -17.15 127.67 -20.53
N ASP D 396 -16.88 126.46 -21.01
CA ASP D 396 -16.98 126.14 -22.43
C ASP D 396 -18.43 126.18 -22.93
N ILE D 397 -19.34 125.73 -22.08
CA ILE D 397 -20.76 125.75 -22.43
C ILE D 397 -21.15 127.23 -22.53
N ILE D 398 -21.17 127.89 -21.38
CA ILE D 398 -21.50 129.31 -21.28
C ILE D 398 -20.87 130.18 -22.36
N SER D 399 -19.81 129.70 -22.99
CA SER D 399 -19.15 130.50 -24.00
C SER D 399 -19.36 130.01 -25.41
N GLY D 400 -20.15 128.98 -25.59
CA GLY D 400 -20.41 128.53 -26.95
C GLY D 400 -19.81 127.21 -27.36
N LYS D 401 -18.48 127.14 -27.42
CA LYS D 401 -17.84 125.88 -27.83
C LYS D 401 -18.26 124.71 -26.94
N ILE D 402 -19.25 123.97 -27.42
CA ILE D 402 -19.81 122.84 -26.69
C ILE D 402 -19.15 121.50 -26.96
N HIS D 403 -18.61 121.33 -28.16
CA HIS D 403 -17.95 120.08 -28.50
C HIS D 403 -16.84 119.72 -27.51
N SER D 404 -16.12 120.73 -27.02
CA SER D 404 -15.01 120.55 -26.08
C SER D 404 -15.43 120.12 -24.67
N ILE D 405 -16.70 119.78 -24.51
CA ILE D 405 -17.21 119.34 -23.24
C ILE D 405 -17.25 117.80 -23.28
N LEU D 406 -17.38 117.25 -24.49
CA LEU D 406 -17.49 115.79 -24.69
C LEU D 406 -16.30 114.96 -24.19
N PRO D 407 -15.10 115.23 -24.72
CA PRO D 407 -13.95 114.45 -24.27
C PRO D 407 -13.95 114.32 -22.74
N VAL D 408 -14.05 115.45 -22.04
CA VAL D 408 -14.05 115.46 -20.58
C VAL D 408 -15.08 114.48 -19.99
N MSE D 409 -16.29 114.51 -20.53
CA MSE D 409 -17.36 113.64 -20.05
C MSE D 409 -17.18 112.20 -20.46
O MSE D 409 -17.73 111.31 -19.83
CB MSE D 409 -18.70 114.14 -20.54
CG MSE D 409 -19.05 115.51 -20.07
SE MSE D 409 -20.88 115.80 -20.47
CE MSE D 409 -21.64 115.08 -18.87
N GLU D 410 -16.45 111.99 -21.55
CA GLU D 410 -16.19 110.64 -22.02
C GLU D 410 -15.23 110.02 -21.00
N SER D 411 -14.51 110.88 -20.29
CA SER D 411 -13.55 110.46 -19.29
C SER D 411 -14.22 110.12 -17.98
N LEU D 412 -15.22 110.91 -17.61
CA LEU D 412 -15.94 110.67 -16.36
C LEU D 412 -16.80 109.42 -16.50
N ASP D 413 -17.52 109.33 -17.63
CA ASP D 413 -18.38 108.19 -17.94
C ASP D 413 -18.66 108.14 -19.43
N SER D 414 -18.14 107.10 -20.08
CA SER D 414 -18.32 106.92 -21.52
C SER D 414 -19.80 106.96 -21.92
N CYS D 415 -20.64 106.32 -21.10
CA CYS D 415 -22.08 106.26 -21.34
C CYS D 415 -22.76 107.64 -21.39
N THR D 416 -22.74 108.35 -20.27
CA THR D 416 -23.36 109.67 -20.21
C THR D 416 -22.89 110.58 -21.34
N ALA D 417 -21.61 110.48 -21.65
CA ALA D 417 -21.01 111.28 -22.70
C ALA D 417 -21.65 111.01 -24.04
N ALA D 418 -21.87 109.74 -24.34
CA ALA D 418 -22.47 109.34 -25.60
C ALA D 418 -23.88 109.92 -25.76
N PHE D 419 -24.72 109.74 -24.74
CA PHE D 419 -26.08 110.27 -24.81
C PHE D 419 -26.10 111.78 -24.69
N THR D 420 -25.07 112.39 -24.12
CA THR D 420 -25.05 113.84 -24.01
C THR D 420 -24.80 114.42 -25.40
N ALA D 421 -23.98 113.72 -26.17
CA ALA D 421 -23.70 114.16 -27.52
C ALA D 421 -24.94 113.97 -28.36
N MSE D 422 -25.59 112.83 -28.16
CA MSE D 422 -26.82 112.50 -28.89
C MSE D 422 -27.89 113.58 -28.74
O MSE D 422 -28.46 114.07 -29.73
CB MSE D 422 -27.36 111.14 -28.40
CG MSE D 422 -28.65 110.66 -29.08
SE MSE D 422 -30.28 111.51 -28.50
CE MSE D 422 -30.40 110.82 -26.69
N ILE D 423 -28.15 113.98 -27.50
CA ILE D 423 -29.14 115.00 -27.25
C ILE D 423 -28.69 116.36 -27.77
N CYS D 424 -27.38 116.57 -27.87
CA CYS D 424 -26.85 117.83 -28.36
C CYS D 424 -26.99 117.88 -29.88
N GLU D 425 -26.91 116.71 -30.51
CA GLU D 425 -27.06 116.67 -31.95
C GLU D 425 -28.53 116.86 -32.25
N ALA D 426 -29.36 116.26 -31.42
CA ALA D 426 -30.81 116.39 -31.57
C ALA D 426 -31.16 117.87 -31.51
N LYS D 427 -30.69 118.56 -30.47
CA LYS D 427 -30.94 119.99 -30.28
C LYS D 427 -30.32 120.85 -31.37
N GLY D 428 -29.45 120.25 -32.17
CA GLY D 428 -28.80 120.96 -33.24
C GLY D 428 -27.67 121.86 -32.75
N LEU D 429 -27.02 121.47 -31.65
CA LEU D 429 -25.91 122.26 -31.09
C LEU D 429 -24.58 121.84 -31.71
N ILE D 430 -24.54 120.60 -32.18
CA ILE D 430 -23.36 120.03 -32.81
C ILE D 430 -23.86 119.25 -34.01
N GLU D 431 -23.07 119.21 -35.08
CA GLU D 431 -23.49 118.47 -36.27
C GLU D 431 -22.31 118.07 -37.15
N ASN D 432 -22.40 116.89 -37.76
CA ASN D 432 -21.34 116.43 -38.65
C ASN D 432 -21.09 117.48 -39.74
N ILE D 433 -19.83 117.62 -40.15
CA ILE D 433 -19.44 118.58 -41.19
C ILE D 433 -18.64 117.82 -42.25
N PHE D 434 -18.37 116.55 -41.98
CA PHE D 434 -17.60 115.71 -42.89
C PHE D 434 -18.19 115.62 -44.30
N GLU D 435 -17.36 115.35 -45.31
CA GLU D 435 -17.86 115.25 -46.68
C GLU D 435 -16.96 114.35 -47.55
N MSE D 450 -15.64 102.59 -53.44
CA MSE D 450 -15.41 101.32 -52.74
C MSE D 450 -16.49 101.06 -51.69
O MSE D 450 -17.62 101.50 -51.86
CB MSE D 450 -14.03 101.34 -52.07
CG MSE D 450 -12.91 101.50 -53.06
SE MSE D 450 -11.20 101.25 -52.26
CE MSE D 450 -11.34 99.34 -51.91
N LEU D 451 -16.13 100.33 -50.64
CA LEU D 451 -17.08 100.00 -49.58
C LEU D 451 -16.79 100.87 -48.37
N GLU D 452 -17.79 101.62 -47.93
CA GLU D 452 -17.61 102.55 -46.84
C GLU D 452 -18.41 102.33 -45.56
N ASP D 453 -17.76 101.70 -44.58
CA ASP D 453 -18.39 101.44 -43.28
C ASP D 453 -17.98 102.56 -42.34
N LEU D 454 -18.91 102.99 -41.48
CA LEU D 454 -18.58 104.08 -40.62
C LEU D 454 -18.80 103.88 -39.12
N PHE D 455 -17.72 104.19 -38.42
CA PHE D 455 -17.56 104.16 -36.97
C PHE D 455 -16.38 105.12 -36.93
N SER D 456 -16.54 106.24 -37.62
CA SER D 456 -15.48 107.22 -37.70
C SER D 456 -16.00 108.63 -37.66
N TYR D 457 -15.09 109.57 -37.88
CA TYR D 457 -15.41 110.99 -37.88
C TYR D 457 -16.32 111.28 -39.06
N ARG D 458 -16.51 110.27 -39.90
CA ARG D 458 -17.33 110.43 -41.09
C ARG D 458 -18.76 110.83 -40.79
N ASN D 459 -19.45 110.07 -39.96
CA ASN D 459 -20.81 110.44 -39.63
C ASN D 459 -20.65 111.42 -38.48
N GLY D 460 -21.76 111.88 -37.89
CA GLY D 460 -21.65 112.84 -36.81
C GLY D 460 -20.71 112.46 -35.70
N MSE D 461 -20.39 113.41 -34.83
CA MSE D 461 -19.53 113.13 -33.69
C MSE D 461 -20.35 112.26 -32.74
O MSE D 461 -19.85 111.32 -32.14
CB MSE D 461 -19.14 114.42 -32.98
CG MSE D 461 -18.75 114.23 -31.50
SE MSE D 461 -16.88 113.80 -31.19
CE MSE D 461 -16.24 115.67 -31.22
N ALA D 462 -21.63 112.62 -32.62
CA ALA D 462 -22.53 111.90 -31.74
C ALA D 462 -22.66 110.46 -32.20
N SER D 463 -22.72 110.27 -33.51
CA SER D 463 -22.83 108.93 -34.07
C SER D 463 -21.66 108.12 -33.52
N TYR D 464 -20.46 108.64 -33.75
CA TYR D 464 -19.24 108.02 -33.29
C TYR D 464 -19.38 107.49 -31.87
N MSE D 465 -19.48 108.41 -30.92
CA MSE D 465 -19.59 108.06 -29.51
C MSE D 465 -20.63 107.01 -29.16
O MSE D 465 -20.40 106.15 -28.29
CB MSE D 465 -19.82 109.33 -28.71
CG MSE D 465 -18.75 110.38 -29.02
SE MSE D 465 -18.71 111.85 -27.78
CE MSE D 465 -18.57 110.82 -26.17
N LEU D 466 -21.78 107.07 -29.81
CA LEU D 466 -22.83 106.11 -29.55
C LEU D 466 -22.41 104.72 -30.02
N ASN D 467 -21.87 104.63 -31.22
CA ASN D 467 -21.43 103.36 -31.76
C ASN D 467 -20.25 102.83 -30.93
N SER D 468 -19.42 103.74 -30.44
CA SER D 468 -18.29 103.39 -29.60
C SER D 468 -18.85 102.73 -28.36
N PHE D 469 -19.73 103.44 -27.68
CA PHE D 469 -20.33 102.89 -26.49
C PHE D 469 -21.03 101.57 -26.77
N ALA D 470 -21.57 101.44 -27.98
CA ALA D 470 -22.25 100.21 -28.38
C ALA D 470 -21.24 99.08 -28.34
N PHE D 471 -20.18 99.25 -29.13
CA PHE D 471 -19.08 98.28 -29.22
C PHE D 471 -18.54 97.92 -27.83
N GLU D 472 -18.34 98.94 -27.02
CA GLU D 472 -17.83 98.75 -25.67
C GLU D 472 -18.73 97.81 -24.90
N LEU D 473 -20.03 97.99 -25.07
CA LEU D 473 -20.99 97.16 -24.36
C LEU D 473 -20.88 95.68 -24.68
N CYS D 474 -20.48 95.36 -25.90
CA CYS D 474 -20.37 93.97 -26.32
C CYS D 474 -19.31 93.15 -25.56
N SER D 475 -18.28 93.82 -25.04
CA SER D 475 -17.24 93.12 -24.29
C SER D 475 -17.56 93.15 -22.80
N LEU D 476 -18.64 93.85 -22.43
CA LEU D 476 -19.04 93.95 -21.03
C LEU D 476 -19.59 92.66 -20.42
N GLY D 477 -19.95 91.71 -21.28
CA GLY D 477 -20.46 90.44 -20.80
C GLY D 477 -21.85 90.44 -20.19
N ASP D 478 -22.55 91.57 -20.27
CA ASP D 478 -23.92 91.69 -19.73
C ASP D 478 -24.90 91.45 -20.88
N LYS D 479 -25.56 90.29 -20.87
CA LYS D 479 -26.51 89.94 -21.95
C LYS D 479 -27.71 90.90 -21.96
N GLU D 480 -28.03 91.44 -20.81
CA GLU D 480 -29.15 92.36 -20.67
C GLU D 480 -28.91 93.64 -21.49
N LEU D 481 -27.66 94.02 -21.65
CA LEU D 481 -27.35 95.23 -22.40
C LEU D 481 -27.04 95.00 -23.86
N TRP D 482 -27.00 93.73 -24.28
CA TRP D 482 -26.72 93.42 -25.68
C TRP D 482 -27.79 93.98 -26.63
N PRO D 483 -29.05 94.07 -26.17
CA PRO D 483 -30.09 94.61 -27.05
C PRO D 483 -29.83 96.12 -27.20
N VAL D 484 -29.45 96.75 -26.08
CA VAL D 484 -29.14 98.18 -26.04
C VAL D 484 -27.98 98.43 -26.99
N ALA D 485 -27.11 97.45 -27.08
CA ALA D 485 -25.97 97.57 -27.94
C ALA D 485 -26.44 97.54 -29.38
N ILE D 486 -26.98 96.40 -29.78
CA ILE D 486 -27.45 96.25 -31.16
C ILE D 486 -28.39 97.38 -31.51
N GLY D 487 -29.18 97.79 -30.52
CA GLY D 487 -30.14 98.86 -30.71
C GLY D 487 -29.51 100.18 -31.14
N LEU D 488 -28.50 100.61 -30.41
CA LEU D 488 -27.81 101.84 -30.72
C LEU D 488 -27.28 101.81 -32.15
N ILE D 489 -26.74 100.67 -32.55
CA ILE D 489 -26.20 100.51 -33.90
C ILE D 489 -27.29 100.55 -34.94
N ALA D 490 -28.42 99.94 -34.60
CA ALA D 490 -29.57 99.88 -35.49
C ALA D 490 -30.12 101.30 -35.71
N LEU D 491 -30.56 101.93 -34.62
CA LEU D 491 -31.14 103.28 -34.67
C LEU D 491 -30.15 104.41 -34.94
N SER D 492 -28.89 104.08 -35.20
CA SER D 492 -27.89 105.10 -35.49
C SER D 492 -28.39 106.07 -36.56
N ALA D 493 -28.61 107.31 -36.13
CA ALA D 493 -29.11 108.39 -36.99
C ALA D 493 -28.55 108.38 -38.43
N THR D 494 -27.30 107.95 -38.59
CA THR D 494 -26.69 107.91 -39.92
C THR D 494 -26.05 106.56 -40.18
N GLY D 495 -25.40 106.43 -41.34
CA GLY D 495 -24.76 105.18 -41.70
C GLY D 495 -25.67 104.25 -42.49
N THR D 496 -25.18 103.78 -43.62
CA THR D 496 -25.92 102.89 -44.50
C THR D 496 -26.57 101.72 -43.75
N ARG D 497 -27.68 101.22 -44.29
CA ARG D 497 -28.34 100.07 -43.66
C ARG D 497 -27.44 98.86 -43.81
N SER D 498 -26.75 98.77 -44.94
CA SER D 498 -25.83 97.66 -45.20
C SER D 498 -24.59 97.80 -44.32
N ALA D 499 -24.27 99.03 -43.95
CA ALA D 499 -23.13 99.31 -43.09
C ALA D 499 -23.45 98.71 -41.73
N LYS D 500 -24.67 98.99 -41.26
CA LYS D 500 -25.16 98.51 -39.98
C LYS D 500 -25.32 97.01 -40.02
N LYS D 501 -25.55 96.46 -41.21
CA LYS D 501 -25.73 95.02 -41.36
C LYS D 501 -24.40 94.32 -41.05
N MSE D 502 -23.35 94.72 -41.77
CA MSE D 502 -22.03 94.15 -41.57
C MSE D 502 -21.61 94.19 -40.11
O MSE D 502 -21.16 93.20 -39.54
CB MSE D 502 -20.99 94.88 -42.42
CG MSE D 502 -20.80 94.27 -43.79
SE MSE D 502 -20.04 95.45 -45.09
CE MSE D 502 -18.19 95.04 -44.98
N VAL D 503 -21.77 95.36 -39.48
CA VAL D 503 -21.41 95.53 -38.09
C VAL D 503 -22.08 94.51 -37.19
N ILE D 504 -23.39 94.33 -37.38
CA ILE D 504 -24.15 93.38 -36.57
C ILE D 504 -23.77 91.95 -36.93
N ALA D 505 -23.44 91.74 -38.19
CA ALA D 505 -23.05 90.43 -38.66
C ALA D 505 -21.85 89.90 -37.85
N GLU D 506 -20.97 90.80 -37.43
CA GLU D 506 -19.80 90.39 -36.66
C GLU D 506 -20.02 90.44 -35.15
N LEU D 507 -20.71 91.46 -34.66
CA LEU D 507 -20.94 91.57 -33.23
C LEU D 507 -21.83 90.48 -32.65
N LEU D 508 -22.83 90.07 -33.41
CA LEU D 508 -23.78 89.08 -32.92
C LEU D 508 -23.25 87.71 -32.51
N PRO D 509 -22.39 87.09 -33.33
CA PRO D 509 -21.88 85.77 -32.92
C PRO D 509 -21.39 85.75 -31.47
N HIS D 510 -21.04 86.92 -30.96
CA HIS D 510 -20.51 87.08 -29.62
C HIS D 510 -21.53 87.26 -28.50
N TYR D 511 -22.82 87.29 -28.85
CA TYR D 511 -23.86 87.45 -27.83
C TYR D 511 -23.70 86.31 -26.82
N PRO D 512 -23.72 86.65 -25.52
CA PRO D 512 -23.60 85.67 -24.43
C PRO D 512 -24.91 84.95 -24.13
N PHE D 513 -25.45 84.22 -25.10
CA PHE D 513 -26.73 83.53 -24.91
C PHE D 513 -26.70 82.43 -23.85
N VAL D 514 -27.75 82.40 -23.02
CA VAL D 514 -27.89 81.43 -21.95
C VAL D 514 -29.16 80.59 -22.10
N THR D 515 -30.30 81.28 -22.14
CA THR D 515 -31.63 80.68 -22.28
C THR D 515 -32.02 80.47 -23.74
N ASN D 516 -33.19 79.89 -23.94
CA ASN D 516 -33.69 79.66 -25.26
C ASN D 516 -34.21 81.00 -25.76
N ASP D 517 -34.93 81.71 -24.89
CA ASP D 517 -35.47 83.02 -25.21
C ASP D 517 -34.37 83.85 -25.85
N ASP D 518 -33.19 83.73 -25.26
CA ASP D 518 -32.03 84.46 -25.74
C ASP D 518 -31.70 84.06 -27.17
N ILE D 519 -31.63 82.76 -27.43
CA ILE D 519 -31.31 82.26 -28.77
C ILE D 519 -32.32 82.72 -29.80
N GLU D 520 -33.57 82.94 -29.36
CA GLU D 520 -34.63 83.39 -30.26
C GLU D 520 -34.40 84.86 -30.60
N TRP D 521 -34.16 85.67 -29.58
CA TRP D 521 -33.90 87.07 -29.78
C TRP D 521 -32.72 87.16 -30.73
N MSE D 522 -31.75 86.29 -30.48
CA MSE D 522 -30.54 86.23 -31.27
C MSE D 522 -30.87 86.00 -32.73
O MSE D 522 -30.54 86.81 -33.60
CB MSE D 522 -29.63 85.11 -30.75
CG MSE D 522 -28.14 85.45 -30.79
SE MSE D 522 -26.99 83.91 -30.49
CE MSE D 522 -25.83 84.22 -31.97
N LEU D 523 -31.55 84.88 -32.99
CA LEU D 523 -31.93 84.52 -34.35
C LEU D 523 -32.86 85.54 -34.98
N SER D 524 -33.78 86.10 -34.18
CA SER D 524 -34.73 87.09 -34.66
C SER D 524 -34.02 88.28 -35.31
N ILE D 525 -32.78 88.55 -34.87
CA ILE D 525 -32.01 89.65 -35.41
C ILE D 525 -31.37 89.25 -36.73
N CYS D 526 -31.10 87.96 -36.90
CA CYS D 526 -30.52 87.46 -38.14
C CYS D 526 -31.59 87.60 -39.20
N VAL D 527 -32.85 87.45 -38.76
CA VAL D 527 -34.00 87.59 -39.64
C VAL D 527 -34.16 89.07 -40.00
N GLU D 528 -34.44 89.87 -38.98
CA GLU D 528 -34.62 91.31 -39.15
C GLU D 528 -33.55 91.99 -39.99
N TRP D 529 -32.37 91.38 -40.09
CA TRP D 529 -31.29 91.99 -40.86
C TRP D 529 -30.83 91.19 -42.05
N ARG D 530 -31.41 90.00 -42.21
CA ARG D 530 -31.07 89.11 -43.31
C ARG D 530 -29.64 88.56 -43.18
N LEU D 531 -29.45 87.80 -42.10
CA LEU D 531 -28.16 87.21 -41.77
C LEU D 531 -28.28 85.69 -41.71
N PRO D 532 -28.56 85.04 -42.85
CA PRO D 532 -28.70 83.58 -42.94
C PRO D 532 -27.44 82.81 -42.51
N GLU D 533 -26.32 83.09 -43.16
CA GLU D 533 -25.09 82.41 -42.81
C GLU D 533 -24.74 82.64 -41.35
N ILE D 534 -24.89 83.88 -40.90
CA ILE D 534 -24.60 84.22 -39.52
C ILE D 534 -25.46 83.41 -38.58
N ALA D 535 -26.58 82.93 -39.09
CA ALA D 535 -27.47 82.16 -38.26
C ALA D 535 -27.17 80.69 -38.36
N LYS D 536 -26.91 80.19 -39.55
CA LYS D 536 -26.62 78.76 -39.67
C LYS D 536 -25.42 78.45 -38.77
N GLU D 537 -24.50 79.41 -38.68
CA GLU D 537 -23.35 79.25 -37.82
C GLU D 537 -23.88 79.14 -36.41
N ILE D 538 -24.72 80.09 -36.01
CA ILE D 538 -25.31 80.04 -34.67
C ILE D 538 -25.86 78.65 -34.39
N TYR D 539 -26.49 78.02 -35.39
CA TYR D 539 -27.06 76.68 -35.21
C TYR D 539 -25.97 75.64 -35.14
N THR D 540 -25.21 75.53 -36.21
CA THR D 540 -24.10 74.57 -36.25
C THR D 540 -23.45 74.59 -34.87
N THR D 541 -23.20 75.78 -34.35
CA THR D 541 -22.59 75.96 -33.03
C THR D 541 -23.36 75.18 -31.99
N LEU D 542 -24.56 75.63 -31.68
CA LEU D 542 -25.39 74.98 -30.67
C LEU D 542 -25.55 73.50 -30.95
N GLY D 543 -25.32 73.11 -32.21
CA GLY D 543 -25.43 71.73 -32.61
C GLY D 543 -24.29 70.90 -32.03
N ASN D 544 -23.08 71.16 -32.51
CA ASN D 544 -21.91 70.44 -32.01
C ASN D 544 -21.96 70.45 -30.49
N GLN D 545 -22.03 71.66 -29.93
CA GLN D 545 -22.08 71.83 -28.49
C GLN D 545 -23.11 70.98 -27.78
N MSE D 546 -24.29 70.82 -28.38
CA MSE D 546 -25.34 70.02 -27.77
C MSE D 546 -25.06 68.50 -27.88
O MSE D 546 -25.25 67.75 -26.92
CB MSE D 546 -26.69 70.37 -28.41
CG MSE D 546 -27.90 69.49 -28.03
SE MSE D 546 -28.50 68.29 -29.48
CE MSE D 546 -28.06 66.57 -28.69
N LEU D 547 -24.59 68.06 -29.06
CA LEU D 547 -24.28 66.65 -29.31
C LEU D 547 -23.08 66.20 -28.47
N SER D 548 -22.23 67.17 -28.15
CA SER D 548 -21.05 66.92 -27.34
C SER D 548 -21.53 66.47 -25.97
N ALA D 549 -22.82 66.67 -25.68
CA ALA D 549 -23.38 66.26 -24.40
C ALA D 549 -23.85 64.80 -24.46
N HIS D 550 -23.45 64.09 -25.50
CA HIS D 550 -23.80 62.66 -25.67
C HIS D 550 -22.56 61.85 -26.07
N MSE E 3 6.23 42.88 0.09
CA MSE E 3 5.37 42.38 -1.03
C MSE E 3 3.90 42.72 -0.79
O MSE E 3 3.03 41.84 -0.71
CB MSE E 3 5.55 40.87 -1.24
CG MSE E 3 7.03 40.45 -1.46
SE MSE E 3 8.02 41.09 -3.05
CE MSE E 3 8.31 42.96 -2.53
N GLN E 4 3.67 44.02 -0.64
CA GLN E 4 2.35 44.58 -0.45
C GLN E 4 2.11 45.20 -1.82
N PRO E 5 0.94 44.95 -2.41
CA PRO E 5 0.61 45.50 -3.72
C PRO E 5 0.67 47.02 -3.70
N PHE E 6 0.99 47.61 -4.84
CA PHE E 6 1.03 49.06 -4.93
C PHE E 6 0.11 49.50 -6.03
N ASP E 7 -0.29 50.75 -5.98
CA ASP E 7 -1.21 51.26 -6.97
C ASP E 7 -0.51 51.77 -8.20
N SER E 8 -0.89 51.25 -9.37
CA SER E 8 -0.24 51.68 -10.60
C SER E 8 -0.52 53.15 -10.87
N GLY E 9 -1.73 53.59 -10.52
CA GLY E 9 -2.06 54.98 -10.76
C GLY E 9 -2.74 55.17 -12.10
N HIS E 10 -3.08 54.07 -12.74
CA HIS E 10 -3.75 54.11 -14.03
C HIS E 10 -5.27 54.23 -13.82
N ASP E 11 -5.95 54.93 -14.74
CA ASP E 11 -7.38 55.14 -14.67
C ASP E 11 -8.11 54.02 -15.37
N ASP E 12 -7.62 53.62 -16.54
CA ASP E 12 -8.27 52.55 -17.27
C ASP E 12 -7.55 51.25 -16.96
N LEU E 13 -7.58 50.27 -17.87
CA LEU E 13 -6.93 48.99 -17.58
C LEU E 13 -5.51 48.77 -18.08
N VAL E 14 -4.69 48.23 -17.18
CA VAL E 14 -3.29 47.93 -17.42
C VAL E 14 -3.12 46.71 -18.29
N HIS E 15 -2.40 46.88 -19.41
CA HIS E 15 -2.18 45.80 -20.37
C HIS E 15 -0.90 45.03 -20.16
N ASP E 16 0.21 45.76 -20.09
CA ASP E 16 1.50 45.13 -19.92
C ASP E 16 2.34 45.80 -18.84
N VAL E 17 3.26 45.02 -18.30
CA VAL E 17 4.16 45.47 -17.26
C VAL E 17 5.42 44.75 -17.66
N VAL E 18 6.49 45.51 -17.82
CA VAL E 18 7.78 44.97 -18.23
C VAL E 18 8.97 45.45 -17.39
N TYR E 19 9.90 44.54 -17.17
CA TYR E 19 11.10 44.80 -16.38
C TYR E 19 12.29 45.30 -17.20
N ASP E 20 13.11 46.17 -16.62
CA ASP E 20 14.28 46.66 -17.34
C ASP E 20 15.30 45.52 -17.31
N PHE E 21 16.56 45.79 -17.62
CA PHE E 21 17.54 44.72 -17.64
C PHE E 21 17.84 44.10 -16.28
N TYR E 22 18.02 44.95 -15.27
CA TYR E 22 18.36 44.48 -13.92
C TYR E 22 17.19 44.16 -12.98
N GLY E 23 15.96 44.31 -13.46
CA GLY E 23 14.81 44.01 -12.62
C GLY E 23 14.56 45.01 -11.53
N ARG E 24 15.19 46.17 -11.63
CA ARG E 24 15.06 47.25 -10.66
C ARG E 24 14.07 48.30 -11.12
N HIS E 25 13.62 48.17 -12.36
CA HIS E 25 12.65 49.10 -12.94
C HIS E 25 11.52 48.39 -13.68
N VAL E 26 10.41 49.07 -13.81
CA VAL E 26 9.28 48.49 -14.49
C VAL E 26 8.56 49.54 -15.34
N ALA E 27 8.16 49.12 -16.54
CA ALA E 27 7.43 49.98 -17.46
C ALA E 27 5.99 49.46 -17.52
N THR E 28 5.04 50.37 -17.46
CA THR E 28 3.63 50.01 -17.45
C THR E 28 2.82 50.81 -18.46
N CYS E 29 1.89 50.13 -19.14
CA CYS E 29 1.04 50.80 -20.11
C CYS E 29 -0.42 50.39 -19.95
N SER E 30 -1.32 51.35 -20.04
CA SER E 30 -2.75 51.10 -19.89
C SER E 30 -3.56 51.68 -21.05
N SER E 31 -4.86 51.44 -21.03
CA SER E 31 -5.75 51.95 -22.06
C SER E 31 -6.00 53.43 -21.76
N ASP E 32 -5.53 53.87 -20.59
CA ASP E 32 -5.68 55.27 -20.20
C ASP E 32 -4.69 56.10 -21.00
N GLN E 33 -4.13 55.48 -22.02
CA GLN E 33 -3.17 56.07 -22.93
C GLN E 33 -1.95 56.68 -22.24
N HIS E 34 -1.54 56.05 -21.13
CA HIS E 34 -0.38 56.54 -20.37
C HIS E 34 0.69 55.46 -20.20
N ILE E 35 1.94 55.90 -20.08
CA ILE E 35 3.03 54.96 -19.83
C ILE E 35 3.59 55.42 -18.50
N LYS E 36 3.86 54.46 -17.63
CA LYS E 36 4.43 54.77 -16.34
C LYS E 36 5.70 53.95 -16.14
N VAL E 37 6.63 54.50 -15.37
CA VAL E 37 7.87 53.82 -15.09
C VAL E 37 8.11 53.92 -13.61
N PHE E 38 8.29 52.77 -12.98
CA PHE E 38 8.54 52.70 -11.54
C PHE E 38 9.94 52.25 -11.25
N LYS E 39 10.45 52.66 -10.09
CA LYS E 39 11.79 52.31 -9.65
C LYS E 39 11.70 51.66 -8.26
N LEU E 40 12.55 50.67 -8.04
CA LEU E 40 12.57 49.97 -6.77
C LEU E 40 13.61 50.63 -5.88
N ASP E 41 13.17 51.59 -5.08
CA ASP E 41 14.05 52.31 -4.16
C ASP E 41 14.84 51.28 -3.35
N LYS E 42 16.17 51.42 -3.35
CA LYS E 42 17.01 50.46 -2.65
C LYS E 42 16.82 50.31 -1.14
N ASP E 43 16.74 51.43 -0.45
CA ASP E 43 16.59 51.41 1.00
C ASP E 43 15.20 51.06 1.53
N THR E 44 14.15 51.55 0.86
CA THR E 44 12.78 51.32 1.29
C THR E 44 12.21 49.99 0.79
N SER E 45 12.68 49.56 -0.39
CA SER E 45 12.18 48.33 -1.00
C SER E 45 10.69 48.47 -1.25
N ASN E 46 10.35 49.61 -1.86
CA ASN E 46 8.98 49.96 -2.25
C ASN E 46 9.07 50.50 -3.66
N TRP E 47 8.12 50.13 -4.50
CA TRP E 47 8.15 50.63 -5.86
C TRP E 47 7.57 52.03 -5.82
N GLU E 48 8.26 52.98 -6.43
CA GLU E 48 7.78 54.35 -6.47
C GLU E 48 7.77 54.81 -7.90
N LEU E 49 6.90 55.76 -8.21
CA LEU E 49 6.80 56.26 -9.57
C LEU E 49 7.96 57.14 -10.00
N SER E 50 8.57 56.77 -11.13
CA SER E 50 9.67 57.53 -11.69
C SER E 50 9.11 58.61 -12.63
N ASP E 51 8.13 58.23 -13.43
CA ASP E 51 7.46 59.19 -14.33
C ASP E 51 6.24 58.58 -15.00
N SER E 52 5.37 59.44 -15.50
CA SER E 52 4.14 59.03 -16.17
C SER E 52 3.84 60.10 -17.19
N TRP E 53 3.34 59.70 -18.36
CA TRP E 53 3.00 60.68 -19.39
C TRP E 53 2.04 60.12 -20.42
N ARG E 54 1.31 61.01 -21.10
CA ARG E 54 0.36 60.59 -22.13
C ARG E 54 1.19 60.27 -23.37
N ALA E 55 1.22 58.99 -23.75
CA ALA E 55 2.02 58.54 -24.87
C ALA E 55 1.29 58.22 -26.16
N HIS E 56 0.05 57.79 -26.06
CA HIS E 56 -0.68 57.46 -27.27
C HIS E 56 -2.06 58.08 -27.23
N ASP E 57 -2.80 57.93 -28.33
CA ASP E 57 -4.14 58.51 -28.41
C ASP E 57 -5.17 57.40 -28.32
N SER E 58 -4.73 56.23 -27.91
CA SER E 58 -5.58 55.07 -27.76
C SER E 58 -4.88 54.10 -26.82
N SER E 59 -5.51 52.95 -26.58
CA SER E 59 -4.94 51.93 -25.69
C SER E 59 -3.51 51.54 -26.03
N ILE E 60 -2.63 51.64 -25.04
CA ILE E 60 -1.23 51.25 -25.21
C ILE E 60 -1.16 49.83 -24.70
N VAL E 61 -1.30 48.88 -25.61
CA VAL E 61 -1.31 47.45 -25.30
C VAL E 61 0.00 46.77 -24.92
N ALA E 62 1.08 47.00 -25.68
CA ALA E 62 2.38 46.37 -25.40
C ALA E 62 3.51 47.35 -25.13
N ILE E 63 4.53 46.89 -24.41
CA ILE E 63 5.66 47.75 -24.09
C ILE E 63 6.92 46.89 -23.94
N ASP E 64 8.10 47.51 -24.01
CA ASP E 64 9.36 46.76 -23.87
C ASP E 64 10.62 47.63 -23.79
N TRP E 65 11.60 47.23 -22.97
CA TRP E 65 12.87 47.96 -22.81
C TRP E 65 13.98 47.45 -23.73
N ALA E 66 14.88 48.34 -24.11
CA ALA E 66 16.00 47.97 -24.97
C ALA E 66 17.18 47.65 -24.06
N SER E 67 18.19 46.97 -24.59
CA SER E 67 19.36 46.62 -23.79
C SER E 67 20.09 47.85 -23.24
N PRO E 68 20.48 47.81 -21.95
CA PRO E 68 21.17 48.93 -21.29
C PRO E 68 22.28 49.45 -22.18
N GLU E 69 22.82 48.51 -22.95
CA GLU E 69 23.91 48.70 -23.89
C GLU E 69 23.67 49.86 -24.86
N TYR E 70 22.43 50.12 -25.24
CA TYR E 70 22.11 51.21 -26.17
C TYR E 70 21.58 52.45 -25.45
N GLY E 71 21.25 52.27 -24.17
CA GLY E 71 20.73 53.37 -23.37
C GLY E 71 19.37 53.04 -22.77
N ARG E 72 18.72 54.04 -22.15
CA ARG E 72 17.41 53.85 -21.55
C ARG E 72 16.37 54.09 -22.63
N ILE E 73 15.96 53.00 -23.28
CA ILE E 73 14.99 53.08 -24.37
C ILE E 73 13.81 52.15 -24.15
N ILE E 74 12.61 52.70 -24.33
CA ILE E 74 11.40 51.93 -24.19
C ILE E 74 10.59 52.08 -25.46
N ALA E 75 9.88 51.03 -25.83
CA ALA E 75 9.06 51.03 -27.03
C ALA E 75 7.63 50.71 -26.61
N SER E 76 6.67 51.36 -27.25
CA SER E 76 5.27 51.14 -26.95
C SER E 76 4.44 50.94 -28.21
N ALA E 77 3.53 49.97 -28.17
CA ALA E 77 2.63 49.67 -29.27
C ALA E 77 1.24 50.08 -28.82
N SER E 78 0.46 50.68 -29.72
CA SER E 78 -0.88 51.14 -29.38
C SER E 78 -1.91 50.82 -30.43
N TYR E 79 -3.18 50.91 -30.04
CA TYR E 79 -4.29 50.64 -30.93
C TYR E 79 -4.47 51.78 -31.92
N ASP E 80 -3.79 52.90 -31.66
CA ASP E 80 -3.85 54.03 -32.58
C ASP E 80 -2.91 53.75 -33.74
N LYS E 81 -2.73 52.45 -34.05
CA LYS E 81 -1.91 51.96 -35.15
C LYS E 81 -0.47 52.48 -35.18
N THR E 82 0.08 52.79 -34.02
CA THR E 82 1.41 53.35 -33.98
C THR E 82 2.34 52.72 -32.92
N VAL E 83 3.65 52.78 -33.18
CA VAL E 83 4.67 52.30 -32.24
C VAL E 83 5.54 53.51 -31.98
N LYS E 84 5.77 53.85 -30.71
CA LYS E 84 6.59 55.00 -30.37
C LYS E 84 7.83 54.55 -29.57
N LEU E 85 8.92 55.29 -29.70
CA LEU E 85 10.17 54.97 -29.01
C LEU E 85 10.56 56.11 -28.08
N TRP E 86 10.86 55.79 -26.83
CA TRP E 86 11.20 56.80 -25.86
C TRP E 86 12.56 56.59 -25.22
N GLU E 87 13.22 57.68 -24.81
CA GLU E 87 14.52 57.60 -24.17
C GLU E 87 14.59 58.53 -22.97
N GLU E 88 14.97 57.96 -21.83
CA GLU E 88 15.05 58.73 -20.59
C GLU E 88 16.03 59.88 -20.69
N ASP E 89 15.53 61.10 -20.53
CA ASP E 89 16.35 62.30 -20.54
C ASP E 89 16.50 62.66 -19.08
N PRO E 90 17.67 62.37 -18.49
CA PRO E 90 17.98 62.64 -17.08
C PRO E 90 18.13 64.12 -16.72
N ASP E 91 17.96 64.99 -17.69
CA ASP E 91 18.05 66.42 -17.44
C ASP E 91 16.68 66.92 -17.07
N GLN E 92 15.77 65.99 -16.77
CA GLN E 92 14.40 66.32 -16.40
C GLN E 92 14.01 65.65 -15.10
N GLU E 93 13.37 66.41 -14.22
CA GLU E 93 12.92 65.89 -12.93
C GLU E 93 12.11 64.60 -13.11
N GLU E 94 12.04 63.78 -12.08
CA GLU E 94 11.23 62.56 -12.19
C GLU E 94 9.81 63.02 -11.94
N CYS E 95 8.83 62.30 -12.45
CA CYS E 95 7.43 62.68 -12.28
C CYS E 95 7.19 64.09 -12.79
N SER E 96 7.81 64.43 -13.90
CA SER E 96 7.67 65.75 -14.49
C SER E 96 6.94 65.61 -15.81
N GLY E 97 6.58 64.38 -16.13
CA GLY E 97 5.88 64.12 -17.36
C GLY E 97 6.79 64.22 -18.56
N ARG E 98 7.99 64.80 -18.40
CA ARG E 98 8.89 64.88 -19.54
C ARG E 98 10.26 64.24 -19.32
N ARG E 99 10.27 63.25 -18.43
CA ARG E 99 11.51 62.55 -18.14
C ARG E 99 11.82 61.54 -19.24
N TRP E 100 10.91 61.37 -20.16
CA TRP E 100 11.14 60.45 -21.26
C TRP E 100 10.79 61.16 -22.56
N ASN E 101 11.69 61.10 -23.53
CA ASN E 101 11.48 61.77 -24.80
C ASN E 101 11.14 60.88 -25.95
N LYS E 102 10.21 61.32 -26.79
CA LYS E 102 9.83 60.52 -27.94
C LYS E 102 10.97 60.63 -28.96
N LEU E 103 11.53 59.48 -29.33
CA LEU E 103 12.61 59.45 -30.30
C LEU E 103 11.98 59.49 -31.68
N CYS E 104 10.83 58.82 -31.82
CA CYS E 104 10.12 58.82 -33.09
C CYS E 104 8.83 58.04 -33.01
N THR E 105 8.06 58.09 -34.10
CA THR E 105 6.80 57.41 -34.18
C THR E 105 6.74 56.63 -35.49
N LEU E 106 6.74 55.31 -35.40
CA LEU E 106 6.66 54.45 -36.58
C LEU E 106 5.16 54.21 -36.83
N ASN E 107 4.66 54.67 -37.99
CA ASN E 107 3.24 54.50 -38.29
C ASN E 107 2.94 53.84 -39.62
N ASP E 108 3.72 52.84 -39.98
CA ASP E 108 3.52 52.12 -41.24
C ASP E 108 2.32 51.20 -41.10
N SER E 109 2.04 50.77 -39.88
CA SER E 109 0.92 49.88 -39.65
C SER E 109 -0.39 50.55 -40.00
N LYS E 110 -1.29 49.76 -40.55
CA LYS E 110 -2.61 50.22 -40.94
C LYS E 110 -3.67 49.57 -40.05
N GLY E 111 -3.20 48.88 -39.01
CA GLY E 111 -4.10 48.22 -38.08
C GLY E 111 -3.56 48.36 -36.66
N SER E 112 -4.44 48.27 -35.67
CA SER E 112 -4.01 48.40 -34.28
C SER E 112 -2.82 47.49 -34.00
N LEU E 113 -1.90 47.93 -33.16
CA LEU E 113 -0.73 47.14 -32.82
C LEU E 113 -0.90 46.39 -31.50
N TYR E 114 -0.66 45.08 -31.55
CA TYR E 114 -0.80 44.22 -30.38
C TYR E 114 0.48 43.89 -29.62
N SER E 115 1.61 43.83 -30.33
CA SER E 115 2.87 43.49 -29.69
C SER E 115 4.08 44.26 -30.21
N VAL E 116 5.09 44.39 -29.36
CA VAL E 116 6.35 45.08 -29.69
C VAL E 116 7.46 44.53 -28.82
N LYS E 117 8.47 43.92 -29.44
CA LYS E 117 9.59 43.36 -28.71
C LYS E 117 10.92 43.78 -29.35
N PHE E 118 11.89 44.14 -28.51
CA PHE E 118 13.21 44.52 -29.02
C PHE E 118 13.96 43.22 -29.31
N ALA E 119 14.81 43.25 -30.33
CA ALA E 119 15.57 42.06 -30.67
C ALA E 119 16.79 41.98 -29.75
N PRO E 120 17.34 40.75 -29.57
CA PRO E 120 18.50 40.59 -28.70
C PRO E 120 19.56 41.61 -29.08
N ALA E 121 20.08 42.32 -28.07
CA ALA E 121 21.08 43.35 -28.30
C ALA E 121 22.19 42.96 -29.28
N HIS E 122 22.55 41.68 -29.32
CA HIS E 122 23.62 41.26 -30.20
C HIS E 122 23.27 41.40 -31.68
N LEU E 123 22.07 41.83 -32.01
CA LEU E 123 21.69 42.02 -33.41
C LEU E 123 21.55 43.52 -33.71
N GLY E 124 22.04 44.35 -32.79
CA GLY E 124 21.96 45.78 -32.96
C GLY E 124 20.65 46.30 -32.37
N LEU E 125 20.41 47.61 -32.52
CA LEU E 125 19.16 48.21 -32.02
C LEU E 125 18.09 47.88 -33.03
N LYS E 126 17.40 46.77 -32.82
CA LYS E 126 16.37 46.30 -33.73
C LYS E 126 15.09 45.98 -32.92
N LEU E 127 13.93 46.06 -33.56
CA LEU E 127 12.67 45.75 -32.90
C LEU E 127 11.68 45.19 -33.89
N ALA E 128 10.61 44.60 -33.39
CA ALA E 128 9.57 44.01 -34.24
C ALA E 128 8.19 44.27 -33.61
N CYS E 129 7.18 44.44 -34.46
CA CYS E 129 5.81 44.68 -33.99
C CYS E 129 4.83 43.94 -34.89
N LEU E 130 3.64 43.66 -34.34
CA LEU E 130 2.61 42.92 -35.07
C LEU E 130 1.24 43.48 -34.72
N GLY E 131 0.35 43.57 -35.72
CA GLY E 131 -0.97 44.11 -35.44
C GLY E 131 -2.17 43.44 -36.10
N ASN E 132 -3.18 44.25 -36.44
CA ASN E 132 -4.40 43.79 -37.10
C ASN E 132 -4.14 43.40 -38.52
N ASP E 133 -3.38 44.24 -39.22
CA ASP E 133 -3.04 44.00 -40.61
C ASP E 133 -2.22 42.73 -40.83
N GLY E 134 -2.14 41.88 -39.81
CA GLY E 134 -1.41 40.62 -39.91
C GLY E 134 -0.03 40.72 -40.53
N ILE E 135 0.55 41.91 -40.48
CA ILE E 135 1.86 42.13 -41.06
C ILE E 135 2.92 42.27 -39.97
N LEU E 136 3.96 41.45 -40.07
CA LEU E 136 5.06 41.52 -39.11
C LEU E 136 5.92 42.65 -39.66
N ARG E 137 6.60 43.38 -38.79
CA ARG E 137 7.44 44.48 -39.24
C ARG E 137 8.67 44.61 -38.36
N LEU E 138 9.84 44.65 -38.97
CA LEU E 138 11.07 44.80 -38.22
C LEU E 138 11.58 46.21 -38.51
N TYR E 139 12.10 46.88 -37.49
CA TYR E 139 12.62 48.22 -37.63
C TYR E 139 14.03 48.28 -37.04
N ASP E 140 14.95 48.94 -37.75
CA ASP E 140 16.33 49.03 -37.29
C ASP E 140 16.85 50.44 -37.12
N ALA E 141 17.56 50.65 -36.02
CA ALA E 141 18.18 51.92 -35.73
C ALA E 141 19.53 51.69 -36.35
N LEU E 142 19.55 51.64 -37.68
CA LEU E 142 20.75 51.38 -38.46
C LEU E 142 21.95 52.22 -38.05
N GLU E 143 21.66 53.39 -37.53
CA GLU E 143 22.69 54.34 -37.13
C GLU E 143 22.56 54.67 -35.65
N PRO E 144 22.98 53.75 -34.75
CA PRO E 144 22.85 54.06 -33.31
C PRO E 144 23.36 55.45 -32.90
N SER E 145 24.10 56.11 -33.79
CA SER E 145 24.61 57.45 -33.54
C SER E 145 23.42 58.39 -33.34
N ASP E 146 22.37 58.17 -34.11
CA ASP E 146 21.13 58.95 -34.03
C ASP E 146 19.94 57.99 -33.87
N LEU E 147 19.42 57.92 -32.64
CA LEU E 147 18.32 57.03 -32.30
C LEU E 147 16.94 57.44 -32.81
N ARG E 148 16.88 58.46 -33.66
CA ARG E 148 15.60 58.92 -34.19
C ARG E 148 15.26 58.25 -35.53
N SER E 149 16.30 57.93 -36.28
CA SER E 149 16.11 57.30 -37.58
C SER E 149 16.06 55.78 -37.48
N TRP E 150 14.86 55.26 -37.74
CA TRP E 150 14.61 53.84 -37.72
C TRP E 150 14.15 53.43 -39.11
N THR E 151 14.75 52.40 -39.66
CA THR E 151 14.40 51.95 -41.00
C THR E 151 13.51 50.73 -40.98
N LEU E 152 12.60 50.63 -41.94
CA LEU E 152 11.75 49.45 -41.98
C LEU E 152 12.56 48.37 -42.66
N THR E 153 13.10 47.49 -41.84
CA THR E 153 13.95 46.39 -42.28
C THR E 153 13.22 45.18 -42.89
N SER E 154 11.95 44.98 -42.56
CA SER E 154 11.26 43.83 -43.10
C SER E 154 9.75 43.86 -42.93
N GLU E 155 9.04 43.18 -43.82
CA GLU E 155 7.59 43.08 -43.78
C GLU E 155 7.26 41.67 -44.18
N MSE E 156 6.30 41.05 -43.50
CA MSE E 156 5.89 39.68 -43.79
C MSE E 156 4.43 39.50 -43.43
O MSE E 156 3.99 39.94 -42.38
CB MSE E 156 6.75 38.69 -42.98
CG MSE E 156 8.25 38.88 -43.12
SE MSE E 156 9.13 37.97 -44.60
CE MSE E 156 7.81 38.27 -46.01
N LYS E 157 3.66 38.86 -44.31
CA LYS E 157 2.26 38.63 -44.02
C LYS E 157 2.13 37.35 -43.22
N VAL E 158 2.00 37.50 -41.90
CA VAL E 158 1.88 36.36 -41.00
C VAL E 158 0.57 35.64 -41.25
N LEU E 159 -0.51 36.41 -41.35
CA LEU E 159 -1.82 35.84 -41.65
C LEU E 159 -2.16 36.30 -43.04
N SER E 160 -3.42 36.14 -43.43
CA SER E 160 -3.83 36.57 -44.77
C SER E 160 -4.89 37.66 -44.74
N ILE E 161 -5.74 37.63 -43.71
CA ILE E 161 -6.81 38.59 -43.57
C ILE E 161 -7.42 38.53 -42.16
N PRO E 162 -8.01 39.63 -41.69
CA PRO E 162 -8.63 39.66 -40.36
C PRO E 162 -9.80 38.67 -40.24
N GLN E 168 -12.96 38.43 -32.59
CA GLN E 168 -11.92 37.98 -31.66
C GLN E 168 -10.60 37.71 -32.38
N SER E 169 -9.50 38.27 -31.86
CA SER E 169 -8.17 38.09 -32.44
C SER E 169 -7.08 38.57 -31.49
N ASP E 170 -5.95 37.85 -31.45
CA ASP E 170 -4.82 38.21 -30.59
C ASP E 170 -3.50 37.97 -31.34
N PHE E 171 -2.45 38.71 -30.98
CA PHE E 171 -1.13 38.57 -31.61
C PHE E 171 0.02 38.69 -30.60
N CYS E 172 1.09 37.92 -30.81
CA CYS E 172 2.25 37.96 -29.91
C CYS E 172 3.57 37.83 -30.63
N LEU E 173 4.61 38.33 -29.99
CA LEU E 173 5.96 38.28 -30.54
C LEU E 173 6.92 37.92 -29.43
N SER E 174 8.02 37.26 -29.79
CA SER E 174 9.06 36.89 -28.84
C SER E 174 10.29 36.43 -29.63
N TRP E 175 11.35 37.22 -29.58
CA TRP E 175 12.58 36.89 -30.30
C TRP E 175 13.28 35.74 -29.62
N CYS E 176 14.29 35.21 -30.29
CA CYS E 176 15.08 34.16 -29.68
C CYS E 176 16.21 34.93 -29.04
N PRO E 177 16.31 34.87 -27.71
CA PRO E 177 17.35 35.58 -26.94
C PRO E 177 18.79 35.23 -27.30
N SER E 178 19.10 33.94 -27.29
CA SER E 178 20.44 33.44 -27.55
C SER E 178 21.28 34.16 -28.62
N ARG E 179 22.41 34.69 -28.16
CA ARG E 179 23.34 35.40 -29.03
C ARG E 179 24.10 34.39 -29.86
N PHE E 180 24.21 33.19 -29.32
CA PHE E 180 24.90 32.11 -30.02
C PHE E 180 23.91 31.27 -30.82
N SER E 181 23.02 31.92 -31.55
CA SER E 181 22.04 31.20 -32.37
C SER E 181 21.52 32.11 -33.46
N PRO E 182 21.28 31.54 -34.64
CA PRO E 182 20.78 32.32 -35.78
C PRO E 182 19.57 33.18 -35.46
N GLU E 183 19.65 34.46 -35.81
CA GLU E 183 18.55 35.38 -35.57
C GLU E 183 17.22 34.75 -35.98
N LYS E 184 16.24 34.77 -35.09
CA LYS E 184 14.92 34.23 -35.37
C LYS E 184 13.95 34.63 -34.27
N LEU E 185 12.68 34.76 -34.63
CA LEU E 185 11.65 35.13 -33.67
C LEU E 185 10.36 34.37 -33.91
N ALA E 186 9.57 34.23 -32.85
CA ALA E 186 8.30 33.52 -32.91
C ALA E 186 7.15 34.51 -32.99
N VAL E 187 6.13 34.14 -33.74
CA VAL E 187 4.95 34.97 -33.92
C VAL E 187 3.67 34.16 -33.78
N SER E 188 2.69 34.71 -33.08
CA SER E 188 1.42 34.03 -32.92
C SER E 188 0.34 34.94 -33.47
N ALA E 189 -0.50 34.40 -34.35
CA ALA E 189 -1.59 35.15 -34.95
C ALA E 189 -2.79 34.27 -34.79
N LEU E 190 -3.75 34.71 -34.00
CA LEU E 190 -4.94 33.92 -33.75
C LEU E 190 -4.54 32.58 -33.16
N GLU E 191 -4.84 31.49 -33.86
CA GLU E 191 -4.50 30.15 -33.39
C GLU E 191 -3.15 29.67 -33.88
N GLN E 192 -2.63 30.31 -34.92
CA GLN E 192 -1.35 29.97 -35.51
C GLN E 192 -0.16 30.42 -34.67
N ALA E 193 0.96 29.73 -34.82
CA ALA E 193 2.20 30.05 -34.11
C ALA E 193 3.36 29.65 -35.01
N ILE E 194 3.93 30.60 -35.71
CA ILE E 194 5.03 30.29 -36.62
C ILE E 194 6.34 30.94 -36.23
N ILE E 195 7.44 30.31 -36.64
CA ILE E 195 8.75 30.83 -36.32
C ILE E 195 9.39 31.34 -37.60
N TYR E 196 10.05 32.48 -37.50
CA TYR E 196 10.72 33.08 -38.64
C TYR E 196 12.21 33.03 -38.38
N GLN E 197 13.00 32.68 -39.39
CA GLN E 197 14.45 32.60 -39.24
C GLN E 197 15.11 33.45 -40.33
N ARG E 198 16.21 34.10 -39.97
CA ARG E 198 16.90 34.92 -40.93
C ARG E 198 17.54 34.01 -41.96
N GLY E 199 17.11 34.13 -43.21
CA GLY E 199 17.68 33.31 -44.26
C GLY E 199 19.08 33.75 -44.57
N LYS E 200 19.80 32.95 -45.34
CA LYS E 200 21.16 33.29 -45.69
C LYS E 200 21.17 34.51 -46.62
N ASP E 201 20.02 34.78 -47.22
CA ASP E 201 19.84 35.90 -48.14
C ASP E 201 19.49 37.23 -47.44
N GLY E 202 19.58 37.24 -46.12
CA GLY E 202 19.29 38.45 -45.37
C GLY E 202 17.84 38.68 -45.07
N LYS E 203 16.94 37.94 -45.73
CA LYS E 203 15.50 38.10 -45.51
C LYS E 203 14.96 37.12 -44.46
N LEU E 204 13.71 37.31 -44.06
CA LEU E 204 13.08 36.41 -43.09
C LEU E 204 12.36 35.32 -43.85
N HIS E 205 12.24 34.15 -43.23
CA HIS E 205 11.57 33.02 -43.85
C HIS E 205 10.87 32.21 -42.78
N VAL E 206 9.77 31.58 -43.13
CA VAL E 206 9.03 30.77 -42.19
C VAL E 206 9.75 29.45 -42.03
N ALA E 207 10.49 29.29 -40.93
CA ALA E 207 11.25 28.07 -40.68
C ALA E 207 10.47 26.94 -40.01
N ALA E 208 9.44 27.27 -39.25
CA ALA E 208 8.65 26.24 -38.58
C ALA E 208 7.32 26.73 -38.05
N LYS E 209 6.55 25.79 -37.51
CA LYS E 209 5.26 26.10 -36.93
C LYS E 209 5.02 25.30 -35.65
N LEU E 210 4.36 25.90 -34.68
CA LEU E 210 4.04 25.20 -33.44
C LEU E 210 2.58 24.77 -33.57
N PRO E 211 2.34 23.48 -33.82
CA PRO E 211 1.01 22.91 -33.99
C PRO E 211 0.32 22.50 -32.70
N GLY E 212 -0.99 22.31 -32.76
CA GLY E 212 -1.73 21.87 -31.60
C GLY E 212 -2.70 22.85 -30.98
N HIS E 213 -2.48 24.14 -31.18
CA HIS E 213 -3.34 25.17 -30.60
C HIS E 213 -4.74 25.12 -31.15
N LYS E 214 -5.69 24.83 -30.29
CA LYS E 214 -7.08 24.73 -30.73
C LYS E 214 -7.89 26.01 -30.67
N SER E 215 -7.25 27.12 -30.32
CA SER E 215 -7.91 28.42 -30.31
C SER E 215 -6.89 29.54 -30.08
N LEU E 216 -7.35 30.75 -29.82
CA LEU E 216 -6.47 31.90 -29.65
C LEU E 216 -5.27 31.76 -28.72
N ILE E 217 -4.09 32.03 -29.26
CA ILE E 217 -2.87 31.98 -28.46
C ILE E 217 -2.77 33.34 -27.78
N ARG E 218 -2.93 33.36 -26.47
CA ARG E 218 -2.89 34.58 -25.69
C ARG E 218 -1.49 35.09 -25.39
N SER E 219 -0.52 34.17 -25.30
CA SER E 219 0.85 34.56 -24.99
C SER E 219 1.92 33.52 -25.34
N ILE E 220 3.03 34.00 -25.90
CA ILE E 220 4.14 33.11 -26.22
C ILE E 220 5.42 33.76 -25.78
N SER E 221 6.30 32.98 -25.16
CA SER E 221 7.58 33.49 -24.70
C SER E 221 8.70 32.52 -25.08
N TRP E 222 9.72 33.04 -25.74
CA TRP E 222 10.87 32.24 -26.14
C TRP E 222 11.85 32.29 -24.96
N ALA E 223 12.26 31.13 -24.47
CA ALA E 223 13.15 31.06 -23.33
C ALA E 223 14.63 31.21 -23.59
N PRO E 224 15.34 31.88 -22.67
CA PRO E 224 16.78 32.05 -22.83
C PRO E 224 17.31 30.62 -22.87
N SER E 225 18.24 30.32 -23.77
CA SER E 225 18.78 28.96 -23.87
C SER E 225 20.18 28.81 -23.28
N ILE E 226 20.49 29.61 -22.26
CA ILE E 226 21.79 29.56 -21.61
C ILE E 226 22.06 28.16 -21.12
N GLY E 227 23.06 27.50 -21.69
CA GLY E 227 23.40 26.16 -21.26
C GLY E 227 23.01 25.02 -22.18
N ARG E 228 22.10 25.28 -23.13
CA ARG E 228 21.71 24.21 -24.04
C ARG E 228 21.90 24.48 -25.53
N TRP E 229 21.67 23.42 -26.27
CA TRP E 229 21.80 23.42 -27.71
C TRP E 229 20.44 23.61 -28.37
N TYR E 230 19.36 23.34 -27.62
CA TYR E 230 18.01 23.47 -28.15
C TYR E 230 17.31 24.71 -27.59
N GLN E 231 16.27 25.14 -28.29
CA GLN E 231 15.48 26.29 -27.87
C GLN E 231 14.19 25.79 -27.21
N LEU E 232 13.65 26.60 -26.31
CA LEU E 232 12.41 26.25 -25.62
C LEU E 232 11.47 27.43 -25.69
N ILE E 233 10.28 27.24 -26.25
CA ILE E 233 9.34 28.36 -26.31
C ILE E 233 7.94 27.93 -25.85
N ALA E 234 7.49 28.53 -24.76
CA ALA E 234 6.19 28.22 -24.17
C ALA E 234 5.07 29.14 -24.65
N THR E 235 3.86 28.59 -24.67
CA THR E 235 2.68 29.34 -25.10
C THR E 235 1.48 29.08 -24.20
N GLY E 236 0.72 30.15 -23.98
CA GLY E 236 -0.48 30.07 -23.18
C GLY E 236 -1.67 30.25 -24.13
N CYS E 237 -2.46 29.21 -24.30
CA CYS E 237 -3.59 29.26 -25.19
C CYS E 237 -4.91 29.47 -24.47
N LYS E 238 -5.88 30.00 -25.21
CA LYS E 238 -7.20 30.26 -24.69
C LYS E 238 -7.88 28.93 -24.44
N ASP E 239 -7.34 27.85 -25.00
CA ASP E 239 -7.94 26.53 -24.82
C ASP E 239 -7.53 25.86 -23.53
N GLY E 240 -7.03 26.67 -22.60
CA GLY E 240 -6.63 26.16 -21.28
C GLY E 240 -5.30 25.46 -21.13
N ARG E 241 -4.52 25.40 -22.21
CA ARG E 241 -3.25 24.72 -22.16
C ARG E 241 -1.96 25.51 -22.28
N ILE E 242 -0.98 25.13 -21.46
CA ILE E 242 0.34 25.72 -21.50
C ILE E 242 1.07 24.68 -22.34
N ARG E 243 1.83 25.11 -23.32
CA ARG E 243 2.57 24.16 -24.14
C ARG E 243 4.02 24.58 -24.23
N ILE E 244 4.91 23.62 -24.05
CA ILE E 244 6.32 23.91 -24.14
C ILE E 244 6.91 23.16 -25.33
N PHE E 245 7.34 23.91 -26.33
CA PHE E 245 7.91 23.35 -27.54
C PHE E 245 9.43 23.39 -27.54
N LYS E 246 10.04 22.28 -27.95
CA LYS E 246 11.49 22.18 -28.02
C LYS E 246 11.90 22.26 -29.48
N ILE E 247 12.64 23.31 -29.82
CA ILE E 247 13.10 23.51 -31.19
C ILE E 247 14.61 23.27 -31.27
N THR E 248 14.99 22.26 -32.04
CA THR E 248 16.39 21.88 -32.22
C THR E 248 16.71 22.01 -33.69
N GLU E 249 17.79 22.72 -34.05
CA GLU E 249 18.11 22.82 -35.47
C GLU E 249 19.26 21.93 -35.86
N LYS E 250 19.01 21.08 -36.85
CA LYS E 250 19.99 20.11 -37.33
C LYS E 250 20.12 20.21 -38.85
N SER E 292 19.33 27.05 -41.09
CA SER E 292 19.14 25.66 -40.66
C SER E 292 17.69 25.23 -40.85
N ASN E 293 17.44 23.93 -40.65
CA ASN E 293 16.08 23.41 -40.73
C ASN E 293 15.75 23.14 -39.30
N LEU E 294 14.66 23.73 -38.83
CA LEU E 294 14.29 23.56 -37.45
C LEU E 294 13.42 22.33 -37.23
N GLN E 295 13.77 21.56 -36.21
CA GLN E 295 13.03 20.35 -35.86
C GLN E 295 12.18 20.73 -34.66
N VAL E 296 10.89 20.46 -34.69
CA VAL E 296 10.02 20.84 -33.59
C VAL E 296 9.37 19.68 -32.85
N GLU E 297 9.43 19.73 -31.52
CA GLU E 297 8.84 18.73 -30.63
C GLU E 297 7.88 19.43 -29.69
N LEU E 298 7.03 18.65 -29.03
CA LEU E 298 6.12 19.20 -28.05
C LEU E 298 6.57 18.57 -26.75
N LEU E 299 7.37 19.28 -25.95
CA LEU E 299 7.85 18.71 -24.70
C LEU E 299 6.75 18.48 -23.68
N SER E 300 6.21 19.57 -23.14
CA SER E 300 5.15 19.49 -22.15
C SER E 300 3.90 20.14 -22.66
N GLU E 301 2.80 19.83 -21.99
CA GLU E 301 1.50 20.38 -22.30
C GLU E 301 0.78 20.28 -20.98
N HIS E 302 0.30 21.40 -20.47
CA HIS E 302 -0.40 21.41 -19.19
C HIS E 302 -1.74 22.14 -19.24
N ASP E 303 -2.72 21.56 -18.55
CA ASP E 303 -4.07 22.10 -18.52
C ASP E 303 -4.47 22.52 -17.11
N ASP E 304 -3.54 22.38 -16.17
CA ASP E 304 -3.77 22.73 -14.77
C ASP E 304 -4.62 23.97 -14.56
N HIS E 305 -4.53 24.93 -15.47
CA HIS E 305 -5.28 26.15 -15.30
C HIS E 305 -6.80 26.07 -15.49
N ASN E 306 -7.27 25.14 -16.32
CA ASN E 306 -8.71 25.01 -16.58
C ASN E 306 -9.25 26.40 -16.88
N GLY E 307 -8.95 26.87 -18.08
CA GLY E 307 -9.38 28.19 -18.47
C GLY E 307 -8.22 28.82 -19.20
N GLU E 308 -8.46 29.94 -19.86
CA GLU E 308 -7.41 30.61 -20.60
C GLU E 308 -6.15 30.87 -19.80
N VAL E 309 -5.01 30.56 -20.41
CA VAL E 309 -3.71 30.81 -19.81
C VAL E 309 -3.35 32.14 -20.48
N TRP E 310 -3.49 33.24 -19.75
CA TRP E 310 -3.23 34.55 -20.31
C TRP E 310 -1.80 35.01 -20.43
N SER E 311 -0.94 34.59 -19.51
CA SER E 311 0.45 35.04 -19.53
C SER E 311 1.47 33.98 -19.20
N VAL E 312 2.46 33.88 -20.07
CA VAL E 312 3.54 32.93 -19.92
C VAL E 312 4.85 33.68 -20.00
N SER E 313 5.69 33.57 -18.97
CA SER E 313 6.98 34.24 -18.98
C SER E 313 8.09 33.33 -18.49
N TRP E 314 9.32 33.68 -18.88
CA TRP E 314 10.48 32.90 -18.49
C TRP E 314 11.43 33.60 -17.54
N ASN E 315 12.19 32.75 -16.86
CA ASN E 315 13.23 33.10 -15.90
C ASN E 315 14.30 33.94 -16.63
N LEU E 316 15.29 34.44 -15.90
CA LEU E 316 16.35 35.21 -16.53
C LEU E 316 17.27 34.22 -17.22
N THR E 317 17.43 33.08 -16.57
CA THR E 317 18.27 31.99 -17.05
C THR E 317 17.43 30.96 -17.81
N GLY E 318 16.13 31.18 -17.92
CA GLY E 318 15.28 30.23 -18.63
C GLY E 318 15.25 28.91 -17.91
N THR E 319 15.29 28.98 -16.58
CA THR E 319 15.28 27.81 -15.72
C THR E 319 13.90 27.57 -15.16
N ILE E 320 13.15 28.67 -15.00
CA ILE E 320 11.78 28.62 -14.46
C ILE E 320 10.76 29.24 -15.45
N LEU E 321 9.61 28.60 -15.59
CA LEU E 321 8.57 29.09 -16.49
C LEU E 321 7.32 29.48 -15.70
N SER E 322 6.65 30.55 -16.09
CA SER E 322 5.46 30.96 -15.35
C SER E 322 4.19 31.01 -16.21
N SER E 323 3.06 30.62 -15.62
CA SER E 323 1.78 30.66 -16.31
C SER E 323 0.71 31.26 -15.39
N ALA E 324 -0.17 32.07 -15.97
CA ALA E 324 -1.26 32.71 -15.23
C ALA E 324 -2.55 32.60 -16.05
N GLY E 325 -3.69 32.47 -15.39
CA GLY E 325 -4.94 32.36 -16.13
C GLY E 325 -6.23 32.71 -15.39
N ASP E 326 -7.35 32.27 -15.96
CA ASP E 326 -8.68 32.52 -15.42
C ASP E 326 -8.79 32.07 -14.00
N ASP E 327 -8.30 30.86 -13.73
CA ASP E 327 -8.37 30.29 -12.39
C ASP E 327 -7.76 31.18 -11.31
N GLY E 328 -7.23 32.32 -11.72
CA GLY E 328 -6.67 33.28 -10.79
C GLY E 328 -5.44 32.76 -10.06
N LYS E 329 -4.68 31.93 -10.74
CA LYS E 329 -3.49 31.37 -10.14
C LYS E 329 -2.29 31.49 -11.06
N VAL E 330 -1.10 31.49 -10.46
CA VAL E 330 0.16 31.56 -11.18
C VAL E 330 0.93 30.29 -10.79
N ARG E 331 1.34 29.50 -11.77
CA ARG E 331 2.11 28.28 -11.49
C ARG E 331 3.52 28.46 -12.04
N LEU E 332 4.50 27.86 -11.37
CA LEU E 332 5.89 27.95 -11.81
C LEU E 332 6.34 26.55 -12.19
N TRP E 333 7.08 26.43 -13.29
CA TRP E 333 7.54 25.12 -13.74
C TRP E 333 9.04 25.06 -14.04
N LYS E 334 9.69 23.98 -13.61
CA LYS E 334 11.11 23.75 -13.87
C LYS E 334 11.13 22.51 -14.74
N ALA E 335 12.27 22.16 -15.32
CA ALA E 335 12.31 20.97 -16.13
C ALA E 335 12.97 19.85 -15.36
N THR E 336 12.55 18.62 -15.60
CA THR E 336 13.16 17.47 -14.93
C THR E 336 14.38 17.00 -15.71
N TYR E 337 15.02 15.95 -15.20
CA TYR E 337 16.21 15.42 -15.82
C TYR E 337 15.89 14.92 -17.23
N SER E 338 14.64 14.55 -17.47
CA SER E 338 14.20 14.04 -18.78
C SER E 338 13.57 15.14 -19.61
N ASN E 339 13.66 16.35 -19.09
CA ASN E 339 13.13 17.54 -19.75
C ASN E 339 11.62 17.66 -19.84
N GLU E 340 10.87 16.93 -19.02
CA GLU E 340 9.43 17.14 -18.99
C GLU E 340 9.35 18.22 -17.92
N PHE E 341 8.32 19.06 -17.95
CA PHE E 341 8.20 20.11 -16.94
C PHE E 341 7.25 19.72 -15.84
N LYS E 342 7.66 20.00 -14.60
CA LYS E 342 6.90 19.71 -13.38
C LYS E 342 6.55 21.07 -12.81
N CYS E 343 5.47 21.14 -12.04
CA CYS E 343 5.10 22.40 -11.45
C CYS E 343 5.74 22.43 -10.08
N MSE E 344 6.55 23.46 -9.81
CA MSE E 344 7.24 23.56 -8.53
C MSE E 344 6.51 24.36 -7.45
O MSE E 344 6.76 24.17 -6.26
CB MSE E 344 8.65 24.11 -8.73
CG MSE E 344 8.70 25.47 -9.38
SE MSE E 344 10.43 26.30 -9.30
CE MSE E 344 10.27 27.06 -7.49
N SER E 345 5.63 25.27 -7.86
CA SER E 345 4.90 26.04 -6.86
C SER E 345 3.70 26.73 -7.50
N VAL E 346 2.69 27.01 -6.67
CA VAL E 346 1.46 27.67 -7.14
C VAL E 346 1.03 28.87 -6.30
N ILE E 347 1.08 30.07 -6.87
CA ILE E 347 0.67 31.28 -6.15
C ILE E 347 -0.75 31.61 -6.58
N THR E 348 -1.65 31.82 -5.62
CA THR E 348 -3.07 32.11 -5.87
C THR E 348 -3.53 33.55 -5.59
N ALA E 349 -4.21 34.16 -6.55
CA ALA E 349 -4.70 35.51 -6.41
C ALA E 349 -6.12 35.46 -5.90
N GLN E 350 -6.65 34.25 -5.71
CA GLN E 350 -8.03 34.08 -5.22
C GLN E 350 -8.20 34.40 -3.75
N GLN E 351 -9.41 34.86 -3.45
CA GLN E 351 -9.78 35.27 -2.10
C GLN E 351 -10.91 34.41 -1.57
N MSE F 3 3.59 -41.63 -3.27
CA MSE F 3 3.69 -41.26 -1.83
C MSE F 3 2.40 -41.56 -1.09
O MSE F 3 1.73 -40.67 -0.55
CB MSE F 3 4.10 -39.77 -1.70
CG MSE F 3 5.51 -39.48 -2.27
SE MSE F 3 7.05 -40.40 -1.42
CE MSE F 3 6.80 -42.22 -2.04
N GLN F 4 2.06 -42.84 -1.10
CA GLN F 4 0.88 -43.38 -0.47
C GLN F 4 1.35 -44.06 0.81
N PRO F 5 0.59 -43.92 1.89
CA PRO F 5 0.92 -44.51 3.19
C PRO F 5 0.91 -46.02 3.15
N PHE F 6 1.74 -46.64 3.98
CA PHE F 6 1.76 -48.09 4.04
C PHE F 6 1.50 -48.51 5.47
N ASP F 7 1.13 -49.77 5.63
CA ASP F 7 0.80 -50.29 6.94
C ASP F 7 2.04 -50.82 7.65
N SER F 8 2.32 -50.29 8.85
CA SER F 8 3.49 -50.74 9.59
C SER F 8 3.33 -52.20 9.97
N GLY F 9 2.11 -52.61 10.29
CA GLY F 9 1.87 -53.98 10.67
C GLY F 9 1.94 -54.18 12.15
N HIS F 10 2.01 -53.08 12.88
CA HIS F 10 2.09 -53.13 14.33
C HIS F 10 0.68 -53.21 14.92
N ASP F 11 0.55 -53.90 16.05
CA ASP F 11 -0.73 -54.06 16.72
C ASP F 11 -0.99 -52.93 17.67
N ASP F 12 0.02 -52.56 18.44
CA ASP F 12 -0.17 -51.47 19.39
C ASP F 12 0.32 -50.17 18.74
N LEU F 13 0.80 -49.22 19.53
CA LEU F 13 1.26 -47.96 18.96
C LEU F 13 2.75 -47.79 18.69
N VAL F 14 3.02 -47.25 17.50
CA VAL F 14 4.36 -47.00 17.00
C VAL F 14 4.97 -45.78 17.66
N HIS F 15 6.14 -45.99 18.26
CA HIS F 15 6.85 -44.92 18.97
C HIS F 15 7.87 -44.19 18.15
N ASP F 16 8.78 -44.94 17.52
CA ASP F 16 9.81 -44.34 16.71
C ASP F 16 9.98 -45.03 15.37
N VAL F 17 10.51 -44.27 14.43
CA VAL F 17 10.76 -44.74 13.09
C VAL F 17 12.08 -44.07 12.79
N VAL F 18 13.05 -44.85 12.39
CA VAL F 18 14.38 -44.33 12.10
C VAL F 18 14.95 -44.83 10.78
N TYR F 19 15.70 -43.94 10.12
CA TYR F 19 16.34 -44.22 8.84
C TYR F 19 17.76 -44.78 8.97
N ASP F 20 18.16 -45.66 8.04
CA ASP F 20 19.51 -46.16 8.07
C ASP F 20 20.41 -45.04 7.53
N PHE F 21 21.66 -45.35 7.17
CA PHE F 21 22.54 -44.30 6.67
C PHE F 21 22.13 -43.68 5.34
N TYR F 22 21.75 -44.53 4.39
CA TYR F 22 21.39 -44.07 3.05
C TYR F 22 19.92 -43.71 2.83
N GLY F 23 19.09 -43.83 3.87
CA GLY F 23 17.67 -43.49 3.72
C GLY F 23 16.87 -44.47 2.91
N ARG F 24 17.45 -45.64 2.68
CA ARG F 24 16.82 -46.72 1.91
C ARG F 24 16.17 -47.74 2.83
N HIS F 25 16.42 -47.60 4.12
CA HIS F 25 15.86 -48.52 5.10
C HIS F 25 15.26 -47.79 6.28
N VAL F 26 14.32 -48.44 6.95
CA VAL F 26 13.69 -47.85 8.12
C VAL F 26 13.46 -48.87 9.23
N ALA F 27 13.75 -48.47 10.46
CA ALA F 27 13.56 -49.33 11.62
C ALA F 27 12.38 -48.77 12.40
N THR F 28 11.51 -49.67 12.83
CA THR F 28 10.30 -49.29 13.54
C THR F 28 10.12 -50.07 14.83
N CYS F 29 9.66 -49.37 15.88
CA CYS F 29 9.40 -50.01 17.16
C CYS F 29 8.06 -49.56 17.74
N SER F 30 7.31 -50.52 18.28
CA SER F 30 5.99 -50.23 18.87
C SER F 30 5.84 -50.79 20.28
N SER F 31 4.72 -50.50 20.90
CA SER F 31 4.46 -50.99 22.25
C SER F 31 4.06 -52.45 22.13
N ASP F 32 3.87 -52.90 20.88
CA ASP F 32 3.49 -54.28 20.63
C ASP F 32 4.74 -55.15 20.84
N GLN F 33 5.77 -54.54 21.43
CA GLN F 33 7.04 -55.18 21.74
C GLN F 33 7.74 -55.82 20.53
N HIS F 34 7.55 -55.21 19.36
CA HIS F 34 8.15 -55.71 18.13
C HIS F 34 9.01 -54.66 17.45
N ILE F 35 10.02 -55.14 16.70
CA ILE F 35 10.86 -54.24 15.92
C ILE F 35 10.66 -54.68 14.49
N LYS F 36 10.49 -53.72 13.59
CA LYS F 36 10.31 -54.05 12.20
C LYS F 36 11.30 -53.26 11.38
N VAL F 37 11.69 -53.82 10.25
CA VAL F 37 12.64 -53.15 9.38
C VAL F 37 12.11 -53.25 7.98
N PHE F 38 11.97 -52.09 7.34
CA PHE F 38 11.47 -52.04 5.98
C PHE F 38 12.56 -51.61 5.02
N LYS F 39 12.40 -52.02 3.76
CA LYS F 39 13.35 -51.68 2.71
C LYS F 39 12.61 -51.01 1.57
N LEU F 40 13.26 -50.04 0.93
CA LEU F 40 12.67 -49.32 -0.18
C LEU F 40 13.08 -50.00 -1.48
N ASP F 41 12.27 -50.93 -1.95
CA ASP F 41 12.53 -51.67 -3.19
C ASP F 41 12.84 -50.66 -4.28
N LYS F 42 13.98 -50.83 -4.95
CA LYS F 42 14.39 -49.88 -5.98
C LYS F 42 13.46 -49.71 -7.17
N ASP F 43 13.03 -50.82 -7.74
CA ASP F 43 12.17 -50.80 -8.92
C ASP F 43 10.70 -50.40 -8.68
N THR F 44 10.13 -50.87 -7.57
CA THR F 44 8.73 -50.60 -7.26
C THR F 44 8.54 -49.26 -6.54
N SER F 45 9.53 -48.86 -5.77
CA SER F 45 9.45 -47.62 -5.00
C SER F 45 8.28 -47.75 -4.02
N ASN F 46 8.27 -48.88 -3.31
CA ASN F 46 7.26 -49.20 -2.29
C ASN F 46 8.03 -49.76 -1.10
N TRP F 47 7.65 -49.35 0.10
CA TRP F 47 8.33 -49.86 1.27
C TRP F 47 7.79 -51.24 1.54
N GLU F 48 8.67 -52.21 1.73
CA GLU F 48 8.24 -53.56 2.01
C GLU F 48 8.95 -54.04 3.26
N LEU F 49 8.33 -54.99 3.96
CA LEU F 49 8.89 -55.52 5.19
C LEU F 49 10.10 -56.42 4.99
N SER F 50 11.20 -56.08 5.65
CA SER F 50 12.42 -56.87 5.57
C SER F 50 12.40 -57.95 6.65
N ASP F 51 11.95 -57.57 7.85
CA ASP F 51 11.81 -58.50 8.97
C ASP F 51 11.11 -57.85 10.16
N SER F 52 10.56 -58.70 11.01
CA SER F 52 9.84 -58.29 12.20
C SER F 52 10.07 -59.36 13.26
N TRP F 53 10.24 -58.97 14.52
CA TRP F 53 10.46 -59.94 15.59
C TRP F 53 10.17 -59.35 16.97
N ARG F 54 9.84 -60.22 17.92
CA ARG F 54 9.55 -59.79 19.29
C ARG F 54 10.90 -59.48 19.93
N ALA F 55 11.14 -58.21 20.23
CA ALA F 55 12.41 -57.78 20.80
C ALA F 55 12.45 -57.45 22.27
N HIS F 56 11.34 -56.98 22.82
CA HIS F 56 11.31 -56.65 24.23
C HIS F 56 10.09 -57.23 24.91
N ASP F 57 10.02 -57.09 26.23
CA ASP F 57 8.90 -57.62 26.97
C ASP F 57 8.00 -56.50 27.41
N SER F 58 8.21 -55.34 26.82
CA SER F 58 7.42 -54.15 27.12
C SER F 58 7.55 -53.18 25.95
N SER F 59 6.91 -52.02 26.07
CA SER F 59 6.97 -51.02 25.01
C SER F 59 8.38 -50.67 24.57
N ILE F 60 8.64 -50.77 23.26
CA ILE F 60 9.95 -50.42 22.71
C ILE F 60 9.81 -49.00 22.21
N VAL F 61 10.15 -48.05 23.07
CA VAL F 61 10.03 -46.62 22.80
C VAL F 61 10.99 -45.96 21.80
N ALA F 62 12.29 -46.25 21.93
CA ALA F 62 13.30 -45.65 21.04
C ALA F 62 14.13 -46.65 20.24
N ILE F 63 14.65 -46.21 19.10
CA ILE F 63 15.46 -47.08 18.26
C ILE F 63 16.49 -46.26 17.50
N ASP F 64 17.54 -46.91 16.98
CA ASP F 64 18.58 -46.22 16.21
C ASP F 64 19.59 -47.12 15.50
N TRP F 65 20.02 -46.73 14.30
CA TRP F 65 21.02 -47.49 13.53
C TRP F 65 22.46 -47.02 13.77
N ALA F 66 23.41 -47.94 13.64
CA ALA F 66 24.82 -47.60 13.81
C ALA F 66 25.38 -47.32 12.41
N SER F 67 26.53 -46.64 12.35
CA SER F 67 27.16 -46.31 11.06
C SER F 67 27.49 -47.55 10.24
N PRO F 68 27.17 -47.53 8.93
CA PRO F 68 27.41 -48.64 8.02
C PRO F 68 28.82 -49.17 8.22
N GLU F 69 29.67 -48.25 8.65
CA GLU F 69 31.08 -48.48 8.92
C GLU F 69 31.34 -49.66 9.87
N TYR F 70 30.44 -49.88 10.84
CA TYR F 70 30.60 -50.98 11.79
C TYR F 70 29.75 -52.19 11.44
N GLY F 71 28.82 -52.02 10.51
CA GLY F 71 27.93 -53.11 10.11
C GLY F 71 26.47 -52.74 10.25
N ARG F 72 25.58 -53.72 10.04
CA ARG F 72 24.14 -53.47 10.17
C ARG F 72 23.78 -53.69 11.63
N ILE F 73 23.78 -52.61 12.39
CA ILE F 73 23.50 -52.68 13.80
C ILE F 73 22.40 -51.71 14.22
N ILE F 74 21.45 -52.22 14.99
CA ILE F 74 20.35 -51.42 15.49
C ILE F 74 20.30 -51.56 16.99
N ALA F 75 19.91 -50.49 17.67
CA ALA F 75 19.81 -50.51 19.12
C ALA F 75 18.36 -50.13 19.47
N SER F 76 17.83 -50.77 20.50
CA SER F 76 16.47 -50.50 20.92
C SER F 76 16.39 -50.30 22.43
N ALA F 77 15.60 -49.30 22.84
CA ALA F 77 15.39 -49.00 24.25
C ALA F 77 13.95 -49.39 24.58
N SER F 78 13.72 -49.95 25.76
CA SER F 78 12.38 -50.37 26.12
C SER F 78 12.02 -50.02 27.56
N TYR F 79 10.73 -50.07 27.85
CA TYR F 79 10.23 -49.78 29.18
C TYR F 79 10.56 -50.92 30.12
N ASP F 80 10.98 -52.05 29.57
CA ASP F 80 11.34 -53.19 30.39
C ASP F 80 12.76 -52.94 30.95
N LYS F 81 13.10 -51.67 31.11
CA LYS F 81 14.38 -51.21 31.65
C LYS F 81 15.63 -51.78 30.94
N THR F 82 15.50 -52.09 29.66
CA THR F 82 16.62 -52.67 28.95
C THR F 82 16.90 -52.05 27.57
N VAL F 83 18.15 -52.15 27.12
CA VAL F 83 18.56 -51.68 25.80
C VAL F 83 19.15 -52.90 25.15
N LYS F 84 18.70 -53.25 23.95
CA LYS F 84 19.23 -54.41 23.24
C LYS F 84 19.91 -53.99 21.93
N LEU F 85 20.90 -54.76 21.49
CA LEU F 85 21.65 -54.48 20.25
C LEU F 85 21.49 -55.63 19.27
N TRP F 86 21.13 -55.32 18.03
CA TRP F 86 20.90 -56.33 17.03
C TRP F 86 21.75 -56.13 15.80
N GLU F 87 22.07 -57.23 15.13
CA GLU F 87 22.87 -57.18 13.91
C GLU F 87 22.31 -58.08 12.83
N GLU F 88 22.07 -57.51 11.65
CA GLU F 88 21.52 -58.28 10.54
C GLU F 88 22.38 -59.45 10.12
N ASP F 89 21.83 -60.66 10.26
CA ASP F 89 22.52 -61.88 9.86
C ASP F 89 21.89 -62.23 8.52
N PRO F 90 22.62 -61.96 7.43
CA PRO F 90 22.16 -62.22 6.07
C PRO F 90 22.08 -63.69 5.68
N ASP F 91 22.40 -64.57 6.61
CA ASP F 91 22.30 -66.00 6.35
C ASP F 91 20.92 -66.47 6.73
N GLN F 92 20.01 -65.52 6.93
CA GLN F 92 18.64 -65.82 7.30
C GLN F 92 17.67 -65.11 6.37
N GLU F 93 16.66 -65.84 5.93
CA GLU F 93 15.64 -65.30 5.04
C GLU F 93 15.06 -63.99 5.60
N GLU F 94 14.51 -63.16 4.73
CA GLU F 94 13.89 -61.93 5.23
C GLU F 94 12.51 -62.37 5.74
N CYS F 95 11.94 -61.61 6.67
CA CYS F 95 10.63 -61.95 7.23
C CYS F 95 10.64 -63.36 7.80
N SER F 96 11.75 -63.73 8.44
CA SER F 96 11.88 -65.05 9.02
C SER F 96 11.92 -64.89 10.53
N GLY F 97 11.82 -63.65 10.97
CA GLY F 97 11.84 -63.36 12.38
C GLY F 97 13.22 -63.52 12.95
N ARG F 98 14.16 -64.05 12.19
CA ARG F 98 15.51 -64.21 12.71
C ARG F 98 16.55 -63.58 11.82
N ARG F 99 16.18 -62.56 11.05
CA ARG F 99 17.13 -61.91 10.17
C ARG F 99 17.98 -60.93 10.95
N TRP F 100 17.65 -60.72 12.22
CA TRP F 100 18.43 -59.82 13.06
C TRP F 100 18.75 -60.53 14.35
N ASN F 101 20.03 -60.51 14.73
CA ASN F 101 20.46 -61.19 15.93
C ASN F 101 20.78 -60.30 17.09
N LYS F 102 20.39 -60.74 18.29
CA LYS F 102 20.66 -59.96 19.48
C LYS F 102 22.16 -60.09 19.78
N LEU F 103 22.85 -58.95 19.82
CA LEU F 103 24.28 -58.96 20.12
C LEU F 103 24.44 -58.98 21.63
N CYS F 104 23.52 -58.31 22.32
CA CYS F 104 23.54 -58.28 23.77
C CYS F 104 22.41 -57.48 24.36
N THR F 105 22.29 -57.52 25.68
CA THR F 105 21.24 -56.81 26.37
C THR F 105 21.87 -56.05 27.53
N LEU F 106 21.85 -54.72 27.46
CA LEU F 106 22.39 -53.86 28.51
C LEU F 106 21.25 -53.60 29.48
N ASN F 107 21.37 -54.06 30.73
CA ASN F 107 20.29 -53.86 31.71
C ASN F 107 20.72 -53.21 33.01
N ASP F 108 21.62 -52.23 32.92
CA ASP F 108 22.08 -51.52 34.11
C ASP F 108 21.00 -50.57 34.60
N SER F 109 20.16 -50.12 33.67
CA SER F 109 19.10 -49.21 34.04
C SER F 109 18.13 -49.86 35.00
N LYS F 110 17.64 -49.05 35.94
CA LYS F 110 16.68 -49.50 36.94
C LYS F 110 15.33 -48.83 36.70
N GLY F 111 15.22 -48.13 35.57
CA GLY F 111 13.99 -47.45 35.20
C GLY F 111 13.75 -47.59 33.71
N SER F 112 12.49 -47.47 33.28
CA SER F 112 12.17 -47.59 31.86
C SER F 112 13.08 -46.69 31.03
N LEU F 113 13.44 -47.15 29.84
CA LEU F 113 14.30 -46.37 28.97
C LEU F 113 13.52 -45.60 27.91
N TYR F 114 13.79 -44.30 27.83
CA TYR F 114 13.10 -43.42 26.89
C TYR F 114 13.82 -43.12 25.58
N SER F 115 15.14 -43.10 25.62
CA SER F 115 15.92 -42.77 24.43
C SER F 115 17.22 -43.55 24.29
N VAL F 116 17.67 -43.71 23.05
CA VAL F 116 18.89 -44.42 22.71
C VAL F 116 19.43 -43.87 21.41
N LYS F 117 20.63 -43.30 21.46
CA LYS F 117 21.25 -42.76 20.25
C LYS F 117 22.72 -43.22 20.12
N PHE F 118 23.14 -43.58 18.91
CA PHE F 118 24.51 -44.00 18.66
C PHE F 118 25.33 -42.73 18.52
N ALA F 119 26.57 -42.78 19.00
CA ALA F 119 27.45 -41.61 18.92
C ALA F 119 28.04 -41.53 17.52
N PRO F 120 28.45 -40.33 17.08
CA PRO F 120 29.02 -40.18 15.75
C PRO F 120 30.09 -41.25 15.54
N ALA F 121 30.01 -41.96 14.41
CA ALA F 121 30.97 -43.03 14.12
C ALA F 121 32.43 -42.66 14.41
N HIS F 122 32.80 -41.40 14.24
CA HIS F 122 34.19 -40.99 14.47
C HIS F 122 34.63 -41.14 15.93
N LEU F 123 33.73 -41.55 16.82
CA LEU F 123 34.11 -41.74 18.20
C LEU F 123 34.10 -43.22 18.55
N GLY F 124 34.02 -44.05 17.52
CA GLY F 124 33.98 -45.48 17.72
C GLY F 124 32.55 -45.98 17.87
N LEU F 125 32.39 -47.27 18.10
CA LEU F 125 31.06 -47.83 18.27
C LEU F 125 30.66 -47.50 19.71
N LYS F 126 29.99 -46.38 19.86
CA LYS F 126 29.58 -45.90 21.17
C LYS F 126 28.07 -45.57 21.13
N LEU F 127 27.38 -45.66 22.27
CA LEU F 127 25.97 -45.30 22.31
C LEU F 127 25.61 -44.71 23.66
N ALA F 128 24.45 -44.08 23.75
CA ALA F 128 23.99 -43.47 24.99
C ALA F 128 22.49 -43.69 25.16
N CYS F 129 22.03 -43.84 26.41
CA CYS F 129 20.62 -44.04 26.68
C CYS F 129 20.24 -43.29 27.94
N LEU F 130 18.94 -42.99 28.08
CA LEU F 130 18.41 -42.23 29.22
C LEU F 130 17.03 -42.77 29.61
N GLY F 131 16.76 -42.85 30.91
CA GLY F 131 15.45 -43.37 31.34
C GLY F 131 14.79 -42.68 32.51
N ASN F 132 14.07 -43.47 33.31
CA ASN F 132 13.36 -42.98 34.49
C ASN F 132 14.31 -42.61 35.57
N ASP F 133 15.28 -43.48 35.81
CA ASP F 133 16.29 -43.26 36.85
C ASP F 133 17.13 -42.00 36.64
N GLY F 134 16.71 -41.14 35.71
CA GLY F 134 17.42 -39.91 35.43
C GLY F 134 18.92 -40.06 35.26
N ILE F 135 19.37 -41.27 34.93
CA ILE F 135 20.79 -41.52 34.76
C ILE F 135 21.17 -41.67 33.30
N LEU F 136 22.13 -40.86 32.86
CA LEU F 136 22.61 -40.94 31.48
C LEU F 136 23.60 -42.09 31.54
N ARG F 137 23.73 -42.85 30.45
CA ARG F 137 24.66 -43.97 30.41
C ARG F 137 25.27 -44.12 29.04
N LEU F 138 26.60 -44.16 28.98
CA LEU F 138 27.27 -44.33 27.71
C LEU F 138 27.84 -45.74 27.70
N TYR F 139 27.75 -46.42 26.56
CA TYR F 139 28.24 -47.78 26.43
C TYR F 139 29.16 -47.88 25.21
N ASP F 140 30.29 -48.55 25.38
CA ASP F 140 31.24 -48.68 24.28
C ASP F 140 31.56 -50.11 23.87
N ALA F 141 31.64 -50.33 22.56
CA ALA F 141 32.01 -51.62 22.01
C ALA F 141 33.51 -51.41 21.87
N LEU F 142 34.18 -51.36 23.02
CA LEU F 142 35.62 -51.12 23.06
C LEU F 142 36.42 -51.96 22.11
N GLU F 143 35.89 -53.13 21.79
CA GLU F 143 36.59 -54.06 20.92
C GLU F 143 35.70 -54.40 19.74
N PRO F 144 35.61 -53.50 18.73
CA PRO F 144 34.77 -53.78 17.56
C PRO F 144 34.98 -55.17 16.94
N SER F 145 36.04 -55.85 17.36
CA SER F 145 36.33 -57.20 16.89
C SER F 145 35.17 -58.12 17.30
N ASP F 146 34.65 -57.88 18.51
CA ASP F 146 33.53 -58.64 19.06
C ASP F 146 32.45 -57.66 19.52
N LEU F 147 31.40 -57.56 18.73
CA LEU F 147 30.30 -56.66 18.98
C LEU F 147 29.35 -57.07 20.10
N ARG F 148 29.71 -58.08 20.86
CA ARG F 148 28.85 -58.52 21.96
C ARG F 148 29.24 -57.86 23.28
N SER F 149 30.52 -57.54 23.42
CA SER F 149 31.01 -56.92 24.64
C SER F 149 30.95 -55.40 24.59
N TRP F 150 30.04 -54.87 25.41
CA TRP F 150 29.86 -53.44 25.51
C TRP F 150 30.16 -53.04 26.94
N THR F 151 31.00 -52.04 27.11
CA THR F 151 31.38 -51.59 28.44
C THR F 151 30.63 -50.34 28.85
N LEU F 152 30.31 -50.23 30.14
CA LEU F 152 29.62 -49.05 30.63
C LEU F 152 30.69 -47.97 30.80
N THR F 153 30.77 -47.10 29.81
CA THR F 153 31.74 -46.02 29.77
C THR F 153 31.45 -44.82 30.66
N SER F 154 30.19 -44.60 31.02
CA SER F 154 29.91 -43.43 31.83
C SER F 154 28.51 -43.44 32.44
N GLU F 155 28.36 -42.75 33.56
CA GLU F 155 27.08 -42.59 34.26
C GLU F 155 27.03 -41.16 34.78
N MSE F 156 25.87 -40.53 34.66
CA MSE F 156 25.72 -39.16 35.12
C MSE F 156 24.27 -38.94 35.53
O MSE F 156 23.35 -39.36 34.82
CB MSE F 156 26.08 -38.18 34.00
CG MSE F 156 27.44 -38.43 33.36
SE MSE F 156 28.92 -37.54 34.22
CE MSE F 156 28.49 -37.84 36.08
N LYS F 157 24.06 -38.30 36.68
CA LYS F 157 22.70 -38.03 37.13
C LYS F 157 22.22 -36.75 36.49
N VAL F 158 21.44 -36.88 35.42
CA VAL F 158 20.92 -35.75 34.71
C VAL F 158 19.95 -34.99 35.59
N LEU F 159 19.14 -35.74 36.33
CA LEU F 159 18.18 -35.13 37.25
C LEU F 159 18.70 -35.28 38.68
N SER F 160 18.61 -34.19 39.46
CA SER F 160 19.06 -34.17 40.87
C SER F 160 18.33 -35.27 41.64
N ILE F 161 17.07 -35.46 41.29
CA ILE F 161 16.19 -36.47 41.85
C ILE F 161 15.24 -36.79 40.70
N PRO F 162 14.70 -38.02 40.64
CA PRO F 162 13.79 -38.31 39.54
C PRO F 162 12.34 -38.17 40.02
N PRO F 163 11.88 -36.92 40.31
CA PRO F 163 10.51 -36.73 40.79
C PRO F 163 9.40 -37.11 39.79
N ALA F 164 9.24 -38.40 39.53
CA ALA F 164 8.22 -38.87 38.59
C ALA F 164 7.53 -40.17 39.01
N ASN F 165 6.29 -40.05 39.47
CA ASN F 165 5.48 -41.20 39.88
C ASN F 165 4.75 -41.58 38.59
N HIS F 166 3.83 -40.70 38.20
CA HIS F 166 3.04 -40.80 36.98
C HIS F 166 2.90 -39.36 36.52
N LEU F 167 3.61 -38.49 37.24
CA LEU F 167 3.66 -37.06 36.95
C LEU F 167 4.47 -36.99 35.66
N GLN F 168 3.78 -36.58 34.59
CA GLN F 168 4.35 -36.47 33.24
C GLN F 168 5.86 -36.25 33.15
N SER F 169 6.54 -37.18 32.47
CA SER F 169 7.98 -37.09 32.28
C SER F 169 8.40 -37.60 30.90
N ASP F 170 9.42 -36.97 30.33
CA ASP F 170 9.94 -37.35 29.02
C ASP F 170 11.46 -37.14 28.99
N PHE F 171 12.16 -37.91 28.17
CA PHE F 171 13.63 -37.81 28.06
C PHE F 171 14.11 -37.95 26.60
N CYS F 172 15.17 -37.22 26.24
CA CYS F 172 15.71 -37.27 24.89
C CYS F 172 17.23 -37.18 24.84
N LEU F 173 17.79 -37.72 23.78
CA LEU F 173 19.23 -37.70 23.58
C LEU F 173 19.53 -37.36 22.13
N SER F 174 20.67 -36.73 21.90
CA SER F 174 21.11 -36.38 20.56
C SER F 174 22.58 -35.96 20.60
N TRP F 175 23.45 -36.80 20.07
CA TRP F 175 24.88 -36.49 20.07
C TRP F 175 25.18 -35.37 19.11
N CYS F 176 26.40 -34.87 19.16
CA CYS F 176 26.82 -33.84 18.22
C CYS F 176 27.46 -34.64 17.10
N PRO F 177 26.87 -34.59 15.90
CA PRO F 177 27.37 -35.32 14.73
C PRO F 177 28.80 -35.02 14.32
N SER F 178 29.09 -33.73 14.13
CA SER F 178 30.39 -33.25 13.68
C SER F 178 31.62 -34.01 14.19
N ARG F 179 32.36 -34.57 13.24
CA ARG F 179 33.58 -35.32 13.55
C ARG F 179 34.68 -34.32 13.87
N PHE F 180 34.53 -33.11 13.33
CA PHE F 180 35.50 -32.05 13.55
C PHE F 180 35.08 -31.18 14.73
N SER F 181 34.67 -31.80 15.83
CA SER F 181 34.25 -31.05 17.01
C SER F 181 34.32 -31.96 18.24
N PRO F 182 34.72 -31.38 19.38
CA PRO F 182 34.83 -32.15 20.63
C PRO F 182 33.59 -32.98 20.98
N GLU F 183 33.81 -34.27 21.25
CA GLU F 183 32.72 -35.16 21.62
C GLU F 183 31.82 -34.50 22.64
N LYS F 184 30.51 -34.48 22.34
CA LYS F 184 29.51 -33.91 23.22
C LYS F 184 28.12 -34.31 22.76
N LEU F 185 27.18 -34.37 23.70
CA LEU F 185 25.80 -34.73 23.39
C LEU F 185 24.84 -33.91 24.22
N ALA F 186 23.62 -33.75 23.71
CA ALA F 186 22.57 -33.00 24.40
C ALA F 186 21.57 -33.95 25.06
N VAL F 187 21.08 -33.55 26.22
CA VAL F 187 20.14 -34.37 26.97
C VAL F 187 18.99 -33.52 27.48
N SER F 188 17.77 -34.04 27.36
CA SER F 188 16.60 -33.32 27.86
C SER F 188 15.91 -34.20 28.89
N ALA F 189 15.65 -33.65 30.06
CA ALA F 189 14.98 -34.37 31.13
C ALA F 189 13.89 -33.44 31.58
N LEU F 190 12.65 -33.87 31.38
CA LEU F 190 11.52 -33.03 31.76
C LEU F 190 11.62 -31.70 31.03
N GLU F 191 11.76 -30.61 31.79
CA GLU F 191 11.83 -29.27 31.21
C GLU F 191 13.26 -28.85 30.95
N GLN F 192 14.20 -29.54 31.58
CA GLN F 192 15.61 -29.22 31.44
C GLN F 192 16.20 -29.71 30.13
N ALA F 193 17.26 -29.04 29.69
CA ALA F 193 17.97 -29.39 28.46
C ALA F 193 19.43 -29.02 28.66
N ILE F 194 20.26 -30.00 28.98
CA ILE F 194 21.67 -29.72 29.22
C ILE F 194 22.61 -30.41 28.22
N ILE F 195 23.76 -29.80 28.01
CA ILE F 195 24.76 -30.33 27.10
C ILE F 195 25.94 -30.86 27.89
N TYR F 196 26.43 -32.03 27.49
CA TYR F 196 27.57 -32.66 28.14
C TYR F 196 28.71 -32.64 27.16
N GLN F 197 29.91 -32.34 27.65
CA GLN F 197 31.09 -32.29 26.80
C GLN F 197 32.18 -33.15 27.42
N ARG F 198 32.94 -33.85 26.58
CA ARG F 198 34.00 -34.69 27.06
C ARG F 198 35.08 -33.80 27.61
N GLY F 199 35.34 -33.92 28.91
CA GLY F 199 36.36 -33.12 29.55
C GLY F 199 37.73 -33.60 29.12
N LYS F 200 38.76 -32.81 29.40
CA LYS F 200 40.11 -33.19 29.03
C LYS F 200 40.56 -34.40 29.84
N ASP F 201 39.85 -34.65 30.94
CA ASP F 201 40.13 -35.76 31.83
C ASP F 201 39.44 -37.05 31.42
N GLY F 202 38.86 -37.08 30.22
CA GLY F 202 38.19 -38.27 29.75
C GLY F 202 36.77 -38.48 30.21
N LYS F 203 36.35 -37.73 31.21
CA LYS F 203 34.99 -37.85 31.74
C LYS F 203 34.03 -36.83 31.10
N LEU F 204 32.75 -36.97 31.37
CA LEU F 204 31.74 -36.06 30.84
C LEU F 204 31.52 -34.94 31.85
N HIS F 205 31.16 -33.75 31.36
CA HIS F 205 30.92 -32.61 32.23
C HIS F 205 29.82 -31.78 31.64
N VAL F 206 29.05 -31.13 32.50
CA VAL F 206 27.94 -30.29 32.04
C VAL F 206 28.52 -28.98 31.53
N ALA F 207 28.63 -28.86 30.22
CA ALA F 207 29.18 -27.67 29.58
C ALA F 207 28.19 -26.52 29.39
N ALA F 208 26.90 -26.82 29.23
CA ALA F 208 25.91 -25.77 29.03
C ALA F 208 24.48 -26.22 29.24
N LYS F 209 23.56 -25.26 29.16
CA LYS F 209 22.14 -25.53 29.32
C LYS F 209 21.32 -24.71 28.33
N LEU F 210 20.25 -25.29 27.83
CA LEU F 210 19.37 -24.58 26.91
C LEU F 210 18.19 -24.11 27.75
N PRO F 211 18.15 -22.80 28.06
CA PRO F 211 17.08 -22.19 28.87
C PRO F 211 15.84 -21.76 28.09
N GLY F 212 14.75 -21.53 28.81
CA GLY F 212 13.54 -21.08 28.16
C GLY F 212 12.37 -22.01 28.13
N HIS F 213 12.63 -23.32 28.19
CA HIS F 213 11.57 -24.32 28.13
C HIS F 213 10.62 -24.24 29.32
N LYS F 214 9.38 -23.93 29.05
CA LYS F 214 8.40 -23.79 30.10
C LYS F 214 7.64 -25.03 30.48
N SER F 215 7.99 -26.16 29.86
CA SER F 215 7.39 -27.45 30.20
C SER F 215 8.13 -28.59 29.52
N LEU F 216 7.56 -29.78 29.55
CA LEU F 216 8.22 -30.96 28.98
C LEU F 216 8.80 -30.86 27.56
N ILE F 217 10.09 -31.15 27.43
CA ILE F 217 10.72 -31.13 26.12
C ILE F 217 10.43 -32.49 25.51
N ARG F 218 9.64 -32.50 24.44
CA ARG F 218 9.26 -33.73 23.77
C ARG F 218 10.30 -34.27 22.81
N SER F 219 11.13 -33.39 22.26
CA SER F 219 12.14 -33.84 21.31
C SER F 219 13.26 -32.85 21.06
N ILE F 220 14.50 -33.33 21.00
CA ILE F 220 15.65 -32.47 20.70
C ILE F 220 16.52 -33.17 19.68
N SER F 221 16.98 -32.41 18.70
CA SER F 221 17.83 -32.94 17.65
C SER F 221 19.01 -32.01 17.40
N TRP F 222 20.22 -32.56 17.49
CA TRP F 222 21.44 -31.80 17.25
C TRP F 222 21.68 -31.87 15.73
N ALA F 223 21.82 -30.71 15.09
CA ALA F 223 22.03 -30.66 13.65
C ALA F 223 23.44 -30.86 13.14
N PRO F 224 23.56 -31.53 11.99
CA PRO F 224 24.88 -31.75 11.41
C PRO F 224 25.39 -30.33 11.17
N SER F 225 26.66 -30.07 11.46
CA SER F 225 27.24 -28.74 11.28
C SER F 225 28.16 -28.63 10.06
N ILE F 226 27.90 -29.43 9.03
CA ILE F 226 28.69 -29.39 7.81
C ILE F 226 28.70 -28.00 7.24
N GLY F 227 29.87 -27.36 7.23
CA GLY F 227 29.96 -26.03 6.68
C GLY F 227 30.13 -24.90 7.66
N ARG F 228 29.79 -25.12 8.92
CA ARG F 228 29.95 -24.06 9.90
C ARG F 228 30.85 -24.40 11.09
N TRP F 229 31.11 -23.40 11.91
CA TRP F 229 31.95 -23.59 13.07
C TRP F 229 31.06 -23.79 14.28
N TYR F 230 29.91 -23.14 14.27
CA TYR F 230 28.97 -23.23 15.39
C TYR F 230 28.07 -24.45 15.27
N GLN F 231 27.51 -24.85 16.40
CA GLN F 231 26.60 -25.99 16.45
C GLN F 231 25.18 -25.46 16.50
N LEU F 232 24.22 -26.25 16.02
CA LEU F 232 22.81 -25.88 16.04
C LEU F 232 22.00 -27.03 16.59
N ILE F 233 21.26 -26.80 17.66
CA ILE F 233 20.46 -27.89 18.20
C ILE F 233 19.03 -27.43 18.50
N ALA F 234 18.08 -28.04 17.82
CA ALA F 234 16.67 -27.71 17.95
C ALA F 234 15.93 -28.56 18.96
N THR F 235 14.90 -27.98 19.55
CA THR F 235 14.07 -28.67 20.54
C THR F 235 12.59 -28.40 20.37
N GLY F 236 11.80 -29.44 20.58
CA GLY F 236 10.36 -29.33 20.49
C GLY F 236 9.81 -29.47 21.89
N CYS F 237 9.26 -28.39 22.41
CA CYS F 237 8.72 -28.41 23.77
C CYS F 237 7.20 -28.59 23.80
N LYS F 238 6.71 -29.06 24.93
CA LYS F 238 5.29 -29.28 25.16
C LYS F 238 4.59 -27.92 25.25
N ASP F 239 5.37 -26.84 25.44
CA ASP F 239 4.80 -25.51 25.56
C ASP F 239 4.52 -24.87 24.22
N GLY F 240 4.45 -25.70 23.18
CA GLY F 240 4.16 -25.22 21.85
C GLY F 240 5.26 -24.57 21.03
N ARG F 241 6.48 -24.52 21.56
CA ARG F 241 7.57 -23.87 20.83
C ARG F 241 8.73 -24.70 20.33
N ILE F 242 9.16 -24.36 19.13
CA ILE F 242 10.32 -24.99 18.51
C ILE F 242 11.40 -23.98 18.84
N ARG F 243 12.54 -24.43 19.34
CA ARG F 243 13.61 -23.50 19.66
C ARG F 243 14.90 -23.98 19.01
N ILE F 244 15.60 -23.05 18.37
CA ILE F 244 16.86 -23.39 17.74
C ILE F 244 17.97 -22.65 18.46
N PHE F 245 18.84 -23.40 19.11
CA PHE F 245 19.95 -22.84 19.87
C PHE F 245 21.26 -22.91 19.10
N LYS F 246 22.01 -21.82 19.14
CA LYS F 246 23.30 -21.75 18.47
C LYS F 246 24.40 -21.84 19.53
N ILE F 247 25.18 -22.90 19.49
CA ILE F 247 26.25 -23.10 20.44
C ILE F 247 27.60 -22.91 19.74
N THR F 248 28.35 -21.90 20.19
CA THR F 248 29.66 -21.57 19.63
C THR F 248 30.69 -21.70 20.74
N GLU F 249 31.77 -22.44 20.54
CA GLU F 249 32.77 -22.54 21.60
C GLU F 249 33.97 -21.67 21.34
N LYS F 250 34.26 -20.80 22.30
CA LYS F 250 35.37 -19.86 22.21
C LYS F 250 36.25 -19.95 23.46
N SER F 292 37.14 -26.22 25.51
CA SER F 292 36.63 -24.85 25.44
C SER F 292 35.26 -24.68 26.12
N ASN F 293 34.95 -23.45 26.47
CA ASN F 293 33.66 -23.14 27.08
C ASN F 293 32.67 -22.95 25.96
N LEU F 294 31.43 -23.33 26.19
CA LEU F 294 30.41 -23.18 25.17
C LEU F 294 29.59 -21.93 25.41
N GLN F 295 29.39 -21.17 24.35
CA GLN F 295 28.61 -19.94 24.41
C GLN F 295 27.24 -20.29 23.79
N VAL F 296 26.16 -19.98 24.48
CA VAL F 296 24.84 -20.32 23.96
C VAL F 296 23.94 -19.12 23.64
N GLU F 297 23.33 -19.18 22.46
CA GLU F 297 22.40 -18.16 21.96
C GLU F 297 21.07 -18.83 21.64
N LEU F 298 20.02 -18.03 21.50
CA LEU F 298 18.73 -18.56 21.11
C LEU F 298 18.49 -17.95 19.76
N LEU F 299 18.76 -18.68 18.68
CA LEU F 299 18.56 -18.12 17.35
C LEU F 299 17.10 -17.85 17.04
N SER F 300 16.36 -18.93 16.85
CA SER F 300 14.95 -18.80 16.54
C SER F 300 14.09 -19.41 17.63
N GLU F 301 12.81 -19.04 17.60
CA GLU F 301 11.82 -19.55 18.53
C GLU F 301 10.53 -19.43 17.75
N HIS F 302 9.84 -20.53 17.55
CA HIS F 302 8.60 -20.51 16.79
C HIS F 302 7.44 -21.18 17.52
N ASP F 303 6.26 -20.58 17.41
CA ASP F 303 5.06 -21.06 18.06
C ASP F 303 3.98 -21.45 17.05
N ASP F 304 4.31 -21.36 15.77
CA ASP F 304 3.38 -21.70 14.69
C ASP F 304 2.52 -22.92 14.94
N HIS F 305 3.03 -23.87 15.71
CA HIS F 305 2.26 -25.08 15.96
C HIS F 305 1.05 -24.95 16.89
N ASN F 306 1.09 -24.01 17.83
CA ASN F 306 -0.01 -23.82 18.79
C ASN F 306 -0.37 -25.20 19.33
N GLY F 307 0.48 -25.67 20.24
CA GLY F 307 0.27 -26.98 20.81
C GLY F 307 1.62 -27.65 20.85
N GLU F 308 1.72 -28.76 21.55
CA GLU F 308 2.96 -29.50 21.66
C GLU F 308 3.65 -29.80 20.32
N VAL F 309 4.95 -29.52 20.28
CA VAL F 309 5.75 -29.80 19.11
C VAL F 309 6.37 -31.11 19.54
N TRP F 310 5.86 -32.21 18.99
CA TRP F 310 6.32 -33.54 19.36
C TRP F 310 7.61 -34.07 18.73
N SER F 311 7.91 -33.65 17.52
CA SER F 311 9.07 -34.14 16.84
C SER F 311 9.83 -33.11 16.05
N VAL F 312 11.13 -33.05 16.30
CA VAL F 312 12.02 -32.14 15.61
C VAL F 312 13.17 -32.93 15.02
N SER F 313 13.37 -32.84 13.71
CA SER F 313 14.47 -33.56 13.07
C SER F 313 15.21 -32.68 12.09
N TRP F 314 16.45 -33.08 11.79
CA TRP F 314 17.27 -32.33 10.84
C TRP F 314 17.59 -33.07 9.56
N ASN F 315 17.95 -32.24 8.59
CA ASN F 315 18.34 -32.62 7.25
C ASN F 315 19.59 -33.50 7.36
N LEU F 316 20.08 -34.01 6.23
CA LEU F 316 21.30 -34.82 6.23
C LEU F 316 22.46 -33.85 6.34
N THR F 317 22.30 -32.72 5.68
CA THR F 317 23.30 -31.65 5.66
C THR F 317 23.00 -30.60 6.71
N GLY F 318 21.94 -30.80 7.48
CA GLY F 318 21.60 -29.83 8.51
C GLY F 318 21.24 -28.50 7.88
N THR F 319 20.58 -28.57 6.73
CA THR F 319 20.17 -27.40 5.98
C THR F 319 18.70 -27.13 6.19
N ILE F 320 17.95 -28.19 6.45
CA ILE F 320 16.51 -28.11 6.67
C ILE F 320 16.13 -28.69 8.04
N LEU F 321 15.21 -28.03 8.74
CA LEU F 321 14.74 -28.48 10.06
C LEU F 321 13.25 -28.81 10.02
N SER F 322 12.83 -29.87 10.69
CA SER F 322 11.42 -30.23 10.66
C SER F 322 10.75 -30.26 12.04
N SER F 323 9.49 -29.83 12.09
CA SER F 323 8.73 -29.82 13.33
C SER F 323 7.33 -30.37 13.08
N ALA F 324 6.83 -31.17 14.03
CA ALA F 324 5.50 -31.76 13.95
C ALA F 324 4.80 -31.61 15.30
N GLY F 325 3.47 -31.48 15.31
CA GLY F 325 2.79 -31.31 16.57
C GLY F 325 1.30 -31.62 16.60
N ASP F 326 0.62 -31.14 17.65
CA ASP F 326 -0.81 -31.35 17.86
C ASP F 326 -1.62 -30.86 16.69
N ASP F 327 -1.30 -29.67 16.20
CA ASP F 327 -2.01 -29.08 15.07
C ASP F 327 -2.06 -29.99 13.84
N GLY F 328 -1.44 -31.16 13.93
CA GLY F 328 -1.45 -32.11 12.83
C GLY F 328 -0.74 -31.65 11.58
N LYS F 329 0.32 -30.86 11.77
CA LYS F 329 1.05 -30.33 10.65
C LYS F 329 2.53 -30.52 10.86
N VAL F 330 3.26 -30.52 9.74
CA VAL F 330 4.71 -30.62 9.72
C VAL F 330 5.21 -29.37 8.99
N ARG F 331 6.09 -28.61 9.62
CA ARG F 331 6.65 -27.43 8.98
C ARG F 331 8.14 -27.67 8.73
N LEU F 332 8.67 -27.09 7.65
CA LEU F 332 10.09 -27.23 7.33
C LEU F 332 10.72 -25.84 7.41
N TRP F 333 11.91 -25.75 8.01
CA TRP F 333 12.59 -24.48 8.17
C TRP F 333 14.03 -24.44 7.66
N LYS F 334 14.39 -23.38 6.92
CA LYS F 334 15.75 -23.19 6.41
C LYS F 334 16.23 -21.94 7.14
N ALA F 335 17.52 -21.64 7.06
CA ALA F 335 18.01 -20.45 7.74
C ALA F 335 18.23 -19.35 6.73
N THR F 336 18.01 -18.10 7.12
CA THR F 336 18.24 -16.98 6.22
C THR F 336 19.69 -16.55 6.27
N TYR F 337 20.02 -15.53 5.48
CA TYR F 337 21.38 -15.04 5.43
C TYR F 337 21.83 -14.53 6.81
N SER F 338 20.88 -14.12 7.64
CA SER F 338 21.19 -13.59 8.97
C SER F 338 21.04 -14.66 10.02
N ASN F 339 20.81 -15.87 9.56
CA ASN F 339 20.66 -17.04 10.42
C ASN F 339 19.38 -17.16 11.26
N GLU F 340 18.34 -16.41 10.91
CA GLU F 340 17.07 -16.58 11.60
C GLU F 340 16.44 -17.64 10.73
N PHE F 341 15.54 -18.44 11.28
CA PHE F 341 14.91 -19.47 10.48
C PHE F 341 13.54 -19.04 9.99
N LYS F 342 13.26 -19.36 8.74
CA LYS F 342 11.99 -19.03 8.09
C LYS F 342 11.37 -20.38 7.79
N CYS F 343 10.05 -20.41 7.66
CA CYS F 343 9.38 -21.65 7.33
C CYS F 343 9.26 -21.69 5.83
N MSE F 344 9.76 -22.75 5.21
CA MSE F 344 9.71 -22.86 3.76
C MSE F 344 8.51 -23.62 3.20
O MSE F 344 8.12 -23.41 2.05
CB MSE F 344 11.03 -23.46 3.23
CG MSE F 344 11.38 -24.83 3.78
SE MSE F 344 12.82 -25.73 2.80
CE MSE F 344 11.73 -26.48 1.37
N SER F 345 7.94 -24.50 3.99
CA SER F 345 6.77 -25.24 3.52
C SER F 345 6.03 -25.91 4.68
N VAL F 346 4.73 -26.16 4.50
CA VAL F 346 3.92 -26.78 5.53
C VAL F 346 3.09 -27.95 5.03
N ILE F 347 3.38 -29.15 5.51
CA ILE F 347 2.63 -30.34 5.12
C ILE F 347 1.60 -30.62 6.21
N THR F 348 0.31 -30.66 5.86
CA THR F 348 -0.75 -30.92 6.84
C THR F 348 -1.33 -32.31 6.68
N ALA F 349 -1.50 -32.99 7.82
CA ALA F 349 -2.02 -34.35 7.89
C ALA F 349 -3.47 -34.30 8.26
N GLN F 350 -3.99 -33.08 8.34
CA GLN F 350 -5.38 -32.90 8.68
C GLN F 350 -6.24 -33.31 7.52
N GLN F 351 -7.49 -33.56 7.88
CA GLN F 351 -8.52 -33.99 6.95
C GLN F 351 -9.57 -32.88 6.99
N LYS G 39 -5.17 25.91 1.32
CA LYS G 39 -4.01 26.86 1.31
C LYS G 39 -2.74 26.28 1.92
N ARG G 40 -1.61 26.96 1.69
CA ARG G 40 -0.31 26.51 2.16
C ARG G 40 -0.03 25.00 2.02
N ASP G 41 -0.75 24.36 1.10
CA ASP G 41 -0.62 22.92 0.82
C ASP G 41 -0.62 22.53 -0.68
N PRO G 42 -0.07 21.34 -1.02
CA PRO G 42 0.00 20.83 -2.40
C PRO G 42 -1.32 20.35 -3.03
N VAL G 43 -1.55 20.73 -4.29
CA VAL G 43 -2.76 20.35 -5.02
C VAL G 43 -2.42 19.46 -6.23
N SER G 44 -2.35 20.10 -7.40
CA SER G 44 -2.03 19.43 -8.66
C SER G 44 -0.58 18.90 -8.69
N GLY G 45 0.32 19.65 -8.06
CA GLY G 45 1.71 19.25 -8.03
C GLY G 45 2.35 19.49 -6.67
N ALA G 46 2.46 20.76 -6.28
CA ALA G 46 3.07 21.13 -5.01
C ALA G 46 2.46 22.35 -4.31
N ILE G 47 3.22 22.90 -3.36
CA ILE G 47 2.87 24.05 -2.54
C ILE G 47 2.04 25.21 -3.10
N LEU G 48 0.93 25.52 -2.44
CA LEU G 48 0.06 26.63 -2.83
C LEU G 48 0.28 27.80 -1.88
N VAL G 49 0.54 28.98 -2.43
CA VAL G 49 0.79 30.13 -1.59
C VAL G 49 -0.02 31.31 -2.02
N PRO G 50 -0.37 32.20 -1.09
CA PRO G 50 -1.15 33.40 -1.37
C PRO G 50 -0.30 34.46 -2.03
N MSE G 51 -0.92 35.22 -2.93
CA MSE G 51 -0.22 36.28 -3.60
C MSE G 51 -0.09 37.41 -2.61
O MSE G 51 0.86 38.16 -2.63
CB MSE G 51 -1.01 36.74 -4.82
CG MSE G 51 -0.37 37.91 -5.52
SE MSE G 51 -1.22 38.24 -7.19
CE MSE G 51 -0.82 36.52 -8.01
N THR G 52 -1.05 37.53 -1.72
CA THR G 52 -0.97 38.59 -0.75
C THR G 52 -1.52 38.07 0.55
N VAL G 53 -1.54 38.91 1.57
CA VAL G 53 -2.04 38.52 2.88
C VAL G 53 -3.32 39.29 3.19
N ASN G 54 -3.51 40.41 2.51
CA ASN G 54 -4.70 41.23 2.74
C ASN G 54 -5.63 41.39 1.57
N ASP G 55 -5.11 41.82 0.41
CA ASP G 55 -5.99 42.06 -0.71
C ASP G 55 -5.96 41.21 -1.95
N GLN G 56 -6.43 39.98 -1.85
CA GLN G 56 -6.50 39.13 -3.02
C GLN G 56 -7.45 39.87 -3.95
N PRO G 57 -7.02 40.13 -5.19
CA PRO G 57 -7.82 40.85 -6.18
C PRO G 57 -9.00 40.09 -6.77
N ILE G 58 -8.87 38.77 -6.86
CA ILE G 58 -9.90 37.92 -7.45
C ILE G 58 -10.89 37.33 -6.45
N GLU G 59 -12.00 36.80 -6.96
CA GLU G 59 -13.05 36.15 -6.16
C GLU G 59 -13.41 34.81 -6.79
N LYS G 60 -13.83 33.87 -5.96
CA LYS G 60 -14.18 32.51 -6.42
C LYS G 60 -15.09 32.42 -7.66
N ASN G 61 -16.23 33.10 -7.63
CA ASN G 61 -17.16 33.08 -8.75
C ASN G 61 -17.40 34.47 -9.34
N GLY G 62 -16.84 35.49 -8.68
CA GLY G 62 -16.99 36.85 -9.14
C GLY G 62 -17.05 36.91 -10.66
N ASP G 63 -15.91 36.67 -11.30
CA ASP G 63 -15.80 36.67 -12.76
C ASP G 63 -14.40 36.23 -13.14
N LYS G 64 -14.28 35.37 -14.13
CA LYS G 64 -12.96 34.94 -14.57
C LYS G 64 -12.24 36.17 -15.10
N MSE G 65 -10.93 36.25 -14.90
CA MSE G 65 -10.19 37.42 -15.38
C MSE G 65 -8.81 37.14 -15.94
O MSE G 65 -8.25 36.05 -15.76
CB MSE G 65 -10.07 38.43 -14.26
CG MSE G 65 -11.39 38.85 -13.71
SE MSE G 65 -11.16 40.30 -12.56
CE MSE G 65 -12.20 41.65 -13.47
N PRO G 66 -8.25 38.12 -16.67
CA PRO G 66 -6.93 38.04 -17.29
C PRO G 66 -5.81 38.34 -16.30
N LEU G 67 -5.36 37.29 -15.60
CA LEU G 67 -4.28 37.43 -14.65
C LEU G 67 -2.99 37.25 -15.43
N LYS G 68 -2.09 38.19 -15.28
CA LYS G 68 -0.83 38.12 -15.99
C LYS G 68 0.31 38.17 -14.97
N PHE G 69 1.39 37.44 -15.25
CA PHE G 69 2.53 37.38 -14.34
C PHE G 69 3.85 37.39 -15.11
N LYS G 70 4.75 38.29 -14.73
CA LYS G 70 6.08 38.40 -15.35
C LYS G 70 7.20 38.05 -14.36
N LEU G 71 8.01 37.06 -14.66
CA LEU G 71 9.11 36.69 -13.78
C LEU G 71 10.15 37.79 -13.90
N GLY G 72 10.69 38.23 -12.78
CA GLY G 72 11.69 39.29 -12.81
C GLY G 72 13.14 38.86 -12.81
N PRO G 73 14.06 39.75 -13.21
CA PRO G 73 15.48 39.41 -13.23
C PRO G 73 15.94 39.08 -11.81
N LEU G 74 15.12 39.46 -10.85
CA LEU G 74 15.38 39.23 -9.43
C LEU G 74 14.38 38.23 -8.81
N SER G 75 14.86 37.05 -8.43
CA SER G 75 14.02 36.02 -7.84
C SER G 75 12.97 36.54 -6.86
N TYR G 76 13.43 37.45 -6.00
CA TYR G 76 12.58 38.04 -4.97
C TYR G 76 11.78 39.23 -5.45
N GLN G 77 11.87 39.54 -6.74
CA GLN G 77 11.15 40.67 -7.27
C GLN G 77 10.45 40.39 -8.61
N ASN G 78 9.27 39.78 -8.55
CA ASN G 78 8.49 39.47 -9.74
C ASN G 78 7.30 40.41 -9.77
N MSE G 79 6.28 40.10 -10.59
CA MSE G 79 5.11 40.98 -10.71
C MSE G 79 3.92 40.34 -11.36
O MSE G 79 4.01 39.73 -12.42
CB MSE G 79 5.47 42.22 -11.51
CG MSE G 79 4.52 43.37 -11.37
SE MSE G 79 4.81 44.23 -9.72
CE MSE G 79 6.32 45.27 -10.10
N ALA G 80 2.77 40.51 -10.72
CA ALA G 80 1.51 40.00 -11.21
C ALA G 80 0.58 41.20 -11.34
N PHE G 81 -0.30 41.16 -12.34
CA PHE G 81 -1.25 42.24 -12.54
C PHE G 81 -2.44 41.70 -13.31
N ILE G 82 -3.49 42.51 -13.46
CA ILE G 82 -4.66 42.06 -14.19
C ILE G 82 -5.13 43.08 -15.21
N THR G 83 -5.45 42.58 -16.40
CA THR G 83 -5.94 43.43 -17.48
C THR G 83 -7.46 43.38 -17.38
N ALA G 84 -8.02 44.25 -16.56
CA ALA G 84 -9.46 44.30 -16.34
C ALA G 84 -9.82 45.65 -15.75
N LYS G 85 -11.10 46.01 -15.81
CA LYS G 85 -11.53 47.29 -15.26
C LYS G 85 -11.53 47.31 -13.76
N ASP G 86 -11.16 48.46 -13.22
CA ASP G 86 -11.10 48.70 -11.79
C ASP G 86 -10.12 47.76 -11.07
N LYS G 87 -9.18 47.22 -11.82
CA LYS G 87 -8.14 46.33 -11.29
C LYS G 87 -6.79 46.91 -11.74
N TYR G 88 -6.41 48.03 -11.12
CA TYR G 88 -5.18 48.72 -11.49
C TYR G 88 -4.06 48.66 -10.47
N LYS G 89 -4.04 47.61 -9.67
CA LYS G 89 -2.98 47.46 -8.68
C LYS G 89 -1.95 46.51 -9.23
N LEU G 90 -0.69 46.71 -8.86
CA LEU G 90 0.38 45.81 -9.30
C LEU G 90 0.79 44.99 -8.10
N TYR G 91 0.94 43.69 -8.31
CA TYR G 91 1.27 42.78 -7.22
C TYR G 91 2.69 42.20 -7.23
N PRO G 92 3.62 42.85 -6.52
CA PRO G 92 4.96 42.28 -6.53
C PRO G 92 4.95 40.95 -5.81
N VAL G 93 5.37 39.91 -6.50
CA VAL G 93 5.37 38.56 -5.94
C VAL G 93 6.77 38.00 -5.88
N ARG G 94 7.09 37.22 -4.85
CA ARG G 94 8.42 36.62 -4.82
C ARG G 94 8.29 35.10 -4.84
N ILE G 95 9.20 34.48 -5.58
CA ILE G 95 9.20 33.03 -5.73
C ILE G 95 9.12 32.31 -4.41
N PRO G 96 8.17 31.37 -4.32
CA PRO G 96 7.91 30.54 -3.14
C PRO G 96 9.16 29.82 -2.62
N ARG G 97 9.41 29.99 -1.32
CA ARG G 97 10.54 29.36 -0.66
C ARG G 97 11.91 29.87 -1.06
N LEU G 98 11.97 31.14 -1.47
CA LEU G 98 13.24 31.73 -1.87
C LEU G 98 14.02 32.03 -0.60
N ASP G 99 15.35 31.87 -0.65
CA ASP G 99 16.17 32.16 0.52
C ASP G 99 17.08 33.36 0.28
N THR G 100 16.78 34.45 0.98
CA THR G 100 17.53 35.69 0.88
C THR G 100 18.32 35.93 2.15
N SER G 101 18.12 35.06 3.13
CA SER G 101 18.81 35.18 4.41
C SER G 101 20.31 35.27 4.29
N LYS G 102 20.92 35.86 5.31
CA LYS G 102 22.35 36.02 5.37
C LYS G 102 22.92 34.65 5.69
N GLU G 103 22.22 33.92 6.57
CA GLU G 103 22.63 32.57 6.97
C GLU G 103 22.83 31.70 5.75
N PHE G 104 21.97 31.87 4.76
CA PHE G 104 22.09 31.08 3.54
C PHE G 104 23.33 31.47 2.73
N SER G 105 23.51 32.75 2.43
CA SER G 105 24.67 33.17 1.62
C SER G 105 25.97 32.84 2.31
N ALA G 106 25.89 32.60 3.62
CA ALA G 106 27.05 32.24 4.38
C ALA G 106 27.23 30.76 4.14
N TYR G 107 26.12 30.04 4.25
CA TYR G 107 26.07 28.60 4.04
C TYR G 107 26.56 28.23 2.64
N VAL G 108 26.11 28.98 1.64
CA VAL G 108 26.51 28.74 0.27
C VAL G 108 28.01 28.98 0.12
N SER G 109 28.52 30.12 0.60
CA SER G 109 29.94 30.43 0.55
C SER G 109 30.73 29.32 1.21
N GLY G 110 30.32 28.95 2.43
CA GLY G 110 30.99 27.89 3.17
C GLY G 110 31.09 26.56 2.46
N LEU G 111 30.05 26.19 1.72
CA LEU G 111 30.03 24.93 0.98
C LEU G 111 30.90 25.07 -0.28
N PHE G 112 30.99 26.28 -0.82
CA PHE G 112 31.82 26.48 -2.00
C PHE G 112 33.29 26.30 -1.67
N GLU G 113 33.66 26.64 -0.44
CA GLU G 113 35.03 26.48 -0.03
C GLU G 113 35.30 25.01 -0.14
N ILE G 114 34.63 24.24 0.72
CA ILE G 114 34.79 22.79 0.74
C ILE G 114 34.86 22.20 -0.66
N TYR G 115 34.20 22.85 -1.62
CA TYR G 115 34.17 22.38 -3.00
C TYR G 115 35.49 22.66 -3.73
N ARG G 116 35.90 23.92 -3.84
CA ARG G 116 37.14 24.21 -4.55
C ARG G 116 38.38 23.67 -3.85
N ASP G 117 38.26 23.46 -2.53
CA ASP G 117 39.36 22.94 -1.76
C ASP G 117 39.61 21.46 -2.02
N LEU G 118 38.61 20.75 -2.52
CA LEU G 118 38.81 19.34 -2.82
C LEU G 118 39.71 19.20 -4.04
N GLY G 119 40.07 20.33 -4.63
CA GLY G 119 40.94 20.32 -5.79
C GLY G 119 40.58 19.22 -6.78
N ASP G 120 41.54 18.35 -7.09
CA ASP G 120 41.30 17.26 -8.02
C ASP G 120 40.47 16.15 -7.39
N ASP G 121 40.38 16.15 -6.06
CA ASP G 121 39.61 15.13 -5.38
C ASP G 121 38.12 15.34 -5.56
N ARG G 122 37.75 16.38 -6.30
CA ARG G 122 36.34 16.63 -6.54
C ARG G 122 35.85 15.55 -7.51
N VAL G 123 36.76 15.01 -8.32
CA VAL G 123 36.41 13.97 -9.29
C VAL G 123 36.89 12.61 -8.81
N PHE G 124 36.59 11.56 -9.58
CA PHE G 124 36.98 10.21 -9.20
C PHE G 124 37.69 9.46 -10.33
N ASN G 125 38.93 9.05 -10.08
CA ASN G 125 39.72 8.31 -11.08
C ASN G 125 39.80 6.84 -10.71
N ASN G 133 51.75 5.28 -5.78
CA ASN G 133 50.47 5.91 -5.49
C ASN G 133 49.29 4.93 -5.53
N SER G 134 49.35 3.91 -4.67
CA SER G 134 48.26 2.94 -4.56
C SER G 134 47.49 3.43 -3.34
N ASN G 135 48.07 4.48 -2.77
CA ASN G 135 47.56 5.20 -1.62
C ASN G 135 46.75 6.37 -2.17
N PHE G 136 46.87 6.60 -3.48
CA PHE G 136 46.11 7.65 -4.13
C PHE G 136 44.66 7.38 -3.79
N ALA G 137 44.34 6.08 -3.77
CA ALA G 137 43.00 5.63 -3.45
C ALA G 137 42.71 5.89 -1.97
N LYS G 138 43.59 5.41 -1.10
CA LYS G 138 43.44 5.58 0.33
C LYS G 138 43.39 7.05 0.76
N GLU G 139 44.23 7.90 0.18
CA GLU G 139 44.28 9.33 0.52
C GLU G 139 43.10 10.09 -0.04
N HIS G 140 42.65 9.69 -1.21
CA HIS G 140 41.50 10.31 -1.86
C HIS G 140 40.33 10.17 -0.91
N ASN G 141 39.98 8.93 -0.58
CA ASN G 141 38.89 8.65 0.33
C ASN G 141 39.02 9.48 1.60
N ALA G 142 40.21 9.49 2.18
CA ALA G 142 40.44 10.25 3.40
C ALA G 142 40.05 11.73 3.30
N THR G 143 40.53 12.41 2.25
CA THR G 143 40.23 13.83 2.08
C THR G 143 38.77 14.07 1.71
N VAL G 144 38.12 13.07 1.12
CA VAL G 144 36.72 13.18 0.75
C VAL G 144 35.84 12.96 1.99
N ASN G 145 36.05 11.86 2.70
CA ASN G 145 35.28 11.57 3.90
C ASN G 145 35.39 12.73 4.88
N LEU G 146 36.36 13.60 4.63
CA LEU G 146 36.60 14.77 5.46
C LEU G 146 35.77 15.94 4.98
N ALA G 147 35.67 16.08 3.66
CA ALA G 147 34.87 17.13 3.08
C ALA G 147 33.42 16.88 3.47
N MSE G 148 33.08 15.60 3.61
CA MSE G 148 31.73 15.18 3.97
C MSE G 148 31.39 15.65 5.37
O MSE G 148 30.28 16.09 5.63
CB MSE G 148 31.58 13.67 3.88
CG MSE G 148 30.24 13.12 4.34
SE MSE G 148 28.69 13.70 3.39
CE MSE G 148 27.90 14.82 4.69
N GLU G 149 32.37 15.55 6.26
CA GLU G 149 32.18 15.99 7.64
C GLU G 149 32.10 17.52 7.62
N ALA G 150 32.81 18.12 6.66
CA ALA G 150 32.84 19.56 6.48
C ALA G 150 31.45 20.06 6.12
N ILE G 151 30.83 19.34 5.19
CA ILE G 151 29.47 19.65 4.72
C ILE G 151 28.50 19.52 5.88
N LEU G 152 28.46 18.35 6.50
CA LEU G 152 27.57 18.13 7.64
C LEU G 152 27.66 19.29 8.63
N ASN G 153 28.86 19.79 8.87
CA ASN G 153 29.04 20.91 9.78
C ASN G 153 28.38 22.17 9.22
N GLU G 154 28.78 22.58 8.02
CA GLU G 154 28.22 23.77 7.40
C GLU G 154 26.71 23.75 7.52
N LEU G 155 26.13 22.57 7.31
CA LEU G 155 24.67 22.38 7.36
C LEU G 155 24.12 22.43 8.79
N GLU G 156 24.87 21.92 9.76
CA GLU G 156 24.41 21.95 11.14
C GLU G 156 24.42 23.38 11.62
N VAL G 157 25.41 24.15 11.15
CA VAL G 157 25.52 25.54 11.54
C VAL G 157 24.35 26.33 10.98
N PHE G 158 24.07 26.10 9.70
CA PHE G 158 22.97 26.75 9.00
C PHE G 158 21.69 26.44 9.77
N ILE G 159 21.45 25.14 9.97
CA ILE G 159 20.29 24.66 10.70
C ILE G 159 20.16 25.39 12.02
N GLY G 160 21.26 25.51 12.74
CA GLY G 160 21.23 26.19 14.02
C GLY G 160 20.84 27.65 13.92
N ARG G 161 21.33 28.35 12.89
CA ARG G 161 21.05 29.76 12.71
C ARG G 161 19.62 30.01 12.28
N VAL G 162 19.06 29.08 11.55
CA VAL G 162 17.67 29.21 11.09
C VAL G 162 16.72 29.03 12.27
N LYS G 163 17.14 28.23 13.25
CA LYS G 163 16.35 27.96 14.45
C LYS G 163 16.20 29.23 15.29
N ASP G 164 17.28 30.01 15.40
CA ASP G 164 17.30 31.25 16.19
C ASP G 164 16.49 32.38 15.61
N GLN G 165 16.57 32.50 14.28
CA GLN G 165 15.91 33.57 13.57
C GLN G 165 14.40 33.52 13.34
N ASP G 166 13.91 32.38 12.89
CA ASP G 166 12.49 32.30 12.60
C ASP G 166 11.76 31.25 13.41
N GLY G 167 12.53 30.45 14.14
CA GLY G 167 11.91 29.42 14.94
C GLY G 167 11.60 28.18 14.15
N ARG G 168 10.52 27.48 14.53
CA ARG G 168 10.12 26.25 13.87
C ARG G 168 9.51 26.50 12.49
N VAL G 169 10.13 27.40 11.71
CA VAL G 169 9.61 27.66 10.38
C VAL G 169 9.86 26.45 9.51
N ASN G 170 8.99 26.35 8.53
CA ASN G 170 8.93 25.31 7.51
C ASN G 170 10.29 24.97 6.91
N ARG G 171 11.19 25.97 6.89
CA ARG G 171 12.54 25.83 6.34
C ARG G 171 13.42 25.01 7.28
N PHE G 172 13.27 25.25 8.57
CA PHE G 172 14.03 24.54 9.59
C PHE G 172 13.77 23.05 9.45
N TYR G 173 12.48 22.71 9.33
CA TYR G 173 12.10 21.32 9.18
C TYR G 173 12.78 20.70 7.93
N GLU G 174 12.55 21.28 6.76
CA GLU G 174 13.15 20.79 5.52
C GLU G 174 14.66 20.59 5.64
N LEU G 175 15.35 21.52 6.30
CA LEU G 175 16.80 21.41 6.47
C LEU G 175 17.21 20.27 7.36
N GLU G 176 16.51 20.09 8.48
CA GLU G 176 16.83 18.99 9.38
C GLU G 176 16.69 17.65 8.70
N GLU G 177 15.62 17.49 7.92
CA GLU G 177 15.40 16.24 7.19
C GLU G 177 16.61 15.98 6.29
N SER G 178 17.08 17.01 5.61
CA SER G 178 18.23 16.87 4.75
C SER G 178 19.40 16.35 5.56
N LEU G 179 19.69 16.98 6.68
CA LEU G 179 20.80 16.56 7.52
C LEU G 179 20.68 15.09 7.89
N THR G 180 19.49 14.67 8.29
CA THR G 180 19.30 13.26 8.67
C THR G 180 19.66 12.34 7.50
N VAL G 181 19.18 12.67 6.32
CA VAL G 181 19.48 11.88 5.14
C VAL G 181 20.99 11.82 4.91
N LEU G 182 21.69 12.95 5.10
CA LEU G 182 23.14 12.99 4.92
C LEU G 182 23.79 12.21 6.03
N ASN G 183 23.27 12.37 7.24
CA ASN G 183 23.81 11.65 8.37
C ASN G 183 23.78 10.15 8.09
N CYS G 184 22.75 9.69 7.39
CA CYS G 184 22.66 8.28 7.04
C CYS G 184 23.72 7.97 5.98
N LEU G 185 23.72 8.79 4.92
CA LEU G 185 24.66 8.66 3.82
C LEU G 185 26.10 8.57 4.32
N ARG G 186 26.46 9.46 5.25
CA ARG G 186 27.80 9.47 5.78
C ARG G 186 28.09 8.16 6.45
N THR G 187 27.26 7.80 7.43
CA THR G 187 27.46 6.54 8.14
C THR G 187 27.64 5.35 7.21
N MSE G 188 26.80 5.24 6.20
CA MSE G 188 26.88 4.11 5.28
C MSE G 188 27.94 4.14 4.18
O MSE G 188 28.26 3.09 3.64
CB MSE G 188 25.51 3.89 4.65
CG MSE G 188 24.40 3.66 5.67
SE MSE G 188 24.65 2.13 6.79
CE MSE G 188 24.51 0.69 5.50
N TYR G 189 28.48 5.30 3.83
CA TYR G 189 29.49 5.34 2.76
C TYR G 189 30.73 6.22 2.94
N PHE G 190 30.74 7.10 3.94
CA PHE G 190 31.87 7.98 4.15
C PHE G 190 32.64 7.75 5.45
N ILE G 191 32.72 6.48 5.87
CA ILE G 191 33.42 6.11 7.08
C ILE G 191 34.23 4.85 6.87
N LEU G 192 33.61 3.78 6.37
CA LEU G 192 34.33 2.52 6.18
C LEU G 192 34.88 2.27 4.79
N ASP G 193 34.59 3.16 3.84
CA ASP G 193 35.07 3.04 2.46
C ASP G 193 35.05 1.61 1.92
N GLY G 194 33.87 1.06 1.68
CA GLY G 194 33.79 -0.30 1.15
C GLY G 194 34.27 -1.40 2.10
N GLN G 195 34.70 -1.03 3.30
CA GLN G 195 35.17 -2.00 4.29
C GLN G 195 34.01 -2.47 5.16
N ASP G 196 34.34 -3.02 6.32
CA ASP G 196 33.31 -3.49 7.23
C ASP G 196 33.48 -2.78 8.57
N VAL G 197 32.42 -2.76 9.35
CA VAL G 197 32.42 -2.11 10.66
C VAL G 197 33.65 -2.49 11.46
N GLU G 198 34.32 -3.56 11.07
CA GLU G 198 35.49 -3.93 11.86
C GLU G 198 36.67 -3.00 11.68
N GLU G 199 36.78 -2.39 10.50
CA GLU G 199 37.88 -1.47 10.22
C GLU G 199 37.88 -0.28 11.17
N ASN G 200 36.77 0.42 11.24
CA ASN G 200 36.68 1.57 12.11
C ASN G 200 35.38 1.50 12.93
N ARG G 201 35.38 0.73 14.01
CA ARG G 201 34.18 0.60 14.83
C ARG G 201 33.72 1.88 15.51
N SER G 202 34.61 2.58 16.23
CA SER G 202 34.21 3.80 16.93
C SER G 202 33.61 4.87 16.03
N GLU G 203 34.22 5.13 14.88
CA GLU G 203 33.68 6.16 13.99
C GLU G 203 32.30 5.79 13.46
N PHE G 204 32.13 4.51 13.13
CA PHE G 204 30.89 3.99 12.59
C PHE G 204 29.78 4.03 13.62
N ILE G 205 29.96 3.28 14.70
CA ILE G 205 28.94 3.23 15.73
C ILE G 205 28.58 4.61 16.24
N GLU G 206 29.55 5.50 16.34
CA GLU G 206 29.29 6.84 16.83
C GLU G 206 28.41 7.60 15.86
N SER G 207 28.67 7.40 14.57
CA SER G 207 27.93 8.06 13.51
C SER G 207 26.52 7.47 13.36
N LEU G 208 26.42 6.15 13.49
CA LEU G 208 25.16 5.43 13.38
C LEU G 208 24.23 5.91 14.47
N LEU G 209 24.72 5.92 15.71
CA LEU G 209 23.92 6.36 16.84
C LEU G 209 23.52 7.82 16.69
N ASN G 210 24.34 8.60 15.99
CA ASN G 210 24.00 10.00 15.79
C ASN G 210 22.82 10.11 14.85
N TRP G 211 22.93 9.49 13.67
CA TRP G 211 21.85 9.48 12.68
C TRP G 211 20.53 9.07 13.29
N ILE G 212 20.54 7.94 14.01
CA ILE G 212 19.33 7.41 14.66
C ILE G 212 18.71 8.37 15.69
N ASN G 213 19.49 8.82 16.66
CA ASN G 213 18.98 9.73 17.69
C ASN G 213 18.97 11.20 17.30
N ARG G 214 18.70 11.45 16.02
CA ARG G 214 18.64 12.81 15.49
C ARG G 214 17.63 12.86 14.35
N SER G 215 17.03 11.73 14.04
CA SER G 215 16.02 11.63 12.99
C SER G 215 14.69 12.10 13.54
N ASP G 216 14.29 11.50 14.65
CA ASP G 216 13.07 11.84 15.35
C ASP G 216 13.46 12.13 16.79
N GLY G 217 12.78 13.10 17.39
CA GLY G 217 13.10 13.47 18.75
C GLY G 217 12.92 12.36 19.78
N GLU G 218 12.14 11.33 19.44
CA GLU G 218 11.85 10.22 20.36
C GLU G 218 12.98 9.25 20.71
N PRO G 219 12.92 8.66 21.92
CA PRO G 219 11.85 8.91 22.88
C PRO G 219 12.05 10.24 23.62
N ASP G 220 11.22 11.23 23.30
CA ASP G 220 11.32 12.56 23.89
C ASP G 220 11.09 12.52 25.40
N GLU G 221 11.90 13.28 26.15
CA GLU G 221 11.78 13.31 27.61
C GLU G 221 10.36 13.61 28.08
N GLU G 222 9.56 14.19 27.19
CA GLU G 222 8.19 14.49 27.53
C GLU G 222 7.45 13.17 27.74
N TYR G 223 7.69 12.21 26.85
CA TYR G 223 7.05 10.91 26.98
C TYR G 223 7.62 10.10 28.12
N ILE G 224 8.92 10.22 28.34
CA ILE G 224 9.56 9.49 29.43
C ILE G 224 8.88 9.80 30.76
N GLU G 225 8.40 11.03 30.95
CA GLU G 225 7.74 11.35 32.21
C GLU G 225 6.24 11.22 32.18
N GLN G 226 5.74 10.57 31.14
CA GLN G 226 4.32 10.28 30.98
C GLN G 226 4.23 8.82 31.41
N VAL G 227 5.38 8.17 31.46
CA VAL G 227 5.50 6.77 31.86
C VAL G 227 5.87 6.66 33.33
N PHE G 228 6.12 7.80 33.96
CA PHE G 228 6.51 7.82 35.37
C PHE G 228 5.64 8.76 36.18
N SER G 229 4.33 8.69 35.99
CA SER G 229 3.40 9.54 36.73
C SER G 229 1.99 8.93 36.80
N VAL G 230 1.41 8.94 38.00
CA VAL G 230 0.07 8.39 38.24
C VAL G 230 0.01 6.90 37.87
N LYS G 238 0.16 -2.66 38.83
CA LYS G 238 0.70 -1.76 39.85
C LYS G 238 2.22 -1.68 39.79
N VAL G 239 2.75 -0.47 39.99
CA VAL G 239 4.19 -0.20 39.97
C VAL G 239 4.65 -0.06 38.50
N PHE G 240 5.85 -0.52 38.16
CA PHE G 240 6.31 -0.40 36.79
C PHE G 240 6.42 -1.71 36.06
N GLU G 241 5.90 -2.80 36.63
CA GLU G 241 5.97 -4.05 35.92
C GLU G 241 4.82 -4.10 34.90
N THR G 242 5.05 -3.41 33.78
CA THR G 242 4.10 -3.33 32.67
C THR G 242 4.84 -3.17 31.36
N GLN G 243 4.12 -3.34 30.25
CA GLN G 243 4.74 -3.22 28.95
C GLN G 243 5.30 -1.85 28.66
N TYR G 244 4.64 -0.81 29.13
CA TYR G 244 5.11 0.54 28.85
C TYR G 244 6.53 0.80 29.32
N PHE G 245 6.89 0.24 30.46
CA PHE G 245 8.23 0.45 30.98
C PHE G 245 9.27 -0.28 30.15
N TRP G 246 9.08 -1.57 29.96
CA TRP G 246 10.03 -2.37 29.20
C TRP G 246 10.13 -1.97 27.72
N LYS G 247 9.01 -1.64 27.09
CA LYS G 247 9.05 -1.23 25.70
C LYS G 247 9.93 0.01 25.59
N LEU G 248 9.86 0.87 26.60
CA LEU G 248 10.64 2.10 26.66
C LEU G 248 12.10 1.78 27.00
N LEU G 249 12.30 0.80 27.87
CA LEU G 249 13.64 0.43 28.27
C LEU G 249 14.36 -0.22 27.11
N ASN G 250 13.69 -1.18 26.47
CA ASN G 250 14.29 -1.87 25.33
C ASN G 250 14.46 -0.89 24.16
N GLN G 251 13.59 0.09 24.08
CA GLN G 251 13.68 1.07 23.00
C GLN G 251 14.94 1.89 23.17
N LEU G 252 15.25 2.25 24.40
CA LEU G 252 16.45 3.02 24.67
C LEU G 252 17.68 2.19 24.33
N VAL G 253 17.60 0.90 24.60
CA VAL G 253 18.71 -0.03 24.33
C VAL G 253 18.93 -0.12 22.83
N LEU G 254 17.87 -0.39 22.07
CA LEU G 254 17.97 -0.50 20.62
C LEU G 254 18.59 0.75 20.00
N ARG G 255 18.32 1.92 20.59
CA ARG G 255 18.85 3.17 20.07
C ARG G 255 20.22 3.54 20.58
N GLY G 256 20.80 2.65 21.39
CA GLY G 256 22.14 2.89 21.92
C GLY G 256 22.17 3.90 23.06
N LEU G 257 21.00 4.35 23.49
CA LEU G 257 20.90 5.32 24.58
C LEU G 257 21.03 4.62 25.92
N LEU G 258 22.15 3.93 26.12
CA LEU G 258 22.38 3.20 27.35
C LEU G 258 22.44 4.11 28.58
N SER G 259 23.09 5.26 28.45
CA SER G 259 23.19 6.21 29.56
C SER G 259 21.80 6.41 30.16
N GLN G 260 20.87 6.78 29.30
CA GLN G 260 19.49 6.99 29.70
C GLN G 260 18.84 5.71 30.17
N ALA G 261 19.08 4.63 29.44
CA ALA G 261 18.51 3.33 29.77
C ALA G 261 18.74 2.95 31.24
N ILE G 262 20.00 2.94 31.64
CA ILE G 262 20.35 2.61 33.02
C ILE G 262 19.60 3.55 33.95
N GLY G 263 19.49 4.82 33.55
CA GLY G 263 18.79 5.79 34.37
C GLY G 263 17.37 5.40 34.69
N CYS G 264 16.67 4.83 33.71
CA CYS G 264 15.28 4.41 33.88
C CYS G 264 15.14 3.28 34.88
N ILE G 265 16.09 2.36 34.85
CA ILE G 265 16.07 1.23 35.77
C ILE G 265 16.28 1.77 37.18
N GLU G 266 17.32 2.60 37.32
CA GLU G 266 17.64 3.22 38.61
C GLU G 266 16.61 4.29 38.91
N ARG G 267 15.34 3.93 38.85
CA ARG G 267 14.32 4.90 39.17
C ARG G 267 13.18 4.17 39.84
N SER G 268 13.18 2.85 39.72
CA SER G 268 12.12 2.08 40.33
C SER G 268 12.48 0.73 40.96
N ASP G 269 12.16 -0.34 40.22
CA ASP G 269 12.31 -1.75 40.63
C ASP G 269 13.67 -2.39 40.91
N LEU G 270 14.78 -1.75 40.56
CA LEU G 270 16.08 -2.38 40.80
C LEU G 270 16.44 -2.64 42.26
N LEU G 271 16.64 -1.56 43.01
CA LEU G 271 17.05 -1.67 44.40
C LEU G 271 15.99 -2.15 45.38
N PRO G 272 14.71 -1.97 45.05
CA PRO G 272 13.74 -2.45 46.03
C PRO G 272 13.11 -3.81 45.76
N TYR G 273 12.23 -3.88 44.78
CA TYR G 273 11.54 -5.14 44.50
C TYR G 273 12.51 -6.28 44.34
N LEU G 274 13.60 -6.05 43.62
CA LEU G 274 14.57 -7.12 43.41
C LEU G 274 15.36 -7.44 44.68
N SER G 275 16.23 -6.52 45.09
CA SER G 275 17.06 -6.74 46.28
C SER G 275 16.31 -7.40 47.43
N ASP G 276 15.00 -7.17 47.52
CA ASP G 276 14.18 -7.74 48.59
C ASP G 276 13.55 -9.07 48.20
N THR G 277 12.72 -9.05 47.16
CA THR G 277 12.04 -10.26 46.70
C THR G 277 12.98 -11.41 46.32
N CYS G 278 13.55 -11.33 45.12
CA CYS G 278 14.47 -12.35 44.62
C CYS G 278 15.91 -11.85 44.56
N ALA G 279 16.84 -12.60 45.16
CA ALA G 279 18.24 -12.21 45.16
C ALA G 279 18.94 -12.70 43.90
N VAL G 280 18.44 -13.80 43.34
CA VAL G 280 19.01 -14.38 42.14
C VAL G 280 18.94 -13.39 40.98
N SER G 281 17.74 -12.89 40.71
CA SER G 281 17.52 -11.93 39.64
C SER G 281 18.08 -10.55 39.94
N PHE G 282 18.23 -10.21 41.21
CA PHE G 282 18.79 -8.90 41.53
C PHE G 282 20.16 -8.83 40.87
N ASP G 283 20.96 -9.87 41.10
CA ASP G 283 22.30 -9.93 40.54
C ASP G 283 22.25 -9.84 39.02
N ALA G 284 21.41 -10.65 38.40
CA ALA G 284 21.29 -10.64 36.95
C ALA G 284 21.03 -9.21 36.43
N VAL G 285 19.94 -8.59 36.89
CA VAL G 285 19.58 -7.24 36.45
C VAL G 285 20.64 -6.19 36.71
N SER G 286 21.40 -6.34 37.79
CA SER G 286 22.41 -5.36 38.12
C SER G 286 23.72 -5.51 37.34
N ASP G 287 24.31 -6.71 37.32
CA ASP G 287 25.56 -6.87 36.56
C ASP G 287 25.30 -6.91 35.05
N SER G 288 24.05 -6.67 34.68
CA SER G 288 23.67 -6.60 33.29
C SER G 288 23.77 -5.09 33.05
N ILE G 289 23.31 -4.31 34.03
CA ILE G 289 23.38 -2.86 33.96
C ILE G 289 24.84 -2.51 33.84
N GLU G 290 25.67 -3.29 34.54
CA GLU G 290 27.10 -3.07 34.50
C GLU G 290 27.59 -3.29 33.07
N LEU G 291 27.11 -4.34 32.43
CA LEU G 291 27.51 -4.64 31.05
C LEU G 291 27.16 -3.50 30.11
N LEU G 292 26.03 -2.85 30.37
CA LEU G 292 25.60 -1.73 29.55
C LEU G 292 26.58 -0.58 29.73
N LYS G 293 26.96 -0.30 30.98
CA LYS G 293 27.88 0.77 31.28
C LYS G 293 29.19 0.63 30.51
N GLN G 294 29.44 -0.56 29.99
CA GLN G 294 30.67 -0.80 29.27
C GLN G 294 30.52 -1.40 27.88
N TYR G 295 29.47 -1.02 27.16
CA TYR G 295 29.25 -1.52 25.80
C TYR G 295 30.41 -1.05 24.91
N PRO G 296 31.21 -2.00 24.37
CA PRO G 296 32.37 -1.75 23.50
C PRO G 296 32.09 -0.90 22.26
N LYS G 297 32.50 0.36 22.30
CA LYS G 297 32.29 1.26 21.15
C LYS G 297 33.53 1.45 20.28
N ASP G 298 34.69 0.99 20.76
CA ASP G 298 35.93 1.19 20.02
C ASP G 298 36.59 -0.07 19.47
N SER G 299 36.58 -1.14 20.26
CA SER G 299 37.19 -2.41 19.88
C SER G 299 36.20 -3.44 19.37
N SER G 300 36.44 -3.97 18.17
CA SER G 300 35.57 -5.00 17.59
C SER G 300 35.79 -6.30 18.36
N SER G 301 36.95 -6.39 19.01
CA SER G 301 37.34 -7.55 19.81
C SER G 301 36.63 -7.50 21.15
N THR G 302 36.70 -6.35 21.82
CA THR G 302 36.05 -6.19 23.12
C THR G 302 34.56 -6.50 22.97
N PHE G 303 34.02 -6.28 21.77
CA PHE G 303 32.61 -6.56 21.55
C PHE G 303 32.37 -8.06 21.69
N ARG G 304 33.05 -8.85 20.87
CA ARG G 304 32.91 -10.31 20.90
C ARG G 304 32.98 -10.83 22.33
N GLU G 305 33.97 -10.35 23.08
CA GLU G 305 34.12 -10.76 24.48
C GLU G 305 32.89 -10.26 25.22
N TRP G 306 32.50 -9.01 24.93
CA TRP G 306 31.33 -8.41 25.56
C TRP G 306 30.08 -9.23 25.32
N LYS G 307 29.80 -9.52 24.05
CA LYS G 307 28.61 -10.30 23.69
C LYS G 307 28.65 -11.68 24.35
N ASN G 308 29.85 -12.20 24.56
CA ASN G 308 29.98 -13.51 25.20
C ASN G 308 29.49 -13.44 26.64
N LEU G 309 29.92 -12.39 27.36
CA LEU G 309 29.51 -12.19 28.74
C LEU G 309 28.00 -11.93 28.82
N VAL G 310 27.48 -11.20 27.83
CA VAL G 310 26.06 -10.92 27.80
C VAL G 310 25.31 -12.23 27.66
N LEU G 311 25.68 -13.04 26.68
CA LEU G 311 25.04 -14.35 26.44
C LEU G 311 25.25 -15.33 27.59
N LYS G 312 26.41 -15.24 28.24
CA LYS G 312 26.71 -16.11 29.37
C LYS G 312 25.75 -15.77 30.49
N LEU G 313 25.51 -14.46 30.64
CA LEU G 313 24.62 -13.93 31.67
C LEU G 313 23.18 -14.38 31.44
N SER G 314 22.71 -14.23 30.21
CA SER G 314 21.34 -14.62 29.91
C SER G 314 21.16 -16.13 30.01
N GLN G 315 22.20 -16.92 29.76
CA GLN G 315 22.06 -18.37 29.85
C GLN G 315 21.89 -18.75 31.32
N ALA G 316 22.65 -18.09 32.19
CA ALA G 316 22.59 -18.34 33.63
C ALA G 316 21.19 -18.01 34.17
N PHE G 317 20.77 -16.77 34.00
CA PHE G 317 19.46 -16.32 34.45
C PHE G 317 18.38 -17.19 33.80
N GLY G 318 18.47 -17.35 32.49
CA GLY G 318 17.51 -18.14 31.74
C GLY G 318 17.07 -19.44 32.38
N SER G 319 17.96 -20.07 33.12
CA SER G 319 17.65 -21.32 33.81
C SER G 319 18.04 -21.18 35.28
N SER G 320 17.16 -20.55 36.07
CA SER G 320 17.46 -20.32 37.48
C SER G 320 16.22 -20.05 38.34
N ALA G 321 16.46 -19.66 39.60
CA ALA G 321 15.41 -19.37 40.57
C ALA G 321 14.52 -18.15 40.28
N THR G 322 13.24 -18.42 40.07
CA THR G 322 12.26 -17.37 39.79
C THR G 322 11.44 -17.04 41.03
N ASP G 323 11.99 -16.17 41.87
CA ASP G 323 11.30 -15.76 43.08
C ASP G 323 10.52 -14.48 42.80
N ILE G 324 10.32 -14.17 41.52
CA ILE G 324 9.58 -12.97 41.12
C ILE G 324 8.38 -13.33 40.24
N SER G 325 7.58 -12.31 39.94
CA SER G 325 6.37 -12.48 39.15
C SER G 325 6.59 -13.38 37.94
N GLY G 326 5.50 -13.97 37.45
CA GLY G 326 5.64 -14.79 36.26
C GLY G 326 5.88 -13.84 35.11
N GLU G 327 5.27 -12.66 35.19
CA GLU G 327 5.40 -11.63 34.17
C GLU G 327 6.76 -10.95 34.24
N LEU G 328 7.09 -10.42 35.41
CA LEU G 328 8.37 -9.74 35.58
C LEU G 328 9.53 -10.62 35.15
N ARG G 329 9.34 -11.93 35.31
CA ARG G 329 10.34 -12.93 34.94
C ARG G 329 10.68 -12.76 33.46
N ASP G 330 9.66 -12.91 32.62
CA ASP G 330 9.79 -12.79 31.18
C ASP G 330 10.31 -11.42 30.78
N TYR G 331 9.74 -10.36 31.34
CA TYR G 331 10.15 -9.01 31.02
C TYR G 331 11.66 -8.82 31.09
N ILE G 332 12.33 -9.54 31.98
CA ILE G 332 13.77 -9.44 32.12
C ILE G 332 14.52 -10.34 31.16
N GLU G 333 13.90 -11.46 30.76
CA GLU G 333 14.51 -12.37 29.80
C GLU G 333 14.47 -11.71 28.44
N ASP G 334 13.40 -10.96 28.19
CA ASP G 334 13.25 -10.24 26.94
C ASP G 334 14.27 -9.12 26.91
N PHE G 335 14.47 -8.48 28.06
CA PHE G 335 15.45 -7.41 28.14
C PHE G 335 16.83 -7.98 27.86
N LEU G 336 17.13 -9.14 28.44
CA LEU G 336 18.41 -9.81 28.27
C LEU G 336 18.60 -10.37 26.85
N LEU G 337 17.50 -10.71 26.19
CA LEU G 337 17.61 -11.25 24.84
C LEU G 337 17.90 -10.12 23.86
N VAL G 338 17.30 -8.97 24.07
CA VAL G 338 17.54 -7.83 23.18
C VAL G 338 19.01 -7.45 23.19
N ILE G 339 19.60 -7.39 24.38
CA ILE G 339 21.00 -7.03 24.51
C ILE G 339 21.88 -8.10 23.86
N GLY G 340 21.45 -9.34 23.96
CA GLY G 340 22.20 -10.43 23.39
C GLY G 340 22.19 -10.41 21.87
N GLY G 341 21.10 -9.94 21.30
CA GLY G 341 20.99 -9.87 19.86
C GLY G 341 19.93 -10.74 19.23
N ASN G 342 19.11 -11.41 20.03
CA ASN G 342 18.08 -12.25 19.45
C ASN G 342 17.25 -11.39 18.51
N GLN G 343 17.37 -11.67 17.22
CA GLN G 343 16.65 -10.94 16.18
C GLN G 343 15.16 -10.90 16.48
N ARG G 344 14.59 -12.08 16.74
CA ARG G 344 13.18 -12.23 17.07
C ARG G 344 12.73 -11.09 18.00
N LYS G 345 13.41 -10.96 19.14
CA LYS G 345 13.13 -9.94 20.15
C LYS G 345 13.51 -8.50 19.76
N ILE G 346 14.59 -8.33 19.01
CA ILE G 346 15.01 -7.00 18.58
C ILE G 346 13.86 -6.36 17.79
N LEU G 347 13.32 -7.12 16.84
CA LEU G 347 12.22 -6.64 16.02
C LEU G 347 11.01 -6.34 16.89
N GLN G 348 10.78 -7.21 17.87
CA GLN G 348 9.64 -7.06 18.77
C GLN G 348 9.54 -5.69 19.44
N TYR G 349 10.59 -5.27 20.14
CA TYR G 349 10.57 -3.97 20.82
C TYR G 349 10.97 -2.79 19.97
N SER G 350 10.91 -2.97 18.65
CA SER G 350 11.23 -1.90 17.72
C SER G 350 9.95 -1.23 17.26
N ARG G 351 9.94 0.09 17.33
CA ARG G 351 8.80 0.90 16.96
C ARG G 351 8.86 1.37 15.49
N THR G 352 10.08 1.49 14.95
CA THR G 352 10.31 1.90 13.55
C THR G 352 11.36 0.99 12.90
N TRP G 353 11.39 0.95 11.58
CA TRP G 353 12.37 0.12 10.88
C TRP G 353 13.82 0.46 11.23
N TYR G 354 14.11 1.72 11.51
CA TYR G 354 15.47 2.13 11.84
C TYR G 354 15.91 1.74 13.24
N GLU G 355 14.97 1.51 14.14
CA GLU G 355 15.34 1.09 15.48
C GLU G 355 15.76 -0.37 15.37
N SER G 356 15.08 -1.11 14.51
CA SER G 356 15.41 -2.53 14.29
C SER G 356 16.81 -2.60 13.71
N PHE G 357 17.03 -1.79 12.67
CA PHE G 357 18.31 -1.73 11.98
C PHE G 357 19.46 -1.37 12.92
N CYS G 358 19.28 -0.30 13.68
CA CYS G 358 20.32 0.12 14.60
C CYS G 358 20.68 -0.98 15.59
N GLY G 359 19.66 -1.67 16.09
CA GLY G 359 19.85 -2.74 17.05
C GLY G 359 20.59 -3.95 16.51
N PHE G 360 20.20 -4.40 15.32
CA PHE G 360 20.86 -5.55 14.72
C PHE G 360 22.37 -5.32 14.68
N LEU G 361 22.77 -4.13 14.23
CA LEU G 361 24.17 -3.77 14.15
C LEU G 361 24.80 -3.66 15.53
N LEU G 362 24.06 -3.06 16.47
CA LEU G 362 24.56 -2.89 17.83
C LEU G 362 24.67 -4.15 18.66
N TYR G 363 23.70 -5.05 18.58
CA TYR G 363 23.74 -6.23 19.40
C TYR G 363 23.89 -7.59 18.73
N TYR G 364 23.34 -7.73 17.53
CA TYR G 364 23.45 -9.01 16.83
C TYR G 364 24.81 -9.17 16.17
N ILE G 365 24.94 -8.73 14.93
CA ILE G 365 26.21 -8.83 14.23
C ILE G 365 26.55 -7.54 13.53
N PRO G 366 27.66 -6.89 13.94
CA PRO G 366 28.06 -5.63 13.33
C PRO G 366 28.85 -5.88 12.04
N SER G 367 28.12 -6.13 10.95
CA SER G 367 28.71 -6.38 9.64
C SER G 367 27.78 -5.87 8.53
N LEU G 368 28.21 -4.86 7.78
CA LEU G 368 27.36 -4.34 6.72
C LEU G 368 27.13 -5.35 5.59
N GLU G 369 27.51 -6.61 5.80
CA GLU G 369 27.31 -7.66 4.82
C GLU G 369 25.87 -8.13 4.97
N LEU G 370 25.28 -7.82 6.11
CA LEU G 370 23.90 -8.18 6.40
C LEU G 370 22.98 -6.98 6.31
N SER G 371 23.54 -5.81 6.03
CA SER G 371 22.74 -4.57 5.93
C SER G 371 21.46 -4.77 5.15
N ALA G 372 21.53 -5.46 4.02
CA ALA G 372 20.35 -5.71 3.18
C ALA G 372 19.36 -6.62 3.90
N GLU G 373 19.86 -7.68 4.49
CA GLU G 373 19.02 -8.62 5.22
C GLU G 373 18.40 -7.94 6.44
N TYR G 374 19.16 -7.05 7.08
CA TYR G 374 18.69 -6.31 8.25
C TYR G 374 17.56 -5.40 7.86
N LEU G 375 17.77 -4.64 6.79
CA LEU G 375 16.75 -3.71 6.32
C LEU G 375 15.44 -4.45 6.06
N GLN G 376 15.50 -5.59 5.38
CA GLN G 376 14.29 -6.35 5.10
C GLN G 376 13.56 -6.81 6.34
N MSE G 377 14.27 -7.40 7.31
CA MSE G 377 13.63 -7.84 8.54
C MSE G 377 12.96 -6.64 9.19
O MSE G 377 11.81 -6.72 9.60
CB MSE G 377 14.65 -8.41 9.52
CG MSE G 377 15.50 -9.52 8.97
SE MSE G 377 16.23 -10.60 10.35
CE MSE G 377 15.11 -12.12 10.12
N SER G 378 13.71 -5.54 9.27
CA SER G 378 13.23 -4.31 9.88
C SER G 378 11.99 -3.72 9.22
N LEU G 379 11.95 -3.79 7.90
CA LEU G 379 10.82 -3.24 7.14
C LEU G 379 9.57 -4.12 7.21
N GLU G 380 9.73 -5.43 7.40
CA GLU G 380 8.58 -6.33 7.52
C GLU G 380 7.94 -6.00 8.86
N ALA G 381 8.77 -5.81 9.89
CA ALA G 381 8.31 -5.48 11.24
C ALA G 381 7.55 -4.16 11.28
N ASN G 382 8.13 -3.13 10.68
CA ASN G 382 7.50 -1.80 10.63
C ASN G 382 7.79 -1.17 9.28
N VAL G 383 6.74 -0.89 8.52
CA VAL G 383 6.91 -0.29 7.21
C VAL G 383 7.48 1.12 7.29
N VAL G 384 7.79 1.68 6.12
CA VAL G 384 8.35 3.01 6.00
C VAL G 384 7.26 4.04 6.20
N ASP G 385 7.53 5.03 7.04
CA ASP G 385 6.57 6.08 7.30
C ASP G 385 6.69 7.14 6.20
N ILE G 386 5.67 7.28 5.35
CA ILE G 386 5.76 8.28 4.28
C ILE G 386 5.53 9.73 4.73
N THR G 387 5.23 9.92 6.00
CA THR G 387 5.01 11.24 6.57
C THR G 387 6.19 12.15 6.31
N ASN G 388 7.36 11.67 6.70
CA ASN G 388 8.61 12.43 6.57
C ASN G 388 9.47 12.04 5.38
N ASP G 389 9.80 13.04 4.58
CA ASP G 389 10.59 12.90 3.38
C ASP G 389 11.94 12.18 3.55
N TRP G 390 12.40 12.02 4.78
CA TRP G 390 13.70 11.40 4.97
C TRP G 390 13.77 9.89 5.08
N GLU G 391 12.80 9.27 5.74
CA GLU G 391 12.83 7.82 5.91
C GLU G 391 13.10 7.00 4.66
N GLN G 392 12.44 7.33 3.55
CA GLN G 392 12.67 6.60 2.30
C GLN G 392 14.09 6.79 1.75
N PRO G 393 14.54 8.04 1.56
CA PRO G 393 15.88 8.25 1.06
C PRO G 393 16.94 7.48 1.85
N CYS G 394 16.63 7.16 3.10
CA CYS G 394 17.57 6.42 3.94
C CYS G 394 17.50 4.93 3.62
N VAL G 395 16.30 4.43 3.36
CA VAL G 395 16.11 3.03 3.00
C VAL G 395 16.86 2.84 1.68
N ASP G 396 16.81 3.87 0.82
CA ASP G 396 17.47 3.85 -0.48
C ASP G 396 18.99 3.84 -0.34
N ILE G 397 19.49 4.58 0.64
CA ILE G 397 20.92 4.64 0.89
C ILE G 397 21.31 3.25 1.32
N ILE G 398 20.88 2.87 2.51
CA ILE G 398 21.17 1.56 3.08
C ILE G 398 21.00 0.39 2.11
N SER G 399 20.27 0.59 1.03
CA SER G 399 20.06 -0.50 0.09
C SER G 399 20.82 -0.35 -1.21
N GLY G 400 21.60 0.71 -1.33
CA GLY G 400 22.37 0.85 -2.55
C GLY G 400 21.97 1.96 -3.47
N LYS G 401 20.78 1.88 -4.06
CA LYS G 401 20.36 2.93 -4.97
C LYS G 401 20.42 4.32 -4.30
N ILE G 402 21.50 5.04 -4.56
CA ILE G 402 21.72 6.34 -3.98
C ILE G 402 21.22 7.50 -4.83
N HIS G 403 21.19 7.33 -6.15
CA HIS G 403 20.73 8.40 -7.03
C HIS G 403 19.33 8.88 -6.66
N SER G 404 18.47 7.94 -6.25
CA SER G 404 17.08 8.24 -5.90
C SER G 404 16.89 9.01 -4.60
N ILE G 405 17.99 9.53 -4.07
CA ILE G 405 17.96 10.30 -2.84
C ILE G 405 18.03 11.78 -3.25
N LEU G 406 18.62 12.03 -4.41
CA LEU G 406 18.81 13.38 -4.90
C LEU G 406 17.53 14.18 -5.12
N PRO G 407 16.62 13.67 -5.97
CA PRO G 407 15.38 14.40 -6.20
C PRO G 407 14.76 14.90 -4.90
N VAL G 408 14.61 14.00 -3.95
CA VAL G 408 14.03 14.33 -2.65
C VAL G 408 14.73 15.52 -2.01
N MSE G 409 16.06 15.49 -2.01
CA MSE G 409 16.84 16.56 -1.40
C MSE G 409 16.83 17.84 -2.20
O MSE G 409 17.04 18.92 -1.66
CB MSE G 409 18.28 16.10 -1.18
CG MSE G 409 18.39 14.89 -0.30
SE MSE G 409 20.21 14.60 0.13
CE MSE G 409 20.29 15.84 1.61
N GLU G 410 16.61 17.71 -3.50
CA GLU G 410 16.54 18.87 -4.35
C GLU G 410 15.26 19.61 -3.98
N SER G 411 14.33 18.86 -3.39
CA SER G 411 13.06 19.40 -2.99
C SER G 411 13.15 20.10 -1.66
N LEU G 412 13.94 19.54 -0.75
CA LEU G 412 14.08 20.15 0.58
C LEU G 412 14.94 21.40 0.46
N ASP G 413 16.03 21.28 -0.29
CA ASP G 413 16.92 22.41 -0.52
C ASP G 413 17.76 22.14 -1.74
N SER G 414 17.57 22.94 -2.78
CA SER G 414 18.31 22.81 -4.03
C SER G 414 19.83 22.83 -3.80
N CYS G 415 20.28 23.72 -2.94
CA CYS G 415 21.71 23.87 -2.61
C CYS G 415 22.37 22.61 -2.05
N THR G 416 21.93 22.18 -0.88
CA THR G 416 22.45 20.98 -0.24
C THR G 416 22.47 19.77 -1.20
N ALA G 417 21.41 19.65 -1.99
CA ALA G 417 21.27 18.56 -2.96
C ALA G 417 22.39 18.58 -3.99
N ALA G 418 22.71 19.77 -4.47
CA ALA G 418 23.76 19.92 -5.47
C ALA G 418 25.09 19.46 -4.90
N PHE G 419 25.45 19.96 -3.72
CA PHE G 419 26.70 19.58 -3.15
C PHE G 419 26.71 18.16 -2.66
N THR G 420 25.54 17.60 -2.38
CA THR G 420 25.51 16.21 -1.91
C THR G 420 25.85 15.31 -3.09
N ALA G 421 25.38 15.69 -4.27
CA ALA G 421 25.64 14.89 -5.45
C ALA G 421 27.12 15.04 -5.77
N MSE G 422 27.63 16.25 -5.64
CA MSE G 422 29.01 16.54 -5.92
C MSE G 422 29.93 15.65 -5.11
O MSE G 422 30.83 15.04 -5.66
CB MSE G 422 29.31 18.03 -5.61
CG MSE G 422 30.76 18.47 -5.79
SE MSE G 422 31.94 17.90 -4.37
CE MSE G 422 31.39 19.10 -2.97
N ILE G 423 29.68 15.57 -3.81
CA ILE G 423 30.50 14.76 -2.95
C ILE G 423 30.31 13.27 -3.22
N CYS G 424 29.16 12.90 -3.78
CA CYS G 424 28.88 11.49 -4.09
C CYS G 424 29.58 11.12 -5.36
N GLU G 425 29.75 12.08 -6.26
CA GLU G 425 30.46 11.80 -7.49
C GLU G 425 31.93 11.68 -7.11
N ALA G 426 32.38 12.55 -6.22
CA ALA G 426 33.75 12.53 -5.77
C ALA G 426 34.04 11.16 -5.21
N LYS G 427 33.20 10.71 -4.29
CA LYS G 427 33.39 9.40 -3.67
C LYS G 427 33.24 8.26 -4.65
N GLY G 428 32.75 8.57 -5.84
CA GLY G 428 32.57 7.53 -6.83
C GLY G 428 31.34 6.66 -6.61
N LEU G 429 30.30 7.22 -6.00
CA LEU G 429 29.08 6.48 -5.74
C LEU G 429 28.09 6.63 -6.89
N ILE G 430 28.24 7.72 -7.64
CA ILE G 430 27.40 8.00 -8.78
C ILE G 430 28.33 8.54 -9.87
N GLU G 431 28.05 8.22 -11.13
CA GLU G 431 28.90 8.70 -12.22
C GLU G 431 28.16 8.78 -13.56
N ASN G 432 28.49 9.77 -14.37
CA ASN G 432 27.87 9.91 -15.67
C ASN G 432 28.07 8.62 -16.47
N ILE G 433 27.06 8.25 -17.27
CA ILE G 433 27.10 7.04 -18.11
C ILE G 433 26.78 7.45 -19.54
N PHE G 434 26.44 8.72 -19.71
CA PHE G 434 26.09 9.24 -21.02
C PHE G 434 27.13 9.00 -22.09
N GLU G 435 26.59 8.76 -23.28
CA GLU G 435 27.35 8.53 -24.49
C GLU G 435 26.45 9.01 -25.66
N GLY G 436 27.09 9.55 -26.69
CA GLY G 436 26.39 10.07 -27.84
C GLY G 436 27.40 10.88 -28.62
N GLU G 437 27.72 10.46 -29.85
CA GLU G 437 28.70 11.17 -30.65
C GLU G 437 30.06 11.19 -29.94
N LEU G 451 24.64 22.37 -31.67
CA LEU G 451 25.73 23.03 -30.95
C LEU G 451 26.50 22.01 -30.09
N GLU G 452 26.83 22.41 -28.86
CA GLU G 452 27.61 21.55 -27.97
C GLU G 452 27.26 21.69 -26.49
N ASP G 453 26.96 22.93 -26.07
CA ASP G 453 26.63 23.29 -24.69
C ASP G 453 25.97 22.20 -23.81
N LEU G 454 26.32 22.22 -22.51
CA LEU G 454 25.82 21.23 -21.57
C LEU G 454 25.35 21.76 -20.21
N PHE G 455 24.11 21.39 -19.90
CA PHE G 455 23.38 21.73 -18.67
C PHE G 455 22.24 20.74 -18.82
N SER G 456 22.60 19.49 -19.12
CA SER G 456 21.61 18.46 -19.31
C SER G 456 22.07 17.14 -18.75
N TYR G 457 21.29 16.11 -19.02
CA TYR G 457 21.57 14.76 -18.56
C TYR G 457 22.83 14.26 -19.23
N ARG G 458 23.34 15.03 -20.17
CA ARG G 458 24.54 14.66 -20.91
C ARG G 458 25.76 14.44 -20.04
N ASN G 459 26.12 15.43 -19.22
CA ASN G 459 27.26 15.25 -18.35
C ASN G 459 26.68 14.58 -17.11
N GLY G 460 27.49 14.31 -16.10
CA GLY G 460 26.95 13.63 -14.94
C GLY G 460 25.68 14.21 -14.36
N MSE G 461 25.04 13.46 -13.46
CA MSE G 461 23.85 13.96 -12.81
C MSE G 461 24.28 15.08 -11.87
O MSE G 461 23.61 16.11 -11.73
CB MSE G 461 23.19 12.85 -11.99
CG MSE G 461 22.28 13.36 -10.86
SE MSE G 461 20.44 13.69 -11.35
CE MSE G 461 19.82 11.85 -11.12
N ALA G 462 25.43 14.87 -11.22
CA ALA G 462 25.97 15.84 -10.29
C ALA G 462 26.28 17.13 -11.00
N SER G 463 26.84 17.01 -12.20
CA SER G 463 27.16 18.18 -12.99
C SER G 463 25.88 19.00 -13.10
N TYR G 464 24.83 18.35 -13.60
CA TYR G 464 23.54 18.97 -13.80
C TYR G 464 23.15 19.83 -12.60
N MSE G 465 22.90 19.19 -11.48
CA MSE G 465 22.47 19.88 -10.28
C MSE G 465 23.33 21.05 -9.84
O MSE G 465 22.80 22.07 -9.37
CB MSE G 465 22.33 18.87 -9.14
CG MSE G 465 21.46 17.71 -9.53
SE MSE G 465 21.11 16.64 -8.03
CE MSE G 465 20.30 17.98 -6.97
N LEU G 466 24.65 20.93 -10.00
CA LEU G 466 25.58 21.99 -9.63
C LEU G 466 25.41 23.20 -10.53
N ASN G 467 25.32 22.96 -11.84
CA ASN G 467 25.13 24.04 -12.79
C ASN G 467 23.76 24.64 -12.58
N SER G 468 22.80 23.81 -12.23
CA SER G 468 21.44 24.29 -11.97
C SER G 468 21.52 25.28 -10.82
N PHE G 469 22.07 24.81 -9.70
CA PHE G 469 22.20 25.67 -8.54
C PHE G 469 23.00 26.93 -8.89
N ALA G 470 23.94 26.79 -9.82
CA ALA G 470 24.74 27.93 -10.24
C ALA G 470 23.81 28.97 -10.84
N PHE G 471 23.08 28.54 -11.87
CA PHE G 471 22.14 29.37 -12.59
C PHE G 471 21.15 30.01 -11.63
N GLU G 472 20.63 29.20 -10.72
CA GLU G 472 19.67 29.68 -9.74
C GLU G 472 20.25 30.84 -8.93
N LEU G 473 21.52 30.73 -8.57
CA LEU G 473 22.17 31.77 -7.79
C LEU G 473 22.21 33.14 -8.50
N CYS G 474 22.27 33.11 -9.82
CA CYS G 474 22.33 34.34 -10.59
C CYS G 474 21.11 35.23 -10.47
N SER G 475 19.96 34.64 -10.22
CA SER G 475 18.74 35.42 -10.08
C SER G 475 18.50 35.77 -8.62
N LEU G 476 19.34 35.26 -7.72
CA LEU G 476 19.16 35.53 -6.31
C LEU G 476 19.48 36.96 -5.89
N GLY G 477 20.16 37.70 -6.76
CA GLY G 477 20.51 39.08 -6.45
C GLY G 477 21.59 39.34 -5.41
N ASP G 478 22.26 38.27 -4.94
CA ASP G 478 23.33 38.37 -3.95
C ASP G 478 24.67 38.42 -4.68
N LYS G 479 25.30 39.59 -4.73
CA LYS G 479 26.57 39.72 -5.44
C LYS G 479 27.68 38.89 -4.81
N GLU G 480 27.55 38.65 -3.51
CA GLU G 480 28.52 37.86 -2.78
C GLU G 480 28.57 36.42 -3.27
N LEU G 481 27.46 35.92 -3.80
CA LEU G 481 27.44 34.54 -4.25
C LEU G 481 27.70 34.40 -5.74
N TRP G 482 27.82 35.52 -6.45
CA TRP G 482 28.08 35.47 -7.90
C TRP G 482 29.40 34.79 -8.23
N PRO G 483 30.37 34.88 -7.33
CA PRO G 483 31.65 34.23 -7.61
C PRO G 483 31.44 32.73 -7.45
N VAL G 484 30.66 32.36 -6.44
CA VAL G 484 30.34 30.95 -6.16
C VAL G 484 29.60 30.39 -7.38
N ALA G 485 28.82 31.24 -8.01
CA ALA G 485 28.07 30.83 -9.18
C ALA G 485 29.03 30.58 -10.34
N ILE G 486 29.71 31.62 -10.78
CA ILE G 486 30.64 31.48 -11.89
C ILE G 486 31.62 30.37 -11.58
N GLY G 487 32.01 30.28 -10.32
CA GLY G 487 32.95 29.26 -9.89
C GLY G 487 32.50 27.84 -10.17
N LEU G 488 31.28 27.51 -9.77
CA LEU G 488 30.73 26.18 -9.99
C LEU G 488 30.74 25.83 -11.45
N ILE G 489 30.42 26.81 -12.29
CA ILE G 489 30.39 26.60 -13.73
C ILE G 489 31.78 26.39 -14.27
N ALA G 490 32.72 27.15 -13.72
CA ALA G 490 34.11 27.08 -14.10
C ALA G 490 34.66 25.70 -13.75
N LEU G 491 34.68 25.38 -12.46
CA LEU G 491 35.21 24.11 -11.97
C LEU G 491 34.36 22.88 -12.29
N SER G 492 33.31 23.05 -13.09
CA SER G 492 32.45 21.92 -13.45
C SER G 492 33.29 20.76 -13.96
N ALA G 493 33.32 19.67 -13.20
CA ALA G 493 34.08 18.46 -13.54
C ALA G 493 34.08 18.09 -15.03
N THR G 494 32.96 18.35 -15.73
CA THR G 494 32.87 18.04 -17.14
C THR G 494 32.38 19.25 -17.94
N GLY G 495 32.22 19.06 -19.24
CA GLY G 495 31.77 20.13 -20.10
C GLY G 495 32.93 20.90 -20.71
N THR G 496 32.89 21.07 -22.02
CA THR G 496 33.92 21.78 -22.77
C THR G 496 34.30 23.13 -22.17
N ARG G 497 35.53 23.57 -22.39
CA ARG G 497 35.93 24.86 -21.86
C ARG G 497 35.17 25.95 -22.61
N SER G 498 34.94 25.71 -23.90
CA SER G 498 34.21 26.66 -24.74
C SER G 498 32.74 26.64 -24.36
N ALA G 499 32.28 25.50 -23.84
CA ALA G 499 30.90 25.38 -23.42
C ALA G 499 30.73 26.30 -22.20
N LYS G 500 31.70 26.22 -21.28
CA LYS G 500 31.70 27.04 -20.08
C LYS G 500 31.90 28.49 -20.43
N LYS G 501 32.55 28.74 -21.56
CA LYS G 501 32.79 30.10 -21.98
C LYS G 501 31.48 30.77 -22.35
N MSE G 502 30.73 30.15 -23.25
CA MSE G 502 29.43 30.68 -23.69
C MSE G 502 28.48 30.96 -22.52
O MSE G 502 27.87 32.04 -22.46
CB MSE G 502 28.77 29.69 -24.66
CG MSE G 502 29.13 29.93 -26.13
SE MSE G 502 28.83 28.38 -27.22
CE MSE G 502 27.07 28.72 -27.89
N VAL G 503 28.36 29.99 -21.62
CA VAL G 503 27.51 30.11 -20.45
C VAL G 503 27.87 31.37 -19.65
N ILE G 504 29.16 31.58 -19.37
CA ILE G 504 29.60 32.75 -18.63
C ILE G 504 29.40 34.02 -19.43
N ALA G 505 29.55 33.91 -20.75
CA ALA G 505 29.39 35.04 -21.62
C ALA G 505 28.01 35.64 -21.45
N GLU G 506 27.02 34.81 -21.18
CA GLU G 506 25.66 35.30 -21.00
C GLU G 506 25.29 35.63 -19.55
N LEU G 507 25.72 34.82 -18.60
CA LEU G 507 25.41 35.07 -17.20
C LEU G 507 26.05 36.34 -16.64
N LEU G 508 27.28 36.61 -17.03
CA LEU G 508 28.01 37.75 -16.50
C LEU G 508 27.40 39.13 -16.68
N PRO G 509 26.91 39.47 -17.89
CA PRO G 509 26.34 40.81 -18.03
C PRO G 509 25.37 41.13 -16.90
N HIS G 510 24.83 40.09 -16.29
CA HIS G 510 23.86 40.22 -15.20
C HIS G 510 24.40 40.39 -13.79
N TYR G 511 25.71 40.39 -13.63
CA TYR G 511 26.29 40.55 -12.30
C TYR G 511 25.80 41.88 -11.74
N PRO G 512 25.35 41.87 -10.49
CA PRO G 512 24.85 43.08 -9.81
C PRO G 512 25.98 43.92 -9.25
N PHE G 513 26.86 44.43 -10.11
CA PHE G 513 28.00 45.22 -9.64
C PHE G 513 27.61 46.55 -8.98
N VAL G 514 28.29 46.85 -7.87
CA VAL G 514 28.06 48.06 -7.08
C VAL G 514 29.32 48.92 -6.95
N THR G 515 30.38 48.31 -6.43
CA THR G 515 31.68 48.94 -6.22
C THR G 515 32.57 48.84 -7.44
N ASN G 516 33.76 49.43 -7.34
CA ASN G 516 34.72 49.37 -8.43
C ASN G 516 35.35 48.00 -8.36
N ASP G 517 35.72 47.58 -7.15
CA ASP G 517 36.31 46.26 -6.94
C ASP G 517 35.49 45.23 -7.69
N ASP G 518 34.17 45.40 -7.60
CA ASP G 518 33.24 44.50 -8.26
C ASP G 518 33.46 44.52 -9.77
N ILE G 519 33.54 45.72 -10.36
CA ILE G 519 33.70 45.86 -11.79
C ILE G 519 35.02 45.26 -12.24
N GLU G 520 35.99 45.22 -11.35
CA GLU G 520 37.29 44.65 -11.66
C GLU G 520 37.18 43.15 -11.70
N TRP G 521 36.58 42.59 -10.64
CA TRP G 521 36.37 41.15 -10.58
C TRP G 521 35.61 40.76 -11.85
N MSE G 522 34.63 41.58 -12.18
CA MSE G 522 33.79 41.35 -13.34
C MSE G 522 34.64 41.27 -14.60
O MSE G 522 34.63 40.26 -15.29
CB MSE G 522 32.77 42.49 -13.49
CG MSE G 522 31.42 42.06 -14.00
SE MSE G 522 30.33 43.54 -14.55
CE MSE G 522 29.68 42.79 -16.17
N LEU G 523 35.40 42.33 -14.86
CA LEU G 523 36.25 42.40 -16.04
C LEU G 523 37.33 41.33 -16.03
N SER G 524 37.88 41.04 -14.85
CA SER G 524 38.92 40.02 -14.70
C SER G 524 38.48 38.65 -15.25
N ILE G 525 37.17 38.41 -15.24
CA ILE G 525 36.63 37.15 -15.72
C ILE G 525 36.51 37.18 -17.24
N CYS G 526 36.35 38.39 -17.79
CA CYS G 526 36.26 38.55 -19.24
C CYS G 526 37.65 38.23 -19.77
N VAL G 527 38.64 38.56 -18.97
CA VAL G 527 40.02 38.30 -19.29
C VAL G 527 40.26 36.82 -19.19
N GLU G 528 40.15 36.29 -17.98
CA GLU G 528 40.36 34.88 -17.73
C GLU G 528 39.65 33.93 -18.69
N TRP G 529 38.60 34.40 -19.35
CA TRP G 529 37.84 33.56 -20.28
C TRP G 529 37.87 34.03 -21.72
N ARG G 530 38.49 35.18 -21.96
CA ARG G 530 38.58 35.74 -23.29
C ARG G 530 37.22 36.18 -23.79
N LEU G 531 36.61 37.06 -23.02
CA LEU G 531 35.30 37.56 -23.38
C LEU G 531 35.41 39.07 -23.45
N PRO G 532 36.29 39.55 -24.32
CA PRO G 532 36.49 40.99 -24.47
C PRO G 532 35.24 41.71 -24.97
N GLU G 533 34.44 41.04 -25.81
CA GLU G 533 33.21 41.64 -26.36
C GLU G 533 32.27 41.95 -25.22
N ILE G 534 32.27 41.07 -24.22
CA ILE G 534 31.44 41.26 -23.03
C ILE G 534 32.07 42.43 -22.24
N ALA G 535 33.38 42.35 -22.02
CA ALA G 535 34.10 43.39 -21.32
C ALA G 535 33.88 44.71 -22.06
N LYS G 536 33.67 44.62 -23.37
CA LYS G 536 33.44 45.80 -24.21
C LYS G 536 32.06 46.34 -23.94
N GLU G 537 31.05 45.47 -24.07
CA GLU G 537 29.66 45.83 -23.85
C GLU G 537 29.50 46.51 -22.50
N ILE G 538 30.26 46.04 -21.52
CA ILE G 538 30.19 46.59 -20.19
C ILE G 538 30.53 48.06 -20.12
N TYR G 539 31.70 48.47 -20.63
CA TYR G 539 32.02 49.90 -20.56
C TYR G 539 30.98 50.68 -21.34
N THR G 540 30.37 50.02 -22.31
CA THR G 540 29.36 50.65 -23.14
C THR G 540 28.10 50.97 -22.33
N THR G 541 27.85 50.19 -21.29
CA THR G 541 26.70 50.41 -20.43
C THR G 541 27.05 51.41 -19.33
N LEU G 542 28.28 51.33 -18.83
CA LEU G 542 28.76 52.24 -17.78
C LEU G 542 28.88 53.63 -18.38
N GLY G 543 28.98 53.67 -19.70
CA GLY G 543 29.10 54.93 -20.41
C GLY G 543 27.75 55.61 -20.48
N ASN G 544 26.68 54.85 -20.25
CA ASN G 544 25.33 55.42 -20.29
C ASN G 544 24.68 55.51 -18.90
N GLN G 545 25.12 54.68 -17.96
CA GLN G 545 24.58 54.71 -16.59
C GLN G 545 25.26 55.76 -15.73
N MSE G 546 26.20 56.49 -16.34
CA MSE G 546 26.90 57.56 -15.65
C MSE G 546 26.67 58.81 -16.49
O MSE G 546 27.62 59.53 -16.82
CB MSE G 546 28.38 57.23 -15.48
CG MSE G 546 28.67 56.21 -14.36
SE MSE G 546 28.44 56.84 -12.51
CE MSE G 546 26.66 56.13 -12.10
N LEU G 547 25.41 59.01 -16.86
CA LEU G 547 24.96 60.18 -17.61
C LEU G 547 24.49 61.11 -16.52
N SER G 548 24.31 60.53 -15.33
CA SER G 548 23.89 61.29 -14.16
C SER G 548 24.71 62.58 -14.08
N LYS H 39 -6.25 -24.62 1.20
CA LYS H 39 -5.10 -25.50 0.86
C LYS H 39 -4.32 -24.99 -0.33
N ARG H 40 -3.15 -25.60 -0.58
CA ARG H 40 -2.24 -25.19 -1.65
C ARG H 40 -2.00 -23.66 -1.70
N ASP H 41 -1.72 -23.07 -0.54
CA ASP H 41 -1.46 -21.64 -0.40
C ASP H 41 -0.68 -21.23 0.86
N PRO H 42 -0.22 -19.96 0.91
CA PRO H 42 0.55 -19.42 2.04
C PRO H 42 -0.33 -18.96 3.24
N VAL H 43 0.03 -19.44 4.44
CA VAL H 43 -0.70 -19.10 5.66
C VAL H 43 0.11 -18.15 6.56
N SER H 44 0.79 -18.75 7.54
CA SER H 44 1.64 -18.02 8.49
C SER H 44 2.92 -17.47 7.80
N GLY H 45 3.40 -18.19 6.79
CA GLY H 45 4.57 -17.78 6.04
C GLY H 45 4.48 -18.08 4.55
N ALA H 46 4.41 -19.36 4.19
CA ALA H 46 4.32 -19.81 2.79
C ALA H 46 3.34 -20.97 2.58
N ILE H 47 3.57 -21.74 1.51
CA ILE H 47 2.72 -22.88 1.07
C ILE H 47 2.17 -23.93 2.06
N LEU H 48 1.15 -24.67 1.61
CA LEU H 48 0.54 -25.73 2.40
C LEU H 48 0.19 -26.87 1.46
N VAL H 49 0.51 -28.09 1.85
CA VAL H 49 0.25 -29.22 0.98
C VAL H 49 -0.24 -30.40 1.77
N PRO H 50 -1.17 -31.18 1.21
CA PRO H 50 -1.65 -32.32 1.96
C PRO H 50 -0.56 -33.37 2.03
N MSE H 51 -0.43 -34.00 3.19
CA MSE H 51 0.55 -35.06 3.37
C MSE H 51 0.11 -36.25 2.52
O MSE H 51 0.91 -37.08 2.10
CB MSE H 51 0.61 -35.45 4.85
CG MSE H 51 1.40 -36.70 5.14
SE MSE H 51 1.45 -36.92 7.02
CE MSE H 51 -0.03 -38.07 7.15
N THR H 52 -1.18 -36.31 2.26
CA THR H 52 -1.74 -37.39 1.47
C THR H 52 -2.88 -36.90 0.60
N VAL H 53 -3.22 -37.72 -0.39
CA VAL H 53 -4.29 -37.39 -1.31
C VAL H 53 -5.66 -37.86 -0.85
N ASN H 54 -5.69 -39.13 -0.43
CA ASN H 54 -6.93 -39.76 -0.04
C ASN H 54 -7.15 -40.08 1.42
N ASP H 55 -6.09 -40.18 2.21
CA ASP H 55 -6.30 -40.49 3.61
C ASP H 55 -5.46 -39.78 4.64
N GLN H 56 -5.93 -38.62 5.06
CA GLN H 56 -5.26 -37.85 6.10
C GLN H 56 -5.63 -38.64 7.34
N PRO H 57 -4.69 -38.86 8.26
CA PRO H 57 -5.07 -39.61 9.44
C PRO H 57 -5.74 -38.78 10.56
N ILE H 58 -5.69 -37.46 10.46
CA ILE H 58 -6.24 -36.60 11.50
C ILE H 58 -7.65 -36.02 11.26
N GLU H 59 -8.24 -35.46 12.31
CA GLU H 59 -9.57 -34.80 12.27
C GLU H 59 -9.40 -33.39 12.84
N LYS H 60 -10.27 -32.47 12.43
CA LYS H 60 -10.18 -31.07 12.86
C LYS H 60 -10.00 -30.76 14.36
N ASN H 61 -11.01 -31.10 15.17
CA ASN H 61 -10.95 -30.85 16.60
C ASN H 61 -11.34 -32.13 17.32
N GLY H 62 -11.15 -33.26 16.63
CA GLY H 62 -11.47 -34.54 17.24
C GLY H 62 -10.61 -34.67 18.49
N ASP H 63 -9.30 -34.79 18.27
CA ASP H 63 -8.33 -34.91 19.35
C ASP H 63 -6.93 -34.52 18.88
N LYS H 64 -6.18 -33.88 19.76
CA LYS H 64 -4.83 -33.49 19.40
C LYS H 64 -4.04 -34.79 19.46
N MSE H 65 -3.12 -34.98 18.52
CA MSE H 65 -2.30 -36.18 18.56
C MSE H 65 -0.79 -35.96 18.36
O MSE H 65 -0.36 -34.88 17.95
CB MSE H 65 -2.80 -37.17 17.53
CG MSE H 65 -4.24 -37.52 17.74
SE MSE H 65 -4.69 -38.95 16.59
CE MSE H 65 -5.13 -40.30 17.94
N PRO H 66 0.01 -36.99 18.71
CA PRO H 66 1.47 -36.94 18.58
C PRO H 66 1.93 -37.25 17.16
N LEU H 67 1.97 -36.22 16.33
CA LEU H 67 2.42 -36.40 14.97
C LEU H 67 3.93 -36.25 14.99
N LYS H 68 4.62 -37.23 14.41
CA LYS H 68 6.06 -37.20 14.38
C LYS H 68 6.53 -37.26 12.92
N PHE H 69 7.63 -36.58 12.63
CA PHE H 69 8.16 -36.52 11.28
C PHE H 69 9.69 -36.56 11.27
N LYS H 70 10.25 -37.49 10.50
CA LYS H 70 11.70 -37.67 10.38
C LYS H 70 12.18 -37.33 8.95
N LEU H 71 13.08 -36.36 8.81
CA LEU H 71 13.60 -36.02 7.49
C LEU H 71 14.53 -37.17 7.07
N GLY H 72 14.40 -37.63 5.83
CA GLY H 72 15.23 -38.72 5.37
C GLY H 72 16.50 -38.31 4.62
N PRO H 73 17.47 -39.23 4.50
CA PRO H 73 18.71 -38.94 3.79
C PRO H 73 18.39 -38.61 2.34
N LEU H 74 17.18 -38.96 1.92
CA LEU H 74 16.71 -38.69 0.57
C LEU H 74 15.56 -37.65 0.53
N SER H 75 15.82 -36.48 -0.05
CA SER H 75 14.82 -35.42 -0.13
C SER H 75 13.42 -35.90 -0.47
N TYR H 76 13.34 -36.81 -1.43
CA TYR H 76 12.08 -37.37 -1.89
C TYR H 76 11.58 -38.53 -1.05
N GLN H 77 12.29 -38.86 0.01
CA GLN H 77 11.88 -39.98 0.85
C GLN H 77 11.98 -39.70 2.35
N ASN H 78 10.96 -39.04 2.89
CA ASN H 78 10.90 -38.71 4.30
C ASN H 78 9.83 -39.62 4.93
N MSE H 79 9.37 -39.31 6.15
CA MSE H 79 8.41 -40.16 6.80
C MSE H 79 7.74 -39.50 7.97
O MSE H 79 8.39 -38.93 8.82
CB MSE H 79 9.09 -41.41 7.33
CG MSE H 79 8.16 -42.53 7.71
SE MSE H 79 7.49 -43.41 6.15
CE MSE H 79 8.99 -44.48 5.71
N ALA H 80 6.42 -39.62 8.01
CA ALA H 80 5.60 -39.06 9.08
C ALA H 80 4.84 -40.23 9.67
N PHE H 81 4.58 -40.17 10.97
CA PHE H 81 3.83 -41.22 11.64
C PHE H 81 3.21 -40.65 12.91
N ILE H 82 2.35 -41.44 13.56
CA ILE H 82 1.72 -40.97 14.79
C ILE H 82 1.81 -41.99 15.92
N THR H 83 2.16 -41.51 17.10
CA THR H 83 2.24 -42.37 18.27
C THR H 83 0.87 -42.25 18.96
N ALA H 84 -0.06 -43.11 18.54
CA ALA H 84 -1.41 -43.09 19.09
C ALA H 84 -2.08 -44.41 18.75
N LYS H 85 -3.17 -44.73 19.45
CA LYS H 85 -3.86 -45.98 19.20
C LYS H 85 -4.62 -45.98 17.91
N ASP H 86 -4.60 -47.14 17.27
CA ASP H 86 -5.28 -47.37 16.00
C ASP H 86 -4.77 -46.47 14.88
N LYS H 87 -3.54 -45.96 15.06
CA LYS H 87 -2.89 -45.09 14.08
C LYS H 87 -1.53 -45.72 13.79
N TYR H 88 -1.53 -46.84 13.07
CA TYR H 88 -0.30 -47.57 12.77
C TYR H 88 0.16 -47.54 11.32
N LYS H 89 -0.19 -46.47 10.61
CA LYS H 89 0.23 -46.36 9.21
C LYS H 89 1.42 -45.44 9.17
N LEU H 90 2.30 -45.67 8.21
CA LEU H 90 3.47 -44.82 8.05
C LEU H 90 3.25 -43.98 6.79
N TYR H 91 3.54 -42.69 6.88
CA TYR H 91 3.31 -41.78 5.78
C TYR H 91 4.53 -41.23 5.09
N PRO H 92 4.96 -41.91 4.02
CA PRO H 92 6.14 -41.38 3.33
C PRO H 92 5.80 -40.02 2.72
N VAL H 93 6.53 -39.00 3.11
CA VAL H 93 6.30 -37.66 2.61
C VAL H 93 7.49 -37.14 1.85
N ARG H 94 7.27 -36.38 0.78
CA ARG H 94 8.42 -35.81 0.08
C ARG H 94 8.40 -34.29 0.16
N ILE H 95 9.59 -33.70 0.33
CA ILE H 95 9.71 -32.27 0.46
C ILE H 95 9.00 -31.52 -0.64
N PRO H 96 8.17 -30.54 -0.25
CA PRO H 96 7.39 -29.70 -1.14
C PRO H 96 8.24 -29.01 -2.20
N ARG H 97 7.81 -29.16 -3.45
CA ARG H 97 8.46 -28.56 -4.61
C ARG H 97 9.84 -29.12 -4.96
N LEU H 98 10.04 -30.39 -4.65
CA LEU H 98 11.31 -31.04 -4.94
C LEU H 98 11.33 -31.35 -6.42
N ASP H 99 12.50 -31.25 -7.05
CA ASP H 99 12.62 -31.54 -8.48
C ASP H 99 13.47 -32.76 -8.73
N THR H 100 12.83 -33.82 -9.17
CA THR H 100 13.49 -35.09 -9.44
C THR H 100 13.54 -35.34 -10.95
N SER H 101 12.89 -34.46 -11.70
CA SER H 101 12.82 -34.58 -13.15
C SER H 101 14.17 -34.73 -13.79
N LYS H 102 14.17 -35.31 -14.98
CA LYS H 102 15.37 -35.52 -15.76
C LYS H 102 15.73 -34.15 -16.33
N GLU H 103 14.71 -33.40 -16.73
CA GLU H 103 14.91 -32.08 -17.29
C GLU H 103 15.73 -31.23 -16.34
N PHE H 104 15.49 -31.38 -15.05
CA PHE H 104 16.22 -30.61 -14.07
C PHE H 104 17.69 -31.03 -13.99
N SER H 105 17.95 -32.33 -13.79
CA SER H 105 19.34 -32.78 -13.67
C SER H 105 20.11 -32.49 -14.95
N ALA H 106 19.40 -32.23 -16.04
CA ALA H 106 20.05 -31.90 -17.29
C ALA H 106 20.38 -30.42 -17.17
N TYR H 107 19.39 -29.66 -16.71
CA TYR H 107 19.52 -28.24 -16.53
C TYR H 107 20.64 -27.91 -15.57
N VAL H 108 20.72 -28.68 -14.49
CA VAL H 108 21.77 -28.47 -13.48
C VAL H 108 23.13 -28.72 -14.11
N SER H 109 23.27 -29.87 -14.78
CA SER H 109 24.53 -30.22 -15.45
C SER H 109 24.90 -29.13 -16.43
N GLY H 110 23.95 -28.72 -17.26
CA GLY H 110 24.20 -27.69 -18.25
C GLY H 110 24.68 -26.37 -17.67
N LEU H 111 24.17 -26.00 -16.50
CA LEU H 111 24.58 -24.75 -15.87
C LEU H 111 25.94 -24.92 -15.23
N PHE H 112 26.25 -26.14 -14.83
CA PHE H 112 27.56 -26.38 -14.21
C PHE H 112 28.67 -26.24 -15.23
N GLU H 113 28.37 -26.58 -16.48
CA GLU H 113 29.35 -26.45 -17.53
C GLU H 113 29.69 -24.97 -17.58
N ILE H 114 28.72 -24.18 -17.99
CA ILE H 114 28.89 -22.74 -18.10
C ILE H 114 29.66 -22.18 -16.92
N TYR H 115 29.54 -22.83 -15.77
CA TYR H 115 30.24 -22.39 -14.56
C TYR H 115 31.74 -22.69 -14.60
N ARG H 116 32.11 -23.96 -14.69
CA ARG H 116 33.53 -24.31 -14.69
C ARG H 116 34.25 -23.81 -15.93
N ASP H 117 33.51 -23.58 -17.01
CA ASP H 117 34.07 -23.07 -18.24
C ASP H 117 34.47 -21.59 -18.16
N LEU H 118 33.88 -20.86 -17.23
CA LEU H 118 34.24 -19.46 -17.09
C LEU H 118 35.64 -19.37 -16.49
N GLY H 119 36.20 -20.52 -16.14
CA GLY H 119 37.55 -20.54 -15.57
C GLY H 119 37.79 -19.45 -14.54
N ASP H 120 38.80 -18.61 -14.77
CA ASP H 120 39.11 -17.53 -13.84
C ASP H 120 38.11 -16.40 -13.97
N ASP H 121 37.37 -16.39 -15.08
CA ASP H 121 36.39 -15.34 -15.28
C ASP H 121 35.18 -15.49 -14.36
N ARG H 122 35.18 -16.54 -13.55
CA ARG H 122 34.08 -16.73 -12.62
C ARG H 122 34.20 -15.66 -11.53
N VAL H 123 35.40 -15.14 -11.31
CA VAL H 123 35.61 -14.11 -10.30
C VAL H 123 35.83 -12.74 -10.96
N PHE H 124 36.00 -11.71 -10.14
CA PHE H 124 36.19 -10.37 -10.68
C PHE H 124 37.40 -9.67 -10.06
N ASN H 125 38.37 -9.29 -10.90
CA ASN H 125 39.57 -8.58 -10.44
C ASN H 125 39.48 -7.11 -10.84
N VAL H 126 39.76 -6.20 -9.92
CA VAL H 126 39.71 -4.76 -10.22
C VAL H 126 39.95 -3.94 -8.95
N ASN H 133 47.38 -4.85 -21.51
CA ASN H 133 46.29 -5.76 -21.17
C ASN H 133 45.11 -5.04 -20.49
N SER H 134 44.72 -3.90 -21.07
CA SER H 134 43.59 -3.11 -20.54
C SER H 134 42.33 -3.75 -21.12
N ASN H 135 42.59 -4.73 -21.99
CA ASN H 135 41.57 -5.50 -22.69
C ASN H 135 41.14 -6.66 -21.79
N PHE H 136 41.90 -6.90 -20.73
CA PHE H 136 41.57 -7.97 -19.80
C PHE H 136 40.15 -7.66 -19.33
N ALA H 137 39.89 -6.36 -19.19
CA ALA H 137 38.59 -5.87 -18.77
C ALA H 137 37.57 -6.11 -19.89
N LYS H 138 37.90 -5.62 -21.08
CA LYS H 138 37.04 -5.76 -22.24
C LYS H 138 36.73 -7.22 -22.59
N GLU H 139 37.73 -8.07 -22.54
CA GLU H 139 37.57 -9.50 -22.86
C GLU H 139 36.81 -10.26 -21.78
N HIS H 140 37.05 -9.87 -20.53
CA HIS H 140 36.38 -10.49 -19.42
C HIS H 140 34.89 -10.31 -19.65
N ASN H 141 34.45 -9.05 -19.72
CA ASN H 141 33.05 -8.74 -19.95
C ASN H 141 32.50 -9.54 -21.10
N ALA H 142 33.23 -9.56 -22.20
CA ALA H 142 32.78 -10.29 -23.38
C ALA H 142 32.45 -11.76 -23.11
N THR H 143 33.37 -12.47 -22.46
CA THR H 143 33.17 -13.89 -22.17
C THR H 143 32.09 -14.12 -21.10
N VAL H 144 31.87 -13.12 -20.24
CA VAL H 144 30.85 -13.23 -19.21
C VAL H 144 29.47 -12.95 -19.81
N ASN H 145 29.32 -11.85 -20.55
CA ASN H 145 28.05 -11.51 -21.16
C ASN H 145 27.61 -12.65 -22.06
N LEU H 146 28.55 -13.53 -22.38
CA LEU H 146 28.30 -14.69 -23.23
C LEU H 146 27.79 -15.86 -22.40
N ALA H 147 28.37 -16.04 -21.22
CA ALA H 147 27.95 -17.09 -20.32
C ALA H 147 26.52 -16.79 -19.89
N MSE H 148 26.19 -15.50 -19.83
CA MSE H 148 24.86 -15.05 -19.45
C MSE H 148 23.86 -15.49 -20.48
O MSE H 148 22.75 -15.89 -20.14
CB MSE H 148 24.83 -13.53 -19.31
CG MSE H 148 23.45 -12.96 -18.98
SE MSE H 148 22.65 -13.63 -17.38
CE MSE H 148 21.24 -14.66 -18.10
N GLU H 149 24.24 -15.38 -21.74
CA GLU H 149 23.35 -15.78 -22.81
C GLU H 149 23.23 -17.29 -22.77
N ALA H 150 24.32 -17.94 -22.32
CA ALA H 150 24.39 -19.39 -22.21
C ALA H 150 23.38 -19.88 -21.18
N ILE H 151 23.33 -19.18 -20.06
CA ILE H 151 22.42 -19.50 -18.97
C ILE H 151 20.99 -19.30 -19.48
N LEU H 152 20.69 -18.12 -19.98
CA LEU H 152 19.36 -17.84 -20.50
C LEU H 152 18.89 -18.98 -21.38
N ASN H 153 19.77 -19.50 -22.22
CA ASN H 153 19.45 -20.59 -23.10
C ASN H 153 19.11 -21.85 -22.30
N GLU H 154 20.06 -22.32 -21.49
CA GLU H 154 19.86 -23.51 -20.67
C GLU H 154 18.51 -23.46 -19.98
N LEU H 155 18.15 -22.27 -19.49
CA LEU H 155 16.87 -22.04 -18.80
C LEU H 155 15.67 -22.06 -19.73
N GLU H 156 15.84 -21.54 -20.95
CA GLU H 156 14.73 -21.53 -21.89
C GLU H 156 14.46 -22.95 -22.32
N VAL H 157 15.52 -23.74 -22.44
CA VAL H 157 15.39 -25.14 -22.85
C VAL H 157 14.64 -25.92 -21.77
N PHE H 158 15.07 -25.72 -20.52
CA PHE H 158 14.46 -26.37 -19.37
C PHE H 158 12.97 -26.00 -19.38
N ILE H 159 12.70 -24.70 -19.40
CA ILE H 159 11.35 -24.17 -19.43
C ILE H 159 10.53 -24.88 -20.48
N GLY H 160 11.10 -24.98 -21.67
CA GLY H 160 10.41 -25.63 -22.77
C GLY H 160 10.07 -27.09 -22.51
N ARG H 161 11.02 -27.83 -21.91
CA ARG H 161 10.82 -29.25 -21.61
C ARG H 161 9.80 -29.49 -20.50
N VAL H 162 9.72 -28.55 -19.56
CA VAL H 162 8.77 -28.66 -18.47
C VAL H 162 7.36 -28.45 -19.00
N LYS H 163 7.26 -27.65 -20.05
CA LYS H 163 5.98 -27.34 -20.67
C LYS H 163 5.39 -28.57 -21.32
N ASP H 164 6.23 -29.37 -21.98
CA ASP H 164 5.80 -30.59 -22.67
C ASP H 164 5.41 -31.75 -21.79
N GLN H 165 6.30 -32.03 -20.85
CA GLN H 165 6.13 -33.14 -19.93
C GLN H 165 5.07 -32.89 -18.89
N ASP H 166 5.10 -31.72 -18.28
CA ASP H 166 4.14 -31.43 -17.23
C ASP H 166 3.04 -30.48 -17.65
N GLY H 167 3.36 -29.57 -18.56
CA GLY H 167 2.36 -28.61 -18.98
C GLY H 167 2.37 -27.37 -18.12
N ARG H 168 1.28 -26.63 -18.09
CA ARG H 168 1.20 -25.41 -17.30
C ARG H 168 1.16 -25.69 -15.80
N VAL H 169 2.12 -26.47 -15.32
CA VAL H 169 2.16 -26.75 -13.91
C VAL H 169 2.75 -25.53 -13.21
N ASN H 170 2.58 -25.49 -11.91
CA ASN H 170 3.02 -24.45 -11.00
C ASN H 170 4.52 -24.14 -11.16
N ARG H 171 5.27 -25.15 -11.58
CA ARG H 171 6.71 -25.07 -11.80
C ARG H 171 7.04 -24.26 -13.06
N PHE H 172 6.26 -24.48 -14.10
CA PHE H 172 6.43 -23.78 -15.37
C PHE H 172 6.30 -22.28 -15.12
N TYR H 173 5.28 -21.89 -14.36
CA TYR H 173 5.06 -20.50 -14.05
C TYR H 173 6.29 -19.93 -13.33
N GLU H 174 6.68 -20.54 -12.20
CA GLU H 174 7.83 -20.08 -11.41
C GLU H 174 9.09 -19.91 -12.26
N LEU H 175 9.33 -20.84 -13.17
CA LEU H 175 10.51 -20.77 -14.03
C LEU H 175 10.44 -19.62 -15.03
N GLU H 176 9.28 -19.42 -15.66
CA GLU H 176 9.12 -18.33 -16.61
C GLU H 176 9.39 -17.00 -15.94
N GLU H 177 8.88 -16.84 -14.73
CA GLU H 177 9.09 -15.60 -14.00
C GLU H 177 10.59 -15.36 -13.85
N SER H 178 11.29 -16.43 -13.49
CA SER H 178 12.73 -16.34 -13.33
C SER H 178 13.36 -15.82 -14.62
N LEU H 179 13.03 -16.46 -15.73
CA LEU H 179 13.57 -16.06 -17.02
C LEU H 179 13.33 -14.57 -17.29
N THR H 180 12.12 -14.10 -17.02
CA THR H 180 11.81 -12.69 -17.26
C THR H 180 12.75 -11.81 -16.44
N VAL H 181 12.93 -12.16 -15.18
CA VAL H 181 13.80 -11.41 -14.32
C VAL H 181 15.21 -11.38 -14.87
N LEU H 182 15.68 -12.51 -15.37
CA LEU H 182 17.04 -12.59 -15.95
C LEU H 182 17.07 -11.81 -17.25
N ASN H 183 16.00 -11.94 -18.06
CA ASN H 183 15.92 -11.21 -19.31
C ASN H 183 16.07 -9.72 -19.05
N CYS H 184 15.58 -9.25 -17.92
CA CYS H 184 15.71 -7.86 -17.58
C CYS H 184 17.16 -7.64 -17.19
N LEU H 185 17.65 -8.45 -16.26
CA LEU H 185 19.03 -8.36 -15.78
C LEU H 185 20.02 -8.30 -16.94
N ARG H 186 19.87 -9.18 -17.91
CA ARG H 186 20.78 -9.22 -19.05
C ARG H 186 20.74 -7.89 -19.81
N THR H 187 19.54 -7.49 -20.23
CA THR H 187 19.39 -6.24 -20.96
C THR H 187 20.05 -5.08 -20.25
N MSE H 188 19.84 -4.96 -18.95
CA MSE H 188 20.39 -3.86 -18.20
C MSE H 188 21.86 -3.91 -17.79
O MSE H 188 22.44 -2.87 -17.51
CB MSE H 188 19.54 -3.61 -16.98
CG MSE H 188 18.08 -3.30 -17.29
SE MSE H 188 17.81 -1.80 -18.44
CE MSE H 188 18.34 -0.35 -17.26
N TYR H 189 22.47 -5.10 -17.76
CA TYR H 189 23.88 -5.19 -17.33
C TYR H 189 24.82 -6.10 -18.10
N PHE H 190 24.30 -6.95 -18.96
CA PHE H 190 25.13 -7.89 -19.71
C PHE H 190 25.15 -7.66 -21.22
N ILE H 191 25.03 -6.39 -21.62
CA ILE H 191 25.06 -6.03 -23.03
C ILE H 191 25.91 -4.79 -23.27
N LEU H 192 25.66 -3.72 -22.54
CA LEU H 192 26.42 -2.48 -22.73
C LEU H 192 27.61 -2.27 -21.81
N ASP H 193 27.82 -3.17 -20.84
CA ASP H 193 28.93 -3.06 -19.89
C ASP H 193 29.24 -1.64 -19.44
N GLY H 194 28.36 -1.05 -18.63
CA GLY H 194 28.60 0.30 -18.14
C GLY H 194 28.58 1.39 -19.20
N GLN H 195 28.32 1.01 -20.45
CA GLN H 195 28.26 1.97 -21.55
C GLN H 195 26.85 2.48 -21.72
N ASP H 196 26.57 3.03 -22.89
CA ASP H 196 25.24 3.55 -23.16
C ASP H 196 24.69 2.86 -24.41
N VAL H 197 23.36 2.90 -24.55
CA VAL H 197 22.69 2.27 -25.68
C VAL H 197 23.36 2.62 -27.00
N GLU H 198 24.20 3.65 -27.00
CA GLU H 198 24.81 4.00 -28.26
C GLU H 198 25.89 3.02 -28.70
N GLU H 199 26.55 2.40 -27.73
CA GLU H 199 27.60 1.44 -28.03
C GLU H 199 27.07 0.29 -28.85
N ASN H 200 26.06 -0.40 -28.34
CA ASN H 200 25.50 -1.53 -29.05
C ASN H 200 23.97 -1.41 -29.12
N ARG H 201 23.46 -0.63 -30.06
CA ARG H 201 22.03 -0.45 -30.15
C ARG H 201 21.24 -1.71 -30.49
N SER H 202 21.62 -2.42 -31.56
CA SER H 202 20.88 -3.62 -31.95
C SER H 202 20.77 -4.70 -30.86
N GLU H 203 21.86 -4.98 -30.17
CA GLU H 203 21.82 -6.01 -29.13
C GLU H 203 20.92 -5.59 -28.00
N PHE H 204 20.98 -4.30 -27.64
CA PHE H 204 20.18 -3.75 -26.55
C PHE H 204 18.70 -3.73 -26.87
N ILE H 205 18.33 -2.98 -27.89
CA ILE H 205 16.94 -2.88 -28.27
C ILE H 205 16.33 -4.24 -28.52
N GLU H 206 17.09 -5.14 -29.11
CA GLU H 206 16.58 -6.49 -29.40
C GLU H 206 16.27 -7.23 -28.09
N SER H 207 17.16 -7.08 -27.11
CA SER H 207 17.03 -7.71 -25.80
C SER H 207 15.91 -7.08 -24.98
N LEU H 208 15.81 -5.75 -25.05
CA LEU H 208 14.78 -4.99 -24.34
C LEU H 208 13.40 -5.44 -24.81
N LEU H 209 13.21 -5.45 -26.13
CA LEU H 209 11.94 -5.85 -26.71
C LEU H 209 11.64 -7.30 -26.36
N ASN H 210 12.68 -8.10 -26.16
CA ASN H 210 12.43 -9.49 -25.81
C ASN H 210 11.85 -9.58 -24.40
N TRP H 211 12.57 -8.99 -23.44
CA TRP H 211 12.14 -8.96 -22.05
C TRP H 211 10.70 -8.47 -21.91
N ILE H 212 10.38 -7.35 -22.56
CA ILE H 212 9.04 -6.78 -22.51
C ILE H 212 7.96 -7.71 -23.07
N ASN H 213 8.13 -8.16 -24.30
CA ASN H 213 7.14 -9.04 -24.94
C ASN H 213 7.28 -10.51 -24.58
N ARG H 214 7.68 -10.78 -23.33
CA ARG H 214 7.84 -12.14 -22.83
C ARG H 214 7.55 -12.17 -21.34
N SER H 215 7.21 -11.02 -20.77
CA SER H 215 6.89 -10.89 -19.36
C SER H 215 5.44 -11.31 -19.16
N ASP H 216 4.56 -10.69 -19.94
CA ASP H 216 3.14 -10.98 -19.93
C ASP H 216 2.74 -11.28 -21.36
N GLY H 217 1.81 -12.21 -21.53
CA GLY H 217 1.39 -12.57 -22.87
C GLY H 217 0.76 -11.44 -23.69
N GLU H 218 0.29 -10.40 -23.01
CA GLU H 218 -0.37 -9.27 -23.66
C GLU H 218 0.46 -8.33 -24.53
N PRO H 219 -0.18 -7.71 -25.54
CA PRO H 219 -1.61 -7.92 -25.85
C PRO H 219 -1.85 -9.25 -26.57
N ASP H 220 -2.44 -10.21 -25.86
CA ASP H 220 -2.72 -11.53 -26.44
C ASP H 220 -3.66 -11.47 -27.63
N GLU H 221 -3.36 -12.25 -28.66
CA GLU H 221 -4.19 -12.27 -29.87
C GLU H 221 -5.66 -12.51 -29.55
N GLU H 222 -5.92 -13.07 -28.38
CA GLU H 222 -7.29 -13.32 -27.98
C GLU H 222 -8.00 -11.98 -27.81
N TYR H 223 -7.30 -11.04 -27.18
CA TYR H 223 -7.88 -9.71 -26.96
C TYR H 223 -7.92 -8.89 -28.24
N ILE H 224 -6.91 -9.07 -29.08
CA ILE H 224 -6.88 -8.34 -30.35
C ILE H 224 -8.16 -8.61 -31.15
N GLU H 225 -8.70 -9.82 -31.06
CA GLU H 225 -9.92 -10.12 -31.82
C GLU H 225 -11.20 -9.95 -31.03
N GLN H 226 -11.08 -9.28 -29.89
CA GLN H 226 -12.22 -8.96 -29.04
C GLN H 226 -12.47 -7.48 -29.38
N VAL H 227 -11.46 -6.87 -30.01
CA VAL H 227 -11.50 -5.47 -30.42
C VAL H 227 -11.98 -5.32 -31.85
N PHE H 228 -12.30 -6.43 -32.49
CA PHE H 228 -12.78 -6.40 -33.87
C PHE H 228 -14.15 -7.05 -33.98
N SER H 229 -15.10 -6.58 -33.16
CA SER H 229 -16.47 -7.10 -33.15
C SER H 229 -17.48 -6.15 -32.50
N VAL H 230 -18.58 -5.88 -33.21
CA VAL H 230 -19.63 -4.98 -32.72
C VAL H 230 -19.06 -3.66 -32.19
N GLY H 236 -20.26 3.19 -31.93
CA GLY H 236 -21.65 2.87 -32.24
C GLY H 236 -21.89 2.75 -33.73
N LYS H 237 -21.74 3.87 -34.44
CA LYS H 237 -21.94 3.89 -35.89
C LYS H 237 -20.59 3.79 -36.62
N LYS H 238 -19.51 4.15 -35.94
CA LYS H 238 -18.18 4.08 -36.52
C LYS H 238 -17.47 2.79 -36.09
N VAL H 239 -16.65 2.28 -37.01
CA VAL H 239 -15.91 1.03 -36.84
C VAL H 239 -14.77 0.97 -35.81
N PHE H 240 -13.66 1.60 -36.14
CA PHE H 240 -12.49 1.65 -35.28
C PHE H 240 -12.17 3.12 -35.23
N GLU H 241 -13.03 3.80 -34.51
CA GLU H 241 -12.93 5.21 -34.33
C GLU H 241 -13.03 5.35 -32.83
N THR H 242 -13.07 4.23 -32.13
CA THR H 242 -13.13 4.29 -30.67
C THR H 242 -11.79 3.94 -30.07
N GLN H 243 -11.46 4.64 -28.99
CA GLN H 243 -10.20 4.47 -28.30
C GLN H 243 -9.70 3.04 -28.18
N TYR H 244 -10.55 2.08 -27.82
CA TYR H 244 -10.09 0.69 -27.73
C TYR H 244 -9.11 0.36 -28.83
N PHE H 245 -9.36 0.89 -30.02
CA PHE H 245 -8.46 0.66 -31.15
C PHE H 245 -7.12 1.36 -30.95
N TRP H 246 -7.16 2.66 -30.69
CA TRP H 246 -5.92 3.42 -30.51
C TRP H 246 -5.11 3.02 -29.29
N LYS H 247 -5.78 2.70 -28.18
CA LYS H 247 -5.07 2.28 -26.99
C LYS H 247 -4.29 1.02 -27.34
N LEU H 248 -4.88 0.18 -28.18
CA LEU H 248 -4.28 -1.07 -28.62
C LEU H 248 -3.17 -0.79 -29.64
N LEU H 249 -3.40 0.19 -30.49
CA LEU H 249 -2.42 0.52 -31.50
C LEU H 249 -1.19 1.13 -30.85
N ASN H 250 -1.41 2.11 -29.98
CA ASN H 250 -0.31 2.76 -29.30
C ASN H 250 0.40 1.78 -28.37
N GLN H 251 -0.35 0.82 -27.83
CA GLN H 251 0.23 -0.17 -26.94
C GLN H 251 1.21 -1.02 -27.71
N LEU H 252 0.85 -1.38 -28.94
CA LEU H 252 1.74 -2.19 -29.76
C LEU H 252 3.00 -1.40 -30.09
N VAL H 253 2.83 -0.10 -30.28
CA VAL H 253 3.94 0.79 -30.61
C VAL H 253 4.91 0.86 -29.43
N LEU H 254 4.37 1.14 -28.25
CA LEU H 254 5.19 1.24 -27.06
C LEU H 254 6.00 -0.04 -26.81
N ARG H 255 5.44 -1.18 -27.16
CA ARG H 255 6.12 -2.47 -26.96
C ARG H 255 7.05 -2.87 -28.10
N GLY H 256 7.16 -2.00 -29.10
CA GLY H 256 8.03 -2.29 -30.23
C GLY H 256 7.46 -3.29 -31.23
N LEU H 257 6.21 -3.68 -31.02
CA LEU H 257 5.55 -4.64 -31.91
C LEU H 257 5.01 -3.93 -33.13
N LEU H 258 5.89 -3.25 -33.87
CA LEU H 258 5.50 -2.52 -35.06
C LEU H 258 4.91 -3.41 -36.16
N SER H 259 5.51 -4.59 -36.36
CA SER H 259 5.03 -5.53 -37.37
C SER H 259 3.53 -5.70 -37.18
N GLN H 260 3.12 -6.03 -35.95
CA GLN H 260 1.73 -6.21 -35.61
C GLN H 260 0.97 -4.89 -35.68
N ALA H 261 1.58 -3.83 -35.20
CA ALA H 261 0.96 -2.50 -35.21
C ALA H 261 0.45 -2.13 -36.59
N ILE H 262 1.33 -2.16 -37.57
CA ILE H 262 0.96 -1.83 -38.94
C ILE H 262 -0.19 -2.73 -39.38
N GLY H 263 -0.13 -3.99 -38.98
CA GLY H 263 -1.17 -4.94 -39.33
C GLY H 263 -2.56 -4.51 -38.88
N CYS H 264 -2.66 -3.91 -37.70
CA CYS H 264 -3.93 -3.46 -37.15
C CYS H 264 -4.53 -2.31 -37.94
N ILE H 265 -3.66 -1.41 -38.40
CA ILE H 265 -4.10 -0.28 -39.20
C ILE H 265 -4.64 -0.82 -40.53
N GLU H 266 -3.85 -1.68 -41.17
CA GLU H 266 -4.22 -2.30 -42.45
C GLU H 266 -5.29 -3.33 -42.19
N ARG H 267 -6.35 -2.94 -41.50
CA ARG H 267 -7.42 -3.88 -41.25
C ARG H 267 -8.72 -3.10 -41.27
N SER H 268 -8.62 -1.78 -41.16
CA SER H 268 -9.83 -0.96 -41.16
C SER H 268 -9.78 0.38 -41.90
N ASP H 269 -9.66 1.44 -41.11
CA ASP H 269 -9.67 2.85 -41.56
C ASP H 269 -8.63 3.44 -42.48
N LEU H 270 -7.53 2.77 -42.74
CA LEU H 270 -6.49 3.36 -43.59
C LEU H 270 -6.90 3.63 -45.04
N LEU H 271 -7.12 2.56 -45.79
CA LEU H 271 -7.47 2.66 -47.20
C LEU H 271 -8.86 3.19 -47.52
N PRO H 272 -9.82 3.03 -46.60
CA PRO H 272 -11.13 3.56 -46.97
C PRO H 272 -11.48 4.94 -46.41
N TYR H 273 -11.76 5.03 -45.12
CA TYR H 273 -12.16 6.30 -44.54
C TYR H 273 -11.21 7.42 -44.88
N LEU H 274 -9.91 7.14 -44.81
CA LEU H 274 -8.94 8.16 -45.13
C LEU H 274 -8.88 8.47 -46.62
N SER H 275 -8.36 7.53 -47.41
CA SER H 275 -8.24 7.74 -48.85
C SER H 275 -9.44 8.43 -49.48
N ASP H 276 -10.63 8.24 -48.90
CA ASP H 276 -11.84 8.86 -49.43
C ASP H 276 -12.16 10.20 -48.78
N THR H 277 -12.35 10.20 -47.46
CA THR H 277 -12.68 11.41 -46.72
C THR H 277 -11.64 12.53 -46.89
N CYS H 278 -10.54 12.41 -46.14
CA CYS H 278 -9.47 13.40 -46.18
C CYS H 278 -8.22 12.86 -46.83
N ALA H 279 -7.69 13.59 -47.81
CA ALA H 279 -6.48 13.16 -48.52
C ALA H 279 -5.23 13.63 -47.77
N VAL H 280 -5.35 14.73 -47.04
CA VAL H 280 -4.23 15.28 -46.29
C VAL H 280 -3.75 14.29 -45.25
N SER H 281 -4.67 13.82 -44.42
CA SER H 281 -4.35 12.86 -43.37
C SER H 281 -4.06 11.47 -43.90
N PHE H 282 -4.58 11.13 -45.07
CA PHE H 282 -4.30 9.82 -45.63
C PHE H 282 -2.79 9.70 -45.75
N ASP H 283 -2.17 10.71 -46.35
CA ASP H 283 -0.72 10.73 -46.52
C ASP H 283 -0.01 10.63 -45.18
N ALA H 284 -0.41 11.45 -44.22
CA ALA H 284 0.21 11.42 -42.91
C ALA H 284 0.20 10.01 -42.32
N VAL H 285 -0.99 9.44 -42.15
CA VAL H 285 -1.12 8.09 -41.60
C VAL H 285 -0.35 7.02 -42.35
N SER H 286 -0.25 7.13 -43.67
CA SER H 286 0.44 6.12 -44.46
C SER H 286 1.96 6.24 -44.44
N ASP H 287 2.53 7.41 -44.72
CA ASP H 287 3.99 7.52 -44.68
C ASP H 287 4.51 7.54 -43.25
N SER H 288 3.60 7.35 -42.30
CA SER H 288 3.98 7.28 -40.90
C SER H 288 4.14 5.77 -40.74
N ILE H 289 3.23 5.02 -41.35
CA ILE H 289 3.28 3.56 -41.31
C ILE H 289 4.59 3.16 -41.95
N GLU H 290 4.99 3.91 -42.97
CA GLU H 290 6.24 3.65 -43.65
C GLU H 290 7.38 3.85 -42.66
N LEU H 291 7.31 4.90 -41.87
CA LEU H 291 8.35 5.18 -40.88
C LEU H 291 8.48 4.04 -39.88
N LEU H 292 7.36 3.43 -39.53
CA LEU H 292 7.37 2.31 -38.60
C LEU H 292 8.10 1.12 -39.23
N LYS H 293 7.79 0.87 -40.50
CA LYS H 293 8.40 -0.25 -41.22
C LYS H 293 9.90 -0.15 -41.21
N GLN H 294 10.42 1.03 -40.89
CA GLN H 294 11.87 1.23 -40.89
C GLN H 294 12.47 1.81 -39.62
N TYR H 295 11.90 1.44 -38.47
CA TYR H 295 12.40 1.92 -37.18
C TYR H 295 13.84 1.43 -36.97
N PRO H 296 14.82 2.35 -36.92
CA PRO H 296 16.24 2.06 -36.73
C PRO H 296 16.58 1.21 -35.51
N LYS H 297 16.91 -0.05 -35.75
CA LYS H 297 17.25 -0.94 -34.64
C LYS H 297 18.75 -1.19 -34.52
N ASP H 298 19.53 -0.77 -35.51
CA ASP H 298 20.97 -1.01 -35.50
C ASP H 298 21.85 0.21 -35.36
N SER H 299 21.48 1.29 -36.04
CA SER H 299 22.25 2.54 -36.02
C SER H 299 21.67 3.60 -35.10
N SER H 300 22.50 4.11 -34.19
CA SER H 300 22.06 5.16 -33.26
C SER H 300 21.92 6.46 -34.06
N SER H 301 22.60 6.52 -35.19
CA SER H 301 22.57 7.67 -36.08
C SER H 301 21.29 7.66 -36.89
N THR H 302 20.99 6.52 -37.49
CA THR H 302 19.78 6.39 -38.29
C THR H 302 18.56 6.73 -37.43
N PHE H 303 18.68 6.52 -36.11
CA PHE H 303 17.58 6.85 -35.21
C PHE H 303 17.34 8.36 -35.22
N ARG H 304 18.38 9.12 -34.88
CA ARG H 304 18.29 10.57 -34.83
C ARG H 304 17.66 11.10 -36.10
N GLU H 305 18.12 10.59 -37.24
CA GLU H 305 17.57 11.01 -38.51
C GLU H 305 16.11 10.58 -38.54
N TRP H 306 15.87 9.34 -38.10
CA TRP H 306 14.52 8.77 -38.07
C TRP H 306 13.58 9.64 -37.23
N LYS H 307 13.97 9.92 -35.99
CA LYS H 307 13.15 10.73 -35.10
C LYS H 307 12.90 12.11 -35.70
N ASN H 308 13.86 12.59 -36.49
CA ASN H 308 13.69 13.90 -37.11
C ASN H 308 12.54 13.86 -38.11
N LEU H 309 12.52 12.81 -38.92
CA LEU H 309 11.47 12.64 -39.93
C LEU H 309 10.14 12.43 -39.24
N VAL H 310 10.16 11.71 -38.12
CA VAL H 310 8.95 11.47 -37.38
C VAL H 310 8.40 12.81 -36.88
N LEU H 311 9.24 13.61 -36.24
CA LEU H 311 8.83 14.91 -35.72
C LEU H 311 8.48 15.90 -36.83
N LYS H 312 9.14 15.77 -37.96
CA LYS H 312 8.87 16.65 -39.09
C LYS H 312 7.47 16.35 -39.58
N LEU H 313 7.14 15.07 -39.60
CA LEU H 313 5.83 14.57 -40.04
C LEU H 313 4.72 15.06 -39.13
N SER H 314 4.91 14.92 -37.83
CA SER H 314 3.89 15.36 -36.87
C SER H 314 3.73 16.88 -36.88
N GLN H 315 4.78 17.61 -37.18
CA GLN H 315 4.66 19.07 -37.21
C GLN H 315 3.80 19.46 -38.39
N ALA H 316 4.01 18.78 -39.52
CA ALA H 316 3.25 19.03 -40.74
C ALA H 316 1.75 18.78 -40.52
N PHE H 317 1.42 17.54 -40.14
CA PHE H 317 0.04 17.14 -39.88
C PHE H 317 -0.55 18.04 -38.79
N GLY H 318 0.20 18.19 -37.71
CA GLY H 318 -0.23 18.99 -36.57
C GLY H 318 -0.88 20.31 -36.92
N SER H 319 -0.45 20.92 -38.02
CA SER H 319 -1.03 22.18 -38.45
C SER H 319 -1.43 22.02 -39.92
N SER H 320 -2.60 21.43 -40.16
CA SER H 320 -3.07 21.22 -41.52
C SER H 320 -4.58 20.98 -41.65
N ALA H 321 -5.01 20.60 -42.85
CA ALA H 321 -6.42 20.35 -43.18
C ALA H 321 -7.08 19.17 -42.47
N THR H 322 -8.09 19.48 -41.65
CA THR H 322 -8.82 18.47 -40.91
C THR H 322 -10.16 18.16 -41.57
N ASP H 323 -10.13 17.29 -42.57
CA ASP H 323 -11.35 16.91 -43.27
C ASP H 323 -11.93 15.66 -42.63
N ILE H 324 -11.46 15.34 -41.42
CA ILE H 324 -11.94 14.16 -40.69
C ILE H 324 -12.53 14.54 -39.33
N SER H 325 -13.11 13.55 -38.66
CA SER H 325 -13.74 13.75 -37.37
C SER H 325 -12.92 14.63 -36.44
N GLY H 326 -13.58 15.24 -35.48
CA GLY H 326 -12.87 16.05 -34.53
C GLY H 326 -12.11 15.08 -33.64
N GLU H 327 -12.71 13.92 -33.40
CA GLU H 327 -12.11 12.89 -32.57
C GLU H 327 -11.00 12.16 -33.31
N LEU H 328 -11.31 11.63 -34.50
CA LEU H 328 -10.32 10.91 -35.29
C LEU H 328 -9.08 11.76 -35.49
N ARG H 329 -9.29 13.07 -35.54
CA ARG H 329 -8.20 14.04 -35.71
C ARG H 329 -7.17 13.83 -34.60
N ASP H 330 -7.63 14.01 -33.37
CA ASP H 330 -6.80 13.88 -32.20
C ASP H 330 -6.18 12.49 -32.10
N TYR H 331 -7.01 11.45 -32.28
CA TYR H 331 -6.52 10.08 -32.21
C TYR H 331 -5.26 9.85 -33.02
N ILE H 332 -5.12 10.56 -34.13
CA ILE H 332 -3.94 10.41 -34.98
C ILE H 332 -2.77 11.28 -34.51
N GLU H 333 -3.07 12.41 -33.88
CA GLU H 333 -2.03 13.30 -33.35
C GLU H 333 -1.41 12.62 -32.14
N ASP H 334 -2.23 11.90 -31.38
CA ASP H 334 -1.76 11.18 -30.21
C ASP H 334 -0.91 10.02 -30.69
N PHE H 335 -1.31 9.41 -31.80
CA PHE H 335 -0.54 8.30 -32.36
C PHE H 335 0.80 8.83 -32.81
N LEU H 336 0.80 9.98 -33.47
CA LEU H 336 2.03 10.60 -33.96
C LEU H 336 2.92 11.15 -32.84
N LEU H 337 2.31 11.52 -31.71
CA LEU H 337 3.10 12.03 -30.60
C LEU H 337 3.81 10.91 -29.88
N VAL H 338 3.15 9.76 -29.74
CA VAL H 338 3.76 8.60 -29.09
C VAL H 338 5.02 8.17 -29.84
N ILE H 339 4.93 8.11 -31.17
CA ILE H 339 6.07 7.72 -31.99
C ILE H 339 7.19 8.74 -31.87
N GLY H 340 6.79 10.00 -31.75
CA GLY H 340 7.77 11.07 -31.63
C GLY H 340 8.52 11.02 -30.31
N GLY H 341 7.85 10.58 -29.26
CA GLY H 341 8.48 10.49 -27.96
C GLY H 341 7.89 11.38 -26.89
N ASN H 342 6.80 12.09 -27.18
CA ASN H 342 6.22 12.95 -26.15
C ASN H 342 5.95 12.11 -24.92
N GLN H 343 6.72 12.37 -23.86
CA GLN H 343 6.57 11.64 -22.62
C GLN H 343 5.13 11.67 -22.15
N ARG H 344 4.56 12.87 -22.09
CA ARG H 344 3.18 13.07 -21.67
C ARG H 344 2.30 11.94 -22.22
N LYS H 345 2.30 11.81 -23.55
CA LYS H 345 1.52 10.81 -24.28
C LYS H 345 1.98 9.36 -24.13
N ILE H 346 3.29 9.14 -24.03
CA ILE H 346 3.81 7.78 -23.85
C ILE H 346 3.20 7.19 -22.58
N LEU H 347 3.24 7.94 -21.49
CA LEU H 347 2.68 7.47 -20.23
C LEU H 347 1.20 7.23 -20.39
N GLN H 348 0.55 8.12 -21.12
CA GLN H 348 -0.88 8.04 -21.33
C GLN H 348 -1.33 6.67 -21.84
N TYR H 349 -0.80 6.23 -22.98
CA TYR H 349 -1.20 4.95 -23.54
C TYR H 349 -0.46 3.74 -22.99
N SER H 350 0.13 3.89 -21.81
CA SER H 350 0.83 2.80 -21.18
C SER H 350 -0.06 2.18 -20.11
N ARG H 351 -0.17 0.86 -20.17
CA ARG H 351 -1.00 0.08 -19.26
C ARG H 351 -0.21 -0.40 -18.04
N THR H 352 1.11 -0.56 -18.18
CA THR H 352 2.01 -0.99 -17.08
C THR H 352 3.26 -0.13 -17.06
N TRP H 353 3.97 -0.11 -15.93
CA TRP H 353 5.18 0.70 -15.81
C TRP H 353 6.25 0.23 -16.83
N TYR H 354 6.19 -1.01 -17.29
CA TYR H 354 7.26 -1.42 -18.16
C TYR H 354 6.98 -1.12 -19.62
N GLU H 355 5.73 -0.74 -19.91
CA GLU H 355 5.42 -0.32 -21.26
C GLU H 355 5.88 1.13 -21.38
N SER H 356 5.72 1.89 -20.32
CA SER H 356 6.18 3.28 -20.29
C SER H 356 7.68 3.30 -20.48
N PHE H 357 8.35 2.46 -19.70
CA PHE H 357 9.81 2.35 -19.74
C PHE H 357 10.33 1.99 -21.12
N CYS H 358 9.77 0.93 -21.69
CA CYS H 358 10.19 0.49 -23.00
C CYS H 358 10.03 1.59 -24.06
N GLY H 359 8.93 2.31 -23.98
CA GLY H 359 8.66 3.39 -24.92
C GLY H 359 9.62 4.56 -24.81
N PHE H 360 9.88 5.01 -23.60
CA PHE H 360 10.78 6.12 -23.41
C PHE H 360 12.10 5.84 -24.13
N LEU H 361 12.61 4.63 -23.95
CA LEU H 361 13.86 4.21 -24.57
C LEU H 361 13.72 4.09 -26.08
N LEU H 362 12.59 3.55 -26.52
CA LEU H 362 12.35 3.38 -27.93
C LEU H 362 12.08 4.66 -28.73
N TYR H 363 11.30 5.58 -28.16
CA TYR H 363 10.98 6.78 -28.91
C TYR H 363 11.47 8.11 -28.40
N TYR H 364 11.60 8.26 -27.09
CA TYR H 364 12.07 9.51 -26.56
C TYR H 364 13.58 9.62 -26.67
N ILE H 365 14.31 9.17 -25.66
CA ILE H 365 15.76 9.24 -25.70
C ILE H 365 16.37 7.93 -25.25
N PRO H 366 17.12 7.27 -26.14
CA PRO H 366 17.74 5.99 -25.81
C PRO H 366 19.08 6.17 -25.08
N SER H 367 18.99 6.44 -23.78
CA SER H 367 20.17 6.67 -22.92
C SER H 367 19.90 6.18 -21.50
N LEU H 368 20.60 5.15 -21.07
CA LEU H 368 20.37 4.65 -19.74
C LEU H 368 20.76 5.67 -18.66
N GLU H 369 21.00 6.91 -19.07
CA GLU H 369 21.36 7.95 -18.12
C GLU H 369 20.08 8.46 -17.52
N LEU H 370 18.97 8.18 -18.20
CA LEU H 370 17.67 8.60 -17.74
C LEU H 370 16.88 7.43 -17.18
N SER H 371 17.47 6.25 -17.21
CA SER H 371 16.80 5.04 -16.74
C SER H 371 16.07 5.25 -15.43
N ALA H 372 16.73 5.92 -14.48
CA ALA H 372 16.12 6.19 -13.17
C ALA H 372 14.92 7.13 -13.31
N GLU H 373 15.10 8.19 -14.08
CA GLU H 373 14.04 9.17 -14.30
C GLU H 373 12.86 8.52 -15.04
N TYR H 374 13.17 7.62 -15.97
CA TYR H 374 12.16 6.89 -16.74
C TYR H 374 11.36 6.01 -15.82
N LEU H 375 12.05 5.25 -14.99
CA LEU H 375 11.37 4.36 -14.06
C LEU H 375 10.40 5.14 -13.20
N GLN H 376 10.84 6.28 -12.65
CA GLN H 376 9.95 7.06 -11.82
C GLN H 376 8.70 7.54 -12.52
N MSE H 377 8.84 8.13 -13.70
CA MSE H 377 7.68 8.60 -14.45
C MSE H 377 6.74 7.43 -14.67
O MSE H 377 5.55 7.54 -14.44
CB MSE H 377 8.07 9.15 -15.81
CG MSE H 377 9.12 10.20 -15.80
SE MSE H 377 9.05 11.23 -17.39
CE MSE H 377 8.31 12.82 -16.59
N SER H 378 7.29 6.30 -15.13
CA SER H 378 6.54 5.08 -15.40
C SER H 378 5.78 4.52 -14.21
N LEU H 379 6.41 4.57 -13.04
CA LEU H 379 5.81 4.07 -11.81
C LEU H 379 4.72 4.97 -11.25
N GLU H 380 4.81 6.28 -11.52
CA GLU H 380 3.78 7.22 -11.06
C GLU H 380 2.54 6.90 -11.89
N ALA H 381 2.73 6.73 -13.19
CA ALA H 381 1.66 6.42 -14.13
C ALA H 381 0.92 5.13 -13.78
N ASN H 382 1.70 4.07 -13.52
CA ASN H 382 1.13 2.76 -13.17
C ASN H 382 2.03 2.09 -12.13
N VAL H 383 1.51 1.85 -10.94
CA VAL H 383 2.30 1.24 -9.89
C VAL H 383 2.71 -0.19 -10.23
N VAL H 384 3.53 -0.76 -9.36
CA VAL H 384 4.02 -2.11 -9.54
C VAL H 384 2.95 -3.10 -9.14
N ASP H 385 2.73 -4.09 -10.00
CA ASP H 385 1.74 -5.14 -9.75
C ASP H 385 2.36 -6.21 -8.85
N ILE H 386 1.91 -6.32 -7.61
CA ILE H 386 2.49 -7.32 -6.73
C ILE H 386 2.04 -8.75 -6.99
N THR H 387 1.12 -8.92 -7.94
CA THR H 387 0.60 -10.24 -8.31
C THR H 387 1.74 -11.19 -8.68
N ASN H 388 2.58 -10.76 -9.62
CA ASN H 388 3.70 -11.56 -10.11
C ASN H 388 5.05 -11.19 -9.52
N ASP H 389 5.69 -12.21 -8.98
CA ASP H 389 6.97 -12.09 -8.33
C ASP H 389 8.06 -11.42 -9.15
N TRP H 390 7.86 -11.26 -10.45
CA TRP H 390 8.91 -10.68 -11.28
C TRP H 390 8.96 -9.17 -11.42
N GLU H 391 7.82 -8.51 -11.51
CA GLU H 391 7.82 -7.07 -11.68
C GLU H 391 8.69 -6.28 -10.74
N GLN H 392 8.67 -6.60 -9.45
CA GLN H 392 9.51 -5.87 -8.49
C GLN H 392 11.01 -6.10 -8.72
N PRO H 393 11.45 -7.36 -8.77
CA PRO H 393 12.88 -7.62 -9.00
C PRO H 393 13.42 -6.88 -10.23
N CYS H 394 12.54 -6.53 -11.16
CA CYS H 394 12.95 -5.81 -12.37
C CYS H 394 13.07 -4.32 -12.07
N VAL H 395 12.19 -3.81 -11.21
CA VAL H 395 12.25 -2.42 -10.83
C VAL H 395 13.57 -2.27 -10.07
N ASP H 396 13.90 -3.30 -9.28
CA ASP H 396 15.13 -3.31 -8.49
C ASP H 396 16.38 -3.35 -9.36
N ILE H 397 16.32 -4.09 -10.47
CA ILE H 397 17.44 -4.18 -11.40
C ILE H 397 17.60 -2.78 -11.99
N ILE H 398 16.63 -2.37 -12.80
CA ILE H 398 16.64 -1.07 -13.44
C ILE H 398 17.01 0.09 -12.52
N SER H 399 16.92 -0.12 -11.21
CA SER H 399 17.24 0.96 -10.30
C SER H 399 18.55 0.78 -9.56
N GLY H 400 19.27 -0.30 -9.84
CA GLY H 400 20.53 -0.48 -9.16
C GLY H 400 20.61 -1.59 -8.14
N LYS H 401 19.89 -1.48 -7.05
CA LYS H 401 19.96 -2.53 -6.05
C LYS H 401 19.63 -3.90 -6.63
N ILE H 402 20.66 -4.64 -6.96
CA ILE H 402 20.52 -5.96 -7.55
C ILE H 402 20.47 -7.12 -6.56
N HIS H 403 21.10 -6.97 -5.41
CA HIS H 403 21.11 -8.03 -4.42
C HIS H 403 19.69 -8.45 -4.04
N SER H 404 18.78 -7.48 -3.97
CA SER H 404 17.40 -7.74 -3.58
C SER H 404 16.56 -8.50 -4.60
N ILE H 405 17.24 -9.02 -5.62
CA ILE H 405 16.57 -9.78 -6.66
C ILE H 405 16.75 -11.26 -6.33
N LEU H 406 17.84 -11.55 -5.62
CA LEU H 406 18.21 -12.93 -5.27
C LEU H 406 17.18 -13.69 -4.41
N PRO H 407 16.85 -13.17 -3.23
CA PRO H 407 15.87 -13.88 -2.39
C PRO H 407 14.67 -14.33 -3.23
N VAL H 408 14.10 -13.41 -3.99
CA VAL H 408 12.95 -13.70 -4.83
C VAL H 408 13.18 -14.89 -5.74
N MSE H 409 14.34 -14.90 -6.39
CA MSE H 409 14.66 -15.99 -7.31
C MSE H 409 15.02 -17.28 -6.61
O MSE H 409 14.94 -18.34 -7.19
CB MSE H 409 15.79 -15.59 -8.23
CG MSE H 409 15.49 -14.38 -9.07
SE MSE H 409 16.86 -14.13 -10.40
CE MSE H 409 16.22 -15.39 -11.68
N GLU H 410 15.46 -17.16 -5.36
CA GLU H 410 15.82 -18.34 -4.58
C GLU H 410 14.50 -19.03 -4.24
N SER H 411 13.42 -18.25 -4.29
CA SER H 411 12.09 -18.74 -4.00
C SER H 411 11.47 -19.42 -5.21
N LEU H 412 11.73 -18.89 -6.39
CA LEU H 412 11.20 -19.47 -7.61
C LEU H 412 11.96 -20.75 -7.93
N ASP H 413 13.28 -20.69 -7.83
CA ASP H 413 14.13 -21.84 -8.07
C ASP H 413 15.49 -21.61 -7.43
N SER H 414 15.81 -22.42 -6.42
CA SER H 414 17.08 -22.32 -5.70
C SER H 414 18.26 -22.37 -6.66
N CYS H 415 18.20 -23.29 -7.62
CA CYS H 415 19.27 -23.46 -8.61
C CYS H 415 19.60 -22.21 -9.42
N THR H 416 18.64 -21.74 -10.21
CA THR H 416 18.82 -20.56 -11.05
C THR H 416 19.32 -19.37 -10.24
N ALA H 417 18.83 -19.26 -9.01
CA ALA H 417 19.21 -18.17 -8.13
C ALA H 417 20.69 -18.21 -7.83
N ALA H 418 21.17 -19.42 -7.54
CA ALA H 418 22.57 -19.63 -7.21
C ALA H 418 23.47 -19.21 -8.37
N PHE H 419 23.20 -19.71 -9.56
CA PHE H 419 24.02 -19.33 -10.70
C PHE H 419 23.81 -17.90 -11.13
N THR H 420 22.67 -17.30 -10.78
CA THR H 420 22.43 -15.91 -11.17
C THR H 420 23.33 -15.04 -10.32
N ALA H 421 23.50 -15.43 -9.07
CA ALA H 421 24.35 -14.66 -8.18
C ALA H 421 25.79 -14.83 -8.64
N MSE H 422 26.14 -16.05 -9.02
CA MSE H 422 27.48 -16.38 -9.48
C MSE H 422 27.91 -15.50 -10.65
O MSE H 422 28.99 -14.91 -10.64
CB MSE H 422 27.54 -17.87 -9.88
CG MSE H 422 28.91 -18.36 -10.43
SE MSE H 422 29.36 -17.87 -12.27
CE MSE H 422 28.05 -18.97 -13.19
N ILE H 423 27.05 -15.42 -11.65
CA ILE H 423 27.36 -14.62 -12.81
C ILE H 423 27.36 -13.13 -12.47
N CYS H 424 26.63 -12.74 -11.42
CA CYS H 424 26.58 -11.35 -11.01
C CYS H 424 27.84 -11.00 -10.28
N GLU H 425 28.41 -11.99 -9.59
CA GLU H 425 29.66 -11.74 -8.86
C GLU H 425 30.77 -11.66 -9.90
N ALA H 426 30.67 -12.52 -10.90
CA ALA H 426 31.63 -12.54 -11.99
C ALA H 426 31.65 -11.16 -12.64
N LYS H 427 30.48 -10.66 -13.02
CA LYS H 427 30.34 -9.35 -13.65
C LYS H 427 30.75 -8.22 -12.73
N GLY H 428 30.93 -8.53 -11.46
CA GLY H 428 31.30 -7.50 -10.50
C GLY H 428 30.14 -6.61 -10.11
N LEU H 429 28.92 -7.15 -10.10
CA LEU H 429 27.75 -6.37 -9.73
C LEU H 429 27.48 -6.48 -8.23
N ILE H 430 27.94 -7.58 -7.65
CA ILE H 430 27.79 -7.85 -6.23
C ILE H 430 29.12 -8.42 -5.76
N GLU H 431 29.50 -8.13 -4.52
CA GLU H 431 30.76 -8.63 -4.00
C GLU H 431 30.77 -8.69 -2.47
N ASN H 432 31.43 -9.71 -1.92
CA ASN H 432 31.53 -9.83 -0.47
C ASN H 432 32.16 -8.54 0.10
N ILE H 433 31.71 -8.16 1.29
CA ILE H 433 32.21 -6.97 1.98
C ILE H 433 32.62 -7.37 3.39
N PHE H 434 32.38 -8.64 3.71
CA PHE H 434 32.69 -9.15 5.03
C PHE H 434 34.13 -8.96 5.41
N GLU H 435 34.29 -8.73 6.69
CA GLU H 435 35.58 -8.54 7.31
C GLU H 435 35.31 -8.80 8.78
N GLY H 436 35.84 -9.94 9.23
CA GLY H 436 35.71 -10.34 10.61
C GLY H 436 37.16 -10.39 11.07
N GLU H 437 37.43 -11.14 12.13
CA GLU H 437 38.78 -11.28 12.66
C GLU H 437 39.87 -10.88 11.65
N LEU H 451 37.01 -22.49 15.33
CA LEU H 451 37.13 -22.81 13.90
C LEU H 451 37.03 -21.51 13.09
N GLU H 452 36.70 -21.61 11.82
CA GLU H 452 36.57 -20.40 10.98
C GLU H 452 35.90 -20.67 9.64
N ASP H 453 35.31 -21.86 9.50
CA ASP H 453 34.62 -22.31 8.29
C ASP H 453 33.64 -21.37 7.62
N LEU H 454 33.19 -21.75 6.43
CA LEU H 454 32.32 -20.89 5.69
C LEU H 454 31.30 -21.53 4.74
N PHE H 455 30.06 -21.20 5.05
CA PHE H 455 28.83 -21.56 4.35
C PHE H 455 27.94 -20.53 5.05
N SER H 456 28.45 -19.31 5.10
CA SER H 456 27.75 -18.23 5.76
C SER H 456 27.91 -16.92 5.02
N TYR H 457 27.39 -15.87 5.63
CA TYR H 457 27.44 -14.52 5.09
C TYR H 457 28.88 -14.06 5.04
N ARG H 458 29.76 -14.88 5.58
CA ARG H 458 31.17 -14.53 5.62
C ARG H 458 31.79 -14.37 4.25
N ASN H 459 31.68 -15.38 3.38
CA ASN H 459 32.23 -15.24 2.06
C ASN H 459 31.12 -14.52 1.28
N GLY H 460 31.30 -14.30 -0.02
CA GLY H 460 30.28 -13.58 -0.78
C GLY H 460 28.86 -14.10 -0.63
N MSE H 461 27.90 -13.33 -1.11
CA MSE H 461 26.52 -13.77 -1.05
C MSE H 461 26.38 -14.90 -2.05
O MSE H 461 25.69 -15.89 -1.83
CB MSE H 461 25.58 -12.64 -1.44
CG MSE H 461 24.21 -13.10 -1.96
SE MSE H 461 22.85 -13.36 -0.63
CE MSE H 461 22.26 -11.50 -0.49
N ALA H 462 27.06 -14.72 -3.18
CA ALA H 462 27.00 -15.71 -4.25
C ALA H 462 27.57 -17.02 -3.77
N SER H 463 28.66 -16.93 -3.02
CA SER H 463 29.31 -18.12 -2.48
C SER H 463 28.25 -18.89 -1.73
N TYR H 464 27.63 -18.22 -0.76
CA TYR H 464 26.58 -18.81 0.06
C TYR H 464 25.63 -19.64 -0.76
N MSE H 465 24.86 -18.97 -1.61
CA MSE H 465 23.87 -19.64 -2.44
C MSE H 465 24.35 -20.85 -3.24
O MSE H 465 23.64 -21.84 -3.38
CB MSE H 465 23.23 -18.60 -3.37
CG MSE H 465 22.71 -17.42 -2.61
SE MSE H 465 21.71 -16.29 -3.73
CE MSE H 465 20.39 -17.62 -4.20
N LEU H 466 25.57 -20.75 -3.77
CA LEU H 466 26.13 -21.85 -4.54
C LEU H 466 26.40 -23.06 -3.66
N ASN H 467 26.99 -22.82 -2.49
CA ASN H 467 27.27 -23.91 -1.55
C ASN H 467 25.97 -24.47 -1.02
N SER H 468 24.97 -23.60 -0.87
CA SER H 468 23.65 -24.02 -0.40
C SER H 468 23.12 -25.00 -1.42
N PHE H 469 23.06 -24.55 -2.67
CA PHE H 469 22.55 -25.40 -3.73
C PHE H 469 23.36 -26.67 -3.81
N ALA H 470 24.64 -26.59 -3.47
CA ALA H 470 25.50 -27.77 -3.52
C ALA H 470 24.98 -28.76 -2.51
N PHE H 471 24.91 -28.33 -1.26
CA PHE H 471 24.41 -29.13 -0.17
C PHE H 471 23.05 -29.73 -0.48
N GLU H 472 22.18 -28.90 -1.02
CA GLU H 472 20.84 -29.34 -1.37
C GLU H 472 20.90 -30.50 -2.33
N LEU H 473 21.82 -30.43 -3.28
CA LEU H 473 21.95 -31.48 -4.27
C LEU H 473 22.30 -32.84 -3.69
N CYS H 474 23.03 -32.84 -2.58
CA CYS H 474 23.43 -34.09 -1.94
C CYS H 474 22.29 -34.94 -1.38
N SER H 475 21.17 -34.31 -1.04
CA SER H 475 20.01 -35.04 -0.53
C SER H 475 19.06 -35.38 -1.66
N LEU H 476 19.35 -34.88 -2.86
CA LEU H 476 18.48 -35.11 -4.01
C LEU H 476 18.51 -36.56 -4.53
N GLY H 477 19.51 -37.33 -4.13
CA GLY H 477 19.61 -38.73 -4.54
C GLY H 477 20.00 -39.00 -5.99
N ASP H 478 20.37 -37.97 -6.72
CA ASP H 478 20.79 -38.10 -8.11
C ASP H 478 22.30 -38.19 -8.15
N LYS H 479 22.84 -39.38 -8.41
CA LYS H 479 24.30 -39.56 -8.44
C LYS H 479 24.95 -38.77 -9.57
N GLU H 480 24.21 -38.51 -10.62
CA GLU H 480 24.70 -37.75 -11.76
C GLU H 480 25.02 -36.32 -11.39
N LEU H 481 24.35 -35.78 -10.37
CA LEU H 481 24.60 -34.41 -9.97
C LEU H 481 25.57 -34.30 -8.82
N TRP H 482 26.00 -35.44 -8.25
CA TRP H 482 26.95 -35.39 -7.14
C TRP H 482 28.27 -34.74 -7.53
N PRO H 483 28.69 -34.89 -8.81
CA PRO H 483 29.95 -34.27 -9.23
C PRO H 483 29.75 -32.76 -9.27
N VAL H 484 28.57 -32.34 -9.75
CA VAL H 484 28.21 -30.94 -9.84
C VAL H 484 28.20 -30.37 -8.44
N ALA H 485 27.82 -31.21 -7.48
CA ALA H 485 27.76 -30.81 -6.10
C ALA H 485 29.18 -30.57 -5.58
N ILE H 486 29.97 -31.63 -5.54
CA ILE H 486 31.34 -31.52 -5.06
C ILE H 486 32.05 -30.43 -5.84
N GLY H 487 31.76 -30.35 -7.14
CA GLY H 487 32.38 -29.35 -7.99
C GLY H 487 32.18 -27.93 -7.51
N LEU H 488 30.92 -27.56 -7.27
CA LEU H 488 30.61 -26.22 -6.81
C LEU H 488 31.38 -25.89 -5.56
N ILE H 489 31.49 -26.86 -4.65
CA ILE H 489 32.20 -26.68 -3.40
C ILE H 489 33.68 -26.50 -3.63
N ALA H 490 34.19 -27.27 -4.59
CA ALA H 490 35.60 -27.25 -4.97
C ALA H 490 35.95 -25.89 -5.55
N LEU H 491 35.32 -25.55 -6.68
CA LEU H 491 35.56 -24.29 -7.38
C LEU H 491 35.04 -23.04 -6.69
N SER H 492 34.50 -23.17 -5.49
CA SER H 492 33.98 -22.04 -4.74
C SER H 492 35.01 -20.91 -4.73
N ALA H 493 34.69 -19.82 -5.43
CA ALA H 493 35.55 -18.63 -5.53
C ALA H 493 36.30 -18.28 -4.24
N THR H 494 35.69 -18.51 -3.08
CA THR H 494 36.35 -18.20 -1.82
C THR H 494 36.30 -19.39 -0.86
N GLY H 495 36.83 -19.21 0.34
CA GLY H 495 36.84 -20.29 1.31
C GLY H 495 38.13 -21.09 1.27
N THR H 496 38.76 -21.26 2.43
CA THR H 496 40.00 -22.00 2.57
C THR H 496 39.97 -23.36 1.88
N ARG H 497 41.13 -23.84 1.43
CA ARG H 497 41.16 -25.14 0.79
C ARG H 497 40.85 -26.21 1.85
N SER H 498 41.31 -25.97 3.07
CA SER H 498 41.07 -26.90 4.17
C SER H 498 39.61 -26.84 4.59
N ALA H 499 38.98 -25.69 4.34
CA ALA H 499 37.58 -25.50 4.67
C ALA H 499 36.79 -26.40 3.74
N LYS H 500 37.15 -26.36 2.47
CA LYS H 500 36.52 -27.15 1.44
C LYS H 500 36.81 -28.62 1.65
N LYS H 501 37.93 -28.90 2.30
CA LYS H 501 38.31 -30.28 2.56
C LYS H 501 37.34 -30.91 3.56
N MSE H 502 37.18 -30.26 4.70
CA MSE H 502 36.28 -30.75 5.74
C MSE H 502 34.87 -30.99 5.19
O MSE H 502 34.27 -32.04 5.43
CB MSE H 502 36.23 -29.74 6.89
CG MSE H 502 37.27 -30.01 7.99
SE MSE H 502 37.62 -28.46 9.07
CE MSE H 502 36.44 -28.74 10.54
N VAL H 503 34.36 -30.00 4.47
CA VAL H 503 33.03 -30.10 3.90
C VAL H 503 32.89 -31.35 3.04
N ILE H 504 33.85 -31.59 2.17
CA ILE H 504 33.80 -32.77 1.30
C ILE H 504 33.98 -34.04 2.12
N ALA H 505 34.78 -33.94 3.17
CA ALA H 505 35.05 -35.08 4.02
C ALA H 505 33.75 -35.66 4.59
N GLU H 506 32.78 -34.79 4.83
CA GLU H 506 31.52 -35.24 5.37
C GLU H 506 30.48 -35.54 4.31
N LEU H 507 30.41 -34.73 3.26
CA LEU H 507 29.43 -34.95 2.21
C LEU H 507 29.65 -36.23 1.41
N LEU H 508 30.91 -36.55 1.15
CA LEU H 508 31.21 -37.71 0.33
C LEU H 508 30.72 -39.09 0.80
N PRO H 509 30.88 -39.42 2.10
CA PRO H 509 30.42 -40.74 2.53
C PRO H 509 28.99 -41.02 2.07
N HIS H 510 28.25 -39.95 1.80
CA HIS H 510 26.87 -40.03 1.36
C HIS H 510 26.61 -40.21 -0.13
N TYR H 511 27.67 -40.24 -0.94
CA TYR H 511 27.50 -40.43 -2.37
C TYR H 511 26.75 -41.75 -2.61
N PRO H 512 25.72 -41.71 -3.45
CA PRO H 512 24.91 -42.90 -3.78
C PRO H 512 25.58 -43.77 -4.84
N PHE H 513 26.75 -44.31 -4.52
CA PHE H 513 27.47 -45.15 -5.49
C PHE H 513 26.75 -46.46 -5.85
N VAL H 514 26.77 -46.78 -7.15
CA VAL H 514 26.12 -47.98 -7.68
C VAL H 514 27.12 -48.88 -8.40
N THR H 515 27.77 -48.30 -9.41
CA THR H 515 28.77 -48.99 -10.25
C THR H 515 30.17 -48.91 -9.65
N ASN H 516 31.12 -49.55 -10.31
CA ASN H 516 32.49 -49.53 -9.86
C ASN H 516 33.06 -48.16 -10.27
N ASP H 517 32.76 -47.75 -11.50
CA ASP H 517 33.21 -46.45 -12.01
C ASP H 517 32.92 -45.41 -10.96
N ASP H 518 31.74 -45.53 -10.36
CA ASP H 518 31.31 -44.61 -9.33
C ASP H 518 32.26 -44.64 -8.12
N ILE H 519 32.55 -45.85 -7.66
CA ILE H 519 33.43 -46.00 -6.50
C ILE H 519 34.81 -45.44 -6.79
N GLU H 520 35.21 -45.43 -8.05
CA GLU H 520 36.52 -44.91 -8.45
C GLU H 520 36.48 -43.39 -8.39
N TRP H 521 35.44 -42.80 -8.99
CA TRP H 521 35.29 -41.36 -8.96
C TRP H 521 35.30 -40.97 -7.50
N MSE H 522 34.57 -41.76 -6.70
CA MSE H 522 34.45 -41.52 -5.28
C MSE H 522 35.82 -41.45 -4.62
O MSE H 522 36.20 -40.44 -4.03
CB MSE H 522 33.62 -42.63 -4.63
CG MSE H 522 32.72 -42.13 -3.51
SE MSE H 522 31.90 -43.54 -2.47
CE MSE H 522 32.29 -42.83 -0.75
N LEU H 523 36.57 -42.54 -4.74
CA LEU H 523 37.90 -42.64 -4.16
C LEU H 523 38.85 -41.58 -4.73
N SER H 524 38.74 -41.33 -6.04
CA SER H 524 39.58 -40.34 -6.71
C SER H 524 39.52 -38.97 -6.01
N ILE H 525 38.39 -38.71 -5.38
CA ILE H 525 38.22 -37.45 -4.71
C ILE H 525 38.88 -37.47 -3.34
N CYS H 526 38.99 -38.66 -2.77
CA CYS H 526 39.65 -38.82 -1.47
C CYS H 526 41.13 -38.55 -1.71
N VAL H 527 41.58 -38.91 -2.91
CA VAL H 527 42.96 -38.71 -3.33
C VAL H 527 43.16 -37.21 -3.55
N GLU H 528 42.46 -36.68 -4.54
CA GLU H 528 42.55 -35.26 -4.88
C GLU H 528 42.45 -34.30 -3.71
N TRP H 529 41.87 -34.76 -2.60
CA TRP H 529 41.72 -33.90 -1.44
C TRP H 529 42.45 -34.37 -0.20
N ARG H 530 43.05 -35.54 -0.28
CA ARG H 530 43.79 -36.12 0.84
C ARG H 530 42.85 -36.50 2.00
N LEU H 531 41.89 -37.35 1.70
CA LEU H 531 40.92 -37.82 2.68
C LEU H 531 41.11 -39.33 2.70
N PRO H 532 42.26 -39.80 3.20
CA PRO H 532 42.53 -41.24 3.24
C PRO H 532 41.63 -41.96 4.24
N GLU H 533 41.54 -41.39 5.44
CA GLU H 533 40.71 -41.96 6.50
C GLU H 533 39.27 -41.99 6.04
N ILE H 534 38.91 -41.02 5.22
CA ILE H 534 37.58 -40.95 4.65
C ILE H 534 37.49 -42.07 3.63
N ALA H 535 38.58 -42.24 2.88
CA ALA H 535 38.66 -43.31 1.90
C ALA H 535 38.57 -44.62 2.65
N LYS H 536 39.09 -44.62 3.88
CA LYS H 536 39.10 -45.79 4.76
C LYS H 536 37.68 -46.24 5.12
N GLU H 537 36.97 -45.41 5.87
CA GLU H 537 35.61 -45.73 6.26
C GLU H 537 34.84 -46.22 5.04
N ILE H 538 35.19 -45.69 3.88
CA ILE H 538 34.54 -46.06 2.64
C ILE H 538 34.73 -47.54 2.37
N TYR H 539 35.89 -48.07 2.70
CA TYR H 539 36.18 -49.51 2.49
C TYR H 539 35.69 -50.42 3.60
N THR H 540 35.74 -49.93 4.83
CA THR H 540 35.26 -50.74 5.94
C THR H 540 33.76 -50.91 5.68
N THR H 541 33.19 -49.95 4.94
CA THR H 541 31.78 -49.93 4.56
C THR H 541 31.48 -50.84 3.35
N LEU H 542 32.20 -50.63 2.26
CA LEU H 542 32.01 -51.43 1.05
C LEU H 542 32.12 -52.90 1.39
N GLY H 543 32.96 -53.18 2.39
CA GLY H 543 33.19 -54.55 2.82
C GLY H 543 32.05 -55.16 3.57
N ASN H 544 31.69 -54.55 4.71
CA ASN H 544 30.59 -55.06 5.53
C ASN H 544 29.30 -55.24 4.70
N GLN H 545 29.06 -54.31 3.77
CA GLN H 545 27.86 -54.33 2.94
C GLN H 545 27.77 -55.43 1.87
N MSE H 546 28.75 -55.51 0.98
CA MSE H 546 28.71 -56.51 -0.08
C MSE H 546 28.34 -57.90 0.46
O MSE H 546 27.90 -58.75 -0.31
CB MSE H 546 30.05 -56.59 -0.84
CG MSE H 546 30.04 -57.52 -2.09
SE MSE H 546 29.19 -56.81 -3.70
CE MSE H 546 30.01 -57.84 -5.10
N LEU H 547 28.49 -58.09 1.77
CA LEU H 547 28.17 -59.36 2.44
C LEU H 547 27.01 -60.05 1.71
N SER H 548 26.15 -59.22 1.12
CA SER H 548 25.00 -59.66 0.33
C SER H 548 24.06 -60.61 1.06
N MSE I 3 -6.78 -88.74 13.08
CA MSE I 3 -5.37 -88.34 13.36
C MSE I 3 -4.63 -87.82 12.11
O MSE I 3 -3.76 -88.51 11.56
CB MSE I 3 -4.59 -89.51 13.98
CG MSE I 3 -5.13 -89.95 15.34
SE MSE I 3 -5.42 -88.47 16.57
CE MSE I 3 -7.26 -88.10 16.13
N GLN I 4 -5.00 -86.61 11.68
CA GLN I 4 -4.37 -86.00 10.52
C GLN I 4 -3.30 -85.03 10.99
N PRO I 5 -2.14 -85.00 10.30
CA PRO I 5 -1.02 -84.13 10.66
C PRO I 5 -1.30 -82.66 10.41
N PHE I 6 -0.71 -81.81 11.24
CA PHE I 6 -0.88 -80.38 11.05
C PHE I 6 0.49 -79.76 10.91
N ASP I 7 0.52 -78.57 10.33
CA ASP I 7 1.77 -77.89 10.11
C ASP I 7 2.21 -77.07 11.31
N SER I 8 3.42 -77.35 11.82
CA SER I 8 3.92 -76.62 12.97
C SER I 8 4.09 -75.13 12.62
N GLY I 9 4.51 -74.85 11.39
CA GLY I 9 4.69 -73.47 11.01
C GLY I 9 6.11 -73.03 11.24
N HIS I 10 7.00 -73.97 11.55
CA HIS I 10 8.41 -73.67 11.78
C HIS I 10 9.18 -73.69 10.46
N ASP I 11 10.20 -72.83 10.35
CA ASP I 11 11.00 -72.73 9.15
C ASP I 11 12.15 -73.71 9.21
N ASP I 12 12.82 -73.78 10.34
CA ASP I 12 13.93 -74.70 10.46
C ASP I 12 13.44 -76.01 11.07
N LEU I 13 14.30 -76.75 11.76
CA LEU I 13 13.85 -78.02 12.32
C LEU I 13 13.39 -78.04 13.77
N VAL I 14 12.27 -78.73 13.98
CA VAL I 14 11.63 -78.88 15.28
C VAL I 14 12.39 -79.85 16.18
N HIS I 15 12.76 -79.40 17.37
CA HIS I 15 13.51 -80.21 18.31
C HIS I 15 12.67 -80.94 19.33
N ASP I 16 11.82 -80.17 20.01
CA ASP I 16 10.98 -80.77 21.04
C ASP I 16 9.53 -80.32 20.93
N VAL I 17 8.66 -81.15 21.46
CA VAL I 17 7.24 -80.89 21.49
C VAL I 17 6.87 -81.40 22.86
N VAL I 18 6.22 -80.55 23.65
CA VAL I 18 5.82 -80.92 24.99
C VAL I 18 4.37 -80.58 25.35
N TYR I 19 3.75 -81.48 26.10
CA TYR I 19 2.36 -81.34 26.51
C TYR I 19 2.20 -80.57 27.84
N ASP I 20 1.10 -79.82 27.98
CA ASP I 20 0.86 -79.11 29.25
C ASP I 20 0.36 -80.19 30.23
N PHE I 21 -0.22 -79.78 31.35
CA PHE I 21 -0.65 -80.77 32.32
C PHE I 21 -1.80 -81.66 31.86
N TYR I 22 -2.81 -81.06 31.25
CA TYR I 22 -3.99 -81.81 30.81
C TYR I 22 -3.93 -82.41 29.41
N GLY I 23 -2.83 -82.22 28.71
CA GLY I 23 -2.70 -82.76 27.36
C GLY I 23 -3.54 -82.03 26.31
N ARG I 24 -4.01 -80.83 26.66
CA ARG I 24 -4.85 -80.02 25.77
C ARG I 24 -4.02 -78.95 25.08
N HIS I 25 -2.77 -78.84 25.49
CA HIS I 25 -1.88 -77.85 24.88
C HIS I 25 -0.52 -78.44 24.56
N VAL I 26 0.17 -77.80 23.63
CA VAL I 26 1.48 -78.28 23.27
C VAL I 26 2.43 -77.11 23.03
N ALA I 27 3.66 -77.26 23.52
CA ALA I 27 4.72 -76.27 23.34
C ALA I 27 5.74 -76.84 22.35
N THR I 28 6.15 -76.03 21.40
CA THR I 28 7.06 -76.46 20.36
C THR I 28 8.23 -75.50 20.18
N CYS I 29 9.42 -76.05 19.98
CA CYS I 29 10.61 -75.22 19.76
C CYS I 29 11.46 -75.75 18.60
N SER I 30 11.94 -74.84 17.77
CA SER I 30 12.73 -75.20 16.61
C SER I 30 14.05 -74.42 16.56
N SER I 31 14.89 -74.73 15.57
CA SER I 31 16.15 -74.04 15.39
C SER I 31 15.86 -72.69 14.73
N ASP I 32 14.60 -72.50 14.32
CA ASP I 32 14.21 -71.24 13.69
C ASP I 32 14.09 -70.19 14.80
N GLN I 33 14.61 -70.55 15.97
CA GLN I 33 14.64 -69.71 17.17
C GLN I 33 13.27 -69.23 17.60
N HIS I 34 12.25 -70.04 17.38
CA HIS I 34 10.87 -69.68 17.73
C HIS I 34 10.21 -70.69 18.68
N ILE I 35 9.28 -70.21 19.50
CA ILE I 35 8.55 -71.12 20.37
C ILE I 35 7.11 -70.97 19.93
N LYS I 36 6.42 -72.08 19.82
CA LYS I 36 5.03 -72.04 19.42
C LYS I 36 4.22 -72.79 20.46
N VAL I 37 2.97 -72.38 20.64
CA VAL I 37 2.07 -73.03 21.57
C VAL I 37 0.75 -73.25 20.85
N PHE I 38 0.31 -74.51 20.83
CA PHE I 38 -0.93 -74.88 20.19
C PHE I 38 -1.96 -75.31 21.21
N LYS I 39 -3.23 -75.16 20.84
CA LYS I 39 -4.34 -75.53 21.71
C LYS I 39 -5.24 -76.48 20.94
N LEU I 40 -5.82 -77.45 21.64
CA LEU I 40 -6.71 -78.41 21.02
C LEU I 40 -8.15 -77.92 21.16
N ASP I 41 -8.63 -77.21 20.15
CA ASP I 41 -9.99 -76.67 20.16
C ASP I 41 -10.95 -77.81 20.50
N LYS I 42 -11.80 -77.60 21.52
CA LYS I 42 -12.72 -78.64 21.96
C LYS I 42 -13.74 -79.14 20.94
N ASP I 43 -14.40 -78.20 20.26
CA ASP I 43 -15.42 -78.55 19.28
C ASP I 43 -14.92 -79.09 17.93
N THR I 44 -13.82 -78.53 17.42
CA THR I 44 -13.26 -78.93 16.14
C THR I 44 -12.34 -80.14 16.24
N SER I 45 -11.65 -80.26 17.38
CA SER I 45 -10.70 -81.34 17.60
C SER I 45 -9.60 -81.23 16.56
N ASN I 46 -9.07 -80.01 16.44
CA ASN I 46 -7.99 -79.66 15.52
C ASN I 46 -7.03 -78.80 16.32
N TRP I 47 -5.74 -79.03 16.15
CA TRP I 47 -4.77 -78.23 16.87
C TRP I 47 -4.63 -76.89 16.15
N GLU I 48 -4.73 -75.80 16.89
CA GLU I 48 -4.61 -74.48 16.27
C GLU I 48 -3.56 -73.70 17.04
N LEU I 49 -2.95 -72.74 16.37
CA LEU I 49 -1.89 -71.97 16.99
C LEU I 49 -2.40 -70.95 17.99
N SER I 50 -1.84 -71.01 19.20
CA SER I 50 -2.20 -70.09 20.28
C SER I 50 -1.29 -68.86 20.19
N ASP I 51 0.00 -69.09 19.99
CA ASP I 51 0.96 -68.01 19.83
C ASP I 51 2.32 -68.53 19.39
N SER I 52 3.11 -67.63 18.80
CA SER I 52 4.45 -67.93 18.31
C SER I 52 5.28 -66.68 18.48
N TRP I 53 6.54 -66.82 18.87
CA TRP I 53 7.41 -65.66 19.05
C TRP I 53 8.89 -66.03 19.02
N ARG I 54 9.74 -65.06 18.68
CA ARG I 54 11.17 -65.28 18.63
C ARG I 54 11.65 -65.27 20.08
N ALA I 55 12.10 -66.43 20.57
CA ALA I 55 12.55 -66.58 21.95
C ALA I 55 14.05 -66.66 22.18
N HIS I 56 14.80 -67.16 21.23
CA HIS I 56 16.24 -67.24 21.42
C HIS I 56 16.99 -66.72 20.21
N ASP I 57 18.31 -66.65 20.31
CA ASP I 57 19.12 -66.16 19.22
C ASP I 57 19.86 -67.31 18.57
N SER I 58 19.42 -68.52 18.90
CA SER I 58 20.00 -69.73 18.33
C SER I 58 18.99 -70.84 18.49
N SER I 59 19.34 -72.06 18.07
CA SER I 59 18.44 -73.21 18.16
C SER I 59 17.87 -73.45 19.56
N ILE I 60 16.55 -73.54 19.64
CA ILE I 60 15.89 -73.78 20.92
C ILE I 60 15.64 -75.27 20.92
N VAL I 61 16.57 -76.00 21.55
CA VAL I 61 16.54 -77.45 21.60
C VAL I 61 15.52 -78.13 22.53
N ALA I 62 15.41 -77.65 23.77
CA ALA I 62 14.49 -78.26 24.74
C ALA I 62 13.44 -77.29 25.31
N ILE I 63 12.32 -77.84 25.75
CA ILE I 63 11.25 -77.02 26.30
C ILE I 63 10.46 -77.83 27.35
N ASP I 64 9.70 -77.14 28.20
CA ASP I 64 8.91 -77.83 29.24
C ASP I 64 7.95 -76.93 30.01
N TRP I 65 6.78 -77.45 30.37
CA TRP I 65 5.77 -76.69 31.12
C TRP I 65 5.89 -76.92 32.64
N ALA I 66 5.48 -75.91 33.42
CA ALA I 66 5.50 -76.00 34.88
C ALA I 66 4.10 -76.45 35.32
N SER I 67 3.98 -76.95 36.54
CA SER I 67 2.68 -77.41 37.05
C SER I 67 1.63 -76.30 37.08
N PRO I 68 0.39 -76.61 36.62
CA PRO I 68 -0.71 -75.64 36.57
C PRO I 68 -0.78 -74.88 37.88
N GLU I 69 -0.38 -75.58 38.93
CA GLU I 69 -0.33 -75.10 40.30
C GLU I 69 0.40 -73.75 40.46
N TYR I 70 1.44 -73.52 39.68
CA TYR I 70 2.17 -72.26 39.76
C TYR I 70 1.75 -71.25 38.69
N GLY I 71 0.99 -71.72 37.72
CA GLY I 71 0.52 -70.86 36.64
C GLY I 71 0.96 -71.38 35.26
N ARG I 72 0.74 -70.59 34.22
CA ARG I 72 1.13 -70.99 32.87
C ARG I 72 2.59 -70.59 32.68
N ILE I 73 3.49 -71.52 32.92
CA ILE I 73 4.91 -71.25 32.79
C ILE I 73 5.62 -72.28 31.91
N ILE I 74 6.43 -71.76 30.99
CA ILE I 74 7.18 -72.60 30.08
C ILE I 74 8.65 -72.22 30.18
N ALA I 75 9.51 -73.20 30.04
CA ALA I 75 10.96 -72.98 30.10
C ALA I 75 11.56 -73.46 28.80
N SER I 76 12.56 -72.75 28.32
CA SER I 76 13.22 -73.11 27.08
C SER I 76 14.73 -73.06 27.20
N ALA I 77 15.39 -74.07 26.64
CA ALA I 77 16.84 -74.16 26.63
C ALA I 77 17.30 -73.95 25.20
N SER I 78 18.40 -73.21 25.02
CA SER I 78 18.88 -72.92 23.68
C SER I 78 20.40 -73.05 23.56
N TYR I 79 20.86 -73.12 22.32
CA TYR I 79 22.27 -73.24 22.03
C TYR I 79 22.98 -71.93 22.30
N ASP I 80 22.21 -70.85 22.45
CA ASP I 80 22.78 -69.56 22.74
C ASP I 80 23.15 -69.48 24.22
N LYS I 81 23.45 -70.66 24.77
CA LYS I 81 23.88 -70.86 26.16
C LYS I 81 22.92 -70.27 27.20
N THR I 82 21.64 -70.20 26.89
CA THR I 82 20.69 -69.60 27.80
C THR I 82 19.39 -70.39 28.03
N VAL I 83 18.78 -70.18 29.19
CA VAL I 83 17.49 -70.81 29.50
C VAL I 83 16.58 -69.64 29.81
N LYS I 84 15.42 -69.60 29.18
CA LYS I 84 14.47 -68.53 29.40
C LYS I 84 13.15 -69.07 29.97
N LEU I 85 12.49 -68.26 30.79
CA LEU I 85 11.21 -68.64 31.42
C LEU I 85 10.10 -67.71 30.97
N TRP I 86 8.99 -68.29 30.52
CA TRP I 86 7.87 -67.49 30.02
C TRP I 86 6.57 -67.76 30.74
N GLU I 87 5.71 -66.76 30.80
CA GLU I 87 4.41 -66.91 31.44
C GLU I 87 3.30 -66.27 30.61
N GLU I 88 2.29 -67.06 30.30
CA GLU I 88 1.18 -66.59 29.50
C GLU I 88 0.48 -65.39 30.13
N ASP I 89 0.50 -64.27 29.43
CA ASP I 89 -0.17 -63.06 29.88
C ASP I 89 -1.46 -63.04 29.07
N PRO I 90 -2.60 -63.37 29.70
CA PRO I 90 -3.91 -63.42 29.05
C PRO I 90 -4.52 -62.07 28.66
N ASP I 91 -3.78 -61.00 28.95
CA ASP I 91 -4.22 -59.67 28.59
C ASP I 91 -3.73 -59.33 27.20
N GLN I 92 -3.26 -60.35 26.48
CA GLN I 92 -2.74 -60.19 25.13
C GLN I 92 -3.40 -61.16 24.17
N GLU I 93 -3.80 -60.67 23.01
CA GLU I 93 -4.43 -61.49 21.99
C GLU I 93 -3.63 -62.74 21.71
N GLU I 94 -4.26 -63.79 21.19
CA GLU I 94 -3.51 -64.99 20.86
C GLU I 94 -2.88 -64.67 19.50
N CYS I 95 -1.78 -65.34 19.16
CA CYS I 95 -1.11 -65.09 17.90
C CYS I 95 -0.77 -63.61 17.75
N SER I 96 -0.35 -63.00 18.85
CA SER I 96 0.02 -61.58 18.84
C SER I 96 1.50 -61.47 19.08
N GLY I 97 2.14 -62.62 19.23
CA GLY I 97 3.56 -62.64 19.46
C GLY I 97 3.92 -62.16 20.84
N ARG I 98 2.99 -61.51 21.52
CA ARG I 98 3.27 -61.05 22.86
C ARG I 98 2.36 -61.66 23.93
N ARG I 99 1.86 -62.86 23.64
CA ARG I 99 0.97 -63.55 24.57
C ARG I 99 1.74 -64.28 25.64
N TRP I 100 3.06 -64.27 25.54
CA TRP I 100 3.88 -64.92 26.54
C TRP I 100 4.99 -63.96 26.92
N ASN I 101 5.17 -63.75 28.22
CA ASN I 101 6.17 -62.82 28.70
C ASN I 101 7.41 -63.46 29.30
N LYS I 102 8.57 -62.89 29.01
CA LYS I 102 9.79 -63.41 29.57
C LYS I 102 9.84 -63.03 31.04
N LEU I 103 9.95 -64.03 31.90
CA LEU I 103 10.01 -63.79 33.33
C LEU I 103 11.45 -63.50 33.66
N CYS I 104 12.36 -64.18 32.98
CA CYS I 104 13.76 -63.93 33.19
C CYS I 104 14.63 -64.78 32.28
N THR I 105 15.94 -64.52 32.32
CA THR I 105 16.93 -65.22 31.51
C THR I 105 18.08 -65.68 32.39
N LEU I 106 18.20 -66.99 32.57
CA LEU I 106 19.26 -67.55 33.39
C LEU I 106 20.42 -67.78 32.44
N ASN I 107 21.54 -67.11 32.66
CA ASN I 107 22.70 -67.28 31.78
C ASN I 107 24.01 -67.64 32.47
N ASP I 108 23.94 -68.49 33.48
CA ASP I 108 25.12 -68.92 34.21
C ASP I 108 25.90 -69.90 33.36
N SER I 109 25.21 -70.61 32.49
CA SER I 109 25.86 -71.59 31.63
C SER I 109 26.87 -70.93 30.71
N LYS I 110 27.97 -71.64 30.47
CA LYS I 110 29.01 -71.15 29.60
C LYS I 110 29.10 -72.04 28.37
N GLY I 111 28.13 -72.93 28.24
CA GLY I 111 28.08 -73.82 27.09
C GLY I 111 26.64 -73.98 26.63
N SER I 112 26.44 -74.32 25.35
CA SER I 112 25.09 -74.49 24.82
C SER I 112 24.25 -75.39 25.73
N LEU I 113 22.96 -75.09 25.87
CA LEU I 113 22.10 -75.88 26.71
C LEU I 113 21.31 -76.90 25.92
N TYR I 114 21.39 -78.16 26.36
CA TYR I 114 20.69 -79.26 25.69
C TYR I 114 19.36 -79.68 26.30
N SER I 115 19.22 -79.53 27.61
CA SER I 115 17.99 -79.95 28.27
C SER I 115 17.51 -79.02 29.39
N VAL I 116 16.19 -79.04 29.63
CA VAL I 116 15.54 -78.25 30.66
C VAL I 116 14.23 -78.93 31.09
N LYS I 117 14.18 -79.31 32.35
CA LYS I 117 13.00 -79.97 32.90
C LYS I 117 12.60 -79.36 34.25
N PHE I 118 11.30 -79.14 34.43
CA PHE I 118 10.80 -78.61 35.68
C PHE I 118 10.72 -79.77 36.68
N ALA I 119 10.98 -79.47 37.95
CA ALA I 119 10.92 -80.51 38.99
C ALA I 119 9.48 -80.73 39.38
N PRO I 120 9.17 -81.94 39.91
CA PRO I 120 7.79 -82.25 40.32
C PRO I 120 7.26 -81.10 41.17
N ALA I 121 6.07 -80.63 40.85
CA ALA I 121 5.44 -79.51 41.58
C ALA I 121 5.55 -79.59 43.10
N HIS I 122 5.54 -80.81 43.64
CA HIS I 122 5.62 -80.99 45.09
C HIS I 122 6.97 -80.55 45.69
N LEU I 123 7.90 -80.10 44.86
CA LEU I 123 9.17 -79.62 45.38
C LEU I 123 9.27 -78.10 45.19
N GLY I 124 8.15 -77.48 44.85
CA GLY I 124 8.12 -76.05 44.62
C GLY I 124 8.41 -75.75 43.18
N LEU I 125 8.49 -74.45 42.84
CA LEU I 125 8.81 -74.04 41.48
C LEU I 125 10.33 -74.17 41.31
N LYS I 126 10.75 -75.33 40.84
CA LYS I 126 12.16 -75.67 40.66
C LYS I 126 12.38 -76.22 39.25
N LEU I 127 13.58 -76.05 38.72
CA LEU I 127 13.90 -76.57 37.40
C LEU I 127 15.38 -76.93 37.34
N ALA I 128 15.75 -77.69 36.31
CA ALA I 128 17.13 -78.11 36.10
C ALA I 128 17.50 -78.06 34.62
N CYS I 129 18.76 -77.75 34.32
CA CYS I 129 19.22 -77.68 32.94
C CYS I 129 20.62 -78.25 32.84
N LEU I 130 21.00 -78.70 31.65
CA LEU I 130 22.32 -79.30 31.42
C LEU I 130 22.84 -78.91 30.04
N GLY I 131 24.14 -78.66 29.93
CA GLY I 131 24.68 -78.27 28.64
C GLY I 131 26.04 -78.83 28.25
N ASN I 132 26.81 -78.02 27.52
CA ASN I 132 28.15 -78.37 27.06
C ASN I 132 29.12 -78.42 28.20
N ASP I 133 29.05 -77.39 29.05
CA ASP I 133 29.95 -77.29 30.20
C ASP I 133 29.81 -78.46 31.19
N GLY I 134 29.08 -79.49 30.79
CA GLY I 134 28.89 -80.66 31.65
C GLY I 134 28.48 -80.34 33.06
N ILE I 135 27.89 -79.18 33.28
CA ILE I 135 27.47 -78.77 34.61
C ILE I 135 25.95 -78.82 34.74
N LEU I 136 25.49 -79.54 35.75
CA LEU I 136 24.06 -79.62 36.01
C LEU I 136 23.79 -78.36 36.82
N ARG I 137 22.59 -77.81 36.69
CA ARG I 137 22.25 -76.61 37.42
C ARG I 137 20.78 -76.63 37.82
N LEU I 138 20.50 -76.39 39.10
CA LEU I 138 19.14 -76.35 39.57
C LEU I 138 18.84 -74.90 39.89
N TYR I 139 17.62 -74.47 39.55
CA TYR I 139 17.20 -73.09 39.79
C TYR I 139 15.86 -73.09 40.51
N ASP I 140 15.73 -72.25 41.53
CA ASP I 140 14.50 -72.19 42.30
C ASP I 140 13.84 -70.83 42.36
N ALA I 141 12.52 -70.84 42.20
CA ALA I 141 11.72 -69.64 42.30
C ALA I 141 11.38 -69.64 43.77
N LEU I 142 12.40 -69.40 44.59
CA LEU I 142 12.27 -69.43 46.03
C LEU I 142 11.10 -68.66 46.57
N GLU I 143 10.71 -67.63 45.82
CA GLU I 143 9.63 -66.78 46.24
C GLU I 143 8.54 -66.77 45.15
N PRO I 144 7.71 -67.85 45.05
CA PRO I 144 6.65 -67.88 44.02
C PRO I 144 5.80 -66.60 43.94
N SER I 145 5.95 -65.72 44.94
CA SER I 145 5.23 -64.45 44.97
C SER I 145 5.68 -63.62 43.76
N ASP I 146 6.97 -63.71 43.44
CA ASP I 146 7.56 -63.02 42.30
C ASP I 146 8.33 -64.06 41.45
N LEU I 147 7.72 -64.43 40.32
CA LEU I 147 8.29 -65.43 39.41
C LEU I 147 9.49 -64.98 38.58
N ARG I 148 10.02 -63.81 38.85
CA ARG I 148 11.17 -63.30 38.10
C ARG I 148 12.49 -63.66 38.77
N SER I 149 12.48 -63.76 40.09
CA SER I 149 13.68 -64.08 40.83
C SER I 149 13.86 -65.59 40.99
N TRP I 150 14.88 -66.10 40.33
CA TRP I 150 15.22 -67.51 40.39
C TRP I 150 16.62 -67.62 40.93
N THR I 151 16.81 -68.47 41.93
CA THR I 151 18.12 -68.61 42.55
C THR I 151 18.85 -69.86 42.05
N LEU I 152 20.17 -69.78 41.94
CA LEU I 152 20.91 -70.95 41.51
C LEU I 152 21.08 -71.82 42.75
N THR I 153 20.24 -72.85 42.83
CA THR I 153 20.20 -73.78 43.95
C THR I 153 21.29 -74.84 43.97
N SER I 154 21.86 -75.16 42.82
CA SER I 154 22.88 -76.20 42.83
C SER I 154 23.70 -76.28 41.53
N GLU I 155 24.92 -76.77 41.65
CA GLU I 155 25.83 -76.95 40.52
C GLU I 155 26.56 -78.26 40.76
N MSE I 156 26.72 -79.06 39.71
CA MSE I 156 27.39 -80.35 39.83
C MSE I 156 28.06 -80.67 38.50
O MSE I 156 27.47 -80.50 37.44
CB MSE I 156 26.38 -81.45 40.17
CG MSE I 156 25.48 -81.15 41.38
SE MSE I 156 26.18 -81.65 43.11
CE MSE I 156 28.06 -81.13 42.90
N LYS I 157 29.31 -81.13 38.54
CA LYS I 157 30.01 -81.49 37.31
C LYS I 157 29.65 -82.92 36.96
N VAL I 158 28.70 -83.07 36.04
CA VAL I 158 28.26 -84.39 35.62
C VAL I 158 29.41 -85.06 34.90
N LEU I 159 30.13 -84.25 34.12
CA LEU I 159 31.31 -84.68 33.38
C LEU I 159 32.47 -83.88 33.98
N SER I 160 33.38 -84.57 34.68
CA SER I 160 34.54 -83.95 35.33
C SER I 160 35.07 -82.76 34.52
N ILE I 161 35.59 -83.06 33.33
CA ILE I 161 36.10 -82.04 32.42
C ILE I 161 35.13 -81.98 31.22
N PRO I 162 35.16 -80.87 30.45
CA PRO I 162 34.27 -80.75 29.29
C PRO I 162 34.86 -81.24 27.95
N PRO I 163 35.16 -82.55 27.81
CA PRO I 163 35.72 -82.96 26.51
C PRO I 163 34.69 -82.67 25.41
N ALA I 164 35.11 -82.07 24.30
CA ALA I 164 34.14 -81.76 23.25
C ALA I 164 34.65 -81.39 21.86
N ASN I 165 33.91 -81.87 20.87
CA ASN I 165 34.16 -81.61 19.45
C ASN I 165 33.08 -80.60 19.07
N HIS I 166 31.90 -80.78 19.68
CA HIS I 166 30.71 -79.94 19.51
C HIS I 166 29.82 -80.37 18.34
N LEU I 167 30.10 -81.56 17.81
CA LEU I 167 29.34 -82.14 16.71
C LEU I 167 28.98 -83.60 17.07
N GLN I 168 29.51 -84.07 18.21
CA GLN I 168 29.23 -85.42 18.72
C GLN I 168 29.19 -85.44 20.26
N SER I 169 27.98 -85.20 20.77
CA SER I 169 27.70 -85.16 22.20
C SER I 169 26.18 -84.91 22.39
N ASP I 170 25.61 -85.36 23.50
CA ASP I 170 24.17 -85.18 23.79
C ASP I 170 23.95 -85.19 25.31
N PHE I 171 22.89 -84.53 25.78
CA PHE I 171 22.57 -84.46 27.20
C PHE I 171 21.06 -84.54 27.48
N CYS I 172 20.68 -85.18 28.57
CA CYS I 172 19.25 -85.31 28.95
C CYS I 172 19.01 -85.21 30.44
N LEU I 173 17.78 -84.85 30.79
CA LEU I 173 17.37 -84.70 32.17
C LEU I 173 15.97 -85.28 32.32
N SER I 174 15.66 -85.77 33.51
CA SER I 174 14.34 -86.31 33.80
C SER I 174 14.25 -86.51 35.31
N TRP I 175 13.42 -85.70 35.96
CA TRP I 175 13.25 -85.81 37.40
C TRP I 175 12.48 -87.06 37.76
N CYS I 176 12.44 -87.36 39.05
CA CYS I 176 11.65 -88.49 39.50
C CYS I 176 10.32 -87.84 39.85
N PRO I 177 9.25 -88.21 39.14
CA PRO I 177 7.91 -87.67 39.35
C PRO I 177 7.35 -87.84 40.76
N SER I 178 7.33 -89.10 41.21
CA SER I 178 6.78 -89.46 42.52
C SER I 178 6.96 -88.47 43.66
N ARG I 179 5.83 -88.01 44.18
CA ARG I 179 5.80 -87.06 45.29
C ARG I 179 6.12 -87.82 46.58
N PHE I 180 5.83 -89.12 46.57
CA PHE I 180 6.09 -89.98 47.71
C PHE I 180 7.45 -90.66 47.57
N SER I 181 8.47 -89.89 47.20
CA SER I 181 9.81 -90.45 47.06
C SER I 181 10.83 -89.32 47.14
N PRO I 182 11.99 -89.58 47.77
CA PRO I 182 13.05 -88.59 47.92
C PRO I 182 13.43 -87.89 46.63
N GLU I 183 13.44 -86.56 46.66
CA GLU I 183 13.81 -85.77 45.50
C GLU I 183 15.06 -86.35 44.84
N LYS I 184 14.98 -86.58 43.53
CA LYS I 184 16.10 -87.08 42.77
C LYS I 184 15.79 -87.01 41.29
N LEU I 185 16.83 -86.85 40.48
CA LEU I 185 16.68 -86.76 39.03
C LEU I 185 17.79 -87.51 38.31
N ALA I 186 17.50 -87.91 37.09
CA ALA I 186 18.46 -88.66 36.28
C ALA I 186 19.09 -87.72 35.23
N VAL I 187 20.38 -87.93 34.97
CA VAL I 187 21.11 -87.13 34.01
C VAL I 187 21.96 -87.99 33.07
N SER I 188 21.93 -87.67 31.78
CA SER I 188 22.72 -88.43 30.84
C SER I 188 23.67 -87.46 30.16
N ALA I 189 24.94 -87.82 30.14
CA ALA I 189 25.95 -87.01 29.51
C ALA I 189 26.72 -87.96 28.62
N LEU I 190 26.63 -87.75 27.31
CA LEU I 190 27.32 -88.62 26.37
C LEU I 190 26.83 -90.06 26.56
N GLU I 191 27.72 -90.95 26.97
CA GLU I 191 27.38 -92.36 27.18
C GLU I 191 26.99 -92.64 28.65
N GLN I 192 27.35 -91.72 29.55
CA GLN I 192 27.05 -91.88 30.97
C GLN I 192 25.62 -91.59 31.31
N ALA I 193 25.14 -92.19 32.39
CA ALA I 193 23.77 -92.01 32.88
C ALA I 193 23.81 -92.14 34.39
N ILE I 194 23.84 -91.02 35.09
CA ILE I 194 23.88 -91.05 36.52
C ILE I 194 22.66 -90.44 37.20
N ILE I 195 22.37 -90.92 38.40
CA ILE I 195 21.23 -90.42 39.17
C ILE I 195 21.72 -89.60 40.34
N TYR I 196 21.05 -88.47 40.58
CA TYR I 196 21.39 -87.59 41.68
C TYR I 196 20.26 -87.64 42.67
N GLN I 197 20.60 -87.69 43.96
CA GLN I 197 19.59 -87.74 45.02
C GLN I 197 19.88 -86.65 46.04
N ARG I 198 18.81 -86.06 46.56
CA ARG I 198 18.98 -84.98 47.53
C ARG I 198 19.51 -85.60 48.80
N GLY I 199 20.72 -85.21 49.19
CA GLY I 199 21.31 -85.73 50.40
C GLY I 199 20.59 -85.17 51.62
N LYS I 200 20.86 -85.73 52.79
CA LYS I 200 20.20 -85.26 54.01
C LYS I 200 20.71 -83.86 54.35
N ASP I 201 21.85 -83.49 53.76
CA ASP I 201 22.48 -82.20 53.98
C ASP I 201 21.94 -81.11 53.05
N GLY I 202 20.87 -81.41 52.32
CA GLY I 202 20.30 -80.43 51.42
C GLY I 202 20.94 -80.32 50.05
N LYS I 203 22.12 -80.91 49.88
CA LYS I 203 22.83 -80.88 48.60
C LYS I 203 22.52 -82.11 47.74
N LEU I 204 22.98 -82.08 46.49
CA LEU I 204 22.79 -83.20 45.57
C LEU I 204 24.00 -84.10 45.66
N HIS I 205 23.80 -85.40 45.42
CA HIS I 205 24.87 -86.39 45.47
C HIS I 205 24.61 -87.46 44.44
N VAL I 206 25.68 -88.02 43.90
CA VAL I 206 25.53 -89.06 42.91
C VAL I 206 25.16 -90.36 43.60
N ALA I 207 23.88 -90.72 43.56
CA ALA I 207 23.42 -91.92 44.23
C ALA I 207 23.58 -93.22 43.42
N ALA I 208 23.61 -93.13 42.09
CA ALA I 208 23.74 -94.32 41.27
C ALA I 208 24.08 -94.03 39.81
N LYS I 209 24.30 -95.09 39.06
CA LYS I 209 24.61 -95.00 37.64
C LYS I 209 23.93 -96.10 36.84
N LEU I 210 23.50 -95.77 35.63
CA LEU I 210 22.87 -96.77 34.77
C LEU I 210 23.96 -97.21 33.79
N PRO I 211 24.50 -98.42 34.00
CA PRO I 211 25.56 -98.99 33.16
C PRO I 211 25.05 -99.72 31.92
N GLY I 212 25.96 -99.97 30.99
CA GLY I 212 25.60 -100.71 29.79
C GLY I 212 25.58 -99.94 28.49
N HIS I 213 25.38 -98.62 28.56
CA HIS I 213 25.32 -97.80 27.34
C HIS I 213 26.64 -97.75 26.59
N LYS I 214 26.61 -98.30 25.37
CA LYS I 214 27.82 -98.35 24.58
C LYS I 214 28.09 -97.15 23.67
N SER I 215 27.25 -96.13 23.79
CA SER I 215 27.46 -94.90 23.02
C SER I 215 26.47 -93.83 23.49
N LEU I 216 26.37 -92.74 22.74
CA LEU I 216 25.48 -91.63 23.11
C LEU I 216 24.04 -91.93 23.50
N ILE I 217 23.66 -91.51 24.71
CA ILE I 217 22.30 -91.69 25.18
C ILE I 217 21.51 -90.51 24.63
N ARG I 218 20.61 -90.82 23.70
CA ARG I 218 19.77 -89.82 23.03
C ARG I 218 18.59 -89.35 23.85
N SER I 219 18.08 -90.20 24.73
CA SER I 219 16.92 -89.83 25.54
C SER I 219 16.69 -90.71 26.75
N ILE I 220 16.34 -90.08 27.88
CA ILE I 220 16.04 -90.81 29.10
C ILE I 220 14.80 -90.23 29.72
N SER I 221 13.91 -91.10 30.18
CA SER I 221 12.66 -90.66 30.79
C SER I 221 12.41 -91.45 32.06
N TRP I 222 12.18 -90.74 33.17
CA TRP I 222 11.89 -91.38 34.44
C TRP I 222 10.38 -91.56 34.48
N ALA I 223 9.95 -92.78 34.70
CA ALA I 223 8.52 -93.09 34.71
C ALA I 223 7.77 -92.80 36.01
N PRO I 224 6.48 -92.38 35.89
CA PRO I 224 5.68 -92.10 37.08
C PRO I 224 5.61 -93.48 37.77
N SER I 225 5.77 -93.52 39.09
CA SER I 225 5.73 -94.78 39.82
C SER I 225 4.43 -95.00 40.59
N ILE I 226 3.33 -94.46 40.07
CA ILE I 226 2.03 -94.60 40.70
C ILE I 226 1.71 -96.07 40.87
N GLY I 227 1.63 -96.53 42.11
CA GLY I 227 1.31 -97.92 42.34
C GLY I 227 2.43 -98.82 42.81
N ARG I 228 3.69 -98.39 42.64
CA ARG I 228 4.82 -99.21 43.07
C ARG I 228 5.79 -98.53 44.01
N TRP I 229 6.81 -99.29 44.42
CA TRP I 229 7.83 -98.77 45.33
C TRP I 229 9.12 -98.50 44.59
N TYR I 230 9.38 -99.28 43.55
CA TYR I 230 10.59 -99.10 42.77
C TYR I 230 10.37 -98.06 41.66
N GLN I 231 11.47 -97.50 41.19
CA GLN I 231 11.44 -96.52 40.11
C GLN I 231 11.81 -97.22 38.80
N LEU I 232 11.31 -96.69 37.70
CA LEU I 232 11.61 -97.22 36.37
C LEU I 232 12.05 -96.10 35.46
N ILE I 233 13.25 -96.21 34.89
CA ILE I 233 13.70 -95.15 34.00
C ILE I 233 14.30 -95.72 32.71
N ALA I 234 13.63 -95.42 31.60
CA ALA I 234 14.03 -95.91 30.28
C ALA I 234 14.95 -94.95 29.54
N THR I 235 15.79 -95.53 28.68
CA THR I 235 16.73 -94.76 27.87
C THR I 235 16.81 -95.26 26.45
N GLY I 236 16.95 -94.31 25.53
CA GLY I 236 17.09 -94.63 24.12
C GLY I 236 18.50 -94.25 23.72
N CYS I 237 19.31 -95.25 23.41
CA CYS I 237 20.69 -95.02 23.04
C CYS I 237 20.92 -95.03 21.53
N LYS I 238 22.02 -94.40 21.12
CA LYS I 238 22.42 -94.33 19.73
C LYS I 238 22.86 -95.71 19.28
N ASP I 239 23.13 -96.60 20.23
CA ASP I 239 23.57 -97.96 19.88
C ASP I 239 22.41 -98.90 19.56
N GLY I 240 21.25 -98.32 19.23
CA GLY I 240 20.09 -99.11 18.87
C GLY I 240 19.24 -99.77 19.96
N ARG I 241 19.60 -99.55 21.22
CA ARG I 241 18.88 -100.18 22.31
C ARG I 241 18.05 -99.33 23.24
N ILE I 242 16.88 -99.86 23.59
CA ILE I 242 15.99 -99.23 24.56
C ILE I 242 16.35 -100.00 25.83
N ARG I 243 16.58 -99.31 26.92
CA ARG I 243 16.92 -100.01 28.15
C ARG I 243 16.03 -99.51 29.27
N ILE I 244 15.50 -100.45 30.05
CA ILE I 244 14.65 -100.09 31.15
C ILE I 244 15.32 -100.51 32.44
N PHE I 245 15.70 -99.52 33.23
CA PHE I 245 16.36 -99.76 34.50
C PHE I 245 15.41 -99.67 35.68
N LYS I 246 15.52 -100.63 36.60
CA LYS I 246 14.71 -100.65 37.81
C LYS I 246 15.56 -100.20 38.99
N ILE I 247 15.19 -99.07 39.57
CA ILE I 247 15.93 -98.53 40.70
C ILE I 247 15.10 -98.68 41.98
N THR I 248 15.62 -99.48 42.92
CA THR I 248 14.95 -99.73 44.19
C THR I 248 15.87 -99.26 45.31
N GLU I 249 15.37 -98.42 46.23
CA GLU I 249 16.23 -97.97 47.31
C GLU I 249 15.97 -98.70 48.61
N LYS I 250 17.03 -99.30 49.15
CA LYS I 250 16.95 -100.08 50.38
C LYS I 250 18.02 -99.62 51.37
N SER I 292 18.80 -92.86 50.47
CA SER I 292 19.38 -94.15 50.84
C SER I 292 20.33 -94.64 49.74
N ASN I 293 20.55 -95.96 49.71
CA ASN I 293 21.39 -96.55 48.70
C ASN I 293 20.46 -97.08 47.65
N LEU I 294 20.69 -96.66 46.42
CA LEU I 294 19.87 -97.11 45.33
C LEU I 294 20.44 -98.39 44.74
N GLN I 295 19.57 -99.36 44.54
CA GLN I 295 19.94 -100.64 43.96
C GLN I 295 19.48 -100.58 42.50
N VAL I 296 20.38 -100.88 41.56
CA VAL I 296 20.02 -100.80 40.15
C VAL I 296 20.04 -102.12 39.38
N GLU I 297 18.96 -102.37 38.64
CA GLU I 297 18.81 -103.58 37.82
C GLU I 297 18.58 -103.15 36.38
N LEU I 298 18.72 -104.10 35.46
CA LEU I 298 18.46 -103.83 34.06
C LEU I 298 17.27 -104.73 33.74
N LEU I 299 16.06 -104.20 33.80
CA LEU I 299 14.89 -105.02 33.50
C LEU I 299 14.84 -105.51 32.05
N SER I 300 14.56 -104.59 31.15
CA SER I 300 14.48 -104.94 29.73
C SER I 300 15.56 -104.23 28.93
N GLU I 301 15.80 -104.75 27.73
CA GLU I 301 16.77 -104.19 26.81
C GLU I 301 16.21 -104.62 25.47
N HIS I 302 15.92 -103.66 24.60
CA HIS I 302 15.38 -103.97 23.28
C HIS I 302 16.14 -103.31 22.14
N ASP I 303 16.32 -104.07 21.07
CA ASP I 303 17.06 -103.60 19.89
C ASP I 303 16.16 -103.53 18.66
N ASP I 304 14.88 -103.85 18.85
CA ASP I 304 13.89 -103.83 17.77
C ASP I 304 14.05 -102.70 16.75
N HIS I 305 14.55 -101.55 17.20
CA HIS I 305 14.70 -100.43 16.30
C HIS I 305 15.81 -100.52 15.26
N ASN I 306 16.88 -101.25 15.55
CA ASN I 306 17.99 -101.38 14.61
C ASN I 306 18.34 -99.98 14.12
N GLY I 307 19.00 -99.24 14.98
CA GLY I 307 19.36 -97.88 14.64
C GLY I 307 19.09 -97.06 15.89
N GLU I 308 19.58 -95.84 15.91
CA GLU I 308 19.40 -94.96 17.05
C GLU I 308 17.95 -94.85 17.51
N VAL I 309 17.75 -94.96 18.83
CA VAL I 309 16.45 -94.81 19.44
C VAL I 309 16.52 -93.36 19.90
N TRP I 310 15.88 -92.46 19.16
CA TRP I 310 15.94 -91.05 19.47
C TRP I 310 15.07 -90.51 20.59
N SER I 311 13.88 -91.08 20.77
CA SER I 311 12.95 -90.60 21.78
C SER I 311 12.25 -91.68 22.58
N VAL I 312 12.31 -91.53 23.90
CA VAL I 312 11.68 -92.46 24.80
C VAL I 312 10.81 -91.67 25.75
N SER I 313 9.52 -91.99 25.81
CA SER I 313 8.60 -91.27 26.70
C SER I 313 7.69 -92.23 27.44
N TRP I 314 7.16 -91.76 28.58
CA TRP I 314 6.26 -92.57 29.37
C TRP I 314 4.82 -92.09 29.42
N ASN I 315 3.97 -93.04 29.78
CA ASN I 315 2.54 -92.87 29.94
C ASN I 315 2.30 -91.85 31.06
N LEU I 316 1.05 -91.47 31.30
CA LEU I 316 0.76 -90.52 32.39
C LEU I 316 0.88 -91.30 33.70
N THR I 317 0.46 -92.56 33.62
CA THR I 317 0.46 -93.48 34.74
C THR I 317 1.72 -94.34 34.73
N GLY I 318 2.58 -94.14 33.73
CA GLY I 318 3.80 -94.92 33.65
C GLY I 318 3.47 -96.38 33.41
N THR I 319 2.43 -96.61 32.64
CA THR I 319 1.96 -97.96 32.34
C THR I 319 2.43 -98.38 30.96
N ILE I 320 2.61 -97.38 30.10
CA ILE I 320 3.05 -97.58 28.71
C ILE I 320 4.33 -96.80 28.41
N LEU I 321 5.27 -97.45 27.73
CA LEU I 321 6.53 -96.81 27.35
C LEU I 321 6.62 -96.67 25.82
N SER I 322 7.17 -95.56 25.33
CA SER I 322 7.28 -95.36 23.89
C SER I 322 8.72 -95.14 23.42
N SER I 323 9.03 -95.70 22.25
CA SER I 323 10.35 -95.56 21.65
C SER I 323 10.21 -95.24 20.16
N ALA I 324 11.07 -94.34 19.68
CA ALA I 324 11.09 -93.94 18.27
C ALA I 324 12.54 -93.93 17.77
N GLY I 325 12.74 -94.24 16.49
CA GLY I 325 14.11 -94.24 15.98
C GLY I 325 14.30 -94.10 14.48
N ASP I 326 15.52 -94.42 14.03
CA ASP I 326 15.89 -94.34 12.62
C ASP I 326 14.95 -95.13 11.76
N ASP I 327 14.64 -96.35 12.18
CA ASP I 327 13.74 -97.22 11.42
C ASP I 327 12.40 -96.56 11.08
N GLY I 328 12.21 -95.32 11.54
CA GLY I 328 10.98 -94.60 11.28
C GLY I 328 9.73 -95.24 11.88
N LYS I 329 9.91 -95.86 13.03
CA LYS I 329 8.81 -96.51 13.72
C LYS I 329 8.74 -96.14 15.20
N VAL I 330 7.53 -96.22 15.75
CA VAL I 330 7.29 -95.94 17.15
C VAL I 330 6.70 -97.22 17.73
N ARG I 331 7.34 -97.74 18.79
CA ARG I 331 6.84 -98.95 19.45
C ARG I 331 6.35 -98.59 20.85
N LEU I 332 5.34 -99.32 21.31
CA LEU I 332 4.80 -99.09 22.63
C LEU I 332 5.03 -100.36 23.45
N TRP I 333 5.40 -100.19 24.72
CA TRP I 333 5.67 -101.33 25.57
C TRP I 333 4.97 -101.27 26.93
N LYS I 334 4.40 -102.39 27.36
CA LYS I 334 3.76 -102.51 28.67
C LYS I 334 4.62 -103.52 29.43
N ALA I 335 4.40 -103.67 30.72
CA ALA I 335 5.20 -104.63 31.44
C ALA I 335 4.36 -105.88 31.71
N THR I 336 5.00 -107.04 31.72
CA THR I 336 4.28 -108.29 31.99
C THR I 336 4.20 -108.53 33.48
N TYR I 337 3.57 -109.63 33.87
CA TYR I 337 3.40 -109.97 35.28
C TYR I 337 4.77 -110.14 35.96
N SER I 338 5.79 -110.49 35.19
CA SER I 338 7.14 -110.70 35.73
C SER I 338 8.00 -109.46 35.55
N ASN I 339 7.36 -108.39 35.09
CA ASN I 339 8.01 -107.11 34.87
C ASN I 339 9.00 -107.00 33.71
N GLU I 340 8.94 -107.94 32.76
CA GLU I 340 9.79 -107.79 31.58
C GLU I 340 8.85 -107.00 30.69
N PHE I 341 9.37 -106.22 29.76
CA PHE I 341 8.52 -105.43 28.87
C PHE I 341 8.33 -106.12 27.51
N LYS I 342 7.08 -106.10 27.04
CA LYS I 342 6.66 -106.70 25.78
C LYS I 342 6.22 -105.52 24.94
N CYS I 343 6.29 -105.68 23.62
CA CYS I 343 5.87 -104.60 22.75
C CYS I 343 4.41 -104.87 22.44
N MSE I 344 3.55 -103.92 22.73
CA MSE I 344 2.12 -104.09 22.48
C MSE I 344 1.62 -103.58 21.13
O MSE I 344 0.60 -104.04 20.64
CB MSE I 344 1.31 -103.43 23.62
CG MSE I 344 1.59 -101.95 23.80
SE MSE I 344 0.32 -100.99 24.94
CE MSE I 344 -1.13 -100.79 23.61
N SER I 345 2.34 -102.64 20.52
CA SER I 345 1.92 -102.14 19.21
C SER I 345 3.04 -101.36 18.54
N VAL I 346 2.99 -101.29 17.22
CA VAL I 346 4.02 -100.59 16.45
C VAL I 346 3.44 -99.64 15.39
N ILE I 347 3.66 -98.33 15.57
CA ILE I 347 3.18 -97.35 14.61
C ILE I 347 4.34 -97.00 13.69
N THR I 348 4.13 -97.11 12.38
CA THR I 348 5.19 -96.83 11.40
C THR I 348 4.93 -95.53 10.65
N ALA I 349 5.99 -94.78 10.34
CA ALA I 349 5.82 -93.52 9.62
C ALA I 349 6.29 -93.60 8.16
N GLN I 350 6.51 -94.83 7.66
CA GLN I 350 6.99 -95.07 6.29
C GLN I 350 5.93 -95.21 5.20
N MSE J 3 11.48 -166.16 25.00
CA MSE J 3 10.32 -167.08 24.80
C MSE J 3 10.50 -167.90 23.54
O MSE J 3 10.19 -167.44 22.43
CB MSE J 3 9.00 -166.30 24.74
CG MSE J 3 8.51 -165.73 26.10
SE MSE J 3 7.87 -167.02 27.41
CE MSE J 3 9.55 -167.84 27.93
N GLN J 4 11.00 -169.12 23.72
CA GLN J 4 11.24 -170.04 22.63
C GLN J 4 10.09 -171.02 22.46
N PRO J 5 9.70 -171.26 21.21
CA PRO J 5 8.61 -172.16 20.82
C PRO J 5 8.98 -173.60 21.05
N PHE J 6 7.98 -174.43 21.35
CA PHE J 6 8.23 -175.84 21.54
C PHE J 6 7.36 -176.61 20.56
N ASP J 7 7.72 -177.86 20.32
CA ASP J 7 7.00 -178.68 19.38
C ASP J 7 5.82 -179.38 20.04
N SER J 8 4.62 -179.19 19.50
CA SER J 8 3.45 -179.81 20.08
C SER J 8 3.54 -181.32 19.96
N GLY J 9 4.10 -181.78 18.84
CA GLY J 9 4.23 -183.21 18.63
C GLY J 9 3.05 -183.78 17.88
N HIS J 10 2.22 -182.90 17.34
CA HIS J 10 1.06 -183.33 16.57
C HIS J 10 1.46 -183.54 15.11
N ASP J 11 0.81 -184.49 14.45
CA ASP J 11 1.08 -184.80 13.05
C ASP J 11 0.26 -183.93 12.12
N ASP J 12 -1.01 -183.78 12.44
CA ASP J 12 -1.88 -182.96 11.61
C ASP J 12 -1.95 -181.55 12.20
N LEU J 13 -3.06 -180.85 12.00
CA LEU J 13 -3.15 -179.49 12.52
C LEU J 13 -3.85 -179.26 13.85
N VAL J 14 -3.19 -178.45 14.67
CA VAL J 14 -3.64 -178.09 16.02
C VAL J 14 -4.78 -177.09 15.95
N HIS J 15 -5.88 -177.43 16.59
CA HIS J 15 -7.07 -176.58 16.60
C HIS J 15 -7.19 -175.69 17.81
N ASP J 16 -7.07 -176.28 18.98
CA ASP J 16 -7.19 -175.50 20.19
C ASP J 16 -6.08 -175.82 21.19
N VAL J 17 -5.82 -174.84 22.03
CA VAL J 17 -4.83 -174.94 23.09
C VAL J 17 -5.51 -174.23 24.24
N VAL J 18 -5.62 -174.91 25.37
CA VAL J 18 -6.30 -174.35 26.53
C VAL J 18 -5.52 -174.51 27.82
N TYR J 19 -5.62 -173.49 28.67
CA TYR J 19 -4.95 -173.44 29.96
C TYR J 19 -5.78 -174.03 31.12
N ASP J 20 -5.12 -174.66 32.09
CA ASP J 20 -5.84 -175.19 33.24
C ASP J 20 -6.15 -173.97 34.12
N PHE J 21 -6.55 -174.19 35.36
CA PHE J 21 -6.90 -173.06 36.22
C PHE J 21 -5.75 -172.10 36.57
N TYR J 22 -4.60 -172.66 36.95
CA TYR J 22 -3.46 -171.86 37.34
C TYR J 22 -2.50 -171.46 36.23
N GLY J 23 -2.80 -171.86 34.99
CA GLY J 23 -1.92 -171.50 33.87
C GLY J 23 -0.59 -172.22 33.83
N ARG J 24 -0.50 -173.30 34.60
CA ARG J 24 0.70 -174.11 34.69
C ARG J 24 0.58 -175.32 33.78
N HIS J 25 -0.60 -175.52 33.21
CA HIS J 25 -0.83 -176.65 32.33
C HIS J 25 -1.57 -176.24 31.06
N VAL J 26 -1.40 -177.05 30.01
CA VAL J 26 -2.06 -176.76 28.75
C VAL J 26 -2.55 -178.02 28.07
N ALA J 27 -3.77 -177.94 27.54
CA ALA J 27 -4.39 -179.04 26.83
C ALA J 27 -4.41 -178.68 25.35
N THR J 28 -4.05 -179.67 24.53
CA THR J 28 -3.98 -179.47 23.10
C THR J 28 -4.68 -180.55 22.31
N CYS J 29 -5.39 -180.15 21.26
CA CYS J 29 -6.07 -181.10 20.41
C CYS J 29 -5.82 -180.79 18.94
N SER J 30 -5.62 -181.84 18.15
CA SER J 30 -5.36 -181.68 16.71
C SER J 30 -6.26 -182.58 15.87
N SER J 31 -6.15 -182.45 14.55
CA SER J 31 -6.94 -183.26 13.64
C SER J 31 -6.33 -184.65 13.60
N ASP J 32 -5.14 -184.77 14.20
CA ASP J 32 -4.44 -186.06 14.25
C ASP J 32 -5.13 -186.94 15.29
N GLN J 33 -6.33 -186.53 15.67
CA GLN J 33 -7.19 -187.24 16.61
C GLN J 33 -6.51 -187.54 17.95
N HIS J 34 -5.63 -186.65 18.39
CA HIS J 34 -4.91 -186.82 19.64
C HIS J 34 -5.10 -185.63 20.59
N ILE J 35 -5.03 -185.91 21.89
CA ILE J 35 -5.12 -184.85 22.88
C ILE J 35 -3.79 -184.92 23.61
N LYS J 36 -3.21 -183.76 23.85
CA LYS J 36 -1.94 -183.71 24.55
C LYS J 36 -2.05 -182.75 25.70
N VAL J 37 -1.30 -183.03 26.76
CA VAL J 37 -1.32 -182.19 27.94
C VAL J 37 0.10 -181.93 28.32
N PHE J 38 0.45 -180.65 28.43
CA PHE J 38 1.80 -180.26 28.79
C PHE J 38 1.81 -179.61 30.16
N LYS J 39 2.97 -179.68 30.81
CA LYS J 39 3.14 -179.10 32.13
C LYS J 39 4.33 -178.15 32.10
N LEU J 40 4.24 -177.05 32.82
CA LEU J 40 5.32 -176.07 32.89
C LEU J 40 6.24 -176.41 34.07
N ASP J 41 7.29 -177.18 33.80
CA ASP J 41 8.24 -177.57 34.84
C ASP J 41 8.70 -176.31 35.57
N LYS J 42 8.58 -176.32 36.89
CA LYS J 42 8.94 -175.15 37.70
C LYS J 42 10.39 -174.67 37.63
N ASP J 43 11.33 -175.60 37.75
CA ASP J 43 12.75 -175.28 37.73
C ASP J 43 13.34 -174.94 36.36
N THR J 44 12.91 -175.66 35.32
CA THR J 44 13.43 -175.47 33.97
C THR J 44 12.70 -174.35 33.21
N SER J 45 11.42 -174.17 33.51
CA SER J 45 10.61 -173.18 32.83
C SER J 45 10.56 -173.52 31.35
N ASN J 46 10.26 -174.79 31.07
CA ASN J 46 10.14 -175.36 29.73
C ASN J 46 8.90 -176.21 29.76
N TRP J 47 8.10 -176.12 28.71
CA TRP J 47 6.90 -176.93 28.65
C TRP J 47 7.29 -178.33 28.24
N GLU J 48 6.82 -179.32 28.99
CA GLU J 48 7.13 -180.71 28.69
C GLU J 48 5.84 -181.49 28.61
N LEU J 49 5.87 -182.57 27.85
CA LEU J 49 4.68 -183.39 27.66
C LEU J 49 4.31 -184.23 28.88
N SER J 50 3.09 -184.07 29.35
CA SER J 50 2.57 -184.83 30.48
C SER J 50 1.98 -186.15 29.97
N ASP J 51 1.20 -186.07 28.89
CA ASP J 51 0.64 -187.25 28.26
C ASP J 51 -0.02 -186.92 26.93
N SER J 52 -0.19 -187.95 26.12
CA SER J 52 -0.80 -187.84 24.79
C SER J 52 -1.52 -189.14 24.54
N TRP J 53 -2.67 -189.08 23.86
CA TRP J 53 -3.43 -190.29 23.56
C TRP J 53 -4.46 -190.07 22.46
N ARG J 54 -4.82 -191.15 21.76
CA ARG J 54 -5.82 -191.06 20.70
C ARG J 54 -7.19 -190.96 21.37
N ALA J 55 -7.82 -189.80 21.23
CA ALA J 55 -9.10 -189.56 21.88
C ALA J 55 -10.35 -189.62 20.99
N HIS J 56 -10.21 -189.32 19.71
CA HIS J 56 -11.37 -189.35 18.83
C HIS J 56 -11.04 -190.07 17.55
N ASP J 57 -12.05 -190.25 16.70
CA ASP J 57 -11.85 -190.92 15.44
C ASP J 57 -11.90 -189.93 14.29
N SER J 58 -11.80 -188.66 14.64
CA SER J 58 -11.81 -187.59 13.67
C SER J 58 -11.19 -186.37 14.32
N SER J 59 -11.14 -185.26 13.58
CA SER J 59 -10.57 -184.02 14.08
C SER J 59 -11.14 -183.59 15.42
N ILE J 60 -10.26 -183.36 16.40
CA ILE J 60 -10.66 -182.90 17.71
C ILE J 60 -10.48 -181.37 17.67
N VAL J 61 -11.56 -180.68 17.32
CA VAL J 61 -11.55 -179.24 17.19
C VAL J 61 -11.50 -178.37 18.45
N ALA J 62 -12.30 -178.71 19.47
CA ALA J 62 -12.35 -177.91 20.72
C ALA J 62 -12.02 -178.69 22.00
N ILE J 63 -11.54 -177.97 23.00
CA ILE J 63 -11.16 -178.62 24.25
C ILE J 63 -11.33 -177.62 25.41
N ASP J 64 -11.42 -178.13 26.65
CA ASP J 64 -11.58 -177.26 27.81
C ASP J 64 -11.44 -177.97 29.16
N TRP J 65 -10.85 -177.29 30.15
CA TRP J 65 -10.67 -177.84 31.51
C TRP J 65 -11.80 -177.45 32.47
N ALA J 66 -12.07 -178.33 33.44
CA ALA J 66 -13.12 -178.07 34.43
C ALA J 66 -12.44 -177.44 35.65
N SER J 67 -13.22 -176.79 36.51
CA SER J 67 -12.64 -176.15 37.69
C SER J 67 -11.93 -177.15 38.61
N PRO J 68 -10.73 -176.78 39.10
CA PRO J 68 -9.93 -177.64 39.99
C PRO J 68 -10.81 -178.23 41.08
N GLU J 69 -11.83 -177.44 41.42
CA GLU J 69 -12.83 -177.75 42.42
C GLU J 69 -13.47 -179.13 42.23
N TYR J 70 -13.65 -179.55 40.99
CA TYR J 70 -14.26 -180.87 40.72
C TYR J 70 -13.24 -181.96 40.41
N GLY J 71 -11.99 -181.55 40.19
CA GLY J 71 -10.92 -182.49 39.86
C GLY J 71 -10.26 -182.17 38.53
N ARG J 72 -9.37 -183.05 38.09
CA ARG J 72 -8.67 -182.86 36.81
C ARG J 72 -9.57 -183.43 35.71
N ILE J 73 -10.37 -182.56 35.11
CA ILE J 73 -11.28 -182.98 34.07
C ILE J 73 -11.17 -182.14 32.81
N ILE J 74 -11.10 -182.82 31.68
CA ILE J 74 -11.00 -182.16 30.40
C ILE J 74 -12.11 -182.67 29.51
N ALA J 75 -12.64 -181.79 28.67
CA ALA J 75 -13.69 -182.16 27.74
C ALA J 75 -13.20 -181.86 26.33
N SER J 76 -13.53 -182.74 25.39
CA SER J 76 -13.12 -182.57 24.01
C SER J 76 -14.29 -182.76 23.06
N ALA J 77 -14.35 -181.91 22.04
CA ALA J 77 -15.39 -181.96 21.01
C ALA J 77 -14.71 -182.40 19.73
N SER J 78 -15.38 -183.26 18.95
CA SER J 78 -14.79 -183.74 17.73
C SER J 78 -15.77 -183.76 16.56
N TYR J 79 -15.22 -183.87 15.35
CA TYR J 79 -16.01 -183.91 14.14
C TYR J 79 -16.72 -185.24 14.02
N ASP J 80 -16.29 -186.21 14.84
CA ASP J 80 -16.91 -187.53 14.83
C ASP J 80 -18.22 -187.44 15.62
N LYS J 81 -18.81 -186.24 15.62
CA LYS J 81 -20.09 -185.94 16.28
C LYS J 81 -20.16 -186.32 17.76
N THR J 82 -19.02 -186.29 18.44
CA THR J 82 -19.02 -186.69 19.83
C THR J 82 -18.24 -185.75 20.77
N VAL J 83 -18.61 -185.76 22.05
CA VAL J 83 -17.91 -184.98 23.07
C VAL J 83 -17.50 -186.01 24.10
N LYS J 84 -16.22 -186.02 24.48
CA LYS J 84 -15.75 -186.97 25.46
C LYS J 84 -15.21 -186.24 26.69
N LEU J 85 -15.29 -186.90 27.86
CA LEU J 85 -14.81 -186.31 29.12
C LEU J 85 -13.71 -187.19 29.71
N TRP J 86 -12.61 -186.56 30.12
CA TRP J 86 -11.49 -187.30 30.64
C TRP J 86 -11.07 -186.81 32.01
N GLU J 87 -10.51 -187.71 32.81
CA GLU J 87 -10.04 -187.36 34.14
C GLU J 87 -8.68 -187.95 34.44
N GLU J 88 -7.74 -187.10 34.82
CA GLU J 88 -6.40 -187.55 35.12
C GLU J 88 -6.34 -188.59 36.22
N ASP J 89 -5.89 -189.78 35.88
CA ASP J 89 -5.71 -190.86 36.86
C ASP J 89 -4.21 -190.85 37.17
N PRO J 90 -3.84 -190.32 38.34
CA PRO J 90 -2.45 -190.20 38.79
C PRO J 90 -1.78 -191.53 39.15
N ASP J 91 -2.53 -192.62 39.01
CA ASP J 91 -1.99 -193.97 39.27
C ASP J 91 -1.35 -194.52 38.00
N GLN J 92 -1.17 -193.64 37.01
CA GLN J 92 -0.60 -194.01 35.74
C GLN J 92 0.56 -193.09 35.39
N GLU J 93 1.65 -193.67 34.92
CA GLU J 93 2.83 -192.90 34.53
C GLU J 93 2.48 -191.77 33.57
N GLU J 94 3.30 -190.73 33.51
CA GLU J 94 3.01 -189.66 32.57
C GLU J 94 3.52 -190.20 31.22
N CYS J 95 2.96 -189.71 30.12
CA CYS J 95 3.38 -190.16 28.79
C CYS J 95 3.23 -191.66 28.66
N SER J 96 2.16 -192.19 29.24
CA SER J 96 1.92 -193.61 29.20
C SER J 96 0.69 -193.82 28.34
N GLY J 97 0.15 -192.72 27.82
CA GLY J 97 -1.04 -192.82 26.99
C GLY J 97 -2.28 -193.18 27.79
N ARG J 98 -2.07 -193.58 29.04
CA ARG J 98 -3.17 -193.97 29.91
C ARG J 98 -3.23 -193.12 31.18
N ARG J 99 -2.74 -191.88 31.13
CA ARG J 99 -2.75 -191.02 32.30
C ARG J 99 -4.03 -190.23 32.40
N TRP J 100 -4.90 -190.36 31.39
CA TRP J 100 -6.19 -189.70 31.40
C TRP J 100 -7.26 -190.71 31.05
N ASN J 101 -8.31 -190.77 31.86
CA ASN J 101 -9.38 -191.73 31.63
C ASN J 101 -10.65 -191.14 31.11
N LYS J 102 -11.29 -191.87 30.21
CA LYS J 102 -12.55 -191.41 29.66
C LYS J 102 -13.63 -191.57 30.72
N LEU J 103 -14.29 -190.47 31.09
CA LEU J 103 -15.36 -190.53 32.08
C LEU J 103 -16.63 -190.92 31.36
N CYS J 104 -16.77 -190.44 30.13
CA CYS J 104 -17.94 -190.79 29.33
C CYS J 104 -17.90 -190.16 27.95
N THR J 105 -18.87 -190.53 27.12
CA THR J 105 -18.96 -190.03 25.77
C THR J 105 -20.39 -189.56 25.51
N LEU J 106 -20.57 -188.26 25.34
CA LEU J 106 -21.87 -187.69 25.06
C LEU J 106 -22.04 -187.70 23.54
N ASN J 107 -22.99 -188.45 23.03
CA ASN J 107 -23.18 -188.52 21.57
C ASN J 107 -24.59 -188.19 21.08
N ASP J 108 -25.24 -187.21 21.70
CA ASP J 108 -26.57 -186.81 21.29
C ASP J 108 -26.50 -186.04 20.00
N SER J 109 -25.38 -185.36 19.78
CA SER J 109 -25.21 -184.58 18.56
C SER J 109 -25.29 -185.46 17.31
N LYS J 110 -25.89 -184.90 16.26
CA LYS J 110 -26.05 -185.60 15.00
C LYS J 110 -25.21 -184.91 13.93
N GLY J 111 -24.40 -183.94 14.36
CA GLY J 111 -23.52 -183.21 13.48
C GLY J 111 -22.16 -182.99 14.13
N SER J 112 -21.12 -182.80 13.34
CA SER J 112 -19.78 -182.58 13.88
C SER J 112 -19.82 -181.47 14.95
N LEU J 113 -19.00 -181.63 15.99
CA LEU J 113 -18.95 -180.65 17.06
C LEU J 113 -17.81 -179.65 16.91
N TYR J 114 -18.16 -178.36 16.96
CA TYR J 114 -17.19 -177.29 16.80
C TYR J 114 -16.66 -176.67 18.09
N SER J 115 -17.49 -176.61 19.12
CA SER J 115 -17.05 -176.01 20.36
C SER J 115 -17.52 -176.72 21.63
N VAL J 116 -16.76 -176.56 22.71
CA VAL J 116 -17.07 -177.16 24.01
C VAL J 116 -16.44 -176.30 25.12
N LYS J 117 -17.29 -175.73 25.97
CA LYS J 117 -16.82 -174.90 27.08
C LYS J 117 -17.49 -175.30 28.40
N PHE J 118 -16.70 -175.36 29.46
CA PHE J 118 -17.23 -175.69 30.77
C PHE J 118 -17.86 -174.40 31.32
N ALA J 119 -18.96 -174.53 32.06
CA ALA J 119 -19.62 -173.37 32.64
C ALA J 119 -18.87 -172.96 33.91
N PRO J 120 -18.98 -171.67 34.30
CA PRO J 120 -18.30 -171.19 35.51
C PRO J 120 -18.55 -172.17 36.66
N ALA J 121 -17.49 -172.56 37.36
CA ALA J 121 -17.59 -173.51 38.47
C ALA J 121 -18.74 -173.24 39.44
N HIS J 122 -19.06 -171.97 39.64
CA HIS J 122 -20.13 -171.60 40.57
C HIS J 122 -21.51 -172.09 40.11
N LEU J 123 -21.59 -172.72 38.96
CA LEU J 123 -22.87 -173.23 38.49
C LEU J 123 -22.84 -174.75 38.54
N GLY J 124 -21.82 -175.30 39.19
CA GLY J 124 -21.68 -176.74 39.29
C GLY J 124 -20.88 -177.29 38.10
N LEU J 125 -20.72 -178.61 38.04
CA LEU J 125 -20.00 -179.22 36.94
C LEU J 125 -20.97 -179.25 35.76
N LYS J 126 -20.91 -178.21 34.94
CA LYS J 126 -21.79 -178.06 33.80
C LYS J 126 -20.94 -177.74 32.55
N LEU J 127 -21.43 -178.12 31.37
CA LEU J 127 -20.70 -177.80 30.13
C LEU J 127 -21.68 -177.59 28.99
N ALA J 128 -21.21 -176.98 27.90
CA ALA J 128 -22.02 -176.72 26.73
C ALA J 128 -21.24 -177.01 25.44
N CYS J 129 -21.94 -177.47 24.41
CA CYS J 129 -21.29 -177.77 23.13
C CYS J 129 -22.21 -177.35 21.97
N LEU J 130 -21.60 -177.09 20.81
CA LEU J 130 -22.35 -176.65 19.63
C LEU J 130 -21.74 -177.27 18.37
N GLY J 131 -22.60 -177.67 17.43
CA GLY J 131 -22.07 -178.29 16.21
C GLY J 131 -22.75 -177.93 14.90
N ASN J 132 -22.81 -178.90 13.99
CA ASN J 132 -23.43 -178.73 12.68
C ASN J 132 -24.93 -178.62 12.78
N ASP J 133 -25.50 -179.51 13.58
CA ASP J 133 -26.95 -179.55 13.77
C ASP J 133 -27.52 -178.26 14.37
N GLY J 134 -26.68 -177.23 14.45
CA GLY J 134 -27.11 -175.94 14.99
C GLY J 134 -27.83 -176.02 16.31
N ILE J 135 -27.60 -177.10 17.06
CA ILE J 135 -28.26 -177.27 18.34
C ILE J 135 -27.29 -177.05 19.48
N LEU J 136 -27.65 -176.15 20.40
CA LEU J 136 -26.83 -175.89 21.57
C LEU J 136 -27.21 -177.01 22.53
N ARG J 137 -26.28 -177.46 23.36
CA ARG J 137 -26.58 -178.52 24.30
C ARG J 137 -25.83 -178.32 25.60
N LEU J 138 -26.55 -178.35 26.70
CA LEU J 138 -25.92 -178.19 28.01
C LEU J 138 -25.96 -179.56 28.67
N TYR J 139 -24.88 -179.89 29.35
CA TYR J 139 -24.77 -181.18 30.03
C TYR J 139 -24.34 -180.98 31.49
N ASP J 140 -25.02 -181.68 32.41
CA ASP J 140 -24.68 -181.52 33.81
C ASP J 140 -24.30 -182.78 34.55
N ALA J 141 -23.24 -182.68 35.35
CA ALA J 141 -22.78 -183.79 36.17
C ALA J 141 -23.58 -183.55 37.46
N LEU J 142 -24.89 -183.72 37.34
CA LEU J 142 -25.81 -183.50 38.44
C LEU J 142 -25.35 -184.08 39.76
N GLU J 143 -24.57 -185.14 39.68
CA GLU J 143 -24.09 -185.83 40.86
C GLU J 143 -22.55 -185.87 40.86
N PRO J 144 -21.89 -184.74 41.21
CA PRO J 144 -20.42 -184.74 41.22
C PRO J 144 -19.79 -185.92 41.95
N SER J 145 -20.60 -186.67 42.69
CA SER J 145 -20.14 -187.86 43.41
C SER J 145 -19.64 -188.87 42.38
N ASP J 146 -20.34 -188.95 41.25
CA ASP J 146 -19.97 -189.84 40.15
C ASP J 146 -19.90 -189.00 38.85
N LEU J 147 -18.66 -188.73 38.43
CA LEU J 147 -18.39 -187.93 37.25
C LEU J 147 -18.67 -188.59 35.91
N ARG J 148 -19.26 -189.78 35.94
CA ARG J 148 -19.55 -190.49 34.68
C ARG J 148 -20.95 -190.18 34.16
N SER J 149 -21.87 -189.90 35.08
CA SER J 149 -23.24 -189.61 34.71
C SER J 149 -23.47 -188.11 34.44
N TRP J 150 -23.70 -187.80 33.17
CA TRP J 150 -23.94 -186.43 32.75
C TRP J 150 -25.31 -186.40 32.13
N THR J 151 -26.12 -185.45 32.57
CA THR J 151 -27.47 -185.34 32.05
C THR J 151 -27.61 -184.25 30.99
N LEU J 152 -28.46 -184.48 30.00
CA LEU J 152 -28.67 -183.46 28.99
C LEU J 152 -29.63 -182.44 29.61
N THR J 153 -29.07 -181.34 30.09
CA THR J 153 -29.81 -180.27 30.74
C THR J 153 -30.58 -179.33 29.82
N SER J 154 -30.17 -179.21 28.57
CA SER J 154 -30.87 -178.29 27.69
C SER J 154 -30.55 -178.46 26.22
N GLU J 155 -31.48 -178.08 25.37
CA GLU J 155 -31.33 -178.12 23.92
C GLU J 155 -31.96 -176.87 23.36
N MSE J 156 -31.33 -176.24 22.39
CA MSE J 156 -31.86 -175.03 21.78
C MSE J 156 -31.39 -174.94 20.34
O MSE J 156 -30.22 -175.19 20.04
CB MSE J 156 -31.37 -173.79 22.56
CG MSE J 156 -31.61 -173.86 24.06
SE MSE J 156 -33.30 -173.14 24.62
CE MSE J 156 -34.48 -173.90 23.27
N LYS J 157 -32.30 -174.59 19.43
CA LYS J 157 -31.93 -174.46 18.03
C LYS J 157 -31.39 -173.06 17.80
N VAL J 158 -30.06 -172.96 17.80
CA VAL J 158 -29.40 -171.68 17.59
C VAL J 158 -29.69 -171.16 16.18
N LEU J 159 -29.64 -172.05 15.20
CA LEU J 159 -29.95 -171.63 13.85
C LEU J 159 -30.99 -172.55 13.25
N SER J 160 -32.22 -172.08 13.21
CA SER J 160 -33.33 -172.83 12.62
C SER J 160 -32.98 -173.03 11.15
N ILE J 161 -31.96 -172.30 10.70
CA ILE J 161 -31.45 -172.36 9.33
C ILE J 161 -30.15 -173.16 9.28
N PRO J 162 -30.22 -174.51 9.41
CA PRO J 162 -28.99 -175.29 9.35
C PRO J 162 -28.57 -175.61 7.92
N PRO J 163 -29.42 -175.30 6.90
CA PRO J 163 -29.00 -175.61 5.53
C PRO J 163 -27.95 -174.66 4.98
N ALA J 164 -26.81 -175.25 4.62
CA ALA J 164 -25.69 -174.55 4.03
C ALA J 164 -25.10 -175.54 3.03
N ASN J 165 -24.19 -175.05 2.20
CA ASN J 165 -23.56 -175.92 1.24
C ASN J 165 -22.65 -176.92 1.95
N HIS J 166 -22.68 -176.90 3.29
CA HIS J 166 -21.86 -177.79 4.13
C HIS J 166 -20.35 -177.49 4.03
N LEU J 167 -19.98 -176.20 4.07
CA LEU J 167 -18.57 -175.82 3.97
C LEU J 167 -18.21 -174.64 4.87
N GLN J 168 -18.64 -173.43 4.48
CA GLN J 168 -18.36 -172.21 5.24
C GLN J 168 -19.22 -172.03 6.49
N SER J 169 -18.90 -172.80 7.53
CA SER J 169 -19.65 -172.76 8.79
C SER J 169 -18.76 -172.84 10.03
N ASP J 170 -18.85 -171.82 10.89
CA ASP J 170 -18.08 -171.83 12.12
C ASP J 170 -19.01 -171.61 13.32
N PHE J 171 -18.64 -172.14 14.48
CA PHE J 171 -19.44 -171.98 15.71
C PHE J 171 -18.57 -171.76 16.96
N CYS J 172 -19.07 -170.94 17.89
CA CYS J 172 -18.34 -170.62 19.12
C CYS J 172 -19.24 -170.53 20.35
N LEU J 173 -18.64 -170.76 21.51
CA LEU J 173 -19.34 -170.70 22.78
C LEU J 173 -18.46 -170.01 23.79
N SER J 174 -19.09 -169.30 24.72
CA SER J 174 -18.37 -168.63 25.79
C SER J 174 -19.36 -168.23 26.88
N TRP J 175 -19.29 -168.88 28.03
CA TRP J 175 -20.19 -168.59 29.14
C TRP J 175 -19.85 -167.26 29.76
N CYS J 176 -20.74 -166.79 30.64
CA CYS J 176 -20.47 -165.55 31.34
C CYS J 176 -19.82 -166.03 32.62
N PRO J 177 -18.55 -165.67 32.82
CA PRO J 177 -17.79 -166.07 34.00
C PRO J 177 -18.40 -165.66 35.33
N SER J 178 -18.67 -164.37 35.47
CA SER J 178 -19.20 -163.78 36.69
C SER J 178 -20.18 -164.62 37.52
N ARG J 179 -19.76 -164.92 38.75
CA ARG J 179 -20.57 -165.71 39.67
C ARG J 179 -21.68 -164.81 40.21
N PHE J 180 -21.42 -163.52 40.23
CA PHE J 180 -22.38 -162.53 40.70
C PHE J 180 -23.23 -162.00 39.54
N SER J 181 -23.71 -162.89 38.68
CA SER J 181 -24.52 -162.47 37.55
C SER J 181 -25.32 -163.66 37.04
N PRO J 182 -26.56 -163.40 36.62
CA PRO J 182 -27.44 -164.45 36.10
C PRO J 182 -26.79 -165.33 35.03
N GLU J 183 -26.87 -166.65 35.25
CA GLU J 183 -26.33 -167.63 34.31
C GLU J 183 -26.73 -167.26 32.89
N LYS J 184 -25.73 -167.18 32.02
CA LYS J 184 -25.95 -166.87 30.62
C LYS J 184 -24.67 -167.14 29.83
N LEU J 185 -24.83 -167.46 28.56
CA LEU J 185 -23.70 -167.72 27.69
C LEU J 185 -23.93 -167.15 26.29
N ALA J 186 -22.85 -166.86 25.58
CA ALA J 186 -22.91 -166.32 24.22
C ALA J 186 -22.63 -167.42 23.20
N VAL J 187 -23.33 -167.35 22.08
CA VAL J 187 -23.17 -168.35 21.03
C VAL J 187 -23.05 -167.66 19.67
N SER J 188 -22.13 -168.16 18.83
CA SER J 188 -21.97 -167.60 17.50
C SER J 188 -22.17 -168.73 16.50
N ALA J 189 -23.03 -168.48 15.52
CA ALA J 189 -23.32 -169.46 14.49
C ALA J 189 -23.20 -168.69 13.19
N LEU J 190 -22.22 -169.05 12.39
CA LEU J 190 -22.00 -168.35 11.12
C LEU J 190 -21.77 -166.86 11.40
N GLU J 191 -22.67 -166.01 10.91
CA GLU J 191 -22.53 -164.58 11.11
C GLU J 191 -23.27 -164.08 12.34
N GLN J 192 -24.18 -164.90 12.83
CA GLN J 192 -24.98 -164.53 14.00
C GLN J 192 -24.21 -164.66 15.30
N ALA J 193 -24.63 -163.89 16.29
CA ALA J 193 -24.03 -163.91 17.62
C ALA J 193 -25.14 -163.60 18.62
N ILE J 194 -25.69 -164.62 19.26
CA ILE J 194 -26.77 -164.40 20.21
C ILE J 194 -26.41 -164.81 21.64
N ILE J 195 -27.06 -164.16 22.60
CA ILE J 195 -26.83 -164.43 24.00
C ILE J 195 -28.04 -165.14 24.58
N TYR J 196 -27.78 -166.16 25.39
CA TYR J 196 -28.85 -166.93 26.03
C TYR J 196 -28.77 -166.66 27.52
N GLN J 197 -29.93 -166.48 28.15
CA GLN J 197 -29.97 -166.22 29.58
C GLN J 197 -30.94 -167.19 30.22
N ARG J 198 -30.59 -167.62 31.43
CA ARG J 198 -31.44 -168.56 32.14
C ARG J 198 -32.70 -167.82 32.55
N GLY J 199 -33.83 -168.25 32.02
CA GLY J 199 -35.10 -167.63 32.36
C GLY J 199 -35.49 -167.98 33.79
N LYS J 200 -36.49 -167.28 34.32
CA LYS J 200 -36.92 -167.54 35.69
C LYS J 200 -37.57 -168.92 35.78
N ASP J 201 -37.96 -169.45 34.62
CA ASP J 201 -38.59 -170.75 34.50
C ASP J 201 -37.60 -171.92 34.40
N GLY J 202 -36.32 -171.64 34.62
CA GLY J 202 -35.31 -172.67 34.55
C GLY J 202 -34.77 -173.01 33.16
N LYS J 203 -35.46 -172.54 32.12
CA LYS J 203 -35.04 -172.81 30.75
C LYS J 203 -34.17 -171.67 30.19
N LEU J 204 -33.59 -171.88 29.01
CA LEU J 204 -32.77 -170.87 28.36
C LEU J 204 -33.64 -170.05 27.45
N HIS J 205 -33.27 -168.80 27.24
CA HIS J 205 -34.02 -167.92 26.36
C HIS J 205 -33.08 -166.97 25.67
N VAL J 206 -33.43 -166.56 24.46
CA VAL J 206 -32.59 -165.64 23.70
C VAL J 206 -32.80 -164.22 24.26
N ALA J 207 -31.86 -163.77 25.09
CA ALA J 207 -31.95 -162.46 25.71
C ALA J 207 -31.44 -161.30 24.85
N ALA J 208 -30.49 -161.56 23.94
CA ALA J 208 -29.95 -160.51 23.09
C ALA J 208 -29.16 -161.01 21.89
N LYS J 209 -28.74 -160.08 21.05
CA LYS J 209 -27.95 -160.38 19.86
C LYS J 209 -26.87 -159.34 19.65
N LEU J 210 -25.72 -159.79 19.17
CA LEU J 210 -24.62 -158.87 18.87
C LEU J 210 -24.68 -158.64 17.36
N PRO J 211 -25.14 -157.45 16.94
CA PRO J 211 -25.26 -157.07 15.53
C PRO J 211 -24.00 -156.45 14.93
N GLY J 212 -23.94 -156.43 13.61
CA GLY J 212 -22.81 -155.82 12.94
C GLY J 212 -21.88 -156.74 12.15
N HIS J 213 -21.83 -158.03 12.53
CA HIS J 213 -20.97 -158.99 11.86
C HIS J 213 -21.35 -159.25 10.42
N LYS J 214 -20.46 -158.86 9.51
CA LYS J 214 -20.72 -159.01 8.10
C LYS J 214 -20.29 -160.32 7.46
N SER J 215 -19.83 -161.27 8.28
CA SER J 215 -19.47 -162.60 7.79
C SER J 215 -19.14 -163.51 8.97
N LEU J 216 -18.60 -164.69 8.69
CA LEU J 216 -18.29 -165.67 9.74
C LEU J 216 -17.56 -165.20 11.01
N ILE J 217 -18.16 -165.43 12.17
CA ILE J 217 -17.53 -165.07 13.43
C ILE J 217 -16.61 -166.23 13.77
N ARG J 218 -15.31 -165.96 13.74
CA ARG J 218 -14.32 -166.98 14.02
C ARG J 218 -14.08 -167.25 15.50
N SER J 219 -14.30 -166.25 16.34
CA SER J 219 -14.09 -166.43 17.77
C SER J 219 -14.76 -165.39 18.65
N ILE J 220 -15.35 -165.85 19.76
CA ILE J 220 -15.99 -164.93 20.71
C ILE J 220 -15.57 -165.34 22.11
N SER J 221 -15.25 -164.35 22.94
CA SER J 221 -14.85 -164.60 24.30
C SER J 221 -15.53 -163.61 25.24
N TRP J 222 -16.21 -164.15 26.25
CA TRP J 222 -16.91 -163.35 27.25
C TRP J 222 -15.88 -163.03 28.33
N ALA J 223 -15.70 -161.75 28.62
CA ALA J 223 -14.71 -161.33 29.60
C ALA J 223 -15.12 -161.39 31.07
N PRO J 224 -14.14 -161.73 31.94
CA PRO J 224 -14.45 -161.79 33.37
C PRO J 224 -14.84 -160.34 33.68
N SER J 225 -15.90 -160.15 34.47
CA SER J 225 -16.35 -158.79 34.82
C SER J 225 -15.97 -158.36 36.25
N ILE J 226 -14.86 -158.89 36.75
CA ILE J 226 -14.38 -158.55 38.09
C ILE J 226 -14.21 -157.04 38.20
N GLY J 227 -15.04 -156.42 39.04
CA GLY J 227 -14.91 -154.99 39.22
C GLY J 227 -15.99 -154.15 38.58
N ARG J 228 -16.77 -154.71 37.67
CA ARG J 228 -17.83 -153.93 37.05
C ARG J 228 -19.25 -154.48 37.16
N TRP J 229 -20.19 -153.62 36.76
CA TRP J 229 -21.63 -153.85 36.77
C TRP J 229 -22.20 -154.26 35.40
N TYR J 230 -21.34 -154.27 34.39
CA TYR J 230 -21.70 -154.64 33.02
C TYR J 230 -20.82 -155.79 32.54
N GLN J 231 -21.28 -156.46 31.50
CA GLN J 231 -20.53 -157.57 30.92
C GLN J 231 -19.84 -157.09 29.65
N LEU J 232 -18.73 -157.73 29.30
CA LEU J 232 -17.97 -157.37 28.10
C LEU J 232 -17.69 -158.63 27.31
N ILE J 233 -18.13 -158.69 26.05
CA ILE J 233 -17.85 -159.88 25.27
C ILE J 233 -17.34 -159.52 23.89
N ALA J 234 -16.11 -159.93 23.61
CA ALA J 234 -15.46 -159.63 22.34
C ALA J 234 -15.61 -160.72 21.30
N THR J 235 -15.59 -160.31 20.04
CA THR J 235 -15.73 -161.23 18.93
C THR J 235 -14.76 -160.92 17.79
N GLY J 236 -14.26 -161.99 17.19
CA GLY J 236 -13.35 -161.89 16.07
C GLY J 236 -14.08 -162.40 14.84
N CYS J 237 -14.38 -161.49 13.91
CA CYS J 237 -15.10 -161.85 12.72
C CYS J 237 -14.19 -162.02 11.50
N LYS J 238 -14.67 -162.79 10.54
CA LYS J 238 -13.95 -163.05 9.30
C LYS J 238 -13.90 -161.76 8.48
N ASP J 239 -14.73 -160.77 8.83
CA ASP J 239 -14.76 -159.52 8.10
C ASP J 239 -13.68 -158.55 8.55
N GLY J 240 -12.68 -159.08 9.23
CA GLY J 240 -11.56 -158.27 9.67
C GLY J 240 -11.70 -157.42 10.91
N ARG J 241 -12.84 -157.52 11.58
CA ARG J 241 -13.08 -156.72 12.77
C ARG J 241 -13.21 -157.39 14.12
N ILE J 242 -12.60 -156.75 15.12
CA ILE J 242 -12.67 -157.20 16.50
C ILE J 242 -13.79 -156.30 17.02
N ARG J 243 -14.75 -156.87 17.74
CA ARG J 243 -15.81 -156.04 18.25
C ARG J 243 -15.98 -156.33 19.72
N ILE J 244 -16.10 -155.27 20.51
CA ILE J 244 -16.30 -155.42 21.94
C ILE J 244 -17.68 -154.88 22.32
N PHE J 245 -18.54 -155.79 22.74
CA PHE J 245 -19.89 -155.44 23.12
C PHE J 245 -20.05 -155.30 24.63
N LYS J 246 -20.76 -154.24 25.04
CA LYS J 246 -21.03 -154.00 26.45
C LYS J 246 -22.50 -154.35 26.74
N ILE J 247 -22.68 -155.38 27.56
CA ILE J 247 -24.03 -155.80 27.91
C ILE J 247 -24.32 -155.45 29.36
N THR J 248 -25.33 -154.59 29.54
CA THR J 248 -25.75 -154.13 30.86
C THR J 248 -27.22 -154.53 31.05
N GLU J 249 -27.55 -155.20 32.16
CA GLU J 249 -28.93 -155.57 32.37
C GLU J 249 -29.62 -154.65 33.36
N LYS J 250 -30.72 -154.05 32.91
CA LYS J 250 -31.50 -153.12 33.72
C LYS J 250 -32.99 -153.52 33.73
N SER J 292 -33.48 -160.24 33.91
CA SER J 292 -33.71 -158.85 33.55
C SER J 292 -33.31 -158.62 32.09
N ASN J 293 -34.03 -157.74 31.41
CA ASN J 293 -33.71 -157.43 30.02
C ASN J 293 -32.33 -156.83 29.88
N LEU J 294 -31.57 -157.34 28.91
CA LEU J 294 -30.20 -156.92 28.63
C LEU J 294 -30.13 -155.77 27.63
N GLN J 295 -29.33 -154.77 27.98
CA GLN J 295 -29.13 -153.60 27.13
C GLN J 295 -27.77 -153.80 26.44
N VAL J 296 -27.74 -153.67 25.12
CA VAL J 296 -26.48 -153.89 24.41
C VAL J 296 -25.91 -152.66 23.69
N GLU J 297 -24.63 -152.42 23.90
CA GLU J 297 -23.87 -151.31 23.29
C GLU J 297 -22.70 -151.89 22.50
N LEU J 298 -22.13 -151.09 21.62
CA LEU J 298 -20.96 -151.50 20.87
C LEU J 298 -19.87 -150.57 21.35
N LEU J 299 -19.07 -151.01 22.32
CA LEU J 299 -18.00 -150.15 22.84
C LEU J 299 -16.94 -149.83 21.80
N SER J 300 -16.14 -150.83 21.46
CA SER J 300 -15.08 -150.66 20.48
C SER J 300 -15.29 -151.53 19.27
N GLU J 301 -14.60 -151.16 18.20
CA GLU J 301 -14.64 -151.89 16.95
C GLU J 301 -13.29 -151.58 16.35
N HIS J 302 -12.52 -152.62 16.05
CA HIS J 302 -11.20 -152.41 15.48
C HIS J 302 -10.98 -153.25 14.24
N ASP J 303 -10.28 -152.66 13.26
CA ASP J 303 -9.98 -153.31 11.98
C ASP J 303 -8.47 -153.44 11.77
N ASP J 304 -7.69 -153.03 12.76
CA ASP J 304 -6.22 -153.09 12.69
C ASP J 304 -5.67 -154.34 12.02
N HIS J 305 -6.38 -155.45 12.14
CA HIS J 305 -5.90 -156.69 11.55
C HIS J 305 -5.93 -156.80 10.04
N ASN J 306 -6.87 -156.11 9.39
CA ASN J 306 -7.01 -156.17 7.93
C ASN J 306 -6.95 -157.63 7.54
N GLY J 307 -8.07 -158.31 7.76
CA GLY J 307 -8.16 -159.72 7.45
C GLY J 307 -8.85 -160.37 8.63
N GLU J 308 -9.23 -161.63 8.47
CA GLU J 308 -9.92 -162.35 9.52
C GLU J 308 -9.23 -162.32 10.87
N VAL J 309 -10.00 -162.02 11.91
CA VAL J 309 -9.51 -162.00 13.27
C VAL J 309 -9.95 -163.38 13.73
N TRP J 310 -9.01 -164.32 13.79
CA TRP J 310 -9.32 -165.70 14.14
C TRP J 310 -9.51 -166.04 15.61
N SER J 311 -8.80 -165.34 16.48
CA SER J 311 -8.88 -165.64 17.90
C SER J 311 -8.91 -164.43 18.81
N VAL J 312 -9.88 -164.44 19.71
CA VAL J 312 -10.04 -163.37 20.67
C VAL J 312 -10.12 -163.99 22.05
N SER J 313 -9.24 -163.59 22.95
CA SER J 313 -9.24 -164.13 24.31
C SER J 313 -9.10 -163.03 25.36
N TRP J 314 -9.53 -163.34 26.58
CA TRP J 314 -9.43 -162.38 27.67
C TRP J 314 -8.48 -162.76 28.78
N ASN J 315 -8.09 -161.71 29.49
CA ASN J 315 -7.19 -161.76 30.63
C ASN J 315 -7.85 -162.65 31.70
N LEU J 316 -7.15 -162.87 32.81
CA LEU J 316 -7.73 -163.64 33.92
C LEU J 316 -8.72 -162.72 34.64
N THR J 317 -8.31 -161.46 34.74
CA THR J 317 -9.08 -160.41 35.40
C THR J 317 -9.93 -159.65 34.39
N GLY J 318 -9.85 -160.05 33.11
CA GLY J 318 -10.63 -159.35 32.10
C GLY J 318 -10.18 -157.91 31.98
N THR J 319 -8.88 -157.71 32.15
CA THR J 319 -8.29 -156.39 32.07
C THR J 319 -7.64 -156.16 30.71
N ILE J 320 -7.19 -157.27 30.12
CA ILE J 320 -6.53 -157.25 28.81
C ILE J 320 -7.27 -158.16 27.80
N LEU J 321 -7.39 -157.68 26.56
CA LEU J 321 -8.05 -158.46 25.51
C LEU J 321 -7.04 -158.77 24.40
N SER J 322 -7.15 -159.96 23.81
CA SER J 322 -6.22 -160.33 22.75
C SER J 322 -6.91 -160.69 21.42
N SER J 323 -6.28 -160.31 20.32
CA SER J 323 -6.78 -160.58 18.97
C SER J 323 -5.64 -161.06 18.06
N ALA J 324 -5.92 -162.08 17.25
CA ALA J 324 -4.95 -162.66 16.31
C ALA J 324 -5.63 -162.85 14.96
N GLY J 325 -4.87 -162.71 13.88
CA GLY J 325 -5.46 -162.87 12.57
C GLY J 325 -4.54 -163.19 11.41
N ASP J 326 -5.05 -163.00 10.19
CA ASP J 326 -4.34 -163.24 8.94
C ASP J 326 -3.02 -162.50 8.88
N ASP J 327 -3.06 -161.22 9.25
CA ASP J 327 -1.88 -160.37 9.23
C ASP J 327 -0.73 -160.95 10.05
N GLY J 328 -0.96 -162.11 10.65
CA GLY J 328 0.08 -162.77 11.43
C GLY J 328 0.55 -162.00 12.64
N LYS J 329 -0.37 -161.27 13.25
CA LYS J 329 -0.04 -160.47 14.42
C LYS J 329 -1.03 -160.70 15.54
N VAL J 330 -0.58 -160.42 16.76
CA VAL J 330 -1.41 -160.52 17.94
C VAL J 330 -1.37 -159.14 18.60
N ARG J 331 -2.54 -158.55 18.84
CA ARG J 331 -2.59 -157.25 19.48
C ARG J 331 -3.26 -157.41 20.85
N LEU J 332 -2.86 -156.58 21.79
CA LEU J 332 -3.42 -156.60 23.15
C LEU J 332 -4.09 -155.27 23.39
N TRP J 333 -5.28 -155.34 24.01
CA TRP J 333 -6.06 -154.13 24.28
C TRP J 333 -6.52 -153.97 25.73
N LYS J 334 -6.36 -152.77 26.27
CA LYS J 334 -6.82 -152.46 27.62
C LYS J 334 -7.91 -151.43 27.38
N ALA J 335 -8.68 -151.10 28.42
CA ALA J 335 -9.73 -150.10 28.25
C ALA J 335 -9.27 -148.76 28.86
N THR J 336 -9.70 -147.65 28.27
CA THR J 336 -9.33 -146.35 28.79
C THR J 336 -10.30 -145.93 29.89
N TYR J 337 -10.08 -144.75 30.45
CA TYR J 337 -10.95 -144.25 31.50
C TYR J 337 -12.39 -144.10 31.01
N SER J 338 -12.57 -143.89 29.70
CA SER J 338 -13.90 -143.71 29.10
C SER J 338 -14.43 -145.01 28.52
N ASN J 339 -13.71 -146.08 28.79
CA ASN J 339 -14.06 -147.41 28.35
C ASN J 339 -13.93 -147.73 26.86
N GLU J 340 -13.16 -146.93 26.11
CA GLU J 340 -12.92 -147.26 24.72
C GLU J 340 -11.66 -148.08 24.87
N PHE J 341 -11.42 -149.00 23.94
CA PHE J 341 -10.21 -149.82 24.04
C PHE J 341 -9.09 -149.29 23.16
N LYS J 342 -7.89 -149.30 23.70
CA LYS J 342 -6.70 -148.83 23.02
C LYS J 342 -5.85 -150.07 22.88
N CYS J 343 -4.96 -150.10 21.89
CA CYS J 343 -4.08 -151.24 21.73
C CYS J 343 -2.82 -150.90 22.49
N MSE J 344 -2.43 -151.75 23.44
CA MSE J 344 -1.24 -151.48 24.24
C MSE J 344 0.07 -152.09 23.70
O MSE J 344 1.15 -151.60 23.99
CB MSE J 344 -1.46 -151.92 25.70
CG MSE J 344 -1.84 -153.39 25.82
SE MSE J 344 -1.72 -154.06 27.65
CE MSE J 344 0.20 -154.42 27.74
N SER J 345 -0.05 -153.16 22.92
CA SER J 345 1.15 -153.78 22.36
C SER J 345 0.81 -154.71 21.20
N VAL J 346 1.78 -154.94 20.32
CA VAL J 346 1.57 -155.80 19.15
C VAL J 346 2.69 -156.80 18.93
N ILE J 347 2.37 -158.08 19.10
CA ILE J 347 3.35 -159.14 18.89
C ILE J 347 3.18 -159.69 17.47
N THR J 348 4.26 -159.64 16.70
CA THR J 348 4.28 -160.09 15.31
C THR J 348 4.66 -161.54 15.20
N ALA J 349 4.61 -162.07 13.98
CA ALA J 349 4.97 -163.46 13.71
C ALA J 349 5.65 -163.49 12.36
N GLN J 350 5.57 -162.37 11.64
CA GLN J 350 6.17 -162.25 10.32
C GLN J 350 7.67 -162.20 10.47
N GLN J 351 8.34 -162.86 9.53
CA GLN J 351 9.79 -162.96 9.48
C GLN J 351 10.35 -161.64 8.99
N LYS K 39 -4.80 -105.72 11.11
CA LYS K 39 -3.63 -105.57 12.03
C LYS K 39 -2.50 -106.51 11.61
N ARG K 40 -1.32 -105.96 11.35
CA ARG K 40 -0.17 -106.77 10.95
C ARG K 40 0.98 -106.53 11.95
N ASP K 41 2.17 -107.11 11.69
CA ASP K 41 3.34 -106.93 12.56
C ASP K 41 4.69 -107.23 11.86
N PRO K 42 5.78 -106.56 12.29
CA PRO K 42 7.12 -106.74 11.70
C PRO K 42 8.17 -107.29 12.68
N VAL K 43 8.42 -108.60 12.64
CA VAL K 43 9.39 -109.26 13.53
C VAL K 43 9.40 -108.65 14.96
N SER K 44 8.24 -108.70 15.62
CA SER K 44 8.07 -108.18 16.99
C SER K 44 6.94 -108.97 17.64
N GLY K 45 5.93 -109.28 16.86
CA GLY K 45 4.79 -110.02 17.38
C GLY K 45 3.83 -109.03 18.03
N ALA K 46 3.86 -107.79 17.54
CA ALA K 46 2.98 -106.71 18.05
C ALA K 46 1.99 -106.28 16.95
N ILE K 47 1.43 -105.09 17.05
CA ILE K 47 0.47 -104.63 16.04
C ILE K 47 1.07 -103.52 15.19
N LEU K 48 1.25 -103.75 13.90
CA LEU K 48 1.80 -102.71 13.04
C LEU K 48 0.70 -101.84 12.43
N VAL K 49 0.84 -100.54 12.67
CA VAL K 49 -0.12 -99.56 12.22
C VAL K 49 0.50 -98.33 11.56
N PRO K 50 -0.22 -97.72 10.61
CA PRO K 50 0.18 -96.55 9.85
C PRO K 50 -0.06 -95.26 10.63
N MSE K 51 1.02 -94.57 10.97
CA MSE K 51 0.92 -93.30 11.70
C MSE K 51 0.00 -92.34 10.96
O MSE K 51 -0.54 -91.40 11.54
CB MSE K 51 2.28 -92.67 11.86
CG MSE K 51 2.25 -91.43 12.69
SE MSE K 51 3.92 -90.57 12.58
CE MSE K 51 4.98 -92.01 13.33
N THR K 52 -0.18 -92.58 9.67
CA THR K 52 -1.05 -91.76 8.84
C THR K 52 -1.52 -92.60 7.68
N VAL K 53 -2.57 -92.14 7.01
CA VAL K 53 -3.10 -92.87 5.87
C VAL K 53 -2.47 -92.36 4.57
N ASN K 54 -2.63 -91.07 4.33
CA ASN K 54 -2.07 -90.48 3.12
C ASN K 54 -0.78 -89.76 3.35
N ASP K 55 -0.74 -88.88 4.36
CA ASP K 55 0.44 -88.08 4.59
C ASP K 55 1.58 -88.54 5.50
N GLN K 56 2.21 -89.67 5.17
CA GLN K 56 3.34 -90.20 5.95
C GLN K 56 4.68 -89.71 5.38
N PRO K 57 5.52 -89.12 6.24
CA PRO K 57 6.85 -88.52 6.03
C PRO K 57 8.14 -89.35 5.90
N ILE K 58 8.06 -90.61 5.49
CA ILE K 58 9.31 -91.38 5.35
C ILE K 58 9.30 -92.35 4.17
N GLU K 59 10.35 -92.25 3.36
CA GLU K 59 10.52 -93.10 2.19
C GLU K 59 11.79 -93.91 2.45
N LYS K 60 11.77 -95.20 2.14
CA LYS K 60 12.91 -96.08 2.39
C LYS K 60 14.27 -95.53 1.93
N ASN K 61 14.36 -95.13 0.66
CA ASN K 61 15.60 -94.62 0.07
C ASN K 61 16.16 -93.39 0.79
N GLY K 62 15.30 -92.42 1.11
CA GLY K 62 15.77 -91.23 1.80
C GLY K 62 16.58 -91.59 3.03
N ASP K 63 17.13 -90.57 3.67
CA ASP K 63 17.96 -90.74 4.88
C ASP K 63 17.27 -91.47 6.03
N LYS K 64 18.06 -91.80 7.05
CA LYS K 64 17.54 -92.42 8.26
C LYS K 64 17.34 -91.16 9.08
N MSE K 65 16.19 -91.01 9.71
CA MSE K 65 15.93 -89.78 10.43
C MSE K 65 15.56 -89.87 11.89
O MSE K 65 15.24 -90.95 12.39
CB MSE K 65 14.83 -89.03 9.69
CG MSE K 65 15.16 -88.80 8.25
SE MSE K 65 13.84 -87.66 7.54
CE MSE K 65 15.03 -86.19 6.99
N PRO K 66 15.63 -88.73 12.59
CA PRO K 66 15.32 -88.62 14.02
C PRO K 66 13.81 -88.53 14.27
N LEU K 67 13.17 -89.68 14.37
CA LEU K 67 11.75 -89.69 14.64
C LEU K 67 11.61 -89.64 16.15
N LYS K 68 10.79 -88.71 16.63
CA LYS K 68 10.56 -88.55 18.04
C LYS K 68 9.07 -88.70 18.34
N PHE K 69 8.74 -89.31 19.48
CA PHE K 69 7.34 -89.53 19.85
C PHE K 69 7.12 -89.30 21.34
N LYS K 70 6.12 -88.46 21.65
CA LYS K 70 5.77 -88.16 23.04
C LYS K 70 4.37 -88.67 23.39
N LEU K 71 4.28 -89.53 24.41
CA LEU K 71 2.98 -90.05 24.82
C LEU K 71 2.26 -88.91 25.53
N GLY K 72 1.00 -88.69 25.20
CA GLY K 72 0.25 -87.61 25.83
C GLY K 72 -0.59 -87.99 27.04
N PRO K 73 -0.97 -86.99 27.85
CA PRO K 73 -1.79 -87.27 29.03
C PRO K 73 -3.12 -87.90 28.61
N LEU K 74 -3.42 -87.78 27.32
CA LEU K 74 -4.63 -88.32 26.73
C LEU K 74 -4.34 -89.46 25.76
N SER K 75 -4.74 -90.69 26.11
CA SER K 75 -4.52 -91.88 25.28
C SER K 75 -4.74 -91.63 23.80
N TYR K 76 -5.82 -90.93 23.50
CA TYR K 76 -6.20 -90.62 22.12
C TYR K 76 -5.51 -89.38 21.55
N GLN K 77 -4.61 -88.79 22.33
CA GLN K 77 -3.93 -87.58 21.88
C GLN K 77 -2.42 -87.58 22.16
N ASN K 78 -1.67 -88.24 21.30
CA ASN K 78 -0.23 -88.29 21.46
C ASN K 78 0.39 -87.41 20.37
N MSE K 79 1.69 -87.55 20.13
CA MSE K 79 2.38 -86.74 19.13
C MSE K 79 3.73 -87.27 18.67
O MSE K 79 4.58 -87.63 19.49
CB MSE K 79 2.58 -85.31 19.66
CG MSE K 79 2.88 -84.27 18.59
SE MSE K 79 1.26 -83.80 17.61
CE MSE K 79 0.48 -82.64 18.91
N ALA K 80 3.89 -87.31 17.36
CA ALA K 80 5.12 -87.74 16.73
C ALA K 80 5.60 -86.57 15.87
N PHE K 81 6.92 -86.42 15.77
CA PHE K 81 7.51 -85.36 14.98
C PHE K 81 8.93 -85.76 14.59
N ILE K 82 9.54 -84.99 13.71
CA ILE K 82 10.90 -85.29 13.27
C ILE K 82 11.84 -84.08 13.32
N THR K 83 13.02 -84.32 13.87
CA THR K 83 14.01 -83.28 13.97
C THR K 83 14.89 -83.43 12.72
N ALA K 84 14.45 -82.78 11.65
CA ALA K 84 15.18 -82.84 10.38
C ALA K 84 14.72 -81.68 9.52
N LYS K 85 15.50 -81.36 8.48
CA LYS K 85 15.12 -80.27 7.60
C LYS K 85 13.95 -80.59 6.70
N ASP K 86 13.12 -79.57 6.48
CA ASP K 86 11.94 -79.66 5.65
C ASP K 86 10.93 -80.67 6.14
N LYS K 87 11.04 -81.00 7.43
CA LYS K 87 10.14 -81.95 8.10
C LYS K 87 9.56 -81.23 9.33
N TYR K 88 8.67 -80.27 9.08
CA TYR K 88 8.10 -79.47 10.15
C TYR K 88 6.62 -79.70 10.42
N LYS K 89 6.16 -80.91 10.15
CA LYS K 89 4.76 -81.24 10.42
C LYS K 89 4.70 -82.01 11.73
N LEU K 90 3.61 -81.83 12.46
CA LEU K 90 3.42 -82.54 13.72
C LEU K 90 2.36 -83.60 13.48
N TYR K 91 2.64 -84.82 13.94
CA TYR K 91 1.75 -85.97 13.73
C TYR K 91 0.99 -86.46 14.96
N PRO K 92 -0.23 -85.94 15.17
CA PRO K 92 -0.97 -86.42 16.33
C PRO K 92 -1.32 -87.90 16.11
N VAL K 93 -0.88 -88.75 17.03
CA VAL K 93 -1.10 -90.19 16.93
C VAL K 93 -1.92 -90.69 18.10
N ARG K 94 -2.79 -91.66 17.88
CA ARG K 94 -3.53 -92.18 19.02
C ARG K 94 -3.21 -93.65 19.19
N ILE K 95 -3.08 -94.06 20.45
CA ILE K 95 -2.75 -95.43 20.76
C ILE K 95 -3.61 -96.46 20.05
N PRO K 96 -2.95 -97.43 19.40
CA PRO K 96 -3.59 -98.52 18.64
C PRO K 96 -4.64 -99.28 19.45
N ARG K 97 -5.82 -99.40 18.84
CA ARG K 97 -6.94 -100.13 19.44
C ARG K 97 -7.54 -99.47 20.69
N LEU K 98 -7.44 -98.16 20.77
CA LEU K 98 -7.99 -97.43 21.91
C LEU K 98 -9.51 -97.41 21.74
N ASP K 99 -10.26 -97.49 22.84
CA ASP K 99 -11.73 -97.44 22.75
C ASP K 99 -12.31 -96.18 23.40
N THR K 100 -12.83 -95.30 22.55
CA THR K 100 -13.40 -94.03 22.99
C THR K 100 -14.89 -94.07 22.82
N SER K 101 -15.39 -95.15 22.22
CA SER K 101 -16.82 -95.28 21.99
C SER K 101 -17.67 -95.10 23.25
N LYS K 102 -18.93 -94.72 23.02
CA LYS K 102 -19.88 -94.53 24.09
C LYS K 102 -20.26 -95.92 24.58
N GLU K 103 -20.41 -96.85 23.63
CA GLU K 103 -20.76 -98.23 23.95
C GLU K 103 -19.80 -98.79 25.00
N PHE K 104 -18.53 -98.44 24.87
CA PHE K 104 -17.55 -98.94 25.80
C PHE K 104 -17.74 -98.33 27.18
N SER K 105 -17.80 -97.00 27.29
CA SER K 105 -17.94 -96.37 28.61
C SER K 105 -19.23 -96.80 29.28
N ALA K 106 -20.15 -97.31 28.47
CA ALA K 106 -21.40 -97.79 29.01
C ALA K 106 -21.08 -99.18 29.55
N TYR K 107 -20.38 -99.94 28.72
CA TYR K 107 -19.97 -101.29 29.07
C TYR K 107 -19.12 -101.31 30.34
N VAL K 108 -18.20 -100.36 30.43
CA VAL K 108 -17.34 -100.28 31.60
C VAL K 108 -18.18 -99.96 32.85
N SER K 109 -19.05 -98.95 32.76
CA SER K 109 -19.91 -98.58 33.88
C SER K 109 -20.74 -99.79 34.31
N GLY K 110 -21.39 -100.42 33.33
CA GLY K 110 -22.21 -101.59 33.58
C GLY K 110 -21.49 -102.73 34.31
N LEU K 111 -20.23 -102.95 33.97
CA LEU K 111 -19.47 -104.01 34.63
C LEU K 111 -19.06 -103.57 36.00
N PHE K 112 -18.89 -102.26 36.20
CA PHE K 112 -18.50 -101.74 37.51
C PHE K 112 -19.62 -101.92 38.52
N GLU K 113 -20.85 -101.87 38.03
CA GLU K 113 -21.99 -102.08 38.90
C GLU K 113 -21.84 -103.48 39.43
N ILE K 114 -21.97 -104.45 38.54
CA ILE K 114 -21.86 -105.85 38.89
C ILE K 114 -20.73 -106.11 39.87
N TYR K 115 -19.69 -105.29 39.80
CA TYR K 115 -18.53 -105.42 40.69
C TYR K 115 -18.82 -104.95 42.12
N ARG K 116 -19.15 -103.67 42.29
CA ARG K 116 -19.41 -103.16 43.63
C ARG K 116 -20.63 -103.81 44.27
N ASP K 117 -21.53 -104.30 43.44
CA ASP K 117 -22.74 -104.95 43.94
C ASP K 117 -22.46 -106.33 44.54
N LEU K 118 -21.34 -106.93 44.18
CA LEU K 118 -21.01 -108.23 44.75
C LEU K 118 -20.60 -108.06 46.19
N GLY K 119 -20.50 -106.81 46.63
CA GLY K 119 -20.14 -106.53 48.00
C GLY K 119 -19.00 -107.39 48.50
N ASP K 120 -19.23 -108.12 49.59
CA ASP K 120 -18.18 -108.98 50.14
C ASP K 120 -17.99 -110.24 49.30
N ASP K 121 -18.97 -110.54 48.46
CA ASP K 121 -18.87 -111.73 47.61
C ASP K 121 -17.85 -111.54 46.49
N ARG K 122 -17.21 -110.37 46.45
CA ARG K 122 -16.20 -110.13 45.45
C ARG K 122 -14.98 -110.97 45.82
N VAL K 123 -14.84 -111.27 47.12
CA VAL K 123 -13.70 -112.07 47.58
C VAL K 123 -14.15 -113.50 47.91
N PHE K 124 -13.21 -114.35 48.31
CA PHE K 124 -13.52 -115.73 48.62
C PHE K 124 -12.98 -116.17 49.99
N ASN K 125 -13.88 -116.58 50.88
CA ASN K 125 -13.49 -117.03 52.21
C ASN K 125 -13.57 -118.54 52.36
N VAL K 126 -12.57 -119.07 53.07
CA VAL K 126 -12.42 -120.49 53.36
C VAL K 126 -12.69 -120.75 54.86
N ASN K 133 -22.58 -121.10 58.92
CA ASN K 133 -21.53 -120.80 57.97
C ASN K 133 -21.19 -122.00 57.08
N SER K 134 -22.21 -122.72 56.63
CA SER K 134 -22.04 -123.88 55.74
C SER K 134 -22.73 -123.61 54.40
N ASN K 135 -23.72 -122.72 54.43
CA ASN K 135 -24.47 -122.28 53.25
C ASN K 135 -23.76 -121.03 52.72
N PHE K 136 -22.85 -120.50 53.54
CA PHE K 136 -22.09 -119.33 53.15
C PHE K 136 -21.43 -119.71 51.83
N ALA K 137 -21.03 -120.98 51.75
CA ALA K 137 -20.41 -121.53 50.55
C ALA K 137 -21.45 -121.63 49.44
N LYS K 138 -22.57 -122.27 49.74
CA LYS K 138 -23.64 -122.43 48.77
C LYS K 138 -24.20 -121.12 48.24
N GLU K 139 -24.38 -120.14 49.13
CA GLU K 139 -24.92 -118.84 48.75
C GLU K 139 -23.92 -117.99 47.99
N HIS K 140 -22.65 -118.12 48.38
CA HIS K 140 -21.58 -117.38 47.71
C HIS K 140 -21.61 -117.76 46.25
N ASN K 141 -21.45 -119.05 45.97
CA ASN K 141 -21.47 -119.57 44.61
C ASN K 141 -22.68 -119.06 43.86
N ALA K 142 -23.85 -119.15 44.48
CA ALA K 142 -25.08 -118.70 43.84
C ALA K 142 -25.03 -117.24 43.37
N THR K 143 -24.59 -116.33 44.24
CA THR K 143 -24.53 -114.91 43.87
C THR K 143 -23.41 -114.63 42.87
N VAL K 144 -22.39 -115.48 42.86
CA VAL K 144 -21.28 -115.31 41.93
C VAL K 144 -21.69 -115.83 40.55
N ASN K 145 -22.19 -117.06 40.49
CA ASN K 145 -22.61 -117.64 39.21
C ASN K 145 -23.64 -116.73 38.55
N LEU K 146 -24.18 -115.81 39.35
CA LEU K 146 -25.18 -114.85 38.89
C LEU K 146 -24.51 -113.63 38.30
N ALA K 147 -23.44 -113.17 38.96
CA ALA K 147 -22.70 -112.02 38.49
C ALA K 147 -22.10 -112.41 37.14
N MSE K 148 -21.80 -113.70 36.98
CA MSE K 148 -21.20 -114.23 35.75
C MSE K 148 -22.19 -114.12 34.61
O MSE K 148 -21.81 -113.82 33.49
CB MSE K 148 -20.79 -115.70 35.94
CG MSE K 148 -20.22 -116.39 34.68
SE MSE K 148 -18.60 -115.61 33.94
CE MSE K 148 -19.39 -114.85 32.33
N GLU K 149 -23.45 -114.39 34.91
CA GLU K 149 -24.48 -114.28 33.90
C GLU K 149 -24.68 -112.81 33.59
N ALA K 150 -24.46 -111.98 34.63
CA ALA K 150 -24.58 -110.53 34.52
C ALA K 150 -23.56 -109.99 33.53
N ILE K 151 -22.33 -110.47 33.68
CA ILE K 151 -21.22 -110.09 32.81
C ILE K 151 -21.53 -110.52 31.38
N LEU K 152 -21.76 -111.82 31.19
CA LEU K 152 -22.11 -112.31 29.86
C LEU K 152 -23.12 -111.40 29.18
N ASN K 153 -24.12 -110.95 29.93
CA ASN K 153 -25.13 -110.05 29.38
C ASN K 153 -24.53 -108.71 28.96
N GLU K 154 -23.88 -108.03 29.90
CA GLU K 154 -23.26 -106.75 29.62
C GLU K 154 -22.46 -106.84 28.34
N LEU K 155 -21.75 -107.95 28.19
CA LEU K 155 -20.91 -108.18 27.02
C LEU K 155 -21.70 -108.46 25.75
N GLU K 156 -22.83 -109.17 25.89
CA GLU K 156 -23.63 -109.48 24.73
C GLU K 156 -24.26 -108.20 24.22
N VAL K 157 -24.61 -107.32 25.16
CA VAL K 157 -25.21 -106.02 24.83
C VAL K 157 -24.22 -105.16 24.09
N PHE K 158 -23.01 -105.09 24.63
CA PHE K 158 -21.92 -104.33 24.04
C PHE K 158 -21.70 -104.84 22.61
N ILE K 159 -21.50 -106.15 22.51
CA ILE K 159 -21.31 -106.83 21.22
C ILE K 159 -22.39 -106.42 20.24
N GLY K 160 -23.64 -106.47 20.69
CA GLY K 160 -24.75 -106.10 19.83
C GLY K 160 -24.69 -104.66 19.33
N ARG K 161 -24.30 -103.73 20.22
CA ARG K 161 -24.22 -102.32 19.88
C ARG K 161 -23.08 -102.02 18.93
N VAL K 162 -22.00 -102.79 19.05
CA VAL K 162 -20.87 -102.59 18.19
C VAL K 162 -21.20 -103.06 16.79
N LYS K 163 -22.08 -104.04 16.71
CA LYS K 163 -22.50 -104.58 15.43
C LYS K 163 -23.29 -103.55 14.61
N ASP K 164 -24.14 -102.78 15.28
CA ASP K 164 -24.97 -101.76 14.63
C ASP K 164 -24.18 -100.59 14.03
N GLN K 165 -22.96 -100.40 14.52
CA GLN K 165 -22.11 -99.33 14.01
C GLN K 165 -21.18 -99.84 12.90
N ASP K 166 -20.87 -98.97 11.95
CA ASP K 166 -20.00 -99.33 10.82
C ASP K 166 -18.52 -99.30 11.15
N GLY K 167 -18.18 -98.63 12.25
CA GLY K 167 -16.79 -98.57 12.66
C GLY K 167 -16.15 -99.94 12.69
N ARG K 168 -14.85 -99.99 12.99
CA ARG K 168 -14.08 -101.23 13.02
C ARG K 168 -14.81 -102.44 13.58
N VAL K 169 -15.16 -103.34 12.67
CA VAL K 169 -15.83 -104.59 12.98
C VAL K 169 -14.70 -105.55 13.40
N ASN K 170 -13.48 -105.04 13.35
CA ASN K 170 -12.34 -105.81 13.82
C ASN K 170 -12.62 -105.96 15.33
N ARG K 171 -13.30 -104.97 15.90
CA ARG K 171 -13.65 -104.94 17.33
C ARG K 171 -14.75 -105.93 17.65
N PHE K 172 -15.73 -105.99 16.75
CA PHE K 172 -16.85 -106.92 16.91
C PHE K 172 -16.32 -108.34 17.01
N TYR K 173 -15.38 -108.68 16.11
CA TYR K 173 -14.78 -110.00 16.10
C TYR K 173 -14.10 -110.29 17.45
N GLU K 174 -13.14 -109.44 17.83
CA GLU K 174 -12.44 -109.62 19.10
C GLU K 174 -13.40 -109.83 20.28
N LEU K 175 -14.50 -109.07 20.31
CA LEU K 175 -15.45 -109.17 21.40
C LEU K 175 -16.17 -110.49 21.40
N GLU K 176 -16.62 -110.93 20.22
CA GLU K 176 -17.33 -112.20 20.12
C GLU K 176 -16.47 -113.35 20.61
N GLU K 177 -15.20 -113.32 20.24
CA GLU K 177 -14.27 -114.37 20.67
C GLU K 177 -14.24 -114.40 22.19
N SER K 178 -14.18 -113.22 22.81
CA SER K 178 -14.16 -113.11 24.26
C SER K 178 -15.39 -113.79 24.83
N LEU K 179 -16.56 -113.45 24.31
CA LEU K 179 -17.80 -114.04 24.78
C LEU K 179 -17.76 -115.56 24.71
N THR K 180 -17.28 -116.09 23.58
CA THR K 180 -17.22 -117.55 23.44
C THR K 180 -16.36 -118.15 24.54
N VAL K 181 -15.21 -117.55 24.78
CA VAL K 181 -14.32 -118.04 25.82
C VAL K 181 -15.01 -118.01 27.18
N LEU K 182 -15.77 -116.94 27.46
CA LEU K 182 -16.50 -116.83 28.73
C LEU K 182 -17.62 -117.84 28.74
N ASN K 183 -18.31 -117.98 27.61
CA ASN K 183 -19.39 -118.94 27.49
C ASN K 183 -18.88 -120.34 27.87
N CYS K 184 -17.64 -120.64 27.51
CA CYS K 184 -17.05 -121.92 27.86
C CYS K 184 -16.79 -121.94 29.37
N LEU K 185 -16.11 -120.88 29.83
CA LEU K 185 -15.77 -120.72 31.24
C LEU K 185 -17.00 -120.91 32.14
N ARG K 186 -18.08 -120.26 31.76
CA ARG K 186 -19.30 -120.35 32.54
C ARG K 186 -19.77 -121.78 32.60
N THR K 187 -19.99 -122.38 31.44
CA THR K 187 -20.44 -123.77 31.38
C THR K 187 -19.61 -124.71 32.25
N MSE K 188 -18.28 -124.59 32.17
CA MSE K 188 -17.40 -125.45 32.92
C MSE K 188 -17.17 -125.14 34.41
O MSE K 188 -16.75 -126.01 35.15
CB MSE K 188 -16.05 -125.54 32.21
CG MSE K 188 -16.15 -126.06 30.79
SE MSE K 188 -16.96 -127.82 30.63
CE MSE K 188 -15.55 -128.89 31.43
N TYR K 189 -17.44 -123.92 34.86
CA TYR K 189 -17.19 -123.62 36.26
C TYR K 189 -18.22 -122.79 37.03
N PHE K 190 -19.17 -122.19 36.31
CA PHE K 190 -20.18 -121.34 36.97
C PHE K 190 -21.62 -121.87 36.87
N ILE K 191 -21.75 -123.19 36.90
CA ILE K 191 -23.05 -123.82 36.84
C ILE K 191 -23.13 -124.99 37.82
N LEU K 192 -22.17 -125.90 37.76
CA LEU K 192 -22.20 -127.07 38.65
C LEU K 192 -21.38 -126.97 39.92
N ASP K 193 -20.65 -125.87 40.09
CA ASP K 193 -19.82 -125.67 41.28
C ASP K 193 -19.15 -126.93 41.81
N GLY K 194 -18.16 -127.43 41.09
CA GLY K 194 -17.47 -128.63 41.54
C GLY K 194 -18.29 -129.91 41.57
N GLN K 195 -19.56 -129.82 41.15
CA GLN K 195 -20.44 -130.98 41.11
C GLN K 195 -20.36 -131.67 39.75
N ASP K 196 -21.36 -132.48 39.44
CA ASP K 196 -21.38 -133.17 38.18
C ASP K 196 -22.65 -132.81 37.43
N VAL K 197 -22.64 -133.00 36.11
CA VAL K 197 -23.78 -132.69 35.26
C VAL K 197 -25.08 -133.23 35.86
N GLU K 198 -24.99 -134.15 36.81
CA GLU K 198 -26.23 -134.66 37.35
C GLU K 198 -26.96 -133.70 38.27
N GLU K 199 -26.21 -132.83 38.94
CA GLU K 199 -26.80 -131.84 39.84
C GLU K 199 -27.76 -130.91 39.11
N ASN K 200 -27.28 -130.26 38.06
CA ASN K 200 -28.11 -129.35 37.29
C ASN K 200 -27.97 -129.65 35.80
N ARG K 201 -28.70 -130.64 35.30
CA ARG K 201 -28.61 -130.99 33.89
C ARG K 201 -29.10 -129.92 32.92
N SER K 202 -30.31 -129.41 33.11
CA SER K 202 -30.84 -128.39 32.19
C SER K 202 -29.96 -127.15 32.06
N GLU K 203 -29.47 -126.60 33.16
CA GLU K 203 -28.64 -125.41 33.10
C GLU K 203 -27.34 -125.67 32.36
N PHE K 204 -26.77 -126.84 32.60
CA PHE K 204 -25.50 -127.25 31.99
C PHE K 204 -25.64 -127.48 30.50
N ILE K 205 -26.45 -128.47 30.13
CA ILE K 205 -26.65 -128.79 28.73
C ILE K 205 -27.09 -127.57 27.94
N GLU K 206 -27.91 -126.72 28.54
CA GLU K 206 -28.38 -125.54 27.84
C GLU K 206 -27.22 -124.59 27.57
N SER K 207 -26.35 -124.46 28.56
CA SER K 207 -25.19 -123.58 28.45
C SER K 207 -24.13 -124.14 27.49
N LEU K 208 -23.93 -125.46 27.55
CA LEU K 208 -22.97 -126.16 26.69
C LEU K 208 -23.38 -125.96 25.24
N LEU K 209 -24.64 -126.26 24.93
CA LEU K 209 -25.15 -126.10 23.57
C LEU K 209 -25.05 -124.66 23.11
N ASN K 210 -25.10 -123.72 24.06
CA ASN K 210 -25.00 -122.32 23.69
C ASN K 210 -23.59 -122.02 23.24
N TRP K 211 -22.62 -122.33 24.10
CA TRP K 211 -21.20 -122.12 23.79
C TRP K 211 -20.81 -122.70 22.43
N ILE K 212 -21.18 -123.95 22.19
CA ILE K 212 -20.90 -124.65 20.94
C ILE K 212 -21.50 -123.96 19.71
N ASN K 213 -22.81 -123.76 19.70
CA ASN K 213 -23.47 -123.13 18.56
C ASN K 213 -23.41 -121.61 18.56
N ARG K 214 -22.30 -121.07 19.03
CA ARG K 214 -22.09 -119.64 19.08
C ARG K 214 -20.61 -119.32 18.92
N SER K 215 -19.82 -120.38 18.78
CA SER K 215 -18.37 -120.22 18.59
C SER K 215 -18.09 -119.92 17.12
N ASP K 216 -18.64 -120.77 16.25
CA ASP K 216 -18.52 -120.63 14.80
C ASP K 216 -19.92 -120.69 14.25
N GLY K 217 -20.18 -119.91 13.20
CA GLY K 217 -21.51 -119.89 12.62
C GLY K 217 -22.01 -121.21 12.07
N GLU K 218 -21.09 -122.13 11.80
CA GLU K 218 -21.44 -123.43 11.23
C GLU K 218 -22.19 -124.43 12.08
N PRO K 219 -22.99 -125.29 11.44
CA PRO K 219 -23.17 -125.30 9.97
C PRO K 219 -24.10 -124.18 9.52
N ASP K 220 -23.54 -123.16 8.89
CA ASP K 220 -24.32 -122.01 8.41
C ASP K 220 -25.37 -122.43 7.37
N GLU K 221 -26.56 -121.85 7.47
CA GLU K 221 -27.64 -122.17 6.54
C GLU K 221 -27.23 -122.02 5.08
N GLU K 222 -26.17 -121.26 4.85
CA GLU K 222 -25.69 -121.07 3.49
C GLU K 222 -25.18 -122.41 2.99
N TYR K 223 -24.44 -123.13 3.84
CA TYR K 223 -23.90 -124.44 3.45
C TYR K 223 -25.00 -125.50 3.39
N ILE K 224 -25.98 -125.39 4.29
CA ILE K 224 -27.08 -126.35 4.30
C ILE K 224 -27.77 -126.39 2.95
N GLU K 225 -27.84 -125.25 2.26
CA GLU K 225 -28.50 -125.25 0.97
C GLU K 225 -27.57 -125.40 -0.21
N GLN K 226 -26.33 -125.77 0.08
CA GLN K 226 -25.33 -126.04 -0.93
C GLN K 226 -25.36 -127.56 -1.02
N VAL K 227 -25.97 -128.18 -0.01
CA VAL K 227 -26.10 -129.63 0.08
C VAL K 227 -27.44 -130.10 -0.47
N PHE K 228 -28.28 -129.17 -0.90
CA PHE K 228 -29.60 -129.56 -1.41
C PHE K 228 -29.96 -129.08 -2.82
N SER K 229 -28.98 -128.55 -3.58
CA SER K 229 -29.25 -128.08 -4.94
C SER K 229 -29.79 -129.17 -5.87
N VAL K 230 -29.06 -130.27 -6.01
CA VAL K 230 -29.47 -131.40 -6.85
C VAL K 230 -29.10 -132.73 -6.19
N LYS K 237 -27.46 -139.68 -7.38
CA LYS K 237 -28.87 -139.42 -7.65
C LYS K 237 -29.53 -138.73 -6.45
N LYS K 238 -29.99 -139.54 -5.51
CA LYS K 238 -30.66 -139.07 -4.29
C LYS K 238 -29.68 -138.44 -3.29
N VAL K 239 -30.21 -137.66 -2.34
CA VAL K 239 -29.36 -137.01 -1.36
C VAL K 239 -29.10 -137.88 -0.12
N PHE K 240 -29.43 -139.16 -0.18
CA PHE K 240 -29.17 -140.07 0.95
C PHE K 240 -27.97 -140.90 0.56
N GLU K 241 -27.59 -140.77 -0.70
CA GLU K 241 -26.48 -141.53 -1.24
C GLU K 241 -25.21 -140.68 -1.16
N THR K 242 -25.39 -139.46 -0.66
CA THR K 242 -24.29 -138.51 -0.49
C THR K 242 -23.75 -138.65 0.92
N GLN K 243 -22.43 -138.75 1.05
CA GLN K 243 -21.87 -138.84 2.39
C GLN K 243 -22.02 -137.45 3.02
N TYR K 244 -22.08 -136.46 2.14
CA TYR K 244 -22.27 -135.05 2.52
C TYR K 244 -23.52 -134.87 3.36
N PHE K 245 -24.56 -135.66 3.06
CA PHE K 245 -25.80 -135.56 3.80
C PHE K 245 -25.65 -136.05 5.22
N TRP K 246 -25.16 -137.27 5.38
CA TRP K 246 -24.99 -137.84 6.69
C TRP K 246 -23.97 -137.11 7.55
N LYS K 247 -22.86 -136.67 6.97
CA LYS K 247 -21.86 -135.94 7.74
C LYS K 247 -22.53 -134.70 8.32
N LEU K 248 -23.43 -134.10 7.53
CA LEU K 248 -24.16 -132.90 7.93
C LEU K 248 -25.22 -133.25 8.97
N LEU K 249 -25.87 -134.40 8.78
CA LEU K 249 -26.92 -134.84 9.70
C LEU K 249 -26.31 -135.17 11.04
N ASN K 250 -25.25 -135.97 11.04
CA ASN K 250 -24.58 -136.36 12.27
C ASN K 250 -23.95 -135.15 12.92
N GLN K 251 -23.56 -134.17 12.10
CA GLN K 251 -22.94 -132.96 12.63
C GLN K 251 -23.95 -132.17 13.43
N LEU K 252 -25.17 -132.11 12.91
CA LEU K 252 -26.21 -131.39 13.62
C LEU K 252 -26.52 -132.10 14.93
N VAL K 253 -26.49 -133.43 14.91
CA VAL K 253 -26.76 -134.24 16.09
C VAL K 253 -25.72 -133.98 17.17
N LEU K 254 -24.45 -134.06 16.80
CA LEU K 254 -23.36 -133.85 17.73
C LEU K 254 -23.43 -132.48 18.40
N ARG K 255 -23.96 -131.49 17.67
CA ARG K 255 -24.09 -130.13 18.18
C ARG K 255 -25.38 -129.88 18.94
N GLY K 256 -26.21 -130.91 19.05
CA GLY K 256 -27.46 -130.78 19.78
C GLY K 256 -28.54 -130.06 19.00
N LEU K 257 -28.28 -129.75 17.74
CA LEU K 257 -29.23 -129.06 16.88
C LEU K 257 -30.25 -130.05 16.31
N LEU K 258 -30.94 -130.76 17.19
CA LEU K 258 -31.91 -131.75 16.77
C LEU K 258 -33.07 -131.15 15.97
N SER K 259 -33.53 -129.98 16.38
CA SER K 259 -34.63 -129.32 15.68
C SER K 259 -34.31 -129.30 14.21
N GLN K 260 -33.15 -128.75 13.91
CA GLN K 260 -32.69 -128.67 12.53
C GLN K 260 -32.45 -130.04 11.93
N ALA K 261 -31.83 -130.91 12.72
CA ALA K 261 -31.52 -132.27 12.28
C ALA K 261 -32.73 -132.97 11.67
N ILE K 262 -33.80 -133.04 12.46
CA ILE K 262 -35.02 -133.68 11.99
C ILE K 262 -35.47 -133.01 10.70
N GLY K 263 -35.31 -131.68 10.65
CA GLY K 263 -35.70 -130.94 9.47
C GLY K 263 -35.03 -131.42 8.20
N CYS K 264 -33.75 -131.76 8.30
CA CYS K 264 -32.99 -132.23 7.14
C CYS K 264 -33.49 -133.58 6.62
N ILE K 265 -33.87 -134.46 7.54
CA ILE K 265 -34.37 -135.77 7.18
C ILE K 265 -35.71 -135.57 6.45
N GLU K 266 -36.58 -134.77 7.07
CA GLU K 266 -37.88 -134.47 6.50
C GLU K 266 -37.69 -133.53 5.33
N ARG K 267 -36.82 -133.88 4.40
CA ARG K 267 -36.63 -133.03 3.25
C ARG K 267 -36.34 -133.92 2.06
N SER K 268 -36.01 -135.18 2.33
CA SER K 268 -35.71 -136.09 1.25
C SER K 268 -36.19 -137.54 1.38
N ASP K 269 -35.24 -138.41 1.73
CA ASP K 269 -35.42 -139.86 1.83
C ASP K 269 -36.34 -140.53 2.87
N LEU K 270 -36.83 -139.80 3.86
CA LEU K 270 -37.67 -140.45 4.86
C LEU K 270 -38.98 -141.05 4.35
N LEU K 271 -39.87 -140.17 3.92
CA LEU K 271 -41.19 -140.58 3.45
C LEU K 271 -41.25 -141.31 2.11
N PRO K 272 -40.25 -141.08 1.23
CA PRO K 272 -40.35 -141.79 -0.04
C PRO K 272 -39.53 -143.07 -0.18
N TYR K 273 -38.22 -142.92 -0.29
CA TYR K 273 -37.37 -144.09 -0.48
C TYR K 273 -37.62 -145.15 0.57
N LEU K 274 -37.76 -144.73 1.83
CA LEU K 274 -37.99 -145.70 2.89
C LEU K 274 -39.39 -146.29 2.84
N SER K 275 -40.39 -145.48 3.16
CA SER K 275 -41.78 -145.95 3.16
C SER K 275 -42.13 -146.89 2.01
N ASP K 276 -41.46 -146.70 0.86
CA ASP K 276 -41.71 -147.54 -0.32
C ASP K 276 -40.79 -148.76 -0.40
N THR K 277 -39.47 -148.51 -0.46
CA THR K 277 -38.49 -149.59 -0.56
C THR K 277 -38.57 -150.59 0.60
N CYS K 278 -38.00 -150.22 1.74
CA CYS K 278 -37.97 -151.08 2.92
C CYS K 278 -38.86 -150.54 4.04
N ALA K 279 -39.75 -151.40 4.54
CA ALA K 279 -40.66 -150.99 5.60
C ALA K 279 -39.99 -151.16 6.98
N VAL K 280 -39.07 -152.10 7.07
CA VAL K 280 -38.37 -152.36 8.33
C VAL K 280 -37.60 -151.13 8.79
N SER K 281 -36.78 -150.60 7.89
CA SER K 281 -35.95 -149.43 8.18
C SER K 281 -36.77 -148.14 8.23
N PHE K 282 -37.91 -148.10 7.55
CA PHE K 282 -38.72 -146.90 7.61
C PHE K 282 -39.02 -146.66 9.08
N ASP K 283 -39.51 -147.69 9.76
CA ASP K 283 -39.84 -147.59 11.17
C ASP K 283 -38.66 -147.15 11.99
N ALA K 284 -37.52 -147.81 11.80
CA ALA K 284 -36.32 -147.45 12.54
C ALA K 284 -36.02 -145.95 12.42
N VAL K 285 -35.84 -145.49 11.17
CA VAL K 285 -35.52 -144.08 10.92
C VAL K 285 -36.54 -143.10 11.46
N SER K 286 -37.81 -143.48 11.45
CA SER K 286 -38.84 -142.59 11.94
C SER K 286 -38.99 -142.52 13.47
N ASP K 287 -39.11 -143.66 14.15
CA ASP K 287 -39.25 -143.61 15.61
C ASP K 287 -37.91 -143.29 16.28
N SER K 288 -36.91 -143.02 15.44
CA SER K 288 -35.60 -142.63 15.94
C SER K 288 -35.73 -141.10 15.91
N ILE K 289 -36.36 -140.59 14.86
CA ILE K 289 -36.61 -139.16 14.72
C ILE K 289 -37.44 -138.76 15.91
N GLU K 290 -38.34 -139.65 16.30
CA GLU K 290 -39.21 -139.42 17.44
C GLU K 290 -38.36 -139.28 18.70
N LEU K 291 -37.37 -140.15 18.85
CA LEU K 291 -36.48 -140.12 20.00
C LEU K 291 -35.73 -138.79 20.07
N LEU K 292 -35.39 -138.24 18.92
CA LEU K 292 -34.68 -136.97 18.88
C LEU K 292 -35.60 -135.87 19.37
N LYS K 293 -36.85 -135.90 18.91
CA LYS K 293 -37.85 -134.91 19.32
C LYS K 293 -38.00 -134.83 20.82
N GLN K 294 -37.53 -135.87 21.52
CA GLN K 294 -37.67 -135.90 22.96
C GLN K 294 -36.37 -136.16 23.75
N TYR K 295 -35.25 -135.65 23.25
CA TYR K 295 -33.98 -135.82 23.94
C TYR K 295 -34.04 -135.12 25.32
N PRO K 296 -33.93 -135.90 26.41
CA PRO K 296 -33.98 -135.45 27.81
C PRO K 296 -32.99 -134.33 28.16
N LYS K 297 -33.49 -133.10 28.28
CA LYS K 297 -32.62 -131.98 28.62
C LYS K 297 -32.71 -131.56 30.08
N ASP K 298 -33.70 -132.08 30.80
CA ASP K 298 -33.90 -131.70 32.20
C ASP K 298 -33.64 -132.77 33.24
N SER K 299 -34.07 -133.99 32.94
CA SER K 299 -33.92 -135.11 33.86
C SER K 299 -32.75 -136.02 33.51
N SER K 300 -31.87 -136.26 34.48
CA SER K 300 -30.72 -137.14 34.28
C SER K 300 -31.23 -138.58 34.22
N SER K 301 -32.41 -138.79 34.78
CA SER K 301 -33.06 -140.10 34.83
C SER K 301 -33.69 -140.38 33.47
N THR K 302 -34.46 -139.42 32.96
CA THR K 302 -35.11 -139.58 31.66
C THR K 302 -34.05 -139.88 30.59
N PHE K 303 -32.84 -139.40 30.82
CA PHE K 303 -31.77 -139.64 29.87
C PHE K 303 -31.48 -141.14 29.83
N ARG K 304 -31.10 -141.69 30.97
CA ARG K 304 -30.78 -143.12 31.09
C ARG K 304 -31.85 -143.95 30.39
N GLU K 305 -33.11 -143.64 30.67
CA GLU K 305 -34.20 -144.36 30.06
C GLU K 305 -34.14 -144.08 28.56
N TRP K 306 -33.89 -142.83 28.22
CA TRP K 306 -33.81 -142.41 26.82
C TRP K 306 -32.72 -143.18 26.08
N LYS K 307 -31.51 -143.16 26.62
CA LYS K 307 -30.40 -143.86 25.99
C LYS K 307 -30.69 -145.36 25.86
N ASN K 308 -31.48 -145.89 26.78
CA ASN K 308 -31.82 -147.30 26.73
C ASN K 308 -32.66 -147.57 25.50
N LEU K 309 -33.66 -146.72 25.27
CA LEU K 309 -34.54 -146.87 24.12
C LEU K 309 -33.76 -146.67 22.82
N VAL K 310 -32.80 -145.75 22.86
CA VAL K 310 -31.98 -145.48 21.70
C VAL K 310 -31.18 -146.74 21.37
N LEU K 311 -30.49 -147.30 22.38
CA LEU K 311 -29.69 -148.52 22.19
C LEU K 311 -30.54 -149.75 21.86
N LYS K 312 -31.76 -149.78 22.40
CA LYS K 312 -32.67 -150.88 22.14
C LYS K 312 -33.03 -150.83 20.65
N LEU K 313 -33.25 -149.61 20.16
CA LEU K 313 -33.61 -149.36 18.77
C LEU K 313 -32.50 -149.78 17.83
N SER K 314 -31.28 -149.35 18.12
CA SER K 314 -30.16 -149.69 17.27
C SER K 314 -29.87 -151.18 17.29
N GLN K 315 -30.13 -151.85 18.42
CA GLN K 315 -29.87 -153.29 18.47
C GLN K 315 -30.86 -154.02 17.55
N ALA K 316 -32.11 -153.55 17.55
CA ALA K 316 -33.15 -154.14 16.71
C ALA K 316 -32.80 -153.98 15.24
N PHE K 317 -32.63 -152.74 14.81
CA PHE K 317 -32.27 -152.44 13.42
C PHE K 317 -30.98 -153.16 13.06
N GLY K 318 -29.98 -153.00 13.92
CA GLY K 318 -28.67 -153.61 13.71
C GLY K 318 -28.69 -155.03 13.18
N SER K 319 -29.70 -155.80 13.57
CA SER K 319 -29.82 -157.18 13.11
C SER K 319 -31.23 -157.37 12.56
N SER K 320 -31.42 -156.97 11.31
CA SER K 320 -32.74 -157.08 10.69
C SER K 320 -32.73 -157.04 9.15
N ALA K 321 -33.92 -156.96 8.56
CA ALA K 321 -34.12 -156.92 7.10
C ALA K 321 -33.56 -155.70 6.38
N THR K 322 -32.58 -155.94 5.51
CA THR K 322 -31.96 -154.88 4.73
C THR K 322 -32.50 -154.86 3.30
N ASP K 323 -33.64 -154.20 3.12
CA ASP K 323 -34.25 -154.09 1.81
C ASP K 323 -33.79 -152.79 1.13
N ILE K 324 -32.73 -152.19 1.67
CA ILE K 324 -32.18 -150.95 1.12
C ILE K 324 -30.72 -151.12 0.72
N SER K 325 -30.18 -150.09 0.08
CA SER K 325 -28.78 -150.08 -0.39
C SER K 325 -27.81 -150.67 0.63
N GLY K 326 -26.68 -151.15 0.13
CA GLY K 326 -25.69 -151.69 1.04
C GLY K 326 -25.12 -150.47 1.75
N GLU K 327 -25.02 -149.36 1.03
CA GLU K 327 -24.49 -148.12 1.58
C GLU K 327 -25.47 -147.45 2.51
N LEU K 328 -26.69 -147.21 2.01
CA LEU K 328 -27.71 -146.56 2.82
C LEU K 328 -27.89 -147.30 4.15
N ARG K 329 -27.67 -148.60 4.11
CA ARG K 329 -27.80 -149.45 5.28
C ARG K 329 -26.88 -148.93 6.38
N ASP K 330 -25.58 -148.91 6.08
CA ASP K 330 -24.57 -148.45 7.01
C ASP K 330 -24.81 -147.01 7.44
N TYR K 331 -25.08 -146.13 6.48
CA TYR K 331 -25.33 -144.73 6.79
C TYR K 331 -26.32 -144.53 7.94
N ILE K 332 -27.27 -145.43 8.06
CA ILE K 332 -28.26 -145.34 9.10
C ILE K 332 -27.78 -145.97 10.41
N GLU K 333 -26.92 -146.97 10.30
CA GLU K 333 -26.37 -147.62 11.49
C GLU K 333 -25.40 -146.66 12.15
N ASP K 334 -24.71 -145.89 11.33
CA ASP K 334 -23.75 -144.91 11.83
C ASP K 334 -24.53 -143.79 12.48
N PHE K 335 -25.67 -143.44 11.88
CA PHE K 335 -26.52 -142.40 12.43
C PHE K 335 -27.02 -142.85 13.80
N LEU K 336 -27.45 -144.11 13.88
CA LEU K 336 -27.96 -144.69 15.12
C LEU K 336 -26.89 -144.91 16.16
N LEU K 337 -25.65 -145.10 15.74
CA LEU K 337 -24.55 -145.29 16.68
C LEU K 337 -24.15 -143.97 17.32
N VAL K 338 -24.16 -142.90 16.53
CA VAL K 338 -23.80 -141.58 17.05
C VAL K 338 -24.76 -141.17 18.16
N ILE K 339 -26.04 -141.39 17.93
CA ILE K 339 -27.05 -141.06 18.92
C ILE K 339 -26.88 -141.92 20.17
N GLY K 340 -26.48 -143.17 19.97
CA GLY K 340 -26.28 -144.09 21.07
C GLY K 340 -25.09 -143.70 21.94
N GLY K 341 -24.07 -143.13 21.32
CA GLY K 341 -22.92 -142.72 22.08
C GLY K 341 -21.63 -143.45 21.73
N ASN K 342 -21.65 -144.29 20.70
CA ASN K 342 -20.42 -144.99 20.33
C ASN K 342 -19.33 -143.96 20.08
N GLN K 343 -18.37 -143.91 20.98
CA GLN K 343 -17.26 -142.96 20.86
C GLN K 343 -16.63 -143.03 19.48
N ARG K 344 -16.30 -144.26 19.07
CA ARG K 344 -15.69 -144.52 17.77
C ARG K 344 -16.32 -143.63 16.69
N LYS K 345 -17.64 -143.76 16.57
CA LYS K 345 -18.43 -143.02 15.59
C LYS K 345 -18.61 -141.51 15.89
N ILE K 346 -18.70 -141.15 17.16
CA ILE K 346 -18.83 -139.74 17.52
C ILE K 346 -17.66 -138.98 16.97
N LEU K 347 -16.45 -139.48 17.23
CA LEU K 347 -15.25 -138.85 16.74
C LEU K 347 -15.26 -138.80 15.23
N GLN K 348 -15.74 -139.87 14.61
CA GLN K 348 -15.78 -139.97 13.15
C GLN K 348 -16.47 -138.78 12.46
N TYR K 349 -17.73 -138.52 12.83
CA TYR K 349 -18.46 -137.42 12.21
C TYR K 349 -18.24 -136.06 12.85
N SER K 350 -17.14 -135.92 13.57
CA SER K 350 -16.81 -134.66 14.21
C SER K 350 -15.79 -133.95 13.35
N ARG K 351 -16.09 -132.68 13.08
CA ARG K 351 -15.25 -131.82 12.26
C ARG K 351 -14.23 -131.03 13.09
N THR K 352 -14.55 -130.75 14.35
CA THR K 352 -13.66 -130.03 15.28
C THR K 352 -13.63 -130.74 16.63
N TRP K 353 -12.60 -130.45 17.44
CA TRP K 353 -12.49 -131.09 18.76
C TRP K 353 -13.70 -130.80 19.67
N TYR K 354 -14.30 -129.63 19.53
CA TYR K 354 -15.43 -129.30 20.37
C TYR K 354 -16.73 -129.98 19.97
N GLU K 355 -16.82 -130.44 18.73
CA GLU K 355 -18.03 -131.15 18.33
C GLU K 355 -17.95 -132.54 18.95
N SER K 356 -16.73 -133.09 19.03
CA SER K 356 -16.51 -134.40 19.63
C SER K 356 -16.88 -134.31 21.10
N PHE K 357 -16.36 -133.26 21.76
CA PHE K 357 -16.58 -133.01 23.18
C PHE K 357 -18.06 -132.87 23.50
N CYS K 358 -18.74 -132.01 22.76
CA CYS K 358 -20.16 -131.79 22.98
C CYS K 358 -20.94 -133.07 22.87
N GLY K 359 -20.62 -133.88 21.85
CA GLY K 359 -21.31 -135.15 21.64
C GLY K 359 -21.11 -136.19 22.73
N PHE K 360 -19.88 -136.36 23.19
CA PHE K 360 -19.58 -137.31 24.25
C PHE K 360 -20.51 -137.04 25.45
N LEU K 361 -20.61 -135.78 25.82
CA LEU K 361 -21.44 -135.36 26.94
C LEU K 361 -22.91 -135.57 26.62
N LEU K 362 -23.30 -135.23 25.40
CA LEU K 362 -24.69 -135.36 24.99
C LEU K 362 -25.19 -136.78 24.80
N TYR K 363 -24.38 -137.66 24.21
CA TYR K 363 -24.84 -139.02 23.94
C TYR K 363 -24.15 -140.18 24.66
N TYR K 364 -22.86 -140.04 24.94
CA TYR K 364 -22.15 -141.12 25.63
C TYR K 364 -22.45 -141.10 27.12
N ILE K 365 -21.62 -140.37 27.87
CA ILE K 365 -21.80 -140.28 29.31
C ILE K 365 -21.69 -138.82 29.80
N PRO K 366 -22.78 -138.28 30.34
CA PRO K 366 -22.77 -136.90 30.82
C PRO K 366 -22.17 -136.81 32.23
N SER K 367 -20.85 -136.82 32.31
CA SER K 367 -20.14 -136.74 33.59
C SER K 367 -18.82 -136.02 33.42
N LEU K 368 -18.67 -134.85 34.04
CA LEU K 368 -17.41 -134.13 33.90
C LEU K 368 -16.21 -134.84 34.53
N GLU K 369 -16.39 -136.11 34.88
CA GLU K 369 -15.32 -136.91 35.45
C GLU K 369 -14.49 -137.43 34.27
N LEU K 370 -15.09 -137.39 33.08
CA LEU K 370 -14.42 -137.86 31.88
C LEU K 370 -14.04 -136.68 31.01
N SER K 371 -14.33 -135.47 31.45
CA SER K 371 -14.01 -134.27 30.67
C SER K 371 -12.58 -134.31 30.11
N ALA K 372 -11.62 -134.68 30.96
CA ALA K 372 -10.22 -134.75 30.53
C ALA K 372 -10.04 -135.81 29.44
N GLU K 373 -10.59 -137.00 29.68
CA GLU K 373 -10.51 -138.11 28.74
C GLU K 373 -11.22 -137.74 27.42
N TYR K 374 -12.32 -137.02 27.53
CA TYR K 374 -13.08 -136.59 26.36
C TYR K 374 -12.24 -135.64 25.53
N LEU K 375 -11.68 -134.63 26.20
CA LEU K 375 -10.87 -133.65 25.52
C LEU K 375 -9.78 -134.35 24.71
N GLN K 376 -9.06 -135.27 25.34
CA GLN K 376 -7.99 -135.97 24.66
C GLN K 376 -8.45 -136.72 23.42
N MSE K 377 -9.53 -137.49 23.53
CA MSE K 377 -10.03 -138.24 22.36
C MSE K 377 -10.35 -137.25 21.25
O MSE K 377 -10.01 -137.47 20.08
CB MSE K 377 -11.31 -139.01 22.71
CG MSE K 377 -11.19 -139.94 23.89
SE MSE K 377 -12.55 -141.30 23.81
CE MSE K 377 -11.42 -142.77 23.29
N SER K 378 -11.03 -136.17 21.63
CA SER K 378 -11.44 -135.13 20.69
C SER K 378 -10.29 -134.43 20.00
N LEU K 379 -9.23 -134.16 20.74
CA LEU K 379 -8.05 -133.49 20.20
C LEU K 379 -7.21 -134.39 19.29
N GLU K 380 -7.22 -135.70 19.53
CA GLU K 380 -6.47 -136.63 18.68
C GLU K 380 -7.19 -136.64 17.33
N ALA K 381 -8.53 -136.70 17.39
CA ALA K 381 -9.35 -136.72 16.19
C ALA K 381 -9.16 -135.45 15.34
N ASN K 382 -9.21 -134.27 15.98
CA ASN K 382 -9.03 -133.00 15.28
C ASN K 382 -8.29 -132.07 16.19
N VAL K 383 -7.11 -131.64 15.76
CA VAL K 383 -6.29 -130.74 16.57
C VAL K 383 -6.94 -129.38 16.77
N VAL K 384 -6.30 -128.56 17.60
CA VAL K 384 -6.76 -127.22 17.91
C VAL K 384 -6.44 -126.28 16.75
N ASP K 385 -7.43 -125.51 16.32
CA ASP K 385 -7.25 -124.56 15.23
C ASP K 385 -6.66 -123.27 15.80
N ILE K 386 -5.41 -122.95 15.46
CA ILE K 386 -4.81 -121.74 16.00
C ILE K 386 -5.28 -120.44 15.33
N THR K 387 -6.12 -120.57 14.30
CA THR K 387 -6.67 -119.42 13.59
C THR K 387 -7.31 -118.44 14.55
N ASN K 388 -8.26 -118.96 15.33
CA ASN K 388 -9.03 -118.18 16.30
C ASN K 388 -8.54 -118.28 17.74
N ASP K 389 -8.28 -117.11 18.31
CA ASP K 389 -7.79 -116.96 19.67
C ASP K 389 -8.60 -117.65 20.77
N TRP K 390 -9.82 -118.09 20.46
CA TRP K 390 -10.65 -118.71 21.47
C TRP K 390 -10.51 -120.19 21.71
N GLU K 391 -10.37 -120.97 20.63
CA GLU K 391 -10.26 -122.42 20.78
C GLU K 391 -9.27 -122.89 21.85
N GLN K 392 -8.07 -122.35 21.91
CA GLN K 392 -7.11 -122.78 22.92
C GLN K 392 -7.56 -122.44 24.35
N PRO K 393 -7.90 -121.17 24.62
CA PRO K 393 -8.35 -120.81 25.97
C PRO K 393 -9.47 -121.71 26.48
N CYS K 394 -10.21 -122.32 25.57
CA CYS K 394 -11.30 -123.23 25.94
C CYS K 394 -10.73 -124.61 26.31
N VAL K 395 -9.72 -125.05 25.57
CA VAL K 395 -9.09 -126.32 25.85
C VAL K 395 -8.47 -126.16 27.23
N ASP K 396 -7.95 -124.96 27.51
CA ASP K 396 -7.32 -124.66 28.80
C ASP K 396 -8.32 -124.67 29.96
N ILE K 397 -9.52 -124.19 29.68
CA ILE K 397 -10.57 -124.17 30.68
C ILE K 397 -10.90 -125.63 30.96
N ILE K 398 -11.52 -126.28 29.98
CA ILE K 398 -11.91 -127.68 30.09
C ILE K 398 -10.85 -128.59 30.69
N SER K 399 -9.59 -128.14 30.70
CA SER K 399 -8.53 -128.99 31.25
C SER K 399 -8.00 -128.51 32.59
N GLY K 400 -8.58 -127.45 33.12
CA GLY K 400 -8.10 -127.00 34.41
C GLY K 400 -7.32 -125.71 34.47
N LYS K 401 -6.14 -125.68 33.87
CA LYS K 401 -5.34 -124.45 33.91
C LYS K 401 -6.14 -123.27 33.34
N ILE K 402 -6.72 -122.49 34.26
CA ILE K 402 -7.53 -121.34 33.89
C ILE K 402 -6.78 -120.03 33.78
N HIS K 403 -5.72 -119.89 34.54
CA HIS K 403 -4.93 -118.66 34.50
C HIS K 403 -4.45 -118.31 33.08
N SER K 404 -4.11 -119.34 32.31
CA SER K 404 -3.60 -119.17 30.94
C SER K 404 -4.66 -118.73 29.91
N ILE K 405 -5.82 -118.34 30.42
CA ILE K 405 -6.90 -117.86 29.57
C ILE K 405 -6.88 -116.31 29.63
N LEU K 406 -6.36 -115.78 30.74
CA LEU K 406 -6.32 -114.34 30.95
C LEU K 406 -5.53 -113.54 29.93
N PRO K 407 -4.23 -113.86 29.77
CA PRO K 407 -3.43 -113.10 28.81
C PRO K 407 -4.17 -112.94 27.47
N VAL K 408 -4.65 -114.06 26.93
CA VAL K 408 -5.37 -114.05 25.66
C VAL K 408 -6.51 -113.04 25.67
N MSE K 409 -7.30 -113.04 26.74
CA MSE K 409 -8.45 -112.14 26.85
C MSE K 409 -8.04 -110.71 27.13
O MSE K 409 -8.79 -109.78 26.85
CB MSE K 409 -9.38 -112.60 27.95
CG MSE K 409 -9.94 -113.96 27.69
SE MSE K 409 -11.32 -114.26 28.90
CE MSE K 409 -12.78 -113.49 27.93
N GLU K 410 -6.85 -110.54 27.69
CA GLU K 410 -6.35 -109.20 27.96
C GLU K 410 -6.02 -108.61 26.60
N SER K 411 -5.77 -109.49 25.63
CA SER K 411 -5.44 -109.07 24.29
C SER K 411 -6.67 -108.69 23.49
N LEU K 412 -7.73 -109.44 23.65
CA LEU K 412 -8.96 -109.16 22.92
C LEU K 412 -9.60 -107.90 23.47
N ASP K 413 -9.65 -107.80 24.80
CA ASP K 413 -10.22 -106.64 25.49
C ASP K 413 -9.70 -106.60 26.93
N SER K 414 -8.90 -105.58 27.23
CA SER K 414 -8.34 -105.40 28.57
C SER K 414 -9.44 -105.41 29.66
N CYS K 415 -10.54 -104.73 29.36
CA CYS K 415 -11.68 -104.63 30.29
C CYS K 415 -12.28 -105.98 30.68
N THR K 416 -12.85 -106.69 29.71
CA THR K 416 -13.45 -107.99 29.95
C THR K 416 -12.51 -108.92 30.72
N ALA K 417 -11.25 -108.89 30.33
CA ALA K 417 -10.22 -109.71 30.96
C ALA K 417 -10.10 -109.42 32.45
N ALA K 418 -10.11 -108.14 32.80
CA ALA K 418 -9.99 -107.76 34.19
C ALA K 418 -11.15 -108.30 35.02
N PHE K 419 -12.36 -108.09 34.55
CA PHE K 419 -13.50 -108.57 35.29
C PHE K 419 -13.63 -110.08 35.24
N THR K 420 -13.04 -110.70 34.22
CA THR K 420 -13.14 -112.16 34.14
C THR K 420 -12.25 -112.74 35.22
N ALA K 421 -11.15 -112.08 35.49
CA ALA K 421 -10.24 -112.57 36.51
C ALA K 421 -10.88 -112.34 37.86
N MSE K 422 -11.50 -111.17 38.00
CA MSE K 422 -12.17 -110.81 39.23
C MSE K 422 -13.20 -111.86 39.63
O MSE K 422 -13.20 -112.33 40.77
CB MSE K 422 -12.85 -109.43 39.05
CG MSE K 422 -13.61 -108.92 40.26
SE MSE K 422 -15.28 -109.78 40.52
CE MSE K 422 -16.32 -109.03 39.06
N ILE K 423 -14.06 -112.24 38.68
CA ILE K 423 -15.08 -113.23 38.96
C ILE K 423 -14.48 -114.62 39.21
N CYS K 424 -13.30 -114.87 38.65
CA CYS K 424 -12.63 -116.16 38.83
C CYS K 424 -12.00 -116.21 40.19
N GLU K 425 -11.58 -115.06 40.70
CA GLU K 425 -10.99 -115.02 42.03
C GLU K 425 -12.13 -115.18 43.03
N ALA K 426 -13.25 -114.55 42.72
CA ALA K 426 -14.42 -114.62 43.56
C ALA K 426 -14.80 -116.09 43.69
N LYS K 427 -14.96 -116.77 42.55
CA LYS K 427 -15.30 -118.19 42.54
C LYS K 427 -14.25 -119.09 43.19
N GLY K 428 -13.07 -118.52 43.43
CA GLY K 428 -11.99 -119.28 44.04
C GLY K 428 -11.27 -120.20 43.06
N LEU K 429 -11.25 -119.83 41.77
CA LEU K 429 -10.59 -120.64 40.74
C LEU K 429 -9.13 -120.25 40.60
N ILE K 430 -8.82 -119.02 40.98
CA ILE K 430 -7.47 -118.48 40.92
C ILE K 430 -7.28 -117.70 42.21
N GLU K 431 -6.07 -117.70 42.74
CA GLU K 431 -5.80 -116.96 43.98
C GLU K 431 -4.34 -116.59 44.15
N ASN K 432 -4.08 -115.43 44.74
CA ASN K 432 -2.70 -115.00 44.97
C ASN K 432 -1.95 -116.07 45.79
N ILE K 433 -0.67 -116.25 45.51
CA ILE K 433 0.15 -117.23 46.22
C ILE K 433 1.39 -116.51 46.73
N PHE K 434 1.51 -115.24 46.37
CA PHE K 434 2.67 -114.43 46.78
C PHE K 434 2.87 -114.35 48.29
N GLU K 435 4.11 -114.17 48.72
CA GLU K 435 4.44 -114.06 50.14
C GLU K 435 5.79 -113.37 50.29
N MSE K 450 10.08 -99.09 53.89
CA MSE K 450 9.31 -100.08 53.14
C MSE K 450 8.04 -99.47 52.57
O MSE K 450 6.93 -99.87 52.93
CB MSE K 450 8.97 -101.26 54.06
CG MSE K 450 8.19 -100.86 55.32
SE MSE K 450 8.13 -102.27 56.68
CE MSE K 450 8.93 -101.31 58.17
N LEU K 451 8.19 -98.50 51.67
CA LEU K 451 7.04 -97.84 51.03
C LEU K 451 6.33 -98.83 50.10
N GLU K 452 5.74 -99.87 50.69
CA GLU K 452 5.06 -100.89 49.91
C GLU K 452 3.70 -100.56 49.35
N ASP K 453 3.71 -100.09 48.11
CA ASP K 453 2.51 -99.76 47.37
C ASP K 453 2.43 -100.97 46.44
N LEU K 454 1.24 -101.36 46.03
CA LEU K 454 1.14 -102.52 45.16
C LEU K 454 0.26 -102.34 43.94
N PHE K 455 0.82 -102.84 42.86
CA PHE K 455 0.25 -102.84 41.52
C PHE K 455 1.22 -103.83 40.90
N SER K 456 1.42 -104.95 41.59
CA SER K 456 2.34 -105.96 41.13
C SER K 456 1.81 -107.35 41.37
N TYR K 457 2.67 -108.33 41.12
CA TYR K 457 2.34 -109.74 41.29
C TYR K 457 2.14 -110.01 42.77
N ARG K 458 2.43 -109.01 43.60
CA ARG K 458 2.30 -109.14 45.04
C ARG K 458 0.91 -109.50 45.49
N ASN K 459 -0.08 -108.70 45.12
CA ASN K 459 -1.44 -109.03 45.52
C ASN K 459 -1.91 -110.00 44.44
N GLY K 460 -3.16 -110.44 44.51
CA GLY K 460 -3.63 -111.41 43.53
C GLY K 460 -3.36 -111.03 42.09
N MSE K 461 -3.55 -112.00 41.18
CA MSE K 461 -3.37 -111.72 39.77
C MSE K 461 -4.53 -110.83 39.36
O MSE K 461 -4.36 -109.88 38.58
CB MSE K 461 -3.42 -113.02 38.96
CG MSE K 461 -3.81 -112.82 37.48
SE MSE K 461 -2.33 -112.42 36.25
CE MSE K 461 -1.83 -114.30 35.98
N ALA K 462 -5.71 -111.14 39.88
CA ALA K 462 -6.91 -110.37 39.57
C ALA K 462 -6.75 -108.93 40.03
N SER K 463 -6.15 -108.76 41.19
CA SER K 463 -5.92 -107.41 41.72
C SER K 463 -5.17 -106.65 40.64
N TYR K 464 -4.03 -107.21 40.25
CA TYR K 464 -3.17 -106.63 39.23
C TYR K 464 -4.00 -106.09 38.07
N MSE K 465 -4.56 -106.99 37.28
CA MSE K 465 -5.34 -106.61 36.11
C MSE K 465 -6.40 -105.54 36.33
O MSE K 465 -6.62 -104.69 35.46
CB MSE K 465 -5.97 -107.86 35.51
CG MSE K 465 -4.93 -108.95 35.26
SE MSE K 465 -5.60 -110.40 34.20
CE MSE K 465 -6.27 -109.38 32.73
N LEU K 466 -7.07 -105.57 37.48
CA LEU K 466 -8.10 -104.57 37.77
C LEU K 466 -7.47 -103.19 37.96
N ASN K 467 -6.39 -103.14 38.73
CA ASN K 467 -5.70 -101.87 38.97
C ASN K 467 -5.10 -101.38 37.66
N SER K 468 -4.65 -102.33 36.82
CA SER K 468 -4.07 -101.99 35.53
C SER K 468 -5.15 -101.29 34.72
N PHE K 469 -6.28 -101.97 34.57
CA PHE K 469 -7.39 -101.41 33.83
C PHE K 469 -7.80 -100.06 34.42
N ALA K 470 -7.65 -99.94 35.74
CA ALA K 470 -7.99 -98.70 36.43
C ALA K 470 -7.11 -97.61 35.86
N PHE K 471 -5.80 -97.82 36.00
CA PHE K 471 -4.78 -96.90 35.52
C PHE K 471 -5.00 -96.52 34.06
N GLU K 472 -5.26 -97.55 33.26
CA GLU K 472 -5.49 -97.35 31.84
C GLU K 472 -6.64 -96.39 31.61
N LEU K 473 -7.69 -96.51 32.41
CA LEU K 473 -8.86 -95.64 32.28
C LEU K 473 -8.57 -94.15 32.50
N CYS K 474 -7.59 -93.86 33.34
CA CYS K 474 -7.22 -92.49 33.62
C CYS K 474 -6.68 -91.70 32.43
N SER K 475 -6.07 -92.40 31.47
CA SER K 475 -5.52 -91.76 30.29
C SER K 475 -6.55 -91.75 29.18
N LEU K 476 -7.69 -92.39 29.40
CA LEU K 476 -8.72 -92.47 28.37
C LEU K 476 -9.47 -91.16 28.12
N GLY K 477 -9.32 -90.21 29.03
CA GLY K 477 -9.97 -88.92 28.85
C GLY K 477 -11.47 -88.88 29.02
N ASP K 478 -12.08 -89.99 29.46
CA ASP K 478 -13.53 -90.06 29.68
C ASP K 478 -13.81 -89.79 31.16
N LYS K 479 -14.35 -88.61 31.47
CA LYS K 479 -14.61 -88.26 32.86
C LYS K 479 -15.65 -89.15 33.49
N GLU K 480 -16.53 -89.69 32.66
CA GLU K 480 -17.59 -90.58 33.11
C GLU K 480 -17.03 -91.86 33.71
N LEU K 481 -15.86 -92.28 33.25
CA LEU K 481 -15.28 -93.52 33.75
C LEU K 481 -14.28 -93.28 34.87
N TRP K 482 -13.98 -92.03 35.20
CA TRP K 482 -13.02 -91.74 36.26
C TRP K 482 -13.47 -92.26 37.61
N PRO K 483 -14.80 -92.34 37.82
CA PRO K 483 -15.28 -92.85 39.10
C PRO K 483 -15.03 -94.35 39.13
N VAL K 484 -15.30 -94.99 37.99
CA VAL K 484 -15.09 -96.42 37.83
C VAL K 484 -13.61 -96.72 38.06
N ALA K 485 -12.77 -95.76 37.69
CA ALA K 485 -11.36 -95.95 37.87
C ALA K 485 -11.05 -95.89 39.35
N ILE K 486 -11.30 -94.74 39.96
CA ILE K 486 -11.01 -94.57 41.37
C ILE K 486 -11.67 -95.67 42.17
N GLY K 487 -12.86 -96.05 41.72
CA GLY K 487 -13.63 -97.10 42.38
C GLY K 487 -12.90 -98.44 42.45
N LEU K 488 -12.41 -98.90 41.31
CA LEU K 488 -11.69 -100.17 41.25
C LEU K 488 -10.52 -100.16 42.22
N ILE K 489 -9.82 -99.04 42.28
CA ILE K 489 -8.67 -98.91 43.16
C ILE K 489 -9.09 -98.93 44.62
N ALA K 490 -10.22 -98.29 44.88
CA ALA K 490 -10.78 -98.19 46.22
C ALA K 490 -11.18 -99.58 46.70
N LEU K 491 -12.12 -100.19 45.99
CA LEU K 491 -12.63 -101.51 46.33
C LEU K 491 -11.67 -102.68 46.08
N SER K 492 -10.44 -102.39 45.69
CA SER K 492 -9.46 -103.43 45.44
C SER K 492 -9.39 -104.40 46.62
N ALA K 493 -9.83 -105.63 46.37
CA ALA K 493 -9.87 -106.70 47.37
C ALA K 493 -8.67 -106.71 48.34
N THR K 494 -7.49 -106.33 47.84
CA THR K 494 -6.30 -106.32 48.68
C THR K 494 -5.58 -104.98 48.56
N GLY K 495 -4.44 -104.88 49.24
CA GLY K 495 -3.67 -103.65 49.22
C GLY K 495 -4.04 -102.71 50.37
N THR K 496 -3.02 -102.25 51.08
CA THR K 496 -3.19 -101.34 52.20
C THR K 496 -4.10 -100.16 51.88
N ARG K 497 -4.77 -99.62 52.89
CA ARG K 497 -5.63 -98.47 52.67
C ARG K 497 -4.72 -97.28 52.34
N SER K 498 -3.57 -97.23 52.98
CA SER K 498 -2.62 -96.14 52.74
C SER K 498 -1.99 -96.31 51.36
N ALA K 499 -1.94 -97.56 50.89
CA ALA K 499 -1.38 -97.85 49.58
C ALA K 499 -2.33 -97.25 48.56
N LYS K 500 -3.62 -97.48 48.78
CA LYS K 500 -4.69 -96.96 47.92
C LYS K 500 -4.77 -95.45 48.02
N LYS K 501 -4.31 -94.91 49.15
CA LYS K 501 -4.35 -93.48 49.35
C LYS K 501 -3.35 -92.81 48.43
N MSE K 502 -2.10 -93.25 48.50
CA MSE K 502 -1.03 -92.71 47.66
C MSE K 502 -1.40 -92.75 46.18
O MSE K 502 -1.25 -91.76 45.46
CB MSE K 502 0.26 -93.48 47.89
CG MSE K 502 1.12 -92.90 48.99
SE MSE K 502 2.39 -94.15 49.73
CE MSE K 502 3.94 -93.76 48.67
N VAL K 503 -1.86 -93.91 45.72
CA VAL K 503 -2.26 -94.09 44.33
C VAL K 503 -3.27 -93.03 43.90
N ILE K 504 -4.30 -92.83 44.70
CA ILE K 504 -5.34 -91.85 44.38
C ILE K 504 -4.79 -90.42 44.49
N ALA K 505 -3.87 -90.23 45.42
CA ALA K 505 -3.26 -88.93 45.62
C ALA K 505 -2.62 -88.46 44.31
N GLU K 506 -2.09 -89.39 43.52
CA GLU K 506 -1.46 -89.01 42.26
C GLU K 506 -2.39 -89.03 41.06
N LEU K 507 -3.26 -90.04 40.99
CA LEU K 507 -4.18 -90.11 39.85
C LEU K 507 -5.20 -89.00 39.79
N LEU K 508 -5.67 -88.54 40.95
CA LEU K 508 -6.72 -87.53 40.99
C LEU K 508 -6.42 -86.17 40.36
N PRO K 509 -5.26 -85.60 40.65
CA PRO K 509 -4.99 -84.30 40.03
C PRO K 509 -5.30 -84.27 38.52
N HIS K 510 -5.28 -85.45 37.91
CA HIS K 510 -5.50 -85.63 36.49
C HIS K 510 -6.96 -85.77 36.04
N TYR K 511 -7.89 -85.76 36.99
CA TYR K 511 -9.29 -85.88 36.60
C TYR K 511 -9.61 -84.75 35.64
N PRO K 512 -10.31 -85.06 34.54
CA PRO K 512 -10.70 -84.08 33.51
C PRO K 512 -11.97 -83.32 33.91
N PHE K 513 -11.94 -82.57 35.00
CA PHE K 513 -13.11 -81.85 35.47
C PHE K 513 -13.58 -80.74 34.54
N VAL K 514 -14.91 -80.67 34.35
CA VAL K 514 -15.55 -79.69 33.48
C VAL K 514 -16.56 -78.81 34.25
N THR K 515 -17.54 -79.47 34.85
CA THR K 515 -18.60 -78.83 35.63
C THR K 515 -18.20 -78.63 37.08
N ASN K 516 -19.09 -78.02 37.84
CA ASN K 516 -18.85 -77.78 39.24
C ASN K 516 -19.09 -79.11 39.93
N ASP K 517 -20.17 -79.78 39.56
CA ASP K 517 -20.52 -81.08 40.13
C ASP K 517 -19.28 -81.93 40.13
N ASP K 518 -18.55 -81.85 39.02
CA ASP K 518 -17.32 -82.62 38.87
C ASP K 518 -16.30 -82.23 39.94
N ILE K 519 -16.09 -80.94 40.13
CA ILE K 519 -15.11 -80.46 41.11
C ILE K 519 -15.48 -80.88 42.53
N GLU K 520 -16.78 -81.07 42.76
CA GLU K 520 -17.26 -81.50 44.08
C GLU K 520 -16.92 -82.97 44.27
N TRP K 521 -17.27 -83.78 43.27
CA TRP K 521 -16.99 -85.20 43.32
C TRP K 521 -15.49 -85.32 43.55
N MSE K 522 -14.76 -84.49 42.83
CA MSE K 522 -13.32 -84.48 42.91
C MSE K 522 -12.87 -84.24 44.35
O MSE K 522 -12.15 -85.06 44.93
CB MSE K 522 -12.76 -83.38 42.00
CG MSE K 522 -11.47 -83.74 41.28
SE MSE K 522 -10.59 -82.23 40.42
CE MSE K 522 -8.83 -82.59 41.13
N LEU K 523 -13.30 -83.12 44.91
CA LEU K 523 -12.94 -82.74 46.27
C LEU K 523 -13.44 -83.73 47.29
N SER K 524 -14.65 -84.25 47.07
CA SER K 524 -15.26 -85.22 47.97
C SER K 524 -14.36 -86.44 48.20
N ILE K 525 -13.52 -86.75 47.21
CA ILE K 525 -12.62 -87.88 47.30
C ILE K 525 -11.39 -87.50 48.12
N CYS K 526 -11.05 -86.22 48.11
CA CYS K 526 -9.91 -85.73 48.89
C CYS K 526 -10.30 -85.88 50.34
N VAL K 527 -11.59 -85.67 50.59
CA VAL K 527 -12.16 -85.78 51.92
C VAL K 527 -12.16 -87.25 52.31
N GLU K 528 -12.95 -88.04 51.59
CA GLU K 528 -13.06 -89.47 51.84
C GLU K 528 -11.73 -90.19 52.02
N TRP K 529 -10.64 -89.62 51.51
CA TRP K 529 -9.34 -90.26 51.64
C TRP K 529 -8.32 -89.48 52.44
N ARG K 530 -8.70 -88.28 52.86
CA ARG K 530 -7.83 -87.42 53.62
C ARG K 530 -6.66 -86.91 52.82
N LEU K 531 -6.98 -86.13 51.79
CA LEU K 531 -5.97 -85.55 50.93
C LEU K 531 -6.23 -84.03 50.84
N PRO K 532 -5.98 -83.31 51.95
CA PRO K 532 -6.16 -81.87 52.12
C PRO K 532 -5.14 -81.11 51.28
N GLU K 533 -3.91 -81.63 51.29
CA GLU K 533 -2.78 -81.10 50.53
C GLU K 533 -3.22 -80.99 49.08
N ILE K 534 -3.58 -82.13 48.50
CA ILE K 534 -4.06 -82.20 47.13
C ILE K 534 -5.18 -81.21 46.88
N ALA K 535 -6.33 -81.44 47.52
CA ALA K 535 -7.50 -80.57 47.40
C ALA K 535 -7.08 -79.11 47.58
N LYS K 536 -6.01 -78.89 48.33
CA LYS K 536 -5.52 -77.54 48.54
C LYS K 536 -5.06 -77.07 47.20
N GLU K 537 -4.17 -77.84 46.58
CA GLU K 537 -3.65 -77.53 45.27
C GLU K 537 -4.81 -77.31 44.29
N ILE K 538 -5.77 -78.25 44.23
CA ILE K 538 -6.90 -78.10 43.32
C ILE K 538 -7.51 -76.71 43.43
N TYR K 539 -7.72 -76.24 44.66
CA TYR K 539 -8.30 -74.90 44.81
C TYR K 539 -7.33 -73.90 44.21
N THR K 540 -6.05 -74.04 44.61
CA THR K 540 -5.02 -73.16 44.10
C THR K 540 -5.17 -73.08 42.61
N THR K 541 -5.13 -74.23 41.94
CA THR K 541 -5.26 -74.27 40.49
C THR K 541 -6.56 -73.60 40.04
N LEU K 542 -7.71 -74.12 40.46
CA LEU K 542 -8.98 -73.50 40.11
C LEU K 542 -8.89 -72.00 40.34
N GLY K 543 -8.27 -71.61 41.46
CA GLY K 543 -8.08 -70.22 41.78
C GLY K 543 -7.33 -69.54 40.66
N ASN K 544 -6.02 -69.77 40.61
CA ASN K 544 -5.18 -69.20 39.57
C ASN K 544 -5.89 -69.00 38.23
N GLN K 545 -6.46 -70.07 37.72
CA GLN K 545 -7.14 -70.02 36.44
C GLN K 545 -8.36 -69.09 36.32
N MSE K 546 -8.92 -68.67 37.45
CA MSE K 546 -10.04 -67.72 37.39
C MSE K 546 -9.40 -66.37 37.24
O MSE K 546 -9.68 -65.62 36.31
CB MSE K 546 -10.81 -67.65 38.67
CG MSE K 546 -11.78 -68.74 38.88
SE MSE K 546 -12.89 -68.08 40.32
CE MSE K 546 -14.41 -69.31 40.03
N LEU K 547 -8.56 -66.06 38.21
CA LEU K 547 -7.83 -64.81 38.27
C LEU K 547 -7.30 -64.41 36.89
N SER K 548 -6.90 -65.40 36.08
CA SER K 548 -6.39 -65.13 34.75
C SER K 548 -7.51 -64.83 33.75
N ALA K 549 -8.71 -65.34 34.01
CA ALA K 549 -9.84 -65.10 33.14
C ALA K 549 -10.38 -63.70 33.40
N HIS K 550 -10.41 -63.32 34.69
CA HIS K 550 -10.89 -62.00 35.11
C HIS K 550 -9.78 -60.98 34.81
N ASN K 551 -8.83 -60.90 35.73
CA ASN K 551 -7.70 -59.99 35.60
C ASN K 551 -6.90 -60.44 34.39
N TYR L 38 15.06 -149.30 23.51
CA TYR L 38 14.82 -149.90 22.17
C TYR L 38 13.46 -150.57 22.05
N LYS L 39 12.42 -149.74 22.10
CA LYS L 39 11.04 -150.21 21.98
C LYS L 39 10.39 -149.42 20.86
N ARG L 40 9.59 -150.10 20.05
CA ARG L 40 8.95 -149.44 18.93
C ARG L 40 7.43 -149.43 18.93
N ASP L 41 6.86 -148.24 19.13
CA ASP L 41 5.42 -148.07 19.10
C ASP L 41 5.20 -147.17 17.89
N PRO L 42 4.07 -147.34 17.18
CA PRO L 42 3.87 -146.46 16.02
C PRO L 42 3.52 -145.05 16.49
N VAL L 43 3.41 -144.11 15.55
CA VAL L 43 3.08 -142.73 15.92
C VAL L 43 1.76 -142.73 16.73
N SER L 44 1.15 -143.91 16.86
CA SER L 44 -0.11 -144.14 17.59
C SER L 44 0.07 -145.05 18.85
N GLY L 45 1.22 -144.87 19.50
CA GLY L 45 1.72 -145.51 20.76
C GLY L 45 1.26 -146.90 21.22
N ALA L 46 1.82 -147.96 20.63
CA ALA L 46 1.52 -149.34 21.05
C ALA L 46 2.78 -150.11 20.76
N ILE L 47 3.36 -150.80 21.74
CA ILE L 47 4.62 -151.49 21.49
C ILE L 47 4.56 -152.47 20.31
N LEU L 48 5.71 -152.70 19.69
CA LEU L 48 5.83 -153.62 18.57
C LEU L 48 6.97 -154.54 18.95
N VAL L 49 6.74 -155.85 18.87
CA VAL L 49 7.76 -156.81 19.25
C VAL L 49 7.61 -158.15 18.55
N PRO L 50 8.73 -158.86 18.40
CA PRO L 50 8.67 -160.18 17.74
C PRO L 50 8.32 -161.21 18.80
N MSE L 51 7.54 -162.20 18.38
CA MSE L 51 7.13 -163.30 19.23
C MSE L 51 8.45 -164.01 19.60
O MSE L 51 8.75 -164.24 20.77
CB MSE L 51 6.24 -164.22 18.40
CG MSE L 51 5.37 -165.14 19.16
SE MSE L 51 4.26 -166.03 17.88
CE MSE L 51 2.99 -164.64 17.52
N THR L 52 9.22 -164.29 18.57
CA THR L 52 10.50 -164.96 18.69
C THR L 52 11.57 -164.14 18.00
N VAL L 53 12.83 -164.44 18.33
CA VAL L 53 13.96 -163.74 17.73
C VAL L 53 14.37 -164.44 16.44
N ASN L 54 14.34 -165.77 16.51
CA ASN L 54 14.74 -166.60 15.40
C ASN L 54 13.76 -167.69 15.00
N ASP L 55 12.47 -167.50 15.21
CA ASP L 55 11.55 -168.55 14.82
C ASP L 55 10.22 -168.07 14.29
N GLN L 56 10.13 -166.78 13.95
CA GLN L 56 8.88 -166.25 13.40
C GLN L 56 8.32 -167.29 12.47
N PRO L 57 7.12 -167.79 12.76
CA PRO L 57 6.57 -168.82 11.86
C PRO L 57 5.89 -168.32 10.58
N ILE L 58 5.42 -167.07 10.59
CA ILE L 58 4.73 -166.53 9.42
C ILE L 58 5.59 -165.77 8.42
N GLU L 59 5.75 -166.39 7.26
CA GLU L 59 6.54 -165.91 6.14
C GLU L 59 5.97 -164.64 5.52
N LYS L 60 6.55 -163.49 5.91
CA LYS L 60 6.13 -162.16 5.44
C LYS L 60 5.60 -162.13 4.01
N ASN L 61 4.29 -162.29 3.88
CA ASN L 61 3.60 -162.28 2.59
C ASN L 61 3.72 -163.56 1.76
N GLY L 62 3.09 -164.58 2.32
CA GLY L 62 3.00 -165.89 1.70
C GLY L 62 1.54 -166.20 1.99
N ASP L 63 1.20 -167.45 2.28
CA ASP L 63 -0.19 -167.78 2.58
C ASP L 63 -0.67 -167.06 3.86
N LYS L 64 -1.89 -166.51 3.83
CA LYS L 64 -2.46 -165.83 4.99
C LYS L 64 -2.85 -166.92 5.99
N MSE L 65 -2.40 -166.81 7.25
CA MSE L 65 -2.74 -167.90 8.15
C MSE L 65 -3.54 -167.62 9.42
O MSE L 65 -3.67 -166.47 9.86
CB MSE L 65 -1.46 -168.62 8.53
CG MSE L 65 -0.67 -169.04 7.32
SE MSE L 65 0.74 -170.18 7.84
CE MSE L 65 0.24 -171.76 6.85
N PRO L 66 -4.12 -168.69 10.01
CA PRO L 66 -4.92 -168.64 11.23
C PRO L 66 -4.05 -168.62 12.48
N LEU L 67 -3.62 -167.42 12.87
CA LEU L 67 -2.80 -167.26 14.06
C LEU L 67 -3.77 -167.13 15.22
N LYS L 68 -3.56 -167.94 16.26
CA LYS L 68 -4.43 -167.90 17.41
C LYS L 68 -3.59 -167.64 18.65
N PHE L 69 -4.17 -166.89 19.59
CA PHE L 69 -3.47 -166.53 20.81
C PHE L 69 -4.40 -166.57 22.04
N LYS L 70 -3.96 -167.29 23.07
CA LYS L 70 -4.73 -167.41 24.31
C LYS L 70 -3.99 -166.76 25.50
N LEU L 71 -4.61 -165.77 26.13
CA LEU L 71 -3.98 -165.14 27.28
C LEU L 71 -4.01 -166.16 28.44
N GLY L 72 -2.89 -166.31 29.14
CA GLY L 72 -2.84 -167.26 30.24
C GLY L 72 -3.13 -166.69 31.61
N PRO L 73 -3.45 -167.57 32.58
CA PRO L 73 -3.74 -167.12 33.95
C PRO L 73 -2.49 -166.44 34.50
N LEU L 74 -1.36 -166.72 33.86
CA LEU L 74 -0.08 -166.14 34.25
C LEU L 74 0.46 -165.13 33.21
N SER L 75 0.53 -163.85 33.59
CA SER L 75 1.01 -162.77 32.71
C SER L 75 2.22 -163.18 31.86
N TYR L 76 3.18 -163.81 32.52
CA TYR L 76 4.42 -164.25 31.87
C TYR L 76 4.29 -165.58 31.13
N GLN L 77 3.10 -166.15 31.11
CA GLN L 77 2.89 -167.43 30.45
C GLN L 77 1.63 -167.51 29.61
N ASN L 78 1.75 -167.01 28.37
CA ASN L 78 0.63 -167.05 27.43
C ASN L 78 0.98 -168.06 26.34
N MSE L 79 0.24 -168.03 25.24
CA MSE L 79 0.48 -169.02 24.19
C MSE L 79 -0.13 -168.63 22.85
O MSE L 79 -1.31 -168.26 22.77
CB MSE L 79 -0.10 -170.37 24.60
CG MSE L 79 0.37 -171.54 23.76
SE MSE L 79 2.18 -171.94 24.24
CE MSE L 79 1.82 -172.94 25.88
N ALA L 80 0.69 -168.75 21.81
CA ALA L 80 0.26 -168.47 20.45
C ALA L 80 0.49 -169.75 19.65
N PHE L 81 -0.37 -169.99 18.68
CA PHE L 81 -0.24 -171.17 17.83
C PHE L 81 -0.94 -170.91 16.50
N ILE L 82 -0.79 -171.83 15.56
CA ILE L 82 -1.41 -171.67 14.26
C ILE L 82 -2.15 -172.92 13.81
N THR L 83 -3.36 -172.73 13.29
CA THR L 83 -4.14 -173.85 12.80
C THR L 83 -3.86 -173.91 11.31
N ALA L 84 -2.82 -174.64 10.95
CA ALA L 84 -2.41 -174.76 9.55
C ALA L 84 -1.48 -175.97 9.42
N LYS L 85 -1.32 -176.46 8.19
CA LYS L 85 -0.46 -177.61 7.96
C LYS L 85 1.00 -177.28 8.13
N ASP L 86 1.70 -178.26 8.69
CA ASP L 86 3.13 -178.18 8.94
C ASP L 86 3.50 -177.03 9.89
N LYS L 87 2.52 -176.58 10.66
CA LYS L 87 2.71 -175.52 11.64
C LYS L 87 2.23 -176.07 12.97
N TYR L 88 3.00 -176.98 13.56
CA TYR L 88 2.60 -177.62 14.81
C TYR L 88 3.44 -177.26 16.02
N LYS L 89 4.00 -176.05 16.03
CA LYS L 89 4.79 -175.60 17.17
C LYS L 89 3.93 -174.68 18.00
N LEU L 90 4.16 -174.71 19.30
CA LEU L 90 3.43 -173.85 20.21
C LEU L 90 4.37 -172.74 20.66
N TYR L 91 3.88 -171.50 20.63
CA TYR L 91 4.69 -170.34 20.99
C TYR L 91 4.37 -169.65 22.31
N PRO L 92 5.05 -170.07 23.39
CA PRO L 92 4.77 -169.40 24.66
C PRO L 92 5.22 -167.93 24.55
N VAL L 93 4.27 -167.01 24.74
CA VAL L 93 4.56 -165.60 24.66
C VAL L 93 4.31 -164.92 25.99
N ARG L 94 5.12 -163.93 26.34
CA ARG L 94 4.85 -163.22 27.59
C ARG L 94 4.52 -161.76 27.31
N ILE L 95 3.56 -161.23 28.06
CA ILE L 95 3.13 -159.86 27.87
C ILE L 95 4.25 -158.86 27.87
N PRO L 96 4.29 -158.02 26.84
CA PRO L 96 5.29 -156.97 26.63
C PRO L 96 5.47 -156.06 27.84
N ARG L 97 6.71 -155.94 28.27
CA ARG L 97 7.09 -155.08 29.40
C ARG L 97 6.64 -155.53 30.77
N LEU L 98 6.47 -156.84 30.92
CA LEU L 98 6.04 -157.40 32.19
C LEU L 98 7.24 -157.37 33.14
N ASP L 99 6.98 -157.10 34.42
CA ASP L 99 8.07 -157.07 35.39
C ASP L 99 7.97 -158.20 36.40
N THR L 100 8.90 -159.14 36.29
CA THR L 100 8.94 -160.31 37.16
C THR L 100 10.11 -160.19 38.14
N SER L 101 10.91 -159.15 37.95
CA SER L 101 12.08 -158.94 38.78
C SER L 101 11.77 -158.93 40.27
N LYS L 102 12.79 -159.24 41.05
CA LYS L 102 12.68 -159.24 42.50
C LYS L 102 12.65 -157.79 42.94
N GLU L 103 13.44 -156.97 42.26
CA GLU L 103 13.52 -155.55 42.57
C GLU L 103 12.13 -154.94 42.53
N PHE L 104 11.33 -155.37 41.57
CA PHE L 104 9.97 -154.86 41.47
C PHE L 104 9.09 -155.29 42.63
N SER L 105 9.01 -156.59 42.91
CA SER L 105 8.16 -157.07 44.01
C SER L 105 8.60 -156.48 45.34
N ALA L 106 9.83 -156.00 45.39
CA ALA L 106 10.34 -155.39 46.59
C ALA L 106 9.76 -153.97 46.57
N TYR L 107 9.89 -153.34 45.40
CA TYR L 107 9.41 -151.99 45.17
C TYR L 107 7.92 -151.90 45.44
N VAL L 108 7.18 -152.90 44.97
CA VAL L 108 5.73 -152.92 45.18
C VAL L 108 5.42 -153.02 46.67
N SER L 109 6.06 -153.96 47.33
CA SER L 109 5.86 -154.16 48.78
C SER L 109 6.18 -152.86 49.51
N GLY L 110 7.34 -152.29 49.19
CA GLY L 110 7.76 -151.04 49.82
C GLY L 110 6.77 -149.89 49.68
N LEU L 111 6.13 -149.80 48.52
CA LEU L 111 5.17 -148.74 48.29
C LEU L 111 3.87 -149.04 49.01
N PHE L 112 3.58 -150.33 49.18
CA PHE L 112 2.35 -150.71 49.87
C PHE L 112 2.42 -150.35 51.35
N GLU L 113 3.64 -150.39 51.91
CA GLU L 113 3.82 -150.01 53.30
C GLU L 113 3.38 -148.56 53.39
N ILE L 114 4.16 -147.69 52.75
CA ILE L 114 3.86 -146.28 52.73
C ILE L 114 2.37 -146.00 52.57
N TYR L 115 1.68 -146.89 51.87
CA TYR L 115 0.24 -146.74 51.64
C TYR L 115 -0.60 -147.02 52.89
N ARG L 116 -0.54 -148.24 53.41
CA ARG L 116 -1.34 -148.56 54.59
C ARG L 116 -0.90 -147.79 55.82
N ASP L 117 0.34 -147.31 55.83
CA ASP L 117 0.84 -146.54 56.96
C ASP L 117 0.28 -145.13 57.00
N LEU L 118 -0.22 -144.63 55.88
CA LEU L 118 -0.81 -143.31 55.88
C LEU L 118 -2.15 -143.35 56.60
N GLY L 119 -2.56 -144.55 57.01
CA GLY L 119 -3.82 -144.71 57.72
C GLY L 119 -4.95 -143.87 57.15
N ASP L 120 -5.56 -143.03 57.96
CA ASP L 120 -6.66 -142.19 57.49
C ASP L 120 -6.15 -141.05 56.61
N ASP L 121 -4.85 -140.76 56.69
CA ASP L 121 -4.29 -139.70 55.90
C ASP L 121 -4.23 -140.06 54.43
N ARG L 122 -4.65 -141.28 54.09
CA ARG L 122 -4.64 -141.69 52.70
C ARG L 122 -5.74 -140.90 51.98
N VAL L 123 -6.75 -140.46 52.73
CA VAL L 123 -7.85 -139.70 52.14
C VAL L 123 -7.72 -138.20 52.52
N PHE L 124 -8.64 -137.39 52.02
CA PHE L 124 -8.61 -135.95 52.29
C PHE L 124 -9.95 -135.41 52.77
N ASN L 125 -9.97 -134.83 53.98
CA ASN L 125 -11.19 -134.24 54.57
C ASN L 125 -11.05 -132.71 54.56
N VAL L 126 -12.07 -131.93 54.20
CA VAL L 126 -11.84 -130.47 54.24
C VAL L 126 -12.19 -129.86 55.60
N ASN L 133 -8.95 -127.07 66.43
CA ASN L 133 -7.87 -127.88 65.90
C ASN L 133 -7.73 -127.71 64.38
N SER L 134 -7.29 -126.52 63.96
CA SER L 134 -7.09 -126.21 62.55
C SER L 134 -5.73 -126.76 62.12
N ASN L 135 -5.16 -127.57 63.00
CA ASN L 135 -3.85 -128.19 62.77
C ASN L 135 -4.03 -129.52 62.07
N PHE L 136 -5.27 -130.02 62.07
CA PHE L 136 -5.57 -131.27 61.40
C PHE L 136 -5.08 -131.09 59.98
N ALA L 137 -5.27 -129.87 59.47
CA ALA L 137 -4.84 -129.51 58.13
C ALA L 137 -3.32 -129.48 58.06
N LYS L 138 -2.71 -128.72 58.96
CA LYS L 138 -1.27 -128.59 59.03
C LYS L 138 -0.54 -129.91 59.24
N GLU L 139 -1.07 -130.76 60.12
CA GLU L 139 -0.46 -132.06 60.42
C GLU L 139 -0.66 -133.07 59.29
N HIS L 140 -1.83 -133.00 58.65
CA HIS L 140 -2.15 -133.88 57.54
C HIS L 140 -1.06 -133.67 56.49
N ASN L 141 -0.95 -132.43 56.01
CA ASN L 141 0.05 -132.08 55.01
C ASN L 141 1.41 -132.60 55.42
N ALA L 142 1.80 -132.33 56.65
CA ALA L 142 3.09 -132.77 57.14
C ALA L 142 3.36 -134.26 56.95
N THR L 143 2.42 -135.10 57.40
CA THR L 143 2.60 -136.55 57.29
C THR L 143 2.51 -137.05 55.84
N VAL L 144 1.83 -136.29 54.98
CA VAL L 144 1.70 -136.66 53.58
C VAL L 144 2.98 -136.26 52.83
N ASN L 145 3.41 -135.01 52.99
CA ASN L 145 4.64 -134.56 52.32
C ASN L 145 5.81 -135.45 52.71
N LEU L 146 5.60 -136.22 53.77
CA LEU L 146 6.60 -137.14 54.29
C LEU L 146 6.51 -138.48 53.58
N ALA L 147 5.28 -138.92 53.33
CA ALA L 147 5.04 -140.19 52.63
C ALA L 147 5.59 -140.01 51.21
N MSE L 148 5.50 -138.77 50.71
CA MSE L 148 5.96 -138.44 49.36
C MSE L 148 7.45 -138.62 49.29
O MSE L 148 7.98 -139.10 48.29
CB MSE L 148 5.62 -136.99 49.03
CG MSE L 148 6.11 -136.53 47.65
SE MSE L 148 5.49 -137.64 46.14
CE MSE L 148 7.16 -138.44 45.66
N GLU L 149 8.15 -138.22 50.34
CA GLU L 149 9.60 -138.36 50.39
C GLU L 149 9.91 -139.85 50.51
N ALA L 150 9.01 -140.56 51.20
CA ALA L 150 9.13 -142.00 51.42
C ALA L 150 9.09 -142.73 50.08
N ILE L 151 8.13 -142.33 49.23
CA ILE L 151 7.95 -142.90 47.91
C ILE L 151 9.20 -142.62 47.07
N LEU L 152 9.56 -141.33 46.96
CA LEU L 152 10.75 -140.95 46.20
C LEU L 152 11.90 -141.86 46.55
N ASN L 153 12.06 -142.14 47.84
CA ASN L 153 13.13 -143.01 48.31
C ASN L 153 12.96 -144.44 47.76
N GLU L 154 11.84 -145.06 48.07
CA GLU L 154 11.56 -146.42 47.60
C GLU L 154 11.90 -146.54 46.12
N LEU L 155 11.52 -145.52 45.36
CA LEU L 155 11.77 -145.49 43.92
C LEU L 155 13.24 -145.30 43.56
N GLU L 156 13.95 -144.49 44.33
CA GLU L 156 15.36 -144.27 44.06
C GLU L 156 16.11 -145.54 44.33
N VAL L 157 15.68 -146.27 45.36
CA VAL L 157 16.32 -147.54 45.74
C VAL L 157 16.12 -148.56 44.64
N PHE L 158 14.87 -148.67 44.17
CA PHE L 158 14.50 -149.58 43.08
C PHE L 158 15.37 -149.24 41.87
N ILE L 159 15.34 -147.97 41.47
CA ILE L 159 16.13 -147.46 40.36
C ILE L 159 17.58 -147.91 40.49
N GLY L 160 18.13 -147.71 41.68
CA GLY L 160 19.51 -148.09 41.93
C GLY L 160 19.78 -149.57 41.75
N ARG L 161 18.86 -150.42 42.21
CA ARG L 161 19.00 -151.87 42.10
C ARG L 161 18.87 -152.38 40.67
N VAL L 162 18.04 -151.70 39.88
CA VAL L 162 17.82 -152.09 38.50
C VAL L 162 19.06 -151.76 37.69
N LYS L 163 19.78 -150.72 38.12
CA LYS L 163 21.00 -150.29 37.46
C LYS L 163 22.10 -151.35 37.58
N ASP L 164 22.21 -151.97 38.77
CA ASP L 164 23.22 -153.00 39.05
C ASP L 164 23.08 -154.30 38.26
N GLN L 165 21.84 -154.68 37.92
CA GLN L 165 21.62 -155.86 37.11
C GLN L 165 21.41 -155.25 35.74
N ASP L 166 22.16 -155.67 34.73
CA ASP L 166 21.95 -155.00 33.47
C ASP L 166 21.28 -155.70 32.33
N GLY L 167 20.55 -156.77 32.62
CA GLY L 167 19.83 -157.44 31.56
C GLY L 167 18.84 -156.41 31.00
N ARG L 168 18.36 -155.53 31.88
CA ARG L 168 17.42 -154.48 31.52
C ARG L 168 18.00 -153.07 31.65
N VAL L 169 17.58 -152.19 30.76
CA VAL L 169 17.96 -150.79 30.77
C VAL L 169 16.84 -150.04 30.07
N ASN L 170 16.02 -150.76 29.32
CA ASN L 170 14.90 -150.07 28.74
C ASN L 170 14.02 -149.74 29.96
N ARG L 171 14.04 -150.62 30.97
CA ARG L 171 13.27 -150.46 32.21
C ARG L 171 13.88 -149.38 33.11
N PHE L 172 15.20 -149.36 33.16
CA PHE L 172 15.93 -148.38 33.96
C PHE L 172 15.56 -146.98 33.47
N TYR L 173 15.56 -146.81 32.16
CA TYR L 173 15.23 -145.53 31.57
C TYR L 173 13.81 -145.12 31.98
N GLU L 174 12.82 -145.95 31.66
CA GLU L 174 11.43 -145.65 32.01
C GLU L 174 11.26 -145.26 33.48
N LEU L 175 11.97 -145.95 34.38
CA LEU L 175 11.87 -145.65 35.81
C LEU L 175 12.47 -144.31 36.17
N GLU L 176 13.63 -144.01 35.63
CA GLU L 176 14.27 -142.73 35.92
C GLU L 176 13.37 -141.57 35.48
N GLU L 177 12.75 -141.71 34.32
CA GLU L 177 11.87 -140.66 33.83
C GLU L 177 10.77 -140.43 34.85
N SER L 178 10.23 -141.52 35.37
CA SER L 178 9.17 -141.46 36.38
C SER L 178 9.65 -140.64 37.58
N LEU L 179 10.83 -141.00 38.11
CA LEU L 179 11.38 -140.29 39.24
C LEU L 179 11.50 -138.79 38.96
N THR L 180 11.99 -138.44 37.78
CA THR L 180 12.14 -137.03 37.46
C THR L 180 10.79 -136.34 37.55
N VAL L 181 9.78 -136.97 36.95
CA VAL L 181 8.45 -136.40 36.97
C VAL L 181 7.96 -136.20 38.39
N LEU L 182 8.21 -137.18 39.26
CA LEU L 182 7.81 -137.09 40.67
C LEU L 182 8.64 -136.02 41.36
N ASN L 183 9.94 -135.99 41.03
CA ASN L 183 10.83 -135.01 41.61
C ASN L 183 10.29 -133.61 41.33
N CYS L 184 9.68 -133.44 40.19
CA CYS L 184 9.10 -132.16 39.85
C CYS L 184 7.85 -131.98 40.71
N LEU L 185 6.97 -132.97 40.66
CA LEU L 185 5.73 -132.97 41.41
C LEU L 185 5.95 -132.61 42.89
N ARG L 186 6.94 -133.25 43.49
CA ARG L 186 7.24 -133.00 44.90
C ARG L 186 7.64 -131.53 45.09
N THR L 187 8.64 -131.08 44.35
CA THR L 187 9.08 -129.71 44.49
C THR L 187 7.92 -128.72 44.39
N MSE L 188 7.06 -128.91 43.39
CA MSE L 188 5.96 -128.00 43.19
C MSE L 188 4.72 -128.12 44.08
O MSE L 188 3.96 -127.16 44.21
CB MSE L 188 5.53 -128.06 41.72
CG MSE L 188 6.64 -127.70 40.75
SE MSE L 188 7.41 -125.95 41.06
CE MSE L 188 5.96 -124.85 40.43
N TYR L 189 4.51 -129.26 44.73
CA TYR L 189 3.32 -129.41 45.58
C TYR L 189 3.46 -130.08 46.93
N PHE L 190 4.58 -130.73 47.19
CA PHE L 190 4.76 -131.43 48.45
C PHE L 190 5.85 -130.86 49.34
N ILE L 191 6.00 -129.53 49.30
CA ILE L 191 7.00 -128.85 50.11
C ILE L 191 6.44 -127.57 50.71
N LEU L 192 5.86 -126.72 49.88
CA LEU L 192 5.34 -125.45 50.38
C LEU L 192 3.84 -125.43 50.71
N ASP L 193 3.14 -126.51 50.41
CA ASP L 193 1.69 -126.62 50.67
C ASP L 193 0.92 -125.32 50.41
N GLY L 194 0.77 -124.95 49.14
CA GLY L 194 0.04 -123.75 48.80
C GLY L 194 0.67 -122.43 49.24
N GLN L 195 1.84 -122.51 49.87
CA GLN L 195 2.55 -121.32 50.35
C GLN L 195 3.49 -120.83 49.27
N ASP L 196 4.47 -120.03 49.68
CA ASP L 196 5.43 -119.51 48.72
C ASP L 196 6.82 -119.90 49.16
N VAL L 197 7.76 -119.85 48.23
CA VAL L 197 9.15 -120.22 48.49
C VAL L 197 9.67 -119.55 49.76
N GLU L 198 8.98 -118.53 50.23
CA GLU L 198 9.49 -117.88 51.42
C GLU L 198 9.29 -118.70 52.69
N GLU L 199 8.24 -119.52 52.72
CA GLU L 199 7.96 -120.35 53.88
C GLU L 199 9.11 -121.30 54.17
N ASN L 200 9.48 -122.12 53.19
CA ASN L 200 10.56 -123.08 53.37
C ASN L 200 11.55 -122.99 52.21
N ARG L 201 12.46 -122.01 52.26
CA ARG L 201 13.42 -121.85 51.18
C ARG L 201 14.39 -123.01 50.99
N SER L 202 15.06 -123.44 52.04
CA SER L 202 16.02 -124.54 51.92
C SER L 202 15.46 -125.83 51.35
N GLU L 203 14.28 -126.25 51.82
CA GLU L 203 13.68 -127.49 51.32
C GLU L 203 13.32 -127.38 49.85
N PHE L 204 12.81 -126.22 49.46
CA PHE L 204 12.39 -125.96 48.08
C PHE L 204 13.56 -125.89 47.13
N ILE L 205 14.45 -124.92 47.36
CA ILE L 205 15.59 -124.76 46.49
C ILE L 205 16.39 -126.05 46.40
N GLU L 206 16.52 -126.77 47.50
CA GLU L 206 17.26 -128.03 47.51
C GLU L 206 16.60 -129.07 46.60
N SER L 207 15.27 -129.12 46.65
CA SER L 207 14.48 -130.05 45.86
C SER L 207 14.46 -129.65 44.39
N LEU L 208 14.36 -128.35 44.13
CA LEU L 208 14.35 -127.81 42.77
C LEU L 208 15.64 -128.17 42.07
N LEU L 209 16.76 -127.87 42.73
CA LEU L 209 18.06 -128.15 42.17
C LEU L 209 18.23 -129.64 41.95
N ASN L 210 17.56 -130.45 42.77
CA ASN L 210 17.68 -131.89 42.61
C ASN L 210 16.99 -132.31 41.31
N TRP L 211 15.71 -131.95 41.19
CA TRP L 211 14.92 -132.26 39.99
C TRP L 211 15.64 -131.87 38.71
N ILE L 212 16.15 -130.64 38.67
CA ILE L 212 16.88 -130.12 37.51
C ILE L 212 18.14 -130.92 37.17
N ASN L 213 19.04 -131.08 38.14
CA ASN L 213 20.28 -131.80 37.89
C ASN L 213 20.16 -133.31 38.02
N ARG L 214 19.00 -133.83 37.61
CA ARG L 214 18.75 -135.27 37.67
C ARG L 214 17.80 -135.66 36.54
N SER L 215 17.43 -134.68 35.74
CA SER L 215 16.53 -134.91 34.61
C SER L 215 17.36 -135.41 33.44
N ASP L 216 18.42 -134.65 33.13
CA ASP L 216 19.35 -134.97 32.06
C ASP L 216 20.74 -134.93 32.68
N GLY L 217 21.62 -135.82 32.22
CA GLY L 217 22.96 -135.86 32.77
C GLY L 217 23.77 -134.60 32.58
N GLU L 218 23.37 -133.76 31.63
CA GLU L 218 24.10 -132.52 31.33
C GLU L 218 24.07 -131.38 32.35
N PRO L 219 25.15 -130.57 32.37
CA PRO L 219 26.31 -130.73 31.49
C PRO L 219 27.24 -131.86 31.96
N ASP L 220 27.24 -132.98 31.25
CA ASP L 220 28.06 -134.15 31.60
C ASP L 220 29.54 -133.81 31.59
N GLU L 221 30.28 -134.33 32.58
CA GLU L 221 31.72 -134.08 32.68
C GLU L 221 32.46 -134.44 31.40
N GLU L 222 31.83 -135.26 30.56
CA GLU L 222 32.45 -135.63 29.30
C GLU L 222 32.52 -134.39 28.41
N TYR L 223 31.45 -133.60 28.40
CA TYR L 223 31.42 -132.37 27.60
C TYR L 223 32.30 -131.29 28.21
N ILE L 224 32.34 -131.23 29.54
CA ILE L 224 33.15 -130.23 30.22
C ILE L 224 34.60 -130.32 29.77
N GLU L 225 35.07 -131.53 29.50
CA GLU L 225 36.46 -131.68 29.07
C GLU L 225 36.66 -131.72 27.55
N GLN L 226 35.60 -131.35 26.84
CA GLN L 226 35.62 -131.25 25.40
C GLN L 226 35.80 -129.76 25.16
N VAL L 227 35.54 -129.00 26.22
CA VAL L 227 35.63 -127.54 26.21
C VAL L 227 36.99 -127.09 26.74
N PHE L 228 37.77 -128.04 27.22
CA PHE L 228 39.12 -127.77 27.74
C PHE L 228 40.05 -128.68 26.96
N SER L 229 39.72 -128.84 25.67
CA SER L 229 40.44 -129.70 24.74
C SER L 229 41.41 -128.94 23.81
N VAL L 230 42.47 -129.62 23.39
CA VAL L 230 43.50 -129.07 22.50
C VAL L 230 42.84 -128.61 21.19
N LYS L 231 43.44 -127.61 20.54
CA LYS L 231 42.90 -127.10 19.28
C LYS L 231 43.99 -126.84 18.24
N LYS L 238 41.14 -117.99 20.95
CA LYS L 238 42.18 -118.80 21.60
C LYS L 238 42.34 -118.42 23.07
N VAL L 239 42.22 -119.41 23.94
CA VAL L 239 42.34 -119.26 25.40
C VAL L 239 41.03 -118.92 26.14
N PHE L 240 39.93 -119.60 25.77
CA PHE L 240 38.60 -119.44 26.39
C PHE L 240 37.94 -118.07 26.33
N GLU L 241 37.85 -117.51 25.12
CA GLU L 241 37.23 -116.22 24.92
C GLU L 241 36.14 -116.54 23.93
N THR L 242 35.91 -117.85 23.84
CA THR L 242 34.89 -118.43 22.99
C THR L 242 33.62 -118.48 23.80
N GLN L 243 32.50 -118.50 23.09
CA GLN L 243 31.21 -118.55 23.74
C GLN L 243 31.03 -119.88 24.45
N TYR L 244 31.71 -120.90 23.94
CA TYR L 244 31.60 -122.24 24.54
C TYR L 244 31.88 -122.24 26.02
N PHE L 245 32.86 -121.46 26.45
CA PHE L 245 33.19 -121.39 27.87
C PHE L 245 32.08 -120.73 28.68
N TRP L 246 31.69 -119.52 28.27
CA TRP L 246 30.65 -118.79 28.98
C TRP L 246 29.28 -119.45 28.94
N LYS L 247 28.91 -120.03 27.80
CA LYS L 247 27.63 -120.71 27.70
C LYS L 247 27.61 -121.83 28.73
N LEU L 248 28.77 -122.47 28.92
CA LEU L 248 28.92 -123.57 29.87
C LEU L 248 28.94 -123.02 31.30
N LEU L 249 29.60 -121.88 31.49
CA LEU L 249 29.68 -121.27 32.81
C LEU L 249 28.31 -120.79 33.28
N ASN L 250 27.62 -120.06 32.40
CA ASN L 250 26.29 -119.55 32.72
C ASN L 250 25.30 -120.70 32.86
N GLN L 251 25.54 -121.78 32.12
CA GLN L 251 24.67 -122.96 32.20
C GLN L 251 24.76 -123.58 33.58
N LEU L 252 25.98 -123.67 34.11
CA LEU L 252 26.19 -124.23 35.44
C LEU L 252 25.51 -123.33 36.48
N VAL L 253 25.56 -122.02 36.26
CA VAL L 253 24.94 -121.05 37.17
C VAL L 253 23.43 -121.23 37.18
N LEU L 254 22.84 -121.26 36.01
CA LEU L 254 21.40 -121.42 35.89
C LEU L 254 20.91 -122.68 36.58
N ARG L 255 21.73 -123.73 36.57
CA ARG L 255 21.37 -125.01 37.19
C ARG L 255 21.71 -125.10 38.67
N GLY L 256 22.24 -124.01 39.21
CA GLY L 256 22.59 -123.99 40.62
C GLY L 256 23.86 -124.74 40.95
N LEU L 257 24.56 -125.22 39.92
CA LEU L 257 25.81 -125.96 40.11
C LEU L 257 26.98 -125.00 40.32
N LEU L 258 26.86 -124.14 41.33
CA LEU L 258 27.90 -123.16 41.65
C LEU L 258 29.23 -123.80 42.00
N SER L 259 29.20 -124.88 42.78
CA SER L 259 30.42 -125.57 43.17
C SER L 259 31.27 -125.82 41.92
N GLN L 260 30.64 -126.44 40.93
CA GLN L 260 31.29 -126.73 39.66
C GLN L 260 31.62 -125.46 38.90
N ALA L 261 30.68 -124.52 38.89
CA ALA L 261 30.86 -123.25 38.20
C ALA L 261 32.17 -122.56 38.57
N ILE L 262 32.36 -122.34 39.87
CA ILE L 262 33.58 -121.72 40.35
C ILE L 262 34.78 -122.52 39.88
N GLY L 263 34.64 -123.85 39.90
CA GLY L 263 35.72 -124.72 39.45
C GLY L 263 36.19 -124.45 38.03
N CYS L 264 35.26 -124.16 37.13
CA CYS L 264 35.58 -123.88 35.73
C CYS L 264 36.37 -122.58 35.54
N ILE L 265 36.03 -121.58 36.35
CA ILE L 265 36.72 -120.29 36.30
C ILE L 265 38.15 -120.52 36.79
N GLU L 266 38.28 -121.17 37.96
CA GLU L 266 39.58 -121.48 38.54
C GLU L 266 40.24 -122.57 37.72
N ARG L 267 40.31 -122.40 36.41
CA ARG L 267 40.95 -123.40 35.60
C ARG L 267 41.65 -122.69 34.46
N SER L 268 41.29 -121.42 34.25
CA SER L 268 41.92 -120.66 33.18
C SER L 268 42.23 -119.18 33.41
N ASP L 269 41.36 -118.33 32.87
CA ASP L 269 41.49 -116.86 32.88
C ASP L 269 41.44 -116.03 34.16
N LEU L 270 41.03 -116.60 35.29
CA LEU L 270 40.93 -115.81 36.50
C LEU L 270 42.25 -115.22 37.04
N LEU L 271 43.13 -116.09 37.48
CA LEU L 271 44.40 -115.67 38.07
C LEU L 271 45.44 -115.12 37.09
N PRO L 272 45.37 -115.51 35.80
CA PRO L 272 46.39 -114.96 34.91
C PRO L 272 45.98 -113.74 34.07
N TYR L 273 45.14 -113.97 33.06
CA TYR L 273 44.74 -112.89 32.16
C TYR L 273 44.24 -111.69 32.94
N LEU L 274 43.42 -111.94 33.95
CA LEU L 274 42.87 -110.84 34.72
C LEU L 274 43.92 -110.18 35.62
N SER L 275 44.34 -110.90 36.66
CA SER L 275 45.32 -110.35 37.60
C SER L 275 46.44 -109.56 36.93
N ASP L 276 46.79 -109.92 35.71
CA ASP L 276 47.85 -109.23 34.97
C ASP L 276 47.33 -108.08 34.10
N THR L 277 46.46 -108.40 33.14
CA THR L 277 45.91 -107.40 32.23
C THR L 277 45.19 -106.25 32.95
N CYS L 278 43.95 -106.50 33.37
CA CYS L 278 43.13 -105.51 34.05
C CYS L 278 42.92 -105.84 35.52
N ALA L 279 43.23 -104.89 36.40
CA ALA L 279 43.07 -105.10 37.84
C ALA L 279 41.63 -104.79 38.28
N VAL L 280 40.98 -103.89 37.56
CA VAL L 280 39.61 -103.50 37.87
C VAL L 280 38.67 -104.70 37.79
N SER L 281 38.70 -105.38 36.65
CA SER L 281 37.86 -106.55 36.41
C SER L 281 38.30 -107.78 37.20
N PHE L 282 39.58 -107.85 37.56
CA PHE L 282 40.04 -108.99 38.35
C PHE L 282 39.19 -109.02 39.60
N ASP L 283 39.11 -107.88 40.28
CA ASP L 283 38.32 -107.79 41.51
C ASP L 283 36.88 -108.19 41.27
N ALA L 284 36.28 -107.62 40.23
CA ALA L 284 34.90 -107.94 39.91
C ALA L 284 34.68 -109.45 39.80
N VAL L 285 35.41 -110.08 38.88
CA VAL L 285 35.29 -111.52 38.66
C VAL L 285 35.55 -112.37 39.89
N SER L 286 36.46 -111.93 40.75
CA SER L 286 36.78 -112.70 41.94
C SER L 286 35.79 -112.57 43.10
N ASP L 287 35.46 -111.35 43.51
CA ASP L 287 34.49 -111.20 44.61
C ASP L 287 33.07 -111.50 44.15
N SER L 288 32.95 -111.92 42.89
CA SER L 288 31.67 -112.31 42.34
C SER L 288 31.68 -113.83 42.61
N ILE L 289 32.85 -114.43 42.40
CA ILE L 289 33.04 -115.86 42.66
C ILE L 289 32.74 -116.06 44.14
N GLU L 290 33.15 -115.08 44.93
CA GLU L 290 32.92 -115.12 46.37
C GLU L 290 31.42 -115.15 46.64
N LEU L 291 30.68 -114.32 45.91
CA LEU L 291 29.23 -114.24 46.08
C LEU L 291 28.57 -115.57 45.75
N LEU L 292 29.13 -116.28 44.77
CA LEU L 292 28.58 -117.58 44.40
C LEU L 292 28.81 -118.56 45.54
N LYS L 293 30.01 -118.54 46.12
CA LYS L 293 30.37 -119.43 47.23
C LYS L 293 29.39 -119.28 48.39
N GLN L 294 28.62 -118.20 48.40
CA GLN L 294 27.68 -117.97 49.48
C GLN L 294 26.25 -117.69 49.06
N TYR L 295 25.79 -118.34 47.98
CA TYR L 295 24.42 -118.15 47.51
C TYR L 295 23.42 -118.64 48.58
N PRO L 296 22.64 -117.73 49.17
CA PRO L 296 21.63 -118.00 50.20
C PRO L 296 20.65 -119.10 49.87
N LYS L 297 20.82 -120.27 50.49
CA LYS L 297 19.91 -121.39 50.24
C LYS L 297 18.91 -121.63 51.37
N ASP L 298 19.11 -120.95 52.49
CA ASP L 298 18.22 -121.15 53.65
C ASP L 298 17.35 -119.97 54.04
N SER L 299 17.94 -118.78 54.00
CA SER L 299 17.24 -117.54 54.37
C SER L 299 16.73 -116.74 53.17
N SER L 300 15.43 -116.44 53.17
CA SER L 300 14.83 -115.65 52.10
C SER L 300 15.30 -114.21 52.23
N SER L 301 15.72 -113.87 53.45
CA SER L 301 16.22 -112.54 53.77
C SER L 301 17.65 -112.39 53.26
N THR L 302 18.49 -113.37 53.59
CA THR L 302 19.88 -113.35 53.16
C THR L 302 19.93 -113.23 51.62
N PHE L 303 18.89 -113.75 50.96
CA PHE L 303 18.84 -113.68 49.51
C PHE L 303 18.76 -112.21 49.08
N ARG L 304 17.72 -111.54 49.53
CA ARG L 304 17.50 -110.13 49.20
C ARG L 304 18.78 -109.35 49.39
N GLU L 305 19.43 -109.56 50.52
CA GLU L 305 20.69 -108.87 50.79
C GLU L 305 21.70 -109.33 49.76
N TRP L 306 21.71 -110.63 49.51
CA TRP L 306 22.62 -111.23 48.54
C TRP L 306 22.45 -110.61 47.15
N LYS L 307 21.21 -110.61 46.66
CA LYS L 307 20.91 -110.06 45.34
C LYS L 307 21.30 -108.59 45.27
N ASN L 308 21.21 -107.90 46.40
CA ASN L 308 21.57 -106.49 46.44
C ASN L 308 23.05 -106.34 46.16
N LEU L 309 23.86 -107.17 46.82
CA LEU L 309 25.31 -107.14 46.65
C LEU L 309 25.69 -107.54 45.23
N VAL L 310 24.91 -108.48 44.68
CA VAL L 310 25.16 -108.93 43.33
C VAL L 310 24.91 -107.77 42.37
N LEU L 311 23.76 -107.12 42.50
CA LEU L 311 23.42 -105.98 41.64
C LEU L 311 24.31 -104.77 41.87
N LYS L 312 24.76 -104.59 43.11
CA LYS L 312 25.65 -103.49 43.44
C LYS L 312 26.97 -103.70 42.70
N LEU L 313 27.41 -104.97 42.67
CA LEU L 313 28.66 -105.37 42.01
C LEU L 313 28.57 -105.16 40.50
N SER L 314 27.48 -105.59 39.89
CA SER L 314 27.33 -105.43 38.45
C SER L 314 27.20 -103.96 38.06
N GLN L 315 26.62 -103.14 38.94
CA GLN L 315 26.49 -101.73 38.62
C GLN L 315 27.87 -101.07 38.59
N ALA L 316 28.71 -101.47 39.55
CA ALA L 316 30.07 -100.95 39.66
C ALA L 316 30.89 -101.30 38.41
N PHE L 317 30.99 -102.60 38.14
CA PHE L 317 31.73 -103.09 36.98
C PHE L 317 31.13 -102.48 35.71
N GLY L 318 29.81 -102.59 35.60
CA GLY L 318 29.09 -102.08 34.45
C GLY L 318 29.56 -100.73 33.92
N SER L 319 30.02 -99.87 34.81
CA SER L 319 30.50 -98.56 34.41
C SER L 319 31.88 -98.38 35.03
N SER L 320 32.90 -98.93 34.36
CA SER L 320 34.27 -98.83 34.88
C SER L 320 35.37 -99.07 33.81
N ALA L 321 36.62 -99.16 34.28
CA ALA L 321 37.80 -99.37 33.43
C ALA L 321 37.86 -100.70 32.68
N THR L 322 37.83 -100.63 31.35
CA THR L 322 37.88 -101.82 30.51
C THR L 322 39.28 -101.99 29.91
N ASP L 323 40.17 -102.60 30.69
CA ASP L 323 41.53 -102.86 30.24
C ASP L 323 41.62 -104.24 29.62
N ILE L 324 40.47 -104.81 29.29
CA ILE L 324 40.39 -106.14 28.68
C ILE L 324 39.68 -106.09 27.33
N SER L 325 39.69 -107.24 26.64
CA SER L 325 39.07 -107.38 25.32
C SER L 325 37.69 -106.73 25.25
N GLY L 326 37.29 -106.37 24.04
CA GLY L 326 35.98 -105.78 23.87
C GLY L 326 35.00 -106.91 24.10
N GLU L 327 35.38 -108.11 23.67
CA GLU L 327 34.55 -109.29 23.82
C GLU L 327 34.53 -109.79 25.26
N LEU L 328 35.71 -110.03 25.83
CA LEU L 328 35.80 -110.52 27.20
C LEU L 328 35.04 -109.61 28.15
N ARG L 329 35.01 -108.32 27.80
CA ARG L 329 34.29 -107.32 28.58
C ARG L 329 32.84 -107.75 28.74
N ASP L 330 32.15 -107.88 27.60
CA ASP L 330 30.75 -108.27 27.56
C ASP L 330 30.53 -109.62 28.21
N TYR L 331 31.35 -110.60 27.87
CA TYR L 331 31.23 -111.94 28.42
C TYR L 331 31.08 -111.95 29.95
N ILE L 332 31.72 -110.98 30.60
CA ILE L 332 31.65 -110.89 32.06
C ILE L 332 30.40 -110.13 32.53
N GLU L 333 29.93 -109.19 31.71
CA GLU L 333 28.73 -108.41 32.05
C GLU L 333 27.52 -109.34 31.92
N ASP L 334 27.59 -110.24 30.94
CA ASP L 334 26.52 -111.21 30.72
C ASP L 334 26.53 -112.21 31.87
N PHE L 335 27.72 -112.55 32.32
CA PHE L 335 27.86 -113.47 33.46
C PHE L 335 27.26 -112.81 34.69
N LEU L 336 27.60 -111.54 34.91
CA LEU L 336 27.08 -110.77 36.05
C LEU L 336 25.57 -110.48 35.96
N LEU L 337 25.04 -110.40 34.75
CA LEU L 337 23.62 -110.14 34.58
C LEU L 337 22.82 -111.38 34.91
N VAL L 338 23.33 -112.55 34.51
CA VAL L 338 22.64 -113.82 34.78
C VAL L 338 22.48 -114.03 36.28
N ILE L 339 23.54 -113.79 37.02
CA ILE L 339 23.51 -113.93 38.46
C ILE L 339 22.53 -112.93 39.08
N GLY L 340 22.49 -111.74 38.49
CA GLY L 340 21.60 -110.69 38.98
C GLY L 340 20.13 -111.04 38.78
N GLY L 341 19.84 -111.74 37.70
CA GLY L 341 18.48 -112.14 37.42
C GLY L 341 17.89 -111.54 36.16
N ASN L 342 18.67 -110.81 35.37
CA ASN L 342 18.13 -110.22 34.14
C ASN L 342 17.51 -111.32 33.31
N GLN L 343 16.18 -111.31 33.25
CA GLN L 343 15.43 -112.31 32.50
C GLN L 343 15.98 -112.43 31.08
N ARG L 344 16.11 -111.29 30.42
CA ARG L 344 16.63 -111.23 29.05
C ARG L 344 17.79 -112.23 28.90
N LYS L 345 18.80 -112.05 29.74
CA LYS L 345 20.02 -112.87 29.73
C LYS L 345 19.85 -114.31 30.24
N ILE L 346 18.99 -114.51 31.23
CA ILE L 346 18.75 -115.85 31.77
C ILE L 346 18.28 -116.74 30.62
N LEU L 347 17.29 -116.27 29.87
CA LEU L 347 16.76 -117.02 28.74
C LEU L 347 17.85 -117.27 27.71
N GLN L 348 18.68 -116.25 27.50
CA GLN L 348 19.76 -116.32 26.53
C GLN L 348 20.65 -117.54 26.73
N TYR L 349 21.24 -117.68 27.91
CA TYR L 349 22.13 -118.81 28.17
C TYR L 349 21.46 -120.10 28.61
N SER L 350 20.16 -120.21 28.33
CA SER L 350 19.40 -121.40 28.67
C SER L 350 19.28 -122.27 27.43
N ARG L 351 19.61 -123.54 27.62
CA ARG L 351 19.57 -124.53 26.56
C ARG L 351 18.20 -125.27 26.49
N THR L 352 17.50 -125.35 27.63
CA THR L 352 16.17 -126.01 27.73
C THR L 352 15.24 -125.13 28.55
N TRP L 353 13.94 -125.37 28.40
CA TRP L 353 12.95 -124.57 29.14
C TRP L 353 13.12 -124.66 30.65
N TYR L 354 13.57 -125.82 31.13
CA TYR L 354 13.74 -125.99 32.56
C TYR L 354 14.96 -125.28 33.13
N GLU L 355 15.95 -125.00 32.29
CA GLU L 355 17.10 -124.28 32.80
C GLU L 355 16.66 -122.81 33.00
N SER L 356 15.80 -122.34 32.12
CA SER L 356 15.29 -120.97 32.20
C SER L 356 14.50 -120.87 33.49
N PHE L 357 13.62 -121.86 33.68
CA PHE L 357 12.75 -121.92 34.86
C PHE L 357 13.53 -121.93 36.15
N CYS L 358 14.49 -122.84 36.25
CA CYS L 358 15.29 -122.94 37.45
C CYS L 358 16.01 -121.63 37.76
N GLY L 359 16.52 -120.97 36.72
CA GLY L 359 17.23 -119.71 36.91
C GLY L 359 16.37 -118.56 37.38
N PHE L 360 15.19 -118.43 36.79
CA PHE L 360 14.29 -117.36 37.19
C PHE L 360 14.06 -117.43 38.69
N LEU L 361 13.77 -118.63 39.20
CA LEU L 361 13.53 -118.84 40.62
C LEU L 361 14.78 -118.61 41.45
N LEU L 362 15.93 -119.06 40.94
CA LEU L 362 17.20 -118.92 41.66
C LEU L 362 17.77 -117.50 41.72
N TYR L 363 17.67 -116.75 40.62
CA TYR L 363 18.24 -115.41 40.59
C TYR L 363 17.32 -114.22 40.44
N TYR L 364 16.22 -114.38 39.69
CA TYR L 364 15.31 -113.26 39.52
C TYR L 364 14.44 -113.10 40.75
N ILE L 365 13.28 -113.76 40.77
CA ILE L 365 12.39 -113.64 41.91
C ILE L 365 11.89 -115.02 42.32
N PRO L 366 12.19 -115.42 43.57
CA PRO L 366 11.75 -116.73 44.08
C PRO L 366 10.32 -116.67 44.64
N SER L 367 9.34 -116.72 43.74
CA SER L 367 7.93 -116.68 44.10
C SER L 367 7.10 -117.47 43.11
N LEU L 368 6.49 -118.56 43.57
CA LEU L 368 5.69 -119.36 42.66
C LEU L 368 4.47 -118.63 42.13
N GLU L 369 4.42 -117.32 42.36
CA GLU L 369 3.31 -116.51 41.87
C GLU L 369 3.59 -116.20 40.41
N LEU L 370 4.85 -116.33 40.03
CA LEU L 370 5.26 -116.07 38.66
C LEU L 370 5.53 -117.36 37.91
N SER L 371 5.37 -118.50 38.58
CA SER L 371 5.62 -119.81 37.99
C SER L 371 5.05 -119.92 36.58
N ALA L 372 3.80 -119.50 36.40
CA ALA L 372 3.13 -119.54 35.09
C ALA L 372 3.83 -118.64 34.09
N GLU L 373 4.14 -117.41 34.52
CA GLU L 373 4.82 -116.44 33.67
C GLU L 373 6.24 -116.93 33.32
N TYR L 374 6.90 -117.57 34.29
CA TYR L 374 8.24 -118.12 34.10
C TYR L 374 8.18 -119.22 33.05
N LEU L 375 7.25 -120.14 33.22
CA LEU L 375 7.11 -121.24 32.28
C LEU L 375 6.96 -120.71 30.86
N GLN L 376 6.08 -119.73 30.67
CA GLN L 376 5.87 -119.21 29.33
C GLN L 376 7.12 -118.60 28.71
N MSE L 377 7.82 -117.75 29.45
CA MSE L 377 9.04 -117.15 28.92
C MSE L 377 10.00 -118.25 28.51
O MSE L 377 10.58 -118.21 27.43
CB MSE L 377 9.73 -116.26 29.95
CG MSE L 377 8.84 -115.22 30.57
SE MSE L 377 9.87 -113.83 31.33
CE MSE L 377 9.56 -112.49 29.98
N SER L 378 10.18 -119.23 29.41
CA SER L 378 11.08 -120.38 29.21
C SER L 378 10.73 -121.23 28.00
N LEU L 379 9.43 -121.42 27.76
CA LEU L 379 8.96 -122.22 26.64
C LEU L 379 9.08 -121.50 25.30
N GLU L 380 9.00 -120.16 25.31
CA GLU L 380 9.15 -119.39 24.08
C GLU L 380 10.61 -119.53 23.67
N ALA L 381 11.50 -119.39 24.64
CA ALA L 381 12.94 -119.50 24.41
C ALA L 381 13.32 -120.87 23.85
N ASN L 382 12.83 -121.94 24.49
CA ASN L 382 13.13 -123.30 24.04
C ASN L 382 11.90 -124.16 24.24
N VAL L 383 11.37 -124.70 23.16
CA VAL L 383 10.17 -125.52 23.23
C VAL L 383 10.40 -126.81 24.01
N VAL L 384 9.33 -127.55 24.21
CA VAL L 384 9.37 -128.81 24.93
C VAL L 384 9.92 -129.88 24.04
N ASP L 385 10.87 -130.65 24.56
CA ASP L 385 11.48 -131.76 23.80
C ASP L 385 10.60 -133.01 23.91
N ILE L 386 9.94 -133.42 22.82
CA ILE L 386 9.07 -134.57 22.91
C ILE L 386 9.79 -135.93 22.95
N THR L 387 11.11 -135.88 22.85
CA THR L 387 11.95 -137.09 22.91
C THR L 387 11.65 -137.91 24.18
N ASN L 388 11.77 -137.24 25.31
CA ASN L 388 11.57 -137.86 26.61
C ASN L 388 10.20 -137.60 27.22
N ASP L 389 9.56 -138.70 27.57
CA ASP L 389 8.23 -138.69 28.15
C ASP L 389 8.06 -137.83 29.40
N TRP L 390 9.16 -137.38 30.01
CA TRP L 390 9.03 -136.59 31.23
C TRP L 390 8.86 -135.08 31.10
N GLU L 391 9.55 -134.47 30.15
CA GLU L 391 9.44 -133.03 30.00
C GLU L 391 8.03 -132.47 29.97
N GLN L 392 7.12 -133.08 29.22
CA GLN L 392 5.76 -132.55 29.16
C GLN L 392 5.04 -132.67 30.52
N PRO L 393 5.00 -133.88 31.10
CA PRO L 393 4.32 -134.03 32.39
C PRO L 393 4.81 -133.01 33.42
N CYS L 394 6.00 -132.48 33.25
CA CYS L 394 6.52 -131.49 34.18
C CYS L 394 5.96 -130.10 33.84
N VAL L 395 5.78 -129.84 32.57
CA VAL L 395 5.21 -128.57 32.15
C VAL L 395 3.79 -128.57 32.67
N ASP L 396 3.14 -129.75 32.61
CA ASP L 396 1.77 -129.90 33.10
C ASP L 396 1.65 -129.70 34.61
N ILE L 397 2.65 -130.16 35.35
CA ILE L 397 2.68 -129.99 36.79
C ILE L 397 2.79 -128.49 37.05
N ILE L 398 3.96 -127.94 36.72
CA ILE L 398 4.23 -126.52 36.89
C ILE L 398 3.11 -125.61 36.44
N SER L 399 2.22 -126.12 35.58
CA SER L 399 1.13 -125.27 35.11
C SER L 399 -0.25 -125.59 35.70
N GLY L 400 -0.31 -126.53 36.64
CA GLY L 400 -1.59 -126.82 37.24
C GLY L 400 -2.22 -128.14 36.88
N LYS L 401 -2.62 -128.30 35.62
CA LYS L 401 -3.25 -129.56 35.24
C LYS L 401 -2.37 -130.76 35.56
N ILE L 402 -2.66 -131.39 36.70
CA ILE L 402 -1.91 -132.53 37.19
C ILE L 402 -2.43 -133.89 36.74
N HIS L 403 -3.74 -133.99 36.52
CA HIS L 403 -4.30 -135.25 36.08
C HIS L 403 -3.63 -135.80 34.80
N SER L 404 -3.27 -134.91 33.89
CA SER L 404 -2.65 -135.29 32.62
C SER L 404 -1.23 -135.83 32.73
N ILE L 405 -0.78 -136.05 33.95
CA ILE L 405 0.56 -136.57 34.18
C ILE L 405 0.44 -138.09 34.38
N LEU L 406 -0.74 -138.50 34.86
CA LEU L 406 -1.01 -139.91 35.17
C LEU L 406 -0.87 -140.87 33.99
N PRO L 407 -1.66 -140.66 32.91
CA PRO L 407 -1.56 -141.58 31.77
C PRO L 407 -0.10 -141.85 31.42
N VAL L 408 0.69 -140.79 31.28
CA VAL L 408 2.08 -140.92 30.93
C VAL L 408 2.84 -141.86 31.88
N MSE L 409 2.61 -141.69 33.17
CA MSE L 409 3.28 -142.51 34.18
C MSE L 409 2.73 -143.92 34.25
O MSE L 409 3.41 -144.84 34.71
CB MSE L 409 3.16 -141.88 35.55
CG MSE L 409 3.75 -140.50 35.63
SE MSE L 409 3.83 -139.95 37.45
CE MSE L 409 5.51 -140.82 37.90
N GLU L 410 1.48 -144.09 33.84
CA GLU L 410 0.87 -145.40 33.82
C GLU L 410 1.57 -146.18 32.72
N SER L 411 2.14 -145.46 31.77
CA SER L 411 2.85 -146.04 30.63
C SER L 411 4.26 -146.44 31.00
N LEU L 412 4.92 -145.62 31.82
CA LEU L 412 6.28 -145.92 32.23
C LEU L 412 6.26 -147.07 33.24
N ASP L 413 5.33 -147.00 34.20
CA ASP L 413 5.15 -148.03 35.23
C ASP L 413 3.77 -147.91 35.85
N SER L 414 2.93 -148.92 35.61
CA SER L 414 1.58 -148.96 36.14
C SER L 414 1.57 -148.76 37.65
N CYS L 415 2.51 -149.41 38.34
CA CYS L 415 2.61 -149.32 39.80
C CYS L 415 2.82 -147.91 40.33
N THR L 416 3.94 -147.29 39.97
CA THR L 416 4.27 -145.95 40.43
C THR L 416 3.14 -144.97 40.13
N ALA L 417 2.51 -145.16 38.98
CA ALA L 417 1.42 -144.29 38.57
C ALA L 417 0.25 -144.38 39.53
N ALA L 418 -0.07 -145.60 39.94
CA ALA L 418 -1.18 -145.84 40.85
C ALA L 418 -0.94 -145.14 42.19
N PHE L 419 0.24 -145.34 42.78
CA PHE L 419 0.53 -144.70 44.06
C PHE L 419 0.73 -143.19 43.91
N THR L 420 1.10 -142.73 42.72
CA THR L 420 1.30 -141.31 42.54
C THR L 420 -0.05 -140.63 42.58
N ALA L 421 -1.04 -141.29 41.99
CA ALA L 421 -2.38 -140.74 41.98
C ALA L 421 -2.91 -140.76 43.42
N MSE L 422 -2.64 -141.86 44.13
CA MSE L 422 -3.08 -142.03 45.51
C MSE L 422 -2.59 -140.88 46.39
O MSE L 422 -3.37 -140.26 47.13
CB MSE L 422 -2.59 -143.37 46.06
CG MSE L 422 -2.96 -143.67 47.52
SE MSE L 422 -1.92 -142.79 48.90
CE MSE L 422 -0.19 -143.64 48.64
N ILE L 423 -1.32 -140.58 46.31
CA ILE L 423 -0.77 -139.53 47.12
C ILE L 423 -1.28 -138.16 46.68
N CYS L 424 -1.67 -138.06 45.41
CA CYS L 424 -2.19 -136.80 44.88
C CYS L 424 -3.59 -136.59 45.37
N GLU L 425 -4.33 -137.69 45.55
CA GLU L 425 -5.70 -137.58 46.04
C GLU L 425 -5.62 -137.23 47.51
N ALA L 426 -4.64 -137.83 48.18
CA ALA L 426 -4.43 -137.59 49.61
C ALA L 426 -4.17 -136.09 49.79
N LYS L 427 -3.24 -135.55 49.00
CA LYS L 427 -2.88 -134.13 49.07
C LYS L 427 -4.02 -133.23 48.64
N GLY L 428 -5.05 -133.81 48.05
CA GLY L 428 -6.18 -133.05 47.58
C GLY L 428 -5.91 -132.31 46.29
N LEU L 429 -5.05 -132.86 45.44
CA LEU L 429 -4.73 -132.22 44.17
C LEU L 429 -5.68 -132.68 43.08
N ILE L 430 -6.22 -133.88 43.27
CA ILE L 430 -7.16 -134.48 42.32
C ILE L 430 -8.26 -135.13 43.16
N GLU L 431 -9.48 -135.11 42.65
CA GLU L 431 -10.59 -135.69 43.41
C GLU L 431 -11.75 -136.10 42.51
N ASN L 432 -12.42 -137.19 42.88
CA ASN L 432 -13.56 -137.66 42.10
C ASN L 432 -14.61 -136.53 42.00
N ILE L 433 -15.30 -136.46 40.86
CA ILE L 433 -16.31 -135.44 40.64
C ILE L 433 -17.57 -136.15 40.17
N PHE L 434 -17.46 -137.46 40.00
CA PHE L 434 -18.58 -138.27 39.54
C PHE L 434 -19.83 -138.16 40.40
N GLU L 435 -20.96 -138.33 39.72
CA GLU L 435 -22.30 -138.29 40.31
C GLU L 435 -23.17 -139.02 39.28
N GLY L 436 -23.87 -140.07 39.72
CA GLY L 436 -24.72 -140.86 38.85
C GLY L 436 -25.36 -142.08 39.51
N LEU L 451 -24.06 -156.08 39.31
CA LEU L 451 -24.85 -155.57 40.43
C LEU L 451 -24.48 -154.09 40.68
N GLU L 452 -23.49 -153.88 41.55
CA GLU L 452 -23.04 -152.53 41.87
C GLU L 452 -21.59 -152.57 42.31
N ASP L 453 -20.71 -152.58 41.32
CA ASP L 453 -19.27 -152.60 41.55
C ASP L 453 -18.57 -151.42 40.83
N LEU L 454 -17.40 -151.04 41.34
CA LEU L 454 -16.67 -149.93 40.78
C LEU L 454 -15.17 -150.20 40.63
N PHE L 455 -14.76 -150.05 39.38
CA PHE L 455 -13.40 -150.21 38.88
C PHE L 455 -13.54 -149.36 37.60
N SER L 456 -14.06 -148.16 37.78
CA SER L 456 -14.28 -147.28 36.67
C SER L 456 -14.03 -145.85 37.04
N TYR L 457 -14.37 -144.97 36.10
CA TYR L 457 -14.21 -143.54 36.26
C TYR L 457 -15.15 -143.05 37.35
N ARG L 458 -15.99 -143.96 37.84
CA ARG L 458 -16.97 -143.62 38.88
C ARG L 458 -16.34 -143.12 40.16
N ASN L 459 -15.44 -143.90 40.74
CA ASN L 459 -14.79 -143.44 41.93
C ASN L 459 -13.61 -142.60 41.44
N GLY L 460 -12.79 -142.08 42.34
CA GLY L 460 -11.69 -141.24 41.90
C GLY L 460 -10.84 -141.81 40.79
N MSE L 461 -9.98 -140.97 40.21
CA MSE L 461 -9.09 -141.44 39.16
C MSE L 461 -8.06 -142.32 39.86
O MSE L 461 -7.65 -143.36 39.32
CB MSE L 461 -8.38 -140.26 38.51
CG MSE L 461 -7.06 -140.64 37.81
SE MSE L 461 -7.22 -141.28 35.99
CE MSE L 461 -7.20 -139.49 35.17
N ALA L 462 -7.63 -141.88 41.03
CA ALA L 462 -6.64 -142.59 41.82
C ALA L 462 -7.16 -143.96 42.21
N SER L 463 -8.44 -144.02 42.57
CA SER L 463 -9.05 -145.29 42.93
C SER L 463 -8.82 -146.24 41.76
N TYR L 464 -9.28 -145.82 40.58
CA TYR L 464 -9.15 -146.60 39.35
C TYR L 464 -7.77 -147.24 39.24
N MSE L 465 -6.76 -146.41 39.04
CA MSE L 465 -5.40 -146.88 38.90
C MSE L 465 -4.90 -147.86 39.95
O MSE L 465 -4.19 -148.82 39.63
CB MSE L 465 -4.48 -145.67 38.83
CG MSE L 465 -4.94 -144.70 37.75
SE MSE L 465 -3.66 -143.37 37.44
CE MSE L 465 -2.21 -144.57 36.96
N LEU L 466 -5.29 -147.63 41.21
CA LEU L 466 -4.88 -148.51 42.29
C LEU L 466 -5.52 -149.89 42.16
N ASN L 467 -6.83 -149.91 41.87
CA ASN L 467 -7.54 -151.17 41.68
C ASN L 467 -7.02 -151.86 40.42
N SER L 468 -6.65 -151.06 39.41
CA SER L 468 -6.11 -151.61 38.19
C SER L 468 -4.84 -152.35 38.54
N PHE L 469 -3.92 -151.63 39.17
CA PHE L 469 -2.66 -152.24 39.56
C PHE L 469 -2.89 -153.45 40.44
N ALA L 470 -3.97 -153.42 41.21
CA ALA L 470 -4.31 -154.52 42.09
C ALA L 470 -4.58 -155.73 41.23
N PHE L 471 -5.54 -155.58 40.33
CA PHE L 471 -5.94 -156.63 39.39
C PHE L 471 -4.74 -157.17 38.62
N GLU L 472 -3.91 -156.25 38.15
CA GLU L 472 -2.74 -156.62 37.41
C GLU L 472 -1.85 -157.56 38.22
N LEU L 473 -1.72 -157.26 39.50
CA LEU L 473 -0.89 -158.06 40.37
C LEU L 473 -1.34 -159.51 40.48
N CYS L 474 -2.64 -159.73 40.37
CA CYS L 474 -3.18 -161.08 40.49
C CYS L 474 -2.74 -162.07 39.40
N SER L 475 -2.40 -161.56 38.22
CA SER L 475 -1.94 -162.40 37.12
C SER L 475 -0.41 -162.49 37.12
N LEU L 476 0.23 -161.72 38.00
CA LEU L 476 1.68 -161.72 38.09
C LEU L 476 2.30 -163.00 38.67
N GLY L 477 1.47 -163.83 39.29
CA GLY L 477 1.94 -165.09 39.84
C GLY L 477 2.84 -165.03 41.06
N ASP L 478 2.99 -163.83 41.64
CA ASP L 478 3.82 -163.65 42.84
C ASP L 478 2.90 -163.70 44.07
N LYS L 479 2.96 -164.80 44.83
CA LYS L 479 2.10 -164.95 46.00
C LYS L 479 2.41 -163.90 47.08
N GLU L 480 3.65 -163.43 47.09
CA GLU L 480 4.08 -162.43 48.05
C GLU L 480 3.35 -161.12 47.85
N LEU L 481 2.91 -160.85 46.62
CA LEU L 481 2.23 -159.61 46.34
C LEU L 481 0.72 -159.73 46.36
N TRP L 482 0.20 -160.94 46.54
CA TRP L 482 -1.26 -161.14 46.60
C TRP L 482 -1.90 -160.39 47.78
N PRO L 483 -1.16 -160.24 48.89
CA PRO L 483 -1.74 -159.51 50.03
C PRO L 483 -1.82 -158.02 49.66
N VAL L 484 -0.76 -157.53 49.00
CA VAL L 484 -0.69 -156.16 48.56
C VAL L 484 -1.85 -155.91 47.59
N ALA L 485 -2.19 -156.96 46.84
CA ALA L 485 -3.27 -156.87 45.89
C ALA L 485 -4.59 -156.73 46.63
N ILE L 486 -4.96 -157.76 47.41
CA ILE L 486 -6.20 -157.73 48.16
C ILE L 486 -6.25 -156.48 49.02
N GLY L 487 -5.09 -156.11 49.56
CA GLY L 487 -4.99 -154.93 50.40
C GLY L 487 -5.46 -153.65 49.74
N LEU L 488 -4.91 -153.38 48.56
CA LEU L 488 -5.28 -152.19 47.81
C LEU L 488 -6.78 -152.13 47.60
N ILE L 489 -7.37 -153.28 47.28
CA ILE L 489 -8.81 -153.34 47.03
C ILE L 489 -9.56 -153.10 48.31
N ALA L 490 -9.03 -153.63 49.41
CA ALA L 490 -9.65 -153.49 50.71
C ALA L 490 -9.65 -152.03 51.13
N LEU L 491 -8.45 -151.48 51.28
CA LEU L 491 -8.27 -150.08 51.71
C LEU L 491 -8.67 -149.02 50.69
N SER L 492 -9.23 -149.43 49.56
CA SER L 492 -9.64 -148.49 48.53
C SER L 492 -10.48 -147.37 49.14
N ALA L 493 -9.93 -146.16 49.14
CA ALA L 493 -10.58 -144.97 49.69
C ALA L 493 -12.10 -144.89 49.44
N THR L 494 -12.56 -145.38 48.29
CA THR L 494 -13.99 -145.36 47.98
C THR L 494 -14.48 -146.73 47.55
N GLY L 495 -15.76 -146.82 47.19
CA GLY L 495 -16.35 -148.08 46.78
C GLY L 495 -16.99 -148.83 47.93
N THR L 496 -18.25 -149.24 47.72
CA THR L 496 -19.00 -149.97 48.72
C THR L 496 -18.23 -151.13 49.34
N ARG L 497 -18.55 -151.48 50.57
CA ARG L 497 -17.87 -152.61 51.20
C ARG L 497 -18.31 -153.88 50.47
N SER L 498 -19.56 -153.93 50.04
CA SER L 498 -20.09 -155.09 49.33
C SER L 498 -19.50 -155.15 47.92
N ALA L 499 -19.11 -153.98 47.41
CA ALA L 499 -18.50 -153.90 46.10
C ALA L 499 -17.15 -154.59 46.20
N LYS L 500 -16.41 -154.25 47.26
CA LYS L 500 -15.10 -154.80 47.52
C LYS L 500 -15.20 -156.27 47.84
N LYS L 501 -16.36 -156.69 48.37
CA LYS L 501 -16.58 -158.09 48.73
C LYS L 501 -16.61 -158.92 47.45
N MSE L 502 -17.51 -158.55 46.53
CA MSE L 502 -17.66 -159.26 45.25
C MSE L 502 -16.32 -159.40 44.53
O MSE L 502 -15.95 -160.50 44.09
CB MSE L 502 -18.66 -158.52 44.36
CG MSE L 502 -20.09 -159.01 44.52
SE MSE L 502 -21.33 -157.72 43.86
CE MSE L 502 -21.76 -158.42 42.14
N VAL L 503 -15.58 -158.31 44.43
CA VAL L 503 -14.30 -158.31 43.76
C VAL L 503 -13.38 -159.34 44.37
N ILE L 504 -13.27 -159.36 45.70
CA ILE L 504 -12.40 -160.31 46.38
C ILE L 504 -12.92 -161.73 46.22
N ALA L 505 -14.24 -161.85 46.18
CA ALA L 505 -14.89 -163.14 46.04
C ALA L 505 -14.41 -163.85 44.77
N GLU L 506 -14.11 -163.06 43.73
CA GLU L 506 -13.66 -163.65 42.48
C GLU L 506 -12.14 -163.74 42.36
N LEU L 507 -11.44 -162.71 42.83
CA LEU L 507 -9.97 -162.73 42.76
C LEU L 507 -9.30 -163.80 43.62
N LEU L 508 -9.84 -164.02 44.81
CA LEU L 508 -9.22 -164.96 45.73
C LEU L 508 -9.06 -166.41 45.27
N PRO L 509 -10.09 -167.03 44.65
CA PRO L 509 -9.92 -168.42 44.22
C PRO L 509 -8.62 -168.63 43.45
N HIS L 510 -8.12 -167.53 42.87
CA HIS L 510 -6.89 -167.56 42.07
C HIS L 510 -5.58 -167.40 42.83
N TYR L 511 -5.62 -167.24 44.15
CA TYR L 511 -4.41 -167.09 44.92
C TYR L 511 -3.54 -168.35 44.69
N PRO L 512 -2.24 -168.14 44.41
CA PRO L 512 -1.29 -169.23 44.16
C PRO L 512 -0.77 -169.83 45.45
N PHE L 513 -1.66 -170.40 46.27
CA PHE L 513 -1.26 -170.99 47.55
C PHE L 513 -0.32 -172.19 47.43
N VAL L 514 0.71 -172.21 48.28
CA VAL L 514 1.72 -173.27 48.29
C VAL L 514 1.78 -173.97 49.64
N THR L 515 2.05 -173.18 50.69
CA THR L 515 2.15 -173.64 52.07
C THR L 515 0.81 -173.67 52.78
N ASN L 516 0.81 -174.11 54.02
CA ASN L 516 -0.40 -174.17 54.81
C ASN L 516 -0.66 -172.76 55.28
N ASP L 517 0.39 -172.09 55.74
CA ASP L 517 0.27 -170.70 56.19
C ASP L 517 -0.50 -169.93 55.16
N ASP L 518 -0.19 -170.20 53.89
CA ASP L 518 -0.85 -169.54 52.79
C ASP L 518 -2.34 -169.82 52.80
N ILE L 519 -2.71 -171.08 52.94
CA ILE L 519 -4.11 -171.48 52.94
C ILE L 519 -4.87 -170.83 54.10
N GLU L 520 -4.14 -170.52 55.18
CA GLU L 520 -4.76 -169.90 56.34
C GLU L 520 -5.02 -168.44 56.04
N TRP L 521 -4.00 -167.76 55.51
CA TRP L 521 -4.17 -166.37 55.16
C TRP L 521 -5.34 -166.29 54.18
N MSE L 522 -5.37 -167.27 53.28
CA MSE L 522 -6.41 -167.35 52.26
C MSE L 522 -7.78 -167.42 52.90
O MSE L 522 -8.64 -166.59 52.64
CB MSE L 522 -6.18 -168.59 51.40
CG MSE L 522 -6.55 -168.39 49.93
SE MSE L 522 -6.62 -170.04 48.99
CE MSE L 522 -8.26 -169.70 48.02
N LEU L 523 -7.97 -168.43 53.74
CA LEU L 523 -9.25 -168.63 54.44
C LEU L 523 -9.59 -167.47 55.37
N SER L 524 -8.57 -166.92 56.03
CA SER L 524 -8.75 -165.80 56.95
C SER L 524 -9.47 -164.62 56.27
N ILE L 525 -9.27 -164.51 54.96
CA ILE L 525 -9.87 -163.42 54.20
C ILE L 525 -11.33 -163.74 53.88
N CYS L 526 -11.63 -165.04 53.79
CA CYS L 526 -13.00 -165.47 53.53
C CYS L 526 -13.81 -165.12 54.79
N VAL L 527 -13.12 -165.20 55.93
CA VAL L 527 -13.71 -164.88 57.23
C VAL L 527 -13.91 -163.38 57.29
N GLU L 528 -12.80 -162.64 57.28
CA GLU L 528 -12.82 -161.19 57.33
C GLU L 528 -13.80 -160.51 56.38
N TRP L 529 -14.21 -161.21 55.33
CA TRP L 529 -15.14 -160.64 54.35
C TRP L 529 -16.46 -161.36 54.23
N ARG L 530 -16.58 -162.48 54.94
CA ARG L 530 -17.79 -163.28 54.92
C ARG L 530 -17.99 -163.93 53.56
N LEU L 531 -17.00 -164.71 53.14
CA LEU L 531 -17.01 -165.43 51.86
C LEU L 531 -16.88 -166.91 52.17
N PRO L 532 -17.91 -167.51 52.77
CA PRO L 532 -17.90 -168.92 53.13
C PRO L 532 -17.94 -169.85 51.91
N GLU L 533 -18.80 -169.51 50.96
CA GLU L 533 -18.99 -170.30 49.74
C GLU L 533 -17.72 -170.37 48.91
N ILE L 534 -16.76 -169.55 49.29
CA ILE L 534 -15.47 -169.50 48.63
C ILE L 534 -14.50 -170.23 49.52
N ALA L 535 -14.81 -170.25 50.82
CA ALA L 535 -14.00 -170.94 51.78
C ALA L 535 -14.23 -172.44 51.62
N LYS L 536 -15.45 -172.80 51.25
CA LYS L 536 -15.79 -174.22 51.05
C LYS L 536 -15.30 -174.69 49.71
N GLU L 537 -15.38 -173.84 48.71
CA GLU L 537 -14.88 -174.26 47.42
C GLU L 537 -13.41 -174.53 47.62
N ILE L 538 -12.81 -173.82 48.57
CA ILE L 538 -11.39 -173.97 48.89
C ILE L 538 -11.13 -175.33 49.53
N TYR L 539 -12.06 -175.74 50.39
CA TYR L 539 -11.95 -177.04 51.06
C TYR L 539 -12.20 -178.14 50.03
N THR L 540 -13.34 -178.03 49.31
CA THR L 540 -13.73 -179.00 48.27
C THR L 540 -12.55 -179.27 47.35
N THR L 541 -11.87 -178.20 46.95
CA THR L 541 -10.72 -178.29 46.08
C THR L 541 -9.59 -179.07 46.75
N LEU L 542 -9.07 -178.57 47.86
CA LEU L 542 -8.00 -179.25 48.56
C LEU L 542 -8.26 -180.76 48.59
N GLY L 543 -9.54 -181.11 48.63
CA GLY L 543 -9.98 -182.50 48.68
C GLY L 543 -9.79 -183.33 47.43
N ASN L 544 -9.92 -182.70 46.26
CA ASN L 544 -9.73 -183.40 44.98
C ASN L 544 -8.33 -183.19 44.46
N GLN L 545 -7.36 -183.41 45.35
CA GLN L 545 -5.95 -183.26 45.00
C GLN L 545 -5.12 -184.05 46.00
#